data_6AHR
#
_entry.id   6AHR
#
_cell.length_a   1
_cell.length_b   1
_cell.length_c   1
_cell.angle_alpha   90
_cell.angle_beta   90
_cell.angle_gamma   90
#
_symmetry.space_group_name_H-M   'P 1'
#
loop_
_entity.id
_entity.type
_entity.pdbx_description
1 polymer 'H1 RNA'
2 polymer 'Ribonucleases P/MRP protein subunit POP1'
3 polymer 'Ribonuclease P protein subunit p38'
4 polymer 'Ribonuclease P protein subunit p29'
5 polymer 'Ribonuclease P/MRP protein subunit POP5'
6 polymer 'Ribonuclease P protein subunit p25'
7 polymer 'Ribonuclease P protein subunit p20'
8 polymer 'Ribonuclease P protein subunit p14'
9 polymer 'Ribonuclease P protein subunit p30'
10 polymer 'Ribonuclease P protein subunit p21'
11 polymer 'Ribonuclease P protein subunit p40'
12 non-polymer 'ZINC ION'
#
loop_
_entity_poly.entity_id
_entity_poly.type
_entity_poly.pdbx_seq_one_letter_code
_entity_poly.pdbx_strand_id
1 'polyribonucleotide'
;AUAGGGCGGAGGGAAGCUCAUCAGUGGGGCCACGAGCUGAGUGCGUCCUGUCACUCCACUCCCAUGUCCCUUGGGAAGGU
CUGAGACUAGGGCCAGAGGCGGCCCUAACAGGGCUCUCCCUGAGCUUCGGGGAGGUGAGUUCCCAGAGAACGGGGCUCCG
CGCGAGGUCAGACUGGGCAGGAGAUGCCGUGGACCCCGCCCUUCGGGGAGGGGCCCGGCGGAUGCCUCCUUUGCCGGAGC
UUGGAACAGACUCACGGCCAGCGAAGUGAGUUCAAUGGCUGAGGUGAGGUACCCCGCAGGGGACCUCAUAACCCAAUUCA
GACUACUCUCCUCCGCCCAUU
;
A
2 'polypeptide(L)'
;MSNAKERKHAKKMRNQPTNVTLSSGFVADRGVKHHSGGEKPFQAQKQEPHPGTSRQRQTRVNPHSLPDPEVNEQSSSKGM
FRKKGGWKAGPEGTSQEIPKYITASTFAQARAAEISAMLKAVTQKSSNSLVFQTLPRHMRRRAMSHNVKRLPRRLQEIAQ
KEAEKAVHQKKEHSKNKCHKARRCHMNRTLEFNRRQKKNIWLETHIWHAKRFHMVKKWGYCLGERPTVKSHRACYRAMTN
RCLLQDLSYYCCLELKGKEEEILKALSGMCNIDTGLTFAAVHCLSGKRQGSLVLYRVNKYPREMLGPVTFIWKSQRTPGD
PSESRQLWIWLHPTLKQDILEEIKAACQCVEPIKSAVCIADPLPTPSQEKSQTELPDEKIGKKRKRKDDGENAKPIKKII
GDGTRDPCLPYSWISPTTGIIISDLTMEMNRFRLIGPLSHSILTEAIKAASVHTVGEDTEETPHRWWIETCKKPDSVSLH
CRQEAIFELLGGITSPAEIPAGTILGLTVGDPRINLPQKKSKALPNPEKCQDNEKVRQLLLEGVPVECTHSFIWNQDICK
SVTENKISDQDLNRMRSELLVPGSQLILGPHESKIPILLIQQPGKVTGEDRLGWGSGWDVLLPKGWGMAFWIPFIYRGVR
VGGLKESAVHSQYKRSPNVPGDFPDCPAGMLFAEEQAKNLLEKYKRRPPAKRPNYVKLGTLAPFCCPWEQLTQDWESRVQ
AYEEPSVASSPNGKESDLRRSEVPCAPMPKKTHQPSDEVGTSIEHPREAEEVMDAGCQESAGPERITDQEASENHVAATG
SHLCVLRSRKLLKQLSAWCGPSSEDSRGGRRAPGRGQQGLTREACLSILGHFPRALVWVSLSLLSKGSPEPHTMICVPAK
EDFLQLHEDWHYCGPQESKHSDPFRSKILKQKEKKKREKRQKPGRASSDGPAGEEPVAGQEALTLGLWSGPLPRVTLHCS
RTLLGFVTQGDFSMAVGCGEALGFVSLTGLLDMLSSQPAAQRGLVLLRPPASLQYRFARIAIEV
;
B
3 'polypeptide(L)'
;MAAAPQAPGRGSLRKTRPLVVKTSLNNPYIIRWSALESEDMHFILQTLEDRLKAIGLQKIEDKKKKNKTPFLKKESREKC
SIAVDISENLKEKKTDAKQQVSGWTPAHVRKQLAIGVNEVTRALERRELLLVLVCKSVKPAMITSHLIQLSLSRSVPACQ
VPRLSERIAPVIGLKCVLALAFKKNTTDFVDEVRAIIPRVPSLSVPWLQDRIEDSGENLETEPLESQDRELLDTSFEDLS
KPKRKLADGRQASVTLQPLKIKKLIPNPNKIRKPPKSKKATPK
;
C
4 'polypeptide(L)'
;MKSVIYHALSQKEANDSDVQPSGAQRAEAFVRAFLKRSTPRMSPQAREDQLQRKAVVLEYFTRHKRKEKKKKAKGLSARQ
RRELRLFDIKPEQQRYSLFLPLHELWKQYIRDLCSGLKPDTQPQMIQAKLLKADLHGAIISVTKSKCPSYVGITGILLQE
TKHIFKIITKEDRLKVIPKLNCVFTVETDGFISYIYGSKFQLRSSERSAKKFKAKGTIDL
;
D
5 'polypeptide(L)'
;MVRFKHRYLLCELVSDDPRCRLSLDDRVLSSLVRDTIARVHGTFGAAACSIGFAVRYLNAYTGIVLLRCRKEFYQLVWSA
LPFITYLENKGHRYPCFFNTLHVGGTIRTCQKFLIQYNRRQLLILLQNCTDEGEREAIQKSVTRSCLLEEEEESGEEAAE
AME
;
E
6 'polypeptide(L)'
;MENFRKVRSEEAPAGCGAEGGGPGSGPFADLAPGAVHMRVKEGSKIRNLMAFATASMAQPATRAIVFSGCGRATTKTVTC
AEILKRRLAGLHQVTRLRYRSVREVWQSLPPGPTQGQTPGEPAASLSVLKNVPGLAILLSKDALDPRQPGYQPPNPHPGP
SSPPAAPASKRSLGEPAAGEGSAKRSQPEPGVADEDQTA
;
F
7 'polypeptide(L)'
;MAENREPRGAVEAELDPVEYTLRKRLPSRLPRRPNDIYVNMKTDFKAQLARCQKLLDGGARGQNACSEIYIHGLGLAINR
AINIALQLQAGSFGSLQVAANTSTVELVDELEPETDTREPLTRIRNNSAIHIRVFRVTPK
;
G
8 'polypeptide(L)'
;MPAPAATYERVVYKNPSEYHYMKVCLEFQDCGVGLNAAQFKQLLISAVKDLFGEVDAALPLDILTYEEKTLSAILRICSS
GLVKLWSSLTLLGSYKGKKCAFRVIQVSPFLLALSGNSRELVLD
;
H
9 'polypeptide(L)'
;MAVFADLDLRAGSDLKALRGLVETAAHLGYSVVAINHIVDFKEKKQEIEKPVAVSELFTTLPIVQGKSRPIKILTRLTII
VSDPSHCNVLRATSSRARLYDVVAVFPKTEKLFHIACTHLDVDLVCITVTEKLPFYFKRPPINVAIDRGLAFELVYSPAI
KDSTMRRYTISSALNLMQICKGKNVIISSAAERPLEIRGPYDVANLGLLFGLSESDAKAAVSTNCRAALLHGETRKTAFG
IISTVKKPRPSEGDEDCLPASKKAKCEG
;
I,J
10 'polypeptide(L)'
;MAGPVKDREAFQRLNFLYQAAHCVLAQDPENQALARFYCYTERTIAKRLVLRRDPSVKRTLCRGCSSLLVPGLTCTQRQR
RCRGQRWTVQTCLTCQRSQRFLNDPGHLLWGDRPEAQLGSQADSKPLQPLPNTAHSISDRLPEEKMQTQGSSNQ
;
K
11 'polypeptide(L)'
;MATLRRLREAPRHLLVCEKSNFGNHKSRHRHLVQTHYYNYRVSFLIPECGILSEELKNLVMNTGPYYFVKNLPLHELITP
EFISTFIKKGSCYALTYNTHIDEDNTVALLPNGKLILSLDKDTYEETGLQGHPSQFSGRKIMKFIVSIDLMELSLNLDSK
KYERISWSFKEKKPLKFDFLLAWHKTGSEESTMMSYFSKYQIQEHQPKVALSTLRDLQCPVLQSSELEGTPEVSCRALEL
FDWLGAVFSNVDLNNEPNNFISTYCCPEPSTVVAKAYLCTITGFILPEKICLLLEHLCHYFDEPKLAPWVTLSVQGFADS
PVSWEKNEHGFRKGGEHLYNFVIFNNQDYWLQMAVGANDHCPP
;
L
#
loop_
_chem_comp.id
_chem_comp.type
_chem_comp.name
_chem_comp.formula
A RNA linking ADENOSINE-5'-MONOPHOSPHATE 'C10 H14 N5 O7 P'
C RNA linking CYTIDINE-5'-MONOPHOSPHATE 'C9 H14 N3 O8 P'
G RNA linking GUANOSINE-5'-MONOPHOSPHATE 'C10 H14 N5 O8 P'
U RNA linking URIDINE-5'-MONOPHOSPHATE 'C9 H13 N2 O9 P'
ZN non-polymer 'ZINC ION' 'Zn 2'
#
# COMPACT_ATOMS: atom_id res chain seq x y z
N LYS B 100 9.92 54.91 -17.83
CA LYS B 100 8.63 54.24 -17.77
C LYS B 100 8.69 53.00 -16.89
N TYR B 101 8.26 53.14 -15.64
CA TYR B 101 8.27 52.03 -14.70
C TYR B 101 7.06 51.12 -14.90
N ILE B 102 5.87 51.69 -14.72
CA ILE B 102 4.64 50.90 -14.74
C ILE B 102 4.30 50.47 -16.17
N THR B 103 4.74 51.24 -17.16
CA THR B 103 4.48 50.89 -18.56
C THR B 103 5.31 49.67 -18.98
N ALA B 104 6.60 49.68 -18.64
CA ALA B 104 7.46 48.54 -18.94
C ALA B 104 7.06 47.32 -18.11
N SER B 105 6.56 47.57 -16.89
CA SER B 105 6.01 46.49 -16.09
C SER B 105 4.76 45.88 -16.74
N THR B 106 3.92 46.73 -17.34
CA THR B 106 2.72 46.25 -18.03
C THR B 106 3.08 45.43 -19.26
N PHE B 107 4.05 45.91 -20.05
CA PHE B 107 4.52 45.15 -21.21
C PHE B 107 5.17 43.82 -20.80
N ALA B 108 5.91 43.82 -19.69
CA ALA B 108 6.56 42.59 -19.24
C ALA B 108 5.53 41.58 -18.72
N GLN B 109 4.52 42.04 -17.99
CA GLN B 109 3.48 41.14 -17.49
C GLN B 109 2.62 40.61 -18.64
N ALA B 110 2.37 41.44 -19.66
CA ALA B 110 1.65 40.98 -20.84
C ALA B 110 2.46 39.94 -21.63
N ARG B 111 3.77 40.16 -21.78
CA ARG B 111 4.63 39.19 -22.45
C ARG B 111 4.70 37.87 -21.69
N ALA B 112 4.79 37.94 -20.35
CA ALA B 112 4.83 36.72 -19.55
C ALA B 112 3.51 35.96 -19.62
N ALA B 113 2.38 36.68 -19.62
CA ALA B 113 1.07 36.04 -19.77
C ALA B 113 0.92 35.38 -21.13
N GLU B 114 1.37 36.06 -22.20
CA GLU B 114 1.35 35.49 -23.55
C GLU B 114 2.22 34.25 -23.67
N ILE B 115 3.43 34.29 -23.12
CA ILE B 115 4.37 33.16 -23.15
C ILE B 115 3.78 31.96 -22.41
N SER B 116 3.23 32.19 -21.21
CA SER B 116 2.66 31.08 -20.45
C SER B 116 1.42 30.50 -21.12
N ALA B 117 0.54 31.37 -21.64
CA ALA B 117 -0.71 30.95 -22.27
C ALA B 117 -0.47 30.19 -23.56
N MET B 118 0.53 30.60 -24.34
CA MET B 118 0.87 29.83 -25.54
C MET B 118 1.62 28.56 -25.19
N LEU B 119 2.49 28.61 -24.17
CA LEU B 119 3.38 27.50 -23.86
C LEU B 119 2.60 26.30 -23.33
N LYS B 120 1.68 26.54 -22.39
CA LYS B 120 0.93 25.42 -21.83
C LYS B 120 -0.07 24.85 -22.84
N ALA B 121 -0.56 25.71 -23.74
CA ALA B 121 -1.53 25.25 -24.75
C ALA B 121 -0.84 24.42 -25.83
N VAL B 122 0.39 24.78 -26.20
CA VAL B 122 1.15 23.96 -27.12
C VAL B 122 1.62 22.67 -26.45
N THR B 123 2.00 22.76 -25.17
CA THR B 123 2.59 21.61 -24.49
C THR B 123 1.55 20.55 -24.14
N GLN B 124 0.29 20.95 -23.87
CA GLN B 124 -0.75 19.96 -23.61
C GLN B 124 -1.14 19.22 -24.88
N LYS B 125 -1.08 19.88 -26.03
CA LYS B 125 -1.39 19.22 -27.29
C LYS B 125 -0.18 18.51 -27.90
N SER B 126 1.02 18.77 -27.38
CA SER B 126 2.23 18.11 -27.89
C SER B 126 2.26 16.65 -27.47
N SER B 127 2.13 16.40 -26.16
CA SER B 127 2.13 15.08 -25.53
C SER B 127 3.40 14.29 -25.85
N ASN B 128 4.55 14.76 -25.34
CA ASN B 128 5.88 14.18 -25.49
C ASN B 128 6.33 14.07 -26.93
N SER B 129 5.85 14.97 -27.81
CA SER B 129 6.18 15.03 -29.24
C SER B 129 5.89 13.71 -29.96
N LEU B 130 4.74 13.12 -29.64
CA LEU B 130 4.33 11.84 -30.21
C LEU B 130 2.99 12.01 -30.89
N VAL B 131 2.91 11.59 -32.16
CA VAL B 131 1.69 11.76 -32.94
C VAL B 131 0.62 10.77 -32.47
N PHE B 132 1.03 9.56 -32.11
CA PHE B 132 0.07 8.55 -31.67
C PHE B 132 -0.50 8.84 -30.29
N GLN B 133 0.19 9.67 -29.50
CA GLN B 133 -0.37 10.11 -28.22
C GLN B 133 -1.07 11.46 -28.33
N THR B 134 -1.09 12.08 -29.52
CA THR B 134 -1.78 13.36 -29.70
C THR B 134 -3.29 13.15 -29.77
N LEU B 135 -3.73 11.93 -30.10
CA LEU B 135 -5.14 11.61 -30.22
C LEU B 135 -5.83 11.71 -28.86
N PRO B 136 -7.16 11.98 -28.83
CA PRO B 136 -7.90 11.98 -27.56
C PRO B 136 -7.94 10.62 -26.89
N ARG B 137 -8.06 10.61 -25.56
CA ARG B 137 -7.86 9.39 -24.78
C ARG B 137 -9.03 8.43 -24.91
N HIS B 138 -10.19 8.93 -25.34
CA HIS B 138 -11.31 8.03 -25.65
C HIS B 138 -11.08 7.34 -26.99
N MET B 139 -10.25 7.94 -27.85
CA MET B 139 -10.02 7.48 -29.20
C MET B 139 -8.60 6.94 -29.38
N ARG B 140 -8.14 6.12 -28.45
CA ARG B 140 -6.80 5.52 -28.52
C ARG B 140 -6.92 4.03 -28.76
N ARG B 141 -6.18 3.52 -29.75
CA ARG B 141 -6.11 2.09 -30.02
C ARG B 141 -4.64 1.68 -29.97
N ARG B 142 -4.34 0.70 -29.13
CA ARG B 142 -2.97 0.24 -28.93
C ARG B 142 -2.42 -0.67 -30.02
N ALA B 143 -3.23 -1.00 -31.02
CA ALA B 143 -2.76 -1.87 -32.09
C ALA B 143 -2.19 -1.09 -33.27
N MET B 144 -1.72 0.14 -33.05
CA MET B 144 -1.20 0.95 -34.15
C MET B 144 0.21 0.52 -34.55
N SER B 145 0.89 -0.24 -33.68
CA SER B 145 2.25 -0.65 -33.95
C SER B 145 2.30 -1.88 -34.86
N HIS B 146 1.27 -2.73 -34.77
CA HIS B 146 1.23 -3.92 -35.60
C HIS B 146 0.85 -3.58 -37.03
N ASN B 147 -0.32 -2.98 -37.22
CA ASN B 147 -0.75 -2.49 -38.53
C ASN B 147 -1.00 -1.00 -38.45
N VAL B 148 -0.77 -0.29 -39.57
CA VAL B 148 -0.77 1.16 -39.57
C VAL B 148 -2.18 1.69 -39.84
N LYS B 149 -3.12 0.80 -40.19
CA LYS B 149 -4.46 1.22 -40.58
C LYS B 149 -5.32 1.62 -39.37
N ARG B 150 -4.81 1.46 -38.15
CA ARG B 150 -5.60 1.82 -36.97
C ARG B 150 -5.56 3.32 -36.70
N LEU B 151 -4.73 4.05 -37.44
CA LEU B 151 -4.67 5.50 -37.35
C LEU B 151 -5.36 6.12 -38.57
N PRO B 152 -5.83 7.38 -38.45
CA PRO B 152 -6.40 8.08 -39.62
C PRO B 152 -5.38 8.34 -40.72
N ARG B 153 -5.87 8.62 -41.94
CA ARG B 153 -5.02 8.69 -43.13
C ARG B 153 -4.04 9.86 -43.07
N ARG B 154 -4.50 11.03 -42.61
CA ARG B 154 -3.61 12.18 -42.44
C ARG B 154 -2.57 11.90 -41.36
N LEU B 155 -2.91 11.06 -40.39
CA LEU B 155 -1.97 10.57 -39.41
C LEU B 155 -1.22 9.32 -39.88
N GLN B 156 -1.78 8.57 -40.83
CA GLN B 156 -1.08 7.42 -41.39
C GLN B 156 0.09 7.85 -42.25
N GLU B 157 -0.03 9.02 -42.90
CA GLU B 157 1.07 9.54 -43.71
C GLU B 157 2.25 9.96 -42.84
N ILE B 158 2.01 10.24 -41.55
CA ILE B 158 3.10 10.52 -40.63
C ILE B 158 3.56 9.21 -39.96
N ALA B 159 2.62 8.29 -39.74
CA ALA B 159 2.95 7.03 -39.07
C ALA B 159 3.79 6.11 -39.94
N GLN B 160 3.67 6.23 -41.28
CA GLN B 160 4.56 5.47 -42.15
C GLN B 160 6.00 5.98 -42.04
N LYS B 161 6.18 7.29 -41.93
CA LYS B 161 7.52 7.84 -41.72
C LYS B 161 8.05 7.49 -40.34
N GLU B 162 7.15 7.40 -39.35
CA GLU B 162 7.57 6.97 -38.01
C GLU B 162 7.97 5.50 -37.99
N ALA B 163 7.29 4.67 -38.80
CA ALA B 163 7.68 3.27 -38.91
C ALA B 163 8.99 3.13 -39.68
N GLU B 164 9.25 4.05 -40.61
CA GLU B 164 10.57 4.10 -41.25
C GLU B 164 11.64 4.54 -40.26
N LYS B 165 11.29 5.40 -39.30
CA LYS B 165 12.24 5.79 -38.26
C LYS B 165 12.46 4.66 -37.26
N ALA B 166 11.40 3.97 -36.88
CA ALA B 166 11.49 2.88 -35.91
C ALA B 166 12.02 1.62 -36.57
N ALA B 181 -2.17 -19.20 -32.26
CA ALA B 181 -3.17 -18.41 -32.99
C ALA B 181 -3.36 -18.95 -34.40
N ARG B 182 -4.61 -19.07 -34.83
CA ARG B 182 -4.92 -19.57 -36.17
C ARG B 182 -6.21 -18.95 -36.69
N ARG B 183 -6.65 -19.39 -37.86
CA ARG B 183 -7.87 -18.90 -38.47
C ARG B 183 -9.09 -19.62 -37.90
N CYS B 184 -10.27 -19.16 -38.28
CA CYS B 184 -11.51 -19.83 -37.92
C CYS B 184 -11.80 -20.93 -38.93
N HIS B 185 -11.84 -22.17 -38.45
CA HIS B 185 -12.07 -23.31 -39.33
C HIS B 185 -13.34 -24.01 -38.92
N MET B 186 -14.48 -23.41 -39.29
CA MET B 186 -15.87 -23.83 -39.09
C MET B 186 -16.77 -22.79 -39.75
N ASN B 187 -18.08 -23.00 -39.66
CA ASN B 187 -19.04 -21.93 -39.91
C ASN B 187 -19.30 -21.22 -38.59
N ARG B 188 -19.06 -19.91 -38.56
CA ARG B 188 -19.20 -19.16 -37.32
C ARG B 188 -20.66 -19.02 -36.90
N THR B 189 -21.58 -19.03 -37.88
CA THR B 189 -23.00 -19.01 -37.57
C THR B 189 -23.43 -20.31 -36.89
N LEU B 190 -22.84 -21.44 -37.31
CA LEU B 190 -23.17 -22.72 -36.69
C LEU B 190 -22.56 -22.83 -35.30
N GLU B 191 -21.36 -22.25 -35.09
CA GLU B 191 -20.79 -22.20 -33.76
C GLU B 191 -21.60 -21.31 -32.82
N PHE B 192 -22.10 -20.19 -33.35
CA PHE B 192 -22.95 -19.31 -32.55
C PHE B 192 -24.29 -19.96 -32.24
N ASN B 193 -24.80 -20.79 -33.15
CA ASN B 193 -26.04 -21.51 -32.88
C ASN B 193 -25.82 -22.62 -31.86
N ARG B 194 -24.66 -23.29 -31.94
CA ARG B 194 -24.35 -24.35 -30.99
C ARG B 194 -24.11 -23.79 -29.59
N ARG B 195 -23.50 -22.61 -29.49
CA ARG B 195 -23.38 -21.95 -28.20
C ARG B 195 -24.71 -21.35 -27.75
N GLN B 196 -25.56 -20.94 -28.70
CA GLN B 196 -26.83 -20.32 -28.38
C GLN B 196 -27.86 -21.37 -27.94
N LYS B 197 -27.54 -22.65 -28.19
CA LYS B 197 -28.35 -23.74 -27.64
C LYS B 197 -28.37 -23.71 -26.11
N LYS B 198 -27.29 -23.24 -25.48
CA LYS B 198 -27.26 -23.15 -24.03
C LYS B 198 -27.75 -21.78 -23.54
N ASN B 199 -27.05 -20.71 -23.92
CA ASN B 199 -27.41 -19.38 -23.44
C ASN B 199 -28.47 -18.72 -24.34
N ILE B 200 -28.65 -17.41 -24.21
CA ILE B 200 -29.68 -16.71 -24.96
C ILE B 200 -29.10 -16.08 -26.22
N TRP B 201 -28.01 -15.30 -26.07
CA TRP B 201 -27.24 -14.70 -27.16
C TRP B 201 -28.09 -13.78 -28.03
N LEU B 202 -28.51 -12.64 -27.49
CA LEU B 202 -29.33 -11.64 -28.17
C LEU B 202 -28.57 -11.09 -29.38
N GLU B 203 -29.32 -10.38 -30.24
CA GLU B 203 -28.76 -9.80 -31.46
C GLU B 203 -27.72 -8.74 -31.15
N THR B 204 -27.94 -7.96 -30.09
CA THR B 204 -26.98 -6.92 -29.71
C THR B 204 -26.09 -7.41 -28.58
N HIS B 205 -26.26 -8.67 -28.16
CA HIS B 205 -25.42 -9.24 -27.10
C HIS B 205 -23.97 -9.38 -27.55
N ILE B 206 -23.76 -9.66 -28.84
CA ILE B 206 -22.41 -9.79 -29.36
C ILE B 206 -21.77 -8.40 -29.47
N TRP B 207 -22.59 -7.37 -29.77
CA TRP B 207 -22.09 -6.00 -29.81
C TRP B 207 -21.70 -5.53 -28.41
N HIS B 208 -22.48 -5.92 -27.40
CA HIS B 208 -22.15 -5.60 -26.02
C HIS B 208 -20.90 -6.35 -25.56
N ALA B 209 -20.83 -7.66 -25.84
CA ALA B 209 -19.68 -8.45 -25.41
C ALA B 209 -18.42 -8.10 -26.19
N LYS B 210 -18.54 -7.38 -27.29
CA LYS B 210 -17.38 -6.87 -28.00
C LYS B 210 -16.64 -5.81 -27.18
N ARG B 211 -17.38 -4.98 -26.42
CA ARG B 211 -16.74 -3.91 -25.65
C ARG B 211 -17.39 -3.64 -24.29
N PHE B 212 -18.08 -4.61 -23.67
CA PHE B 212 -18.61 -4.43 -22.33
C PHE B 212 -18.51 -5.72 -21.55
N HIS B 213 -18.48 -5.60 -20.21
CA HIS B 213 -18.44 -6.76 -19.33
C HIS B 213 -19.80 -7.44 -19.22
N MET B 214 -19.87 -8.72 -19.61
CA MET B 214 -21.12 -9.48 -19.63
C MET B 214 -21.02 -10.57 -18.56
N VAL B 215 -21.88 -10.49 -17.55
CA VAL B 215 -21.88 -11.40 -16.42
C VAL B 215 -23.20 -12.16 -16.41
N LYS B 216 -23.11 -13.47 -16.16
CA LYS B 216 -24.28 -14.32 -16.01
C LYS B 216 -25.05 -13.95 -14.74
N LYS B 217 -26.38 -14.01 -14.85
CA LYS B 217 -27.27 -13.50 -13.80
C LYS B 217 -28.42 -14.48 -13.55
N TRP B 218 -29.46 -14.00 -12.86
CA TRP B 218 -30.66 -14.77 -12.53
C TRP B 218 -31.37 -15.30 -13.78
N GLY B 219 -31.30 -14.55 -14.87
CA GLY B 219 -31.86 -14.99 -16.13
C GLY B 219 -30.78 -15.28 -17.15
N TYR B 220 -30.51 -14.32 -18.03
CA TYR B 220 -29.45 -14.46 -19.01
C TYR B 220 -28.22 -13.68 -18.58
N CYS B 221 -27.16 -13.72 -19.39
CA CYS B 221 -25.95 -12.97 -19.13
C CYS B 221 -26.05 -11.57 -19.73
N LEU B 222 -25.89 -10.56 -18.88
CA LEU B 222 -26.15 -9.18 -19.27
C LEU B 222 -24.99 -8.30 -18.83
N GLY B 223 -25.03 -7.05 -19.28
CA GLY B 223 -23.91 -6.15 -19.08
C GLY B 223 -23.90 -5.56 -17.69
N GLU B 224 -22.83 -5.80 -16.92
CA GLU B 224 -22.72 -5.20 -15.60
C GLU B 224 -22.06 -3.83 -15.66
N ARG B 225 -20.82 -3.77 -16.16
CA ARG B 225 -20.03 -2.56 -16.16
C ARG B 225 -19.40 -2.34 -17.54
N PRO B 226 -19.09 -1.10 -17.93
CA PRO B 226 -18.34 -0.91 -19.18
C PRO B 226 -16.87 -1.25 -19.01
N THR B 227 -16.19 -1.57 -20.13
CA THR B 227 -14.77 -1.88 -20.05
C THR B 227 -13.93 -0.64 -19.78
N VAL B 228 -14.37 0.51 -20.26
CA VAL B 228 -13.65 1.77 -20.10
C VAL B 228 -14.21 2.47 -18.87
N LYS B 229 -13.33 3.19 -18.16
CA LYS B 229 -13.76 3.91 -16.97
C LYS B 229 -14.59 5.13 -17.35
N SER B 230 -15.90 5.04 -17.14
CA SER B 230 -16.82 6.09 -17.56
C SER B 230 -17.91 6.33 -16.51
N HIS B 231 -17.59 6.12 -15.23
CA HIS B 231 -18.58 6.27 -14.17
C HIS B 231 -19.02 7.72 -14.00
N ARG B 232 -18.10 8.67 -14.13
CA ARG B 232 -18.45 10.08 -14.18
C ARG B 232 -18.98 10.45 -15.56
N ALA B 233 -18.48 9.77 -16.58
CA ALA B 233 -18.89 10.08 -17.95
C ALA B 233 -20.32 9.61 -18.24
N CYS B 234 -20.75 8.52 -17.60
CA CYS B 234 -22.13 8.08 -17.75
C CYS B 234 -23.10 9.06 -17.10
N TYR B 235 -22.73 9.63 -15.95
CA TYR B 235 -23.57 10.66 -15.34
C TYR B 235 -23.56 11.95 -16.15
N ARG B 236 -22.40 12.33 -16.70
CA ARG B 236 -22.30 13.54 -17.51
C ARG B 236 -23.07 13.40 -18.82
N ALA B 237 -23.14 12.19 -19.37
CA ALA B 237 -23.98 11.89 -20.52
C ALA B 237 -25.44 11.70 -20.13
N MET B 238 -25.71 11.42 -18.86
CA MET B 238 -27.08 11.24 -18.42
C MET B 238 -27.76 12.57 -18.14
N THR B 239 -26.98 13.58 -17.73
CA THR B 239 -27.57 14.89 -17.42
C THR B 239 -27.92 15.66 -18.69
N ASN B 240 -26.91 15.98 -19.50
CA ASN B 240 -27.11 16.87 -20.64
C ASN B 240 -27.10 16.12 -21.97
N ARG B 241 -26.16 15.20 -22.15
CA ARG B 241 -25.98 14.49 -23.41
C ARG B 241 -26.95 13.33 -23.57
N CYS B 242 -26.65 12.44 -24.52
CA CYS B 242 -27.51 11.32 -24.87
C CYS B 242 -26.89 10.01 -24.40
N LEU B 243 -27.75 9.08 -24.00
CA LEU B 243 -27.33 7.75 -23.55
C LEU B 243 -28.49 6.79 -23.71
N LEU B 244 -28.19 5.54 -24.11
CA LEU B 244 -29.22 4.53 -24.27
C LEU B 244 -28.86 3.24 -23.56
N GLN B 245 -29.84 2.32 -23.53
CA GLN B 245 -29.71 1.04 -22.85
C GLN B 245 -30.17 -0.09 -23.77
N ASP B 246 -30.08 -1.32 -23.27
CA ASP B 246 -30.62 -2.50 -23.94
C ASP B 246 -31.56 -3.20 -22.95
N LEU B 247 -32.87 -3.11 -23.20
CA LEU B 247 -33.87 -3.69 -22.32
C LEU B 247 -34.67 -4.74 -23.08
N SER B 248 -34.26 -6.00 -22.98
CA SER B 248 -34.91 -7.10 -23.67
C SER B 248 -35.47 -8.16 -22.74
N TYR B 249 -35.24 -8.03 -21.43
CA TYR B 249 -35.72 -9.02 -20.48
C TYR B 249 -37.20 -8.90 -20.18
N TYR B 250 -37.84 -7.81 -20.58
CA TYR B 250 -39.24 -7.56 -20.25
C TYR B 250 -40.15 -8.50 -21.03
N CYS B 251 -40.62 -9.55 -20.36
CA CYS B 251 -41.56 -10.48 -20.98
C CYS B 251 -42.95 -9.85 -21.02
N CYS B 252 -43.75 -10.28 -22.00
CA CYS B 252 -45.02 -9.63 -22.27
C CYS B 252 -46.17 -10.64 -22.25
N LEU B 253 -47.21 -10.30 -21.51
CA LEU B 253 -48.48 -11.03 -21.52
C LEU B 253 -49.47 -10.22 -22.34
N GLU B 254 -49.84 -10.74 -23.50
CA GLU B 254 -50.89 -10.16 -24.31
C GLU B 254 -52.21 -10.84 -24.00
N LEU B 255 -53.19 -10.07 -23.55
CA LEU B 255 -54.49 -10.62 -23.21
C LEU B 255 -55.54 -10.08 -24.18
N LYS B 256 -56.32 -11.01 -24.73
CA LYS B 256 -57.38 -10.73 -25.69
C LYS B 256 -58.70 -11.19 -25.10
N GLY B 257 -59.77 -10.49 -25.40
CA GLY B 257 -61.08 -10.93 -24.96
C GLY B 257 -62.13 -9.87 -25.12
N LYS B 258 -63.37 -10.24 -24.77
CA LYS B 258 -64.49 -9.32 -24.78
C LYS B 258 -64.33 -8.26 -23.70
N GLU B 259 -64.98 -7.12 -23.90
CA GLU B 259 -64.76 -5.91 -23.09
C GLU B 259 -65.21 -6.09 -21.65
N GLU B 260 -66.17 -6.98 -21.40
CA GLU B 260 -66.71 -7.16 -20.06
C GLU B 260 -65.93 -8.20 -19.25
N GLU B 261 -65.20 -9.09 -19.92
CA GLU B 261 -64.55 -10.19 -19.20
C GLU B 261 -63.13 -9.83 -18.79
N ILE B 262 -62.42 -9.05 -19.62
CA ILE B 262 -61.04 -8.68 -19.29
C ILE B 262 -61.03 -7.67 -18.15
N LEU B 263 -62.10 -6.87 -18.02
CA LEU B 263 -62.21 -5.97 -16.88
C LEU B 263 -62.41 -6.73 -15.58
N LYS B 264 -63.11 -7.88 -15.65
CA LYS B 264 -63.25 -8.72 -14.46
C LYS B 264 -61.94 -9.44 -14.14
N ALA B 265 -61.23 -9.88 -15.18
CA ALA B 265 -59.93 -10.52 -14.99
C ALA B 265 -58.88 -9.55 -14.44
N LEU B 266 -59.02 -8.26 -14.73
CA LEU B 266 -58.12 -7.27 -14.14
C LEU B 266 -58.64 -6.75 -12.80
N SER B 267 -59.95 -6.86 -12.54
CA SER B 267 -60.47 -6.47 -11.24
C SER B 267 -60.19 -7.52 -10.17
N GLY B 268 -59.96 -8.78 -10.59
CA GLY B 268 -59.52 -9.78 -9.63
C GLY B 268 -58.08 -9.62 -9.19
N MET B 269 -57.33 -8.73 -9.84
CA MET B 269 -55.90 -8.55 -9.64
C MET B 269 -55.51 -7.10 -9.32
N CYS B 270 -56.45 -6.16 -9.51
CA CYS B 270 -56.11 -4.74 -9.61
C CYS B 270 -55.76 -4.12 -8.27
N ASN B 271 -56.71 -4.17 -7.32
CA ASN B 271 -56.73 -3.39 -6.08
C ASN B 271 -56.60 -1.90 -6.37
N ILE B 272 -57.62 -1.33 -7.02
CA ILE B 272 -57.71 0.09 -7.37
C ILE B 272 -57.84 0.93 -6.10
N ASP B 273 -58.49 0.36 -5.07
CA ASP B 273 -58.87 1.10 -3.87
C ASP B 273 -57.66 1.59 -3.07
N THR B 274 -56.51 0.91 -3.22
CA THR B 274 -55.27 1.38 -2.62
C THR B 274 -54.22 1.71 -3.67
N GLY B 275 -54.12 0.92 -4.74
CA GLY B 275 -53.14 1.15 -5.78
C GLY B 275 -53.50 2.21 -6.79
N LEU B 276 -52.65 2.39 -7.80
CA LEU B 276 -52.91 3.36 -8.85
C LEU B 276 -53.88 2.78 -9.87
N THR B 277 -54.66 3.67 -10.50
CA THR B 277 -55.73 3.27 -11.41
C THR B 277 -55.15 2.97 -12.79
N PHE B 278 -55.46 1.79 -13.33
CA PHE B 278 -55.05 1.44 -14.69
C PHE B 278 -56.19 0.92 -15.56
N ALA B 279 -57.13 0.18 -14.97
CA ALA B 279 -58.13 -0.53 -15.77
C ALA B 279 -59.40 0.28 -15.99
N ALA B 280 -60.07 0.68 -14.91
CA ALA B 280 -61.41 1.27 -15.04
C ALA B 280 -61.37 2.77 -15.28
N VAL B 281 -60.20 3.36 -15.44
CA VAL B 281 -60.09 4.81 -15.58
C VAL B 281 -60.50 5.26 -16.98
N HIS B 282 -59.95 4.63 -18.03
CA HIS B 282 -60.32 4.73 -19.45
C HIS B 282 -60.05 6.10 -20.07
N CYS B 283 -59.61 7.09 -19.29
CA CYS B 283 -59.26 8.38 -19.85
C CYS B 283 -57.75 8.49 -20.03
N LEU B 284 -57.00 7.85 -19.14
CA LEU B 284 -55.55 7.78 -19.26
C LEU B 284 -55.12 6.77 -20.31
N SER B 285 -56.04 5.90 -20.73
CA SER B 285 -55.69 4.75 -21.55
C SER B 285 -55.47 5.14 -23.01
N GLY B 286 -56.28 6.06 -23.54
CA GLY B 286 -56.20 6.37 -24.96
C GLY B 286 -54.98 7.19 -25.31
N LYS B 287 -54.52 8.01 -24.37
CA LYS B 287 -53.37 8.89 -24.61
C LYS B 287 -52.07 8.21 -24.22
N ARG B 288 -51.99 7.70 -23.00
CA ARG B 288 -50.74 7.20 -22.45
C ARG B 288 -50.93 5.83 -21.80
N GLN B 289 -49.91 5.39 -21.05
CA GLN B 289 -49.88 4.10 -20.40
C GLN B 289 -50.02 4.26 -18.89
N GLY B 290 -49.95 3.13 -18.18
CA GLY B 290 -49.89 3.12 -16.73
C GLY B 290 -48.70 2.33 -16.26
N SER B 291 -48.11 2.77 -15.15
CA SER B 291 -46.94 2.10 -14.59
C SER B 291 -47.12 1.99 -13.09
N LEU B 292 -47.31 0.77 -12.60
CA LEU B 292 -47.61 0.53 -11.19
C LEU B 292 -47.24 -0.87 -10.75
N VAL B 293 -47.73 -1.26 -9.58
CA VAL B 293 -47.42 -2.56 -8.97
C VAL B 293 -48.71 -3.37 -8.91
N LEU B 294 -48.69 -4.55 -9.52
CA LEU B 294 -49.83 -5.46 -9.45
C LEU B 294 -49.76 -6.29 -8.18
N TYR B 295 -50.83 -7.05 -7.93
CA TYR B 295 -50.98 -7.81 -6.70
C TYR B 295 -51.48 -9.22 -7.00
N ARG B 296 -51.69 -10.00 -5.94
CA ARG B 296 -52.12 -11.38 -6.06
C ARG B 296 -53.65 -11.42 -6.06
N VAL B 297 -54.21 -12.61 -5.86
CA VAL B 297 -55.64 -12.90 -5.71
C VAL B 297 -56.23 -12.01 -4.63
N ASN B 298 -57.51 -11.64 -4.77
CA ASN B 298 -58.15 -10.54 -4.05
C ASN B 298 -58.47 -10.84 -2.59
N LYS B 299 -57.83 -11.85 -1.97
CA LYS B 299 -57.96 -12.06 -0.53
C LYS B 299 -57.33 -10.93 0.28
N TYR B 300 -56.48 -10.13 -0.36
CA TYR B 300 -55.71 -8.98 0.14
C TYR B 300 -54.82 -9.39 1.31
N PRO B 301 -53.82 -10.30 1.12
CA PRO B 301 -53.09 -10.81 2.28
C PRO B 301 -51.78 -10.08 2.57
N ARG B 302 -51.42 -9.08 1.75
CA ARG B 302 -50.08 -8.51 1.68
C ARG B 302 -49.00 -9.59 1.56
N GLU B 303 -49.04 -10.35 0.45
CA GLU B 303 -48.04 -11.39 0.22
C GLU B 303 -47.24 -11.14 -1.06
N MET B 304 -47.94 -10.95 -2.17
CA MET B 304 -47.29 -10.91 -3.48
C MET B 304 -47.41 -9.50 -4.05
N LEU B 305 -46.30 -8.98 -4.56
CA LEU B 305 -46.25 -7.68 -5.21
C LEU B 305 -45.11 -7.65 -6.21
N GLY B 306 -45.27 -6.84 -7.25
CA GLY B 306 -44.29 -6.72 -8.30
C GLY B 306 -44.63 -5.64 -9.30
N PRO B 307 -43.61 -4.87 -9.72
CA PRO B 307 -43.86 -3.76 -10.67
C PRO B 307 -44.09 -4.27 -12.09
N VAL B 308 -45.14 -3.75 -12.73
CA VAL B 308 -45.54 -4.16 -14.08
C VAL B 308 -45.97 -2.92 -14.85
N THR B 309 -45.39 -2.74 -16.04
CA THR B 309 -45.79 -1.64 -16.92
C THR B 309 -46.92 -2.12 -17.82
N PHE B 310 -48.04 -1.39 -17.79
CA PHE B 310 -49.30 -1.84 -18.36
C PHE B 310 -49.67 -0.96 -19.55
N ILE B 311 -50.25 -1.56 -20.59
CA ILE B 311 -50.59 -0.84 -21.83
C ILE B 311 -52.02 -1.21 -22.22
N TRP B 312 -52.89 -0.21 -22.33
CA TRP B 312 -54.16 -0.33 -23.03
C TRP B 312 -54.01 0.12 -24.47
N LYS B 313 -54.97 -0.28 -25.30
CA LYS B 313 -55.20 0.34 -26.60
C LYS B 313 -56.64 0.05 -27.01
N SER B 314 -57.40 1.10 -27.27
CA SER B 314 -58.74 0.97 -27.84
C SER B 314 -58.74 1.64 -29.21
N GLN B 315 -59.38 0.98 -30.18
CA GLN B 315 -59.45 1.53 -31.51
C GLN B 315 -60.45 2.69 -31.55
N ARG B 316 -60.22 3.61 -32.48
CA ARG B 316 -61.00 4.83 -32.60
C ARG B 316 -62.38 4.59 -33.21
N THR B 317 -62.50 3.64 -34.13
CA THR B 317 -63.76 3.42 -34.85
C THR B 317 -64.90 2.73 -34.10
N PRO B 318 -64.71 1.68 -33.21
CA PRO B 318 -65.89 1.10 -32.54
C PRO B 318 -66.60 2.03 -31.57
N GLY B 319 -65.87 2.53 -30.57
CA GLY B 319 -66.45 3.38 -29.54
C GLY B 319 -67.50 2.73 -28.67
N ASP B 320 -67.49 1.40 -28.60
CA ASP B 320 -68.51 0.64 -27.88
C ASP B 320 -67.97 -0.74 -27.49
N PRO B 321 -68.52 -1.39 -26.45
CA PRO B 321 -68.07 -2.76 -26.15
C PRO B 321 -68.59 -3.80 -27.14
N SER B 322 -68.00 -3.82 -28.33
CA SER B 322 -68.40 -4.77 -29.37
C SER B 322 -67.24 -5.51 -30.03
N GLU B 323 -66.03 -4.96 -30.05
CA GLU B 323 -64.90 -5.58 -30.73
C GLU B 323 -63.97 -6.25 -29.73
N SER B 324 -62.81 -6.71 -30.22
CA SER B 324 -61.82 -7.41 -29.43
C SER B 324 -60.84 -6.41 -28.84
N ARG B 325 -60.79 -6.34 -27.51
CA ARG B 325 -59.91 -5.39 -26.84
C ARG B 325 -58.61 -6.08 -26.43
N GLN B 326 -57.49 -5.44 -26.75
CA GLN B 326 -56.17 -5.95 -26.42
C GLN B 326 -55.70 -5.30 -25.12
N LEU B 327 -54.80 -5.99 -24.40
CA LEU B 327 -54.06 -5.35 -23.32
C LEU B 327 -52.71 -6.02 -23.15
N TRP B 328 -51.72 -5.23 -22.71
CA TRP B 328 -50.35 -5.69 -22.58
C TRP B 328 -49.83 -5.54 -21.14
N ILE B 329 -49.21 -6.61 -20.66
CA ILE B 329 -48.44 -6.67 -19.43
C ILE B 329 -46.96 -6.76 -19.80
N TRP B 330 -46.13 -5.85 -19.29
CA TRP B 330 -44.69 -5.99 -19.48
C TRP B 330 -44.03 -6.07 -18.11
N LEU B 331 -43.15 -7.07 -17.95
CA LEU B 331 -42.56 -7.36 -16.65
C LEU B 331 -41.20 -8.04 -16.80
N HIS B 332 -40.74 -8.60 -15.67
CA HIS B 332 -39.40 -9.12 -15.42
C HIS B 332 -39.43 -10.65 -15.50
N PRO B 333 -38.31 -11.31 -15.88
CA PRO B 333 -38.32 -12.78 -16.04
C PRO B 333 -38.61 -13.61 -14.79
N THR B 334 -38.04 -13.24 -13.63
CA THR B 334 -38.42 -13.91 -12.40
C THR B 334 -39.85 -13.54 -12.03
N LEU B 335 -40.23 -12.29 -12.33
CA LEU B 335 -41.62 -11.89 -12.20
C LEU B 335 -42.49 -12.59 -13.23
N LYS B 336 -41.94 -12.96 -14.39
CA LYS B 336 -42.70 -13.76 -15.36
C LYS B 336 -42.98 -15.14 -14.79
N GLN B 337 -41.97 -15.76 -14.18
CA GLN B 337 -42.16 -17.06 -13.55
C GLN B 337 -43.11 -16.98 -12.36
N ASP B 338 -43.16 -15.83 -11.69
CA ASP B 338 -44.06 -15.68 -10.55
C ASP B 338 -45.51 -15.42 -10.99
N ILE B 339 -45.71 -14.58 -12.00
CA ILE B 339 -47.04 -14.06 -12.30
C ILE B 339 -47.70 -14.88 -13.42
N LEU B 340 -46.92 -15.72 -14.12
CA LEU B 340 -47.51 -16.60 -15.12
C LEU B 340 -48.39 -17.66 -14.47
N GLU B 341 -47.92 -18.22 -13.34
CA GLU B 341 -48.73 -19.15 -12.57
C GLU B 341 -49.94 -18.46 -11.97
N GLU B 342 -49.79 -17.17 -11.62
CA GLU B 342 -50.89 -16.40 -11.05
C GLU B 342 -51.99 -16.16 -12.09
N ILE B 343 -51.60 -15.83 -13.33
CA ILE B 343 -52.57 -15.64 -14.41
C ILE B 343 -53.23 -16.97 -14.77
N LYS B 344 -52.44 -18.05 -14.78
CA LYS B 344 -52.96 -19.38 -15.12
C LYS B 344 -53.93 -19.88 -14.05
N ALA B 345 -53.69 -19.51 -12.79
CA ALA B 345 -54.62 -19.91 -11.73
C ALA B 345 -55.80 -18.95 -11.61
N ALA B 346 -55.65 -17.72 -12.11
CA ALA B 346 -56.70 -16.73 -11.93
C ALA B 346 -57.72 -16.75 -13.06
N CYS B 347 -57.27 -16.68 -14.32
CA CYS B 347 -58.21 -16.50 -15.41
C CYS B 347 -58.93 -17.80 -15.76
N GLN B 348 -58.19 -18.78 -16.28
CA GLN B 348 -58.71 -20.11 -16.61
C GLN B 348 -57.62 -21.16 -16.52
N CYS B 349 -57.99 -22.38 -16.16
CA CYS B 349 -57.08 -23.51 -16.13
C CYS B 349 -57.39 -24.45 -17.29
N VAL B 350 -56.70 -24.26 -18.41
CA VAL B 350 -56.92 -25.08 -19.58
C VAL B 350 -55.70 -25.94 -19.86
N GLY B 390 -28.74 -24.71 -48.85
CA GLY B 390 -28.13 -24.43 -47.56
C GLY B 390 -27.67 -23.00 -47.41
N GLU B 391 -28.38 -22.24 -46.60
CA GLU B 391 -28.06 -20.84 -46.35
C GLU B 391 -27.95 -20.60 -44.85
N ASN B 392 -27.45 -19.44 -44.49
CA ASN B 392 -27.31 -19.07 -43.09
C ASN B 392 -28.67 -18.69 -42.52
N ALA B 393 -29.10 -19.38 -41.47
CA ALA B 393 -30.36 -19.13 -40.79
C ALA B 393 -30.06 -18.51 -39.44
N LYS B 394 -30.55 -17.30 -39.22
CA LYS B 394 -30.26 -16.55 -38.00
C LYS B 394 -31.30 -16.86 -36.92
N PRO B 395 -30.86 -17.37 -35.76
CA PRO B 395 -31.81 -17.64 -34.67
C PRO B 395 -32.26 -16.36 -33.98
N ILE B 396 -33.27 -15.70 -34.55
CA ILE B 396 -33.79 -14.45 -33.98
C ILE B 396 -34.47 -14.66 -32.65
N LYS B 397 -35.25 -15.74 -32.49
CA LYS B 397 -35.90 -16.07 -31.24
C LYS B 397 -34.89 -16.74 -30.29
N LYS B 398 -35.36 -17.13 -29.12
CA LYS B 398 -34.52 -17.79 -28.13
C LYS B 398 -34.61 -19.30 -28.31
N ILE B 399 -33.47 -19.97 -28.13
CA ILE B 399 -33.38 -21.40 -28.43
C ILE B 399 -34.05 -22.21 -27.33
N ILE B 400 -34.17 -21.63 -26.13
CA ILE B 400 -35.04 -22.21 -25.11
C ILE B 400 -36.49 -22.14 -25.58
N GLY B 401 -36.90 -20.98 -26.09
CA GLY B 401 -38.24 -20.85 -26.64
C GLY B 401 -38.44 -21.63 -27.93
N ASP B 402 -37.40 -21.72 -28.76
CA ASP B 402 -37.50 -22.48 -30.01
C ASP B 402 -37.57 -23.98 -29.75
N GLY B 403 -36.87 -24.46 -28.71
CA GLY B 403 -36.96 -25.85 -28.33
C GLY B 403 -38.23 -26.19 -27.57
N THR B 404 -38.81 -25.22 -26.86
CA THR B 404 -40.07 -25.45 -26.17
C THR B 404 -41.26 -25.13 -27.07
N ARG B 405 -41.01 -24.62 -28.28
CA ARG B 405 -42.07 -24.23 -29.21
C ARG B 405 -42.91 -25.42 -29.65
N ASP B 406 -42.29 -26.60 -29.76
CA ASP B 406 -43.09 -27.78 -30.06
C ASP B 406 -43.85 -28.29 -28.83
N PRO B 407 -43.21 -28.57 -27.63
CA PRO B 407 -44.05 -28.95 -26.48
C PRO B 407 -44.93 -27.84 -25.89
N CYS B 408 -44.33 -26.79 -25.31
CA CYS B 408 -45.11 -25.87 -24.48
C CYS B 408 -45.06 -24.39 -24.86
N LEU B 409 -43.87 -23.80 -24.90
CA LEU B 409 -43.74 -22.35 -24.78
C LEU B 409 -43.19 -21.70 -26.05
N PRO B 410 -43.68 -20.51 -26.45
CA PRO B 410 -44.57 -19.49 -25.86
C PRO B 410 -46.01 -19.93 -25.59
N TYR B 411 -46.63 -19.32 -24.60
CA TYR B 411 -47.88 -19.83 -24.03
C TYR B 411 -49.05 -19.07 -24.63
N SER B 412 -49.57 -19.56 -25.76
CA SER B 412 -50.66 -18.88 -26.44
C SER B 412 -51.89 -19.77 -26.50
N TRP B 413 -52.74 -19.68 -25.48
CA TRP B 413 -53.93 -20.52 -25.41
C TRP B 413 -55.17 -19.63 -25.34
N ILE B 414 -56.33 -20.27 -25.44
CA ILE B 414 -57.63 -19.60 -25.43
C ILE B 414 -58.44 -20.18 -24.28
N SER B 415 -59.67 -19.70 -24.13
CA SER B 415 -60.60 -20.21 -23.12
C SER B 415 -62.01 -20.20 -23.69
N PRO B 416 -62.69 -21.35 -23.72
CA PRO B 416 -64.05 -21.38 -24.27
C PRO B 416 -65.08 -20.73 -23.35
N THR B 417 -64.87 -20.83 -22.04
CA THR B 417 -65.86 -20.40 -21.06
C THR B 417 -65.89 -18.88 -20.93
N THR B 418 -64.78 -18.28 -20.51
CA THR B 418 -64.74 -16.85 -20.24
C THR B 418 -64.28 -16.03 -21.43
N GLY B 419 -63.71 -16.66 -22.46
CA GLY B 419 -63.28 -15.94 -23.64
C GLY B 419 -62.04 -15.10 -23.43
N ILE B 420 -61.07 -15.63 -22.68
CA ILE B 420 -59.82 -14.94 -22.41
C ILE B 420 -58.70 -15.67 -23.14
N ILE B 421 -58.03 -14.96 -24.05
CA ILE B 421 -56.94 -15.51 -24.83
C ILE B 421 -55.65 -14.98 -24.21
N ILE B 422 -54.80 -15.90 -23.76
CA ILE B 422 -53.57 -15.57 -23.04
C ILE B 422 -52.39 -15.85 -23.96
N SER B 423 -51.50 -14.87 -24.10
CA SER B 423 -50.29 -15.01 -24.91
C SER B 423 -49.09 -14.55 -24.10
N ASP B 424 -48.46 -15.48 -23.39
CA ASP B 424 -47.18 -15.26 -22.75
C ASP B 424 -46.08 -15.37 -23.80
N LEU B 425 -45.37 -14.26 -24.02
CA LEU B 425 -44.29 -14.19 -25.00
C LEU B 425 -43.05 -13.67 -24.30
N THR B 426 -42.01 -14.50 -24.30
CA THR B 426 -40.75 -14.16 -23.65
C THR B 426 -39.96 -13.17 -24.49
N MET B 427 -39.73 -13.49 -25.75
CA MET B 427 -39.04 -12.59 -26.68
C MET B 427 -39.83 -12.52 -27.99
N GLU B 428 -40.72 -11.54 -28.06
CA GLU B 428 -41.43 -11.24 -29.31
C GLU B 428 -41.00 -9.92 -29.92
N MET B 429 -40.79 -8.89 -29.10
CA MET B 429 -40.41 -7.57 -29.57
C MET B 429 -39.46 -6.96 -28.54
N ASN B 430 -38.68 -5.98 -28.98
CA ASN B 430 -37.63 -5.40 -28.16
C ASN B 430 -37.88 -3.92 -27.92
N ARG B 431 -37.26 -3.41 -26.86
CA ARG B 431 -37.48 -2.05 -26.36
C ARG B 431 -36.12 -1.45 -26.02
N PHE B 432 -35.93 -0.18 -26.35
CA PHE B 432 -34.67 0.50 -26.08
C PHE B 432 -34.93 1.85 -25.41
N ARG B 433 -34.29 2.07 -24.26
CA ARG B 433 -34.49 3.26 -23.45
C ARG B 433 -33.37 4.26 -23.69
N LEU B 434 -33.66 5.29 -24.49
CA LEU B 434 -32.71 6.35 -24.81
C LEU B 434 -32.95 7.51 -23.84
N ILE B 435 -32.00 7.73 -22.93
CA ILE B 435 -32.15 8.75 -21.90
C ILE B 435 -31.25 9.93 -22.24
N GLY B 436 -31.87 11.12 -22.34
CA GLY B 436 -31.12 12.33 -22.58
C GLY B 436 -31.90 13.40 -23.31
N PRO B 437 -31.61 14.67 -23.02
CA PRO B 437 -32.24 15.77 -23.77
C PRO B 437 -31.77 15.88 -25.20
N LEU B 438 -30.47 15.68 -25.45
CA LEU B 438 -29.96 15.72 -26.82
C LEU B 438 -30.35 14.46 -27.58
N SER B 439 -30.71 13.40 -26.85
CA SER B 439 -31.20 12.17 -27.47
C SER B 439 -32.48 12.42 -28.26
N HIS B 440 -33.34 13.32 -27.76
CA HIS B 440 -34.54 13.69 -28.48
C HIS B 440 -34.21 14.39 -29.80
N SER B 441 -33.21 15.26 -29.79
CA SER B 441 -32.82 15.99 -31.00
C SER B 441 -32.19 15.07 -32.04
N ILE B 442 -31.31 14.15 -31.59
CA ILE B 442 -30.69 13.27 -32.57
C ILE B 442 -31.66 12.15 -32.98
N LEU B 443 -32.71 11.91 -32.19
CA LEU B 443 -33.75 10.98 -32.60
C LEU B 443 -34.69 11.64 -33.59
N THR B 444 -34.84 12.96 -33.51
CA THR B 444 -35.56 13.70 -34.53
C THR B 444 -34.76 13.69 -35.84
N GLU B 445 -33.46 13.94 -35.75
CA GLU B 445 -32.63 14.06 -36.93
C GLU B 445 -32.30 12.71 -37.57
N ALA B 446 -32.31 11.64 -36.78
CA ALA B 446 -31.94 10.32 -37.31
C ALA B 446 -33.17 9.55 -37.77
N ILE B 447 -34.11 9.32 -36.86
CA ILE B 447 -35.37 8.66 -37.19
C ILE B 447 -36.22 9.63 -37.99
N LYS B 448 -36.60 9.23 -39.21
CA LYS B 448 -37.38 10.05 -40.12
C LYS B 448 -38.56 9.24 -40.62
N ALA B 449 -39.72 9.89 -40.77
CA ALA B 449 -40.91 9.23 -41.28
C ALA B 449 -40.77 8.94 -42.77
N ALA B 450 -41.21 7.77 -43.21
CA ALA B 450 -41.12 7.37 -44.60
C ALA B 450 -42.13 8.14 -45.46
N SER B 451 -41.77 8.40 -46.72
CA SER B 451 -42.64 9.15 -47.62
C SER B 451 -43.78 8.26 -48.10
N VAL B 452 -45.01 8.77 -48.00
CA VAL B 452 -46.20 8.00 -48.35
C VAL B 452 -46.61 8.39 -49.77
N HIS B 453 -45.96 9.42 -50.31
CA HIS B 453 -46.33 9.99 -51.60
C HIS B 453 -45.88 9.11 -52.77
N THR B 454 -44.56 8.89 -52.87
CA THR B 454 -43.99 8.26 -54.05
C THR B 454 -44.37 6.78 -54.14
N VAL B 455 -44.42 6.09 -53.00
CA VAL B 455 -44.85 4.70 -53.01
C VAL B 455 -46.36 4.61 -53.21
N GLY B 456 -47.09 5.55 -52.62
CA GLY B 456 -48.55 5.51 -52.68
C GLY B 456 -49.14 5.87 -54.02
N GLU B 457 -48.45 6.67 -54.82
CA GLU B 457 -49.01 7.07 -56.12
C GLU B 457 -48.89 5.98 -57.17
N ASP B 458 -47.67 5.59 -57.52
CA ASP B 458 -47.46 4.67 -58.64
C ASP B 458 -46.48 3.54 -58.37
N THR B 459 -45.67 3.60 -57.32
CA THR B 459 -44.61 2.61 -57.13
C THR B 459 -45.13 1.32 -56.52
N GLU B 460 -45.28 0.29 -57.36
CA GLU B 460 -45.68 -1.04 -56.93
C GLU B 460 -45.30 -2.04 -58.02
N GLU B 461 -44.39 -2.95 -57.67
CA GLU B 461 -43.96 -4.00 -58.59
C GLU B 461 -44.17 -5.41 -58.05
N THR B 462 -43.66 -5.70 -56.84
CA THR B 462 -43.33 -7.03 -56.32
C THR B 462 -43.54 -6.78 -54.81
N PRO B 463 -43.40 -7.78 -53.80
CA PRO B 463 -44.19 -7.68 -52.56
C PRO B 463 -43.86 -6.55 -51.59
N HIS B 464 -44.47 -6.62 -50.39
CA HIS B 464 -44.97 -5.56 -49.51
C HIS B 464 -46.22 -4.92 -50.13
N ARG B 465 -47.22 -5.75 -50.41
CA ARG B 465 -48.54 -5.33 -50.86
C ARG B 465 -49.38 -4.74 -49.73
N TRP B 466 -48.97 -5.01 -48.48
CA TRP B 466 -49.71 -4.53 -47.32
C TRP B 466 -49.66 -3.01 -47.19
N TRP B 467 -48.57 -2.38 -47.64
CA TRP B 467 -48.53 -0.92 -47.64
C TRP B 467 -49.46 -0.35 -48.70
N ILE B 468 -49.66 -1.09 -49.80
CA ILE B 468 -50.62 -0.67 -50.82
C ILE B 468 -52.04 -0.83 -50.31
N GLU B 469 -52.30 -1.91 -49.57
CA GLU B 469 -53.63 -2.14 -49.02
C GLU B 469 -53.96 -1.15 -47.90
N THR B 470 -52.95 -0.70 -47.16
CA THR B 470 -53.17 0.32 -46.15
C THR B 470 -53.34 1.69 -46.79
N CYS B 471 -52.53 1.97 -47.82
CA CYS B 471 -52.56 3.27 -48.49
C CYS B 471 -53.73 3.39 -49.46
N LYS B 472 -54.49 2.30 -49.66
CA LYS B 472 -55.66 2.33 -50.54
C LYS B 472 -56.75 3.22 -49.95
N LYS B 473 -56.89 3.24 -48.63
CA LYS B 473 -57.79 4.16 -47.97
C LYS B 473 -57.19 5.55 -47.94
N PRO B 474 -58.00 6.60 -48.17
CA PRO B 474 -57.46 7.96 -48.22
C PRO B 474 -57.13 8.54 -46.85
N ASP B 475 -57.66 7.91 -45.80
CA ASP B 475 -57.42 8.41 -44.45
C ASP B 475 -56.01 8.08 -43.94
N SER B 476 -55.38 7.04 -44.51
CA SER B 476 -54.07 6.62 -44.03
C SER B 476 -52.98 7.60 -44.46
N VAL B 477 -53.16 8.23 -45.62
CA VAL B 477 -52.19 9.21 -46.10
C VAL B 477 -52.19 10.45 -45.22
N SER B 478 -53.38 10.97 -44.92
CA SER B 478 -53.50 12.12 -44.04
C SER B 478 -53.11 11.76 -42.62
N LEU B 479 -53.33 10.51 -42.22
CA LEU B 479 -52.92 10.06 -40.88
C LEU B 479 -51.41 10.02 -40.75
N HIS B 480 -50.72 9.51 -41.78
CA HIS B 480 -49.27 9.50 -41.76
C HIS B 480 -48.69 10.91 -41.88
N CYS B 481 -49.40 11.80 -42.59
CA CYS B 481 -48.97 13.19 -42.66
C CYS B 481 -49.10 13.90 -41.31
N ARG B 482 -50.19 13.63 -40.59
CA ARG B 482 -50.36 14.18 -39.25
C ARG B 482 -49.35 13.60 -38.27
N GLN B 483 -49.03 12.30 -38.41
CA GLN B 483 -48.01 11.68 -37.57
C GLN B 483 -46.63 12.29 -37.82
N GLU B 484 -46.30 12.54 -39.09
CA GLU B 484 -45.01 13.17 -39.40
C GLU B 484 -44.97 14.62 -38.93
N ALA B 485 -46.10 15.33 -39.01
CA ALA B 485 -46.16 16.71 -38.54
C ALA B 485 -46.02 16.79 -37.02
N ILE B 486 -46.67 15.88 -36.30
CA ILE B 486 -46.55 15.87 -34.84
C ILE B 486 -45.17 15.38 -34.40
N PHE B 487 -44.54 14.52 -35.21
CA PHE B 487 -43.15 14.12 -34.92
C PHE B 487 -42.18 15.28 -35.11
N GLU B 488 -42.38 16.07 -36.17
CA GLU B 488 -41.55 17.26 -36.36
C GLU B 488 -41.86 18.33 -35.31
N LEU B 489 -43.10 18.36 -34.82
CA LEU B 489 -43.46 19.28 -33.75
C LEU B 489 -42.82 18.89 -32.43
N LEU B 490 -42.77 17.59 -32.12
CA LEU B 490 -41.99 17.08 -31.01
C LEU B 490 -40.50 17.37 -31.17
N GLY B 491 -39.99 17.32 -32.40
CA GLY B 491 -38.63 17.74 -32.67
C GLY B 491 -38.40 19.22 -32.46
N GLY B 492 -39.46 20.02 -32.61
CA GLY B 492 -39.36 21.44 -32.30
C GLY B 492 -39.29 21.73 -30.82
N ILE B 493 -39.75 20.79 -29.99
CA ILE B 493 -39.74 20.95 -28.54
C ILE B 493 -38.30 20.78 -28.05
N THR B 494 -37.87 21.66 -27.13
CA THR B 494 -36.46 21.73 -26.75
C THR B 494 -36.06 20.57 -25.84
N SER B 495 -37.02 19.92 -25.20
CA SER B 495 -36.67 18.83 -24.29
C SER B 495 -37.79 17.81 -24.17
N PRO B 496 -37.47 16.55 -23.84
CA PRO B 496 -38.52 15.58 -23.50
C PRO B 496 -38.93 15.64 -22.03
N ALA B 497 -38.56 16.72 -21.34
CA ALA B 497 -38.85 16.85 -19.92
C ALA B 497 -40.22 17.41 -19.62
N GLU B 498 -40.86 18.11 -20.56
CA GLU B 498 -42.19 18.68 -20.34
C GLU B 498 -43.19 17.83 -21.12
N ILE B 499 -43.83 16.90 -20.40
CA ILE B 499 -44.74 15.89 -20.93
C ILE B 499 -45.41 15.30 -19.69
N PRO B 500 -46.75 15.08 -19.67
CA PRO B 500 -47.41 14.73 -18.40
C PRO B 500 -47.04 13.39 -17.78
N ALA B 501 -47.34 12.26 -18.42
CA ALA B 501 -46.98 10.96 -17.86
C ALA B 501 -46.95 9.85 -18.92
N GLY B 502 -45.77 9.50 -19.40
CA GLY B 502 -45.54 8.32 -20.24
C GLY B 502 -46.36 8.16 -21.51
N THR B 503 -46.30 9.14 -22.40
CA THR B 503 -47.18 9.14 -23.57
C THR B 503 -46.72 8.12 -24.61
N ILE B 504 -47.64 7.78 -25.51
CA ILE B 504 -47.45 6.73 -26.51
C ILE B 504 -47.71 7.33 -27.88
N LEU B 505 -46.77 7.12 -28.81
CA LEU B 505 -46.92 7.65 -30.17
C LEU B 505 -46.17 6.75 -31.13
N GLY B 506 -46.87 6.23 -32.14
CA GLY B 506 -46.28 5.32 -33.11
C GLY B 506 -46.55 5.78 -34.53
N LEU B 507 -45.56 5.59 -35.40
CA LEU B 507 -45.69 5.98 -36.80
C LEU B 507 -44.75 5.15 -37.65
N THR B 508 -44.89 5.31 -38.97
CA THR B 508 -44.10 4.58 -39.96
C THR B 508 -42.80 5.31 -40.20
N VAL B 509 -41.68 4.60 -40.04
CA VAL B 509 -40.35 5.18 -40.07
C VAL B 509 -39.54 4.54 -41.17
N GLY B 510 -39.03 5.36 -42.09
CA GLY B 510 -37.94 4.94 -42.94
C GLY B 510 -36.65 4.81 -42.15
N ASP B 511 -36.05 3.62 -42.25
CA ASP B 511 -34.95 3.15 -41.41
C ASP B 511 -33.73 4.07 -41.43
N PRO B 512 -33.09 4.31 -40.26
CA PRO B 512 -32.12 5.41 -40.16
C PRO B 512 -30.75 5.11 -40.75
N ARG B 513 -30.58 3.98 -41.43
CA ARG B 513 -29.36 3.72 -42.17
C ARG B 513 -29.42 4.24 -43.61
N ILE B 514 -30.47 4.99 -43.98
CA ILE B 514 -30.51 5.63 -45.28
C ILE B 514 -29.48 6.76 -45.35
N ASN B 515 -29.41 7.60 -44.33
CA ASN B 515 -28.50 8.73 -44.32
C ASN B 515 -27.06 8.27 -44.12
N LEU B 516 -26.77 7.71 -42.93
CA LEU B 516 -25.49 7.17 -42.49
C LEU B 516 -24.35 8.17 -42.69
N PRO B 517 -24.21 9.18 -41.82
CA PRO B 517 -23.17 10.20 -42.00
C PRO B 517 -21.76 9.61 -41.94
N GLN B 518 -20.85 10.22 -42.71
CA GLN B 518 -19.52 9.65 -42.91
C GLN B 518 -18.64 9.75 -41.67
N LYS B 519 -18.83 10.77 -40.86
CA LYS B 519 -18.01 10.98 -39.67
C LYS B 519 -18.48 10.06 -38.55
N LYS B 520 -17.75 10.03 -37.44
CA LYS B 520 -18.12 9.23 -36.29
C LYS B 520 -18.07 10.10 -35.05
N SER B 521 -19.03 9.89 -34.14
CA SER B 521 -19.31 10.72 -32.97
C SER B 521 -19.51 12.17 -33.37
N LYS B 522 -20.42 12.40 -34.32
CA LYS B 522 -20.71 13.72 -34.86
C LYS B 522 -21.96 14.24 -34.17
N ALA B 523 -21.77 14.88 -33.02
CA ALA B 523 -22.89 15.39 -32.23
C ALA B 523 -23.01 16.90 -32.44
N LEU B 524 -24.18 17.35 -32.89
CA LEU B 524 -24.46 18.76 -33.11
C LEU B 524 -25.78 19.13 -32.42
N PRO B 525 -25.91 20.38 -31.99
CA PRO B 525 -27.22 20.84 -31.49
C PRO B 525 -28.15 21.21 -32.63
N ASN B 526 -29.34 21.73 -32.30
CA ASN B 526 -30.29 22.15 -33.32
C ASN B 526 -29.84 23.45 -33.98
N PRO B 527 -30.34 23.77 -35.18
CA PRO B 527 -30.17 25.13 -35.70
C PRO B 527 -30.93 26.15 -34.86
N GLU B 528 -30.56 27.43 -35.02
CA GLU B 528 -31.11 28.48 -34.18
C GLU B 528 -32.57 28.81 -34.51
N LYS B 529 -33.09 28.31 -35.63
CA LYS B 529 -34.50 28.50 -35.97
C LYS B 529 -35.36 27.65 -35.05
N CYS B 530 -36.15 28.30 -34.20
CA CYS B 530 -36.98 27.62 -33.22
C CYS B 530 -38.41 28.17 -33.25
N GLN B 531 -38.98 28.29 -34.44
CA GLN B 531 -40.27 28.94 -34.63
C GLN B 531 -41.42 27.99 -34.27
N ASP B 532 -42.64 28.40 -34.67
CA ASP B 532 -43.90 27.71 -34.43
C ASP B 532 -44.16 27.47 -32.94
N ASN B 533 -44.26 28.56 -32.17
CA ASN B 533 -44.45 28.45 -30.73
C ASN B 533 -45.88 28.11 -30.34
N GLU B 534 -46.85 28.39 -31.22
CA GLU B 534 -48.25 28.16 -30.88
C GLU B 534 -48.59 26.67 -30.89
N LYS B 535 -48.08 25.94 -31.88
CA LYS B 535 -48.37 24.51 -31.97
C LYS B 535 -47.64 23.72 -30.87
N VAL B 536 -46.46 24.21 -30.47
CA VAL B 536 -45.76 23.62 -29.32
C VAL B 536 -46.56 23.80 -28.04
N ARG B 537 -47.14 24.99 -27.85
CA ARG B 537 -47.97 25.25 -26.68
C ARG B 537 -49.25 24.42 -26.72
N GLN B 538 -49.82 24.23 -27.92
CA GLN B 538 -51.01 23.39 -28.06
C GLN B 538 -50.70 21.93 -27.76
N LEU B 539 -49.51 21.47 -28.12
CA LEU B 539 -49.14 20.08 -27.84
C LEU B 539 -48.77 19.89 -26.37
N LEU B 540 -48.25 20.95 -25.74
CA LEU B 540 -47.89 20.84 -24.32
C LEU B 540 -49.11 20.94 -23.41
N LEU B 541 -50.11 21.75 -23.78
CA LEU B 541 -51.31 21.87 -22.97
C LEU B 541 -52.17 20.62 -23.00
N GLU B 542 -52.64 20.23 -24.18
CA GLU B 542 -53.51 19.06 -24.28
C GLU B 542 -52.72 17.77 -24.45
N GLY B 543 -52.01 17.63 -25.56
CA GLY B 543 -51.28 16.40 -25.86
C GLY B 543 -52.16 15.19 -26.01
N VAL B 544 -52.95 15.13 -27.08
CA VAL B 544 -53.96 14.08 -27.26
C VAL B 544 -53.62 13.30 -28.53
N PRO B 545 -52.80 12.23 -28.45
CA PRO B 545 -52.56 11.41 -29.64
C PRO B 545 -53.52 10.24 -29.79
N VAL B 546 -54.83 10.51 -29.85
CA VAL B 546 -55.78 9.42 -30.05
C VAL B 546 -55.74 8.92 -31.49
N GLU B 547 -55.77 9.83 -32.47
CA GLU B 547 -55.71 9.43 -33.87
C GLU B 547 -54.37 8.89 -34.28
N CYS B 548 -53.27 9.45 -33.78
CA CYS B 548 -51.94 9.02 -34.17
C CYS B 548 -51.48 7.76 -33.47
N THR B 549 -52.23 7.26 -32.49
CA THR B 549 -51.89 5.97 -31.87
C THR B 549 -52.33 4.86 -32.81
N HIS B 550 -51.44 4.43 -33.70
CA HIS B 550 -51.78 3.47 -34.73
C HIS B 550 -51.09 2.14 -34.45
N SER B 551 -51.89 1.08 -34.33
CA SER B 551 -51.39 -0.26 -34.01
C SER B 551 -51.34 -1.09 -35.29
N PHE B 552 -50.19 -1.07 -35.96
CA PHE B 552 -50.04 -1.77 -37.22
C PHE B 552 -49.16 -3.00 -37.10
N ILE B 553 -48.05 -2.91 -36.37
CA ILE B 553 -47.17 -4.06 -36.15
C ILE B 553 -47.50 -4.82 -34.87
N TRP B 554 -48.65 -4.57 -34.25
CA TRP B 554 -49.03 -5.34 -33.08
C TRP B 554 -49.81 -6.59 -33.46
N ASN B 555 -50.14 -6.75 -34.75
CA ASN B 555 -50.96 -7.86 -35.22
C ASN B 555 -50.19 -9.17 -35.26
N GLN B 556 -50.89 -10.26 -35.56
CA GLN B 556 -50.29 -11.58 -35.51
C GLN B 556 -49.51 -11.90 -36.78
N ASP B 557 -50.02 -11.49 -37.94
CA ASP B 557 -49.47 -11.90 -39.22
C ASP B 557 -48.66 -10.82 -39.92
N ILE B 558 -48.98 -9.54 -39.68
CA ILE B 558 -48.30 -8.45 -40.38
C ILE B 558 -46.88 -8.27 -39.85
N CYS B 559 -46.72 -8.35 -38.53
CA CYS B 559 -45.40 -8.20 -37.92
C CYS B 559 -44.49 -9.37 -38.27
N LYS B 560 -45.07 -10.57 -38.41
CA LYS B 560 -44.28 -11.70 -38.89
C LYS B 560 -43.89 -11.55 -40.35
N SER B 561 -44.73 -10.89 -41.16
CA SER B 561 -44.33 -10.62 -42.54
C SER B 561 -43.26 -9.55 -42.60
N VAL B 562 -43.24 -8.63 -41.63
CA VAL B 562 -42.13 -7.69 -41.49
C VAL B 562 -40.84 -8.41 -41.12
N THR B 563 -40.91 -9.33 -40.15
CA THR B 563 -39.75 -10.09 -39.70
C THR B 563 -39.25 -11.07 -40.78
N GLU B 564 -40.14 -11.49 -41.69
CA GLU B 564 -39.79 -12.50 -42.69
C GLU B 564 -38.93 -11.92 -43.82
N ASN B 565 -38.68 -10.61 -43.81
CA ASN B 565 -37.96 -9.96 -44.90
C ASN B 565 -36.49 -10.37 -44.96
N LYS B 566 -35.87 -10.64 -43.80
CA LYS B 566 -34.51 -11.16 -43.64
C LYS B 566 -33.47 -10.28 -44.30
N ILE B 567 -33.46 -8.99 -43.97
CA ILE B 567 -32.57 -8.01 -44.58
C ILE B 567 -31.13 -8.22 -44.13
N SER B 568 -30.18 -7.96 -45.04
CA SER B 568 -28.76 -7.98 -44.69
C SER B 568 -28.26 -6.56 -44.48
N ASP B 569 -27.10 -6.40 -43.84
CA ASP B 569 -26.57 -5.08 -43.54
C ASP B 569 -25.16 -4.89 -44.07
N GLN B 570 -24.38 -5.96 -44.19
CA GLN B 570 -23.06 -5.90 -44.79
C GLN B 570 -23.17 -5.67 -46.29
N ASP B 571 -24.17 -6.29 -46.92
CA ASP B 571 -24.45 -6.04 -48.33
C ASP B 571 -24.96 -4.62 -48.53
N LEU B 572 -25.73 -4.11 -47.56
CA LEU B 572 -26.20 -2.74 -47.63
C LEU B 572 -25.05 -1.76 -47.36
N ASN B 573 -24.06 -2.21 -46.58
CA ASN B 573 -22.83 -1.45 -46.43
C ASN B 573 -22.05 -1.40 -47.75
N ARG B 574 -22.08 -2.50 -48.50
CA ARG B 574 -21.31 -2.56 -49.74
C ARG B 574 -21.99 -1.79 -50.86
N MET B 575 -23.33 -1.75 -50.85
CA MET B 575 -24.07 -1.02 -51.87
C MET B 575 -23.84 0.49 -51.81
N ARG B 576 -23.51 1.02 -50.62
CA ARG B 576 -23.19 2.43 -50.52
C ARG B 576 -21.80 2.72 -51.08
N SER B 577 -20.88 1.77 -50.92
CA SER B 577 -19.53 1.93 -51.47
C SER B 577 -19.48 1.68 -52.97
N GLU B 578 -20.45 0.93 -53.51
CA GLU B 578 -20.48 0.71 -54.96
C GLU B 578 -20.94 1.97 -55.69
N LEU B 579 -21.71 2.83 -55.02
CA LEU B 579 -22.17 4.07 -55.63
C LEU B 579 -21.08 5.11 -55.75
N LEU B 580 -19.99 4.97 -54.98
CA LEU B 580 -18.77 5.79 -55.03
C LEU B 580 -19.03 7.28 -54.77
N VAL B 581 -20.08 7.59 -54.02
CA VAL B 581 -20.39 8.98 -53.68
C VAL B 581 -19.49 9.43 -52.52
N PRO B 582 -18.94 10.65 -52.58
CA PRO B 582 -18.03 11.08 -51.50
C PRO B 582 -18.74 11.44 -50.19
N GLY B 583 -19.80 12.23 -50.25
CA GLY B 583 -20.48 12.65 -49.04
C GLY B 583 -21.98 12.84 -49.15
N SER B 584 -22.60 12.22 -50.14
CA SER B 584 -24.03 12.41 -50.36
C SER B 584 -24.80 11.17 -49.90
N GLN B 585 -26.13 11.31 -49.82
CA GLN B 585 -26.99 10.24 -49.35
C GLN B 585 -27.89 9.79 -50.50
N LEU B 586 -27.66 8.58 -50.99
CA LEU B 586 -28.41 8.03 -52.11
C LEU B 586 -28.77 6.59 -51.81
N ILE B 587 -30.06 6.32 -51.63
CA ILE B 587 -30.59 4.97 -51.46
C ILE B 587 -31.72 4.79 -52.46
N LEU B 588 -31.57 3.80 -53.34
CA LEU B 588 -32.59 3.50 -54.33
C LEU B 588 -33.82 2.89 -53.67
N GLY B 589 -34.99 3.30 -54.13
CA GLY B 589 -36.23 2.88 -53.52
C GLY B 589 -37.26 2.08 -54.32
N PRO B 590 -36.89 0.98 -55.05
CA PRO B 590 -37.96 0.11 -55.55
C PRO B 590 -38.55 -0.74 -54.44
N HIS B 591 -37.76 -1.00 -53.41
CA HIS B 591 -38.20 -1.80 -52.26
C HIS B 591 -37.51 -1.21 -51.03
N GLU B 592 -38.28 -0.54 -50.18
CA GLU B 592 -37.76 0.08 -48.97
C GLU B 592 -38.40 -0.56 -47.74
N SER B 593 -37.83 -0.26 -46.58
CA SER B 593 -38.31 -0.79 -45.31
C SER B 593 -39.20 0.25 -44.64
N LYS B 594 -40.46 0.26 -45.07
CA LYS B 594 -41.45 1.24 -44.62
C LYS B 594 -42.26 0.62 -43.50
N ILE B 595 -41.65 0.49 -42.32
CA ILE B 595 -42.26 -0.24 -41.20
C ILE B 595 -42.54 0.72 -40.04
N PRO B 596 -43.59 0.48 -39.24
CA PRO B 596 -43.85 1.38 -38.10
C PRO B 596 -43.18 0.93 -36.81
N ILE B 597 -42.77 1.89 -35.98
CA ILE B 597 -42.22 1.61 -34.66
C ILE B 597 -42.93 2.48 -33.64
N LEU B 598 -42.77 2.16 -32.35
CA LEU B 598 -43.51 2.86 -31.31
C LEU B 598 -42.54 3.65 -30.45
N LEU B 599 -43.01 4.75 -29.86
CA LEU B 599 -42.25 5.57 -28.94
C LEU B 599 -43.09 5.75 -27.67
N ILE B 600 -42.63 5.17 -26.58
CA ILE B 600 -43.21 5.37 -25.25
C ILE B 600 -42.18 6.07 -24.38
N GLN B 601 -42.46 7.31 -24.00
CA GLN B 601 -41.45 8.02 -23.22
C GLN B 601 -41.64 7.74 -21.73
N GLN B 602 -40.66 8.20 -20.95
CA GLN B 602 -40.64 8.02 -19.51
C GLN B 602 -40.18 9.29 -18.82
N PRO B 603 -41.04 9.91 -18.00
CA PRO B 603 -40.56 10.92 -17.04
C PRO B 603 -40.16 10.27 -15.73
N GLY B 604 -39.06 10.73 -15.15
CA GLY B 604 -38.55 10.14 -13.92
C GLY B 604 -38.41 11.19 -12.83
N LYS B 605 -38.64 10.75 -11.58
CA LYS B 605 -38.83 11.56 -10.38
C LYS B 605 -39.98 12.53 -10.61
N VAL B 606 -41.17 11.96 -10.82
CA VAL B 606 -42.42 12.71 -10.90
C VAL B 606 -42.99 12.75 -9.49
N THR B 607 -42.80 11.66 -8.75
CA THR B 607 -43.26 11.58 -7.36
C THR B 607 -42.42 12.48 -6.46
N GLY B 608 -41.09 12.42 -6.63
CA GLY B 608 -40.19 13.25 -5.85
C GLY B 608 -40.27 14.72 -6.23
N GLU B 609 -40.44 15.58 -5.23
CA GLU B 609 -40.59 17.01 -5.48
C GLU B 609 -39.27 17.76 -5.34
N ASP B 610 -38.16 17.02 -5.26
CA ASP B 610 -36.84 17.64 -5.14
C ASP B 610 -36.34 18.18 -6.47
N ARG B 611 -36.64 17.48 -7.57
CA ARG B 611 -36.17 17.85 -8.90
C ARG B 611 -37.30 18.09 -9.89
N LEU B 612 -38.47 17.48 -9.62
CA LEU B 612 -39.72 17.64 -10.38
C LEU B 612 -39.57 17.24 -11.84
N GLY B 613 -39.40 15.95 -12.11
CA GLY B 613 -39.29 15.46 -13.47
C GLY B 613 -37.87 15.42 -13.99
N TRP B 614 -37.00 14.66 -13.31
CA TRP B 614 -35.60 14.60 -13.66
C TRP B 614 -35.36 13.77 -14.92
N GLY B 615 -35.68 12.47 -14.85
CA GLY B 615 -35.20 11.57 -15.88
C GLY B 615 -36.08 11.52 -17.11
N SER B 616 -35.75 12.30 -18.12
CA SER B 616 -36.52 12.32 -19.36
C SER B 616 -35.90 11.33 -20.35
N GLY B 617 -36.67 10.34 -20.76
CA GLY B 617 -36.17 9.35 -21.70
C GLY B 617 -37.25 8.91 -22.66
N TRP B 618 -36.83 8.24 -23.73
CA TRP B 618 -37.73 7.66 -24.72
C TRP B 618 -37.55 6.15 -24.74
N ASP B 619 -38.55 5.44 -25.25
CA ASP B 619 -38.53 4.00 -25.39
C ASP B 619 -38.93 3.65 -26.82
N VAL B 620 -37.98 3.18 -27.60
CA VAL B 620 -38.22 2.72 -28.96
C VAL B 620 -38.66 1.27 -28.88
N LEU B 621 -39.91 1.00 -29.22
CA LEU B 621 -40.45 -0.35 -29.30
C LEU B 621 -40.43 -0.79 -30.76
N LEU B 622 -39.86 -1.95 -31.01
CA LEU B 622 -39.61 -2.44 -32.36
C LEU B 622 -39.73 -3.96 -32.38
N PRO B 623 -40.01 -4.55 -33.56
CA PRO B 623 -40.06 -6.02 -33.66
C PRO B 623 -38.71 -6.69 -33.46
N LYS B 624 -38.72 -8.02 -33.35
CA LYS B 624 -37.50 -8.77 -33.05
C LYS B 624 -36.55 -8.82 -34.24
N GLY B 625 -37.06 -8.64 -35.45
CA GLY B 625 -36.23 -8.67 -36.64
C GLY B 625 -35.38 -7.43 -36.81
N TRP B 626 -35.95 -6.26 -36.50
CA TRP B 626 -35.27 -4.98 -36.63
C TRP B 626 -34.55 -4.56 -35.37
N GLY B 627 -33.49 -5.27 -35.00
CA GLY B 627 -32.82 -5.10 -33.72
C GLY B 627 -31.58 -4.23 -33.81
N MET B 628 -30.41 -4.88 -33.93
CA MET B 628 -29.10 -4.23 -33.96
C MET B 628 -28.95 -3.28 -35.14
N ALA B 629 -29.76 -3.46 -36.20
CA ALA B 629 -29.81 -2.54 -37.32
C ALA B 629 -30.26 -1.13 -36.91
N PHE B 630 -31.14 -1.03 -35.90
CA PHE B 630 -31.58 0.27 -35.43
C PHE B 630 -30.70 0.74 -34.26
N TRP B 631 -29.87 -0.15 -33.74
CA TRP B 631 -28.95 0.18 -32.66
C TRP B 631 -27.84 1.10 -33.14
N ILE B 632 -27.10 0.65 -34.14
CA ILE B 632 -25.83 1.25 -34.56
C ILE B 632 -25.88 2.65 -35.19
N PRO B 633 -27.02 3.18 -35.82
CA PRO B 633 -26.95 4.58 -36.27
C PRO B 633 -26.87 5.59 -35.13
N PHE B 634 -27.49 5.28 -34.00
CA PHE B 634 -27.37 6.11 -32.81
C PHE B 634 -25.94 6.06 -32.28
N ILE B 635 -25.30 4.89 -32.39
CA ILE B 635 -23.92 4.74 -31.95
C ILE B 635 -22.99 5.55 -32.86
N TYR B 636 -23.34 5.65 -34.13
CA TYR B 636 -22.55 6.44 -35.07
C TYR B 636 -22.78 7.94 -34.88
N ARG B 637 -23.99 8.31 -34.45
CA ARG B 637 -24.25 9.69 -34.07
C ARG B 637 -23.52 10.06 -32.78
N GLY B 638 -23.30 9.07 -31.91
CA GLY B 638 -22.48 9.30 -30.73
C GLY B 638 -23.15 9.03 -29.40
N VAL B 639 -24.13 8.15 -29.38
CA VAL B 639 -24.86 7.84 -28.15
C VAL B 639 -24.07 6.79 -27.38
N ARG B 640 -23.94 7.01 -26.07
CA ARG B 640 -23.20 6.14 -25.18
C ARG B 640 -24.13 5.06 -24.63
N VAL B 641 -23.55 3.92 -24.23
CA VAL B 641 -24.32 2.77 -23.77
C VAL B 641 -23.94 2.45 -22.33
N GLY B 642 -24.96 2.30 -21.50
CA GLY B 642 -24.76 1.92 -20.11
C GLY B 642 -25.45 0.60 -19.81
N GLY B 643 -24.87 -0.14 -18.86
CA GLY B 643 -25.35 -1.46 -18.51
C GLY B 643 -26.29 -1.45 -17.31
N LEU B 644 -26.17 -2.51 -16.51
CA LEU B 644 -27.02 -2.63 -15.33
C LEU B 644 -26.59 -1.64 -14.24
N LYS B 645 -25.31 -1.24 -14.26
CA LYS B 645 -24.84 -0.21 -13.34
C LYS B 645 -25.46 1.14 -13.68
N GLU B 646 -25.72 1.39 -14.96
CA GLU B 646 -26.39 2.62 -15.34
C GLU B 646 -27.87 2.60 -14.96
N SER B 647 -28.48 1.41 -14.90
CA SER B 647 -29.82 1.30 -14.36
C SER B 647 -29.82 1.44 -12.84
N ALA B 648 -28.74 1.00 -12.18
CA ALA B 648 -28.62 1.14 -10.74
C ALA B 648 -28.46 2.60 -10.33
N VAL B 649 -27.66 3.35 -11.09
CA VAL B 649 -27.55 4.78 -10.78
C VAL B 649 -28.79 5.53 -11.25
N HIS B 650 -29.50 5.00 -12.25
CA HIS B 650 -30.82 5.55 -12.60
C HIS B 650 -31.83 5.33 -11.48
N SER B 651 -31.68 4.24 -10.73
CA SER B 651 -32.55 4.00 -9.59
C SER B 651 -32.18 4.89 -8.41
N GLN B 652 -30.89 4.91 -8.05
CA GLN B 652 -30.50 5.56 -6.79
C GLN B 652 -30.40 7.07 -6.94
N TYR B 653 -30.14 7.57 -8.16
CA TYR B 653 -30.10 9.02 -8.37
C TYR B 653 -31.52 9.58 -8.45
N LYS B 654 -32.46 8.78 -8.95
CA LYS B 654 -33.86 9.17 -8.99
C LYS B 654 -34.60 8.74 -7.72
N ARG B 655 -33.88 8.08 -6.80
CA ARG B 655 -34.32 7.68 -5.46
C ARG B 655 -35.47 6.69 -5.52
N SER B 656 -35.47 5.82 -6.51
CA SER B 656 -36.37 4.70 -6.72
C SER B 656 -35.65 3.38 -6.46
N PRO B 657 -36.35 2.36 -5.94
CA PRO B 657 -35.70 1.06 -5.76
C PRO B 657 -35.55 0.30 -7.07
N ASN B 658 -34.55 -0.57 -7.15
CA ASN B 658 -34.35 -1.40 -8.33
C ASN B 658 -35.46 -2.46 -8.43
N VAL B 659 -36.08 -2.54 -9.60
CA VAL B 659 -37.15 -3.49 -9.88
C VAL B 659 -36.81 -4.98 -9.92
N PRO B 660 -35.53 -5.48 -10.17
CA PRO B 660 -35.34 -6.94 -10.03
C PRO B 660 -35.49 -7.49 -8.62
N GLY B 661 -34.64 -7.05 -7.68
CA GLY B 661 -34.67 -7.66 -6.37
C GLY B 661 -34.30 -6.84 -5.14
N ASP B 662 -34.07 -5.53 -5.30
CA ASP B 662 -33.57 -4.76 -4.17
C ASP B 662 -34.69 -4.35 -3.22
N PHE B 663 -35.94 -4.46 -3.66
CA PHE B 663 -37.06 -4.25 -2.75
C PHE B 663 -37.48 -5.60 -2.17
N PRO B 664 -37.92 -5.65 -0.91
CA PRO B 664 -38.25 -6.96 -0.32
C PRO B 664 -39.63 -7.48 -0.68
N ASP B 665 -39.68 -8.64 -1.33
CA ASP B 665 -40.90 -9.41 -1.45
C ASP B 665 -40.59 -10.89 -1.27
N CYS B 666 -41.60 -11.75 -1.31
CA CYS B 666 -41.38 -13.15 -0.98
C CYS B 666 -40.66 -13.94 -2.08
N PRO B 667 -41.12 -14.01 -3.37
CA PRO B 667 -40.39 -14.88 -4.31
C PRO B 667 -39.11 -14.29 -4.89
N ALA B 668 -39.08 -12.97 -5.12
CA ALA B 668 -38.00 -12.36 -5.90
C ALA B 668 -36.92 -11.75 -5.02
N GLY B 669 -37.33 -10.96 -4.03
CA GLY B 669 -36.40 -10.26 -3.16
C GLY B 669 -35.55 -11.18 -2.30
N MET B 670 -36.15 -12.25 -1.79
CA MET B 670 -35.42 -13.23 -0.99
C MET B 670 -34.38 -13.99 -1.82
N LEU B 671 -34.74 -14.39 -3.05
CA LEU B 671 -33.80 -15.12 -3.89
C LEU B 671 -32.69 -14.20 -4.39
N PHE B 672 -33.02 -12.94 -4.68
CA PHE B 672 -31.99 -12.00 -5.12
C PHE B 672 -31.06 -11.63 -3.96
N ALA B 673 -31.62 -11.55 -2.74
CA ALA B 673 -30.81 -11.30 -1.56
C ALA B 673 -29.89 -12.48 -1.27
N GLU B 674 -30.38 -13.72 -1.46
CA GLU B 674 -29.55 -14.89 -1.28
C GLU B 674 -28.47 -14.98 -2.37
N GLU B 675 -28.80 -14.55 -3.59
CA GLU B 675 -27.83 -14.57 -4.68
C GLU B 675 -26.73 -13.53 -4.47
N GLN B 676 -27.09 -12.36 -3.93
CA GLN B 676 -26.09 -11.36 -3.62
C GLN B 676 -25.28 -11.76 -2.38
N ALA B 677 -25.93 -12.48 -1.45
CA ALA B 677 -25.23 -12.96 -0.26
C ALA B 677 -24.22 -14.05 -0.60
N LYS B 678 -24.48 -14.81 -1.66
CA LYS B 678 -23.50 -15.80 -2.12
C LYS B 678 -22.25 -15.12 -2.66
N ASN B 679 -22.42 -14.01 -3.38
CA ASN B 679 -21.27 -13.27 -3.90
C ASN B 679 -20.49 -12.59 -2.78
N LEU B 680 -21.21 -11.99 -1.82
CA LEU B 680 -20.54 -11.38 -0.68
C LEU B 680 -19.89 -12.43 0.23
N LEU B 681 -20.47 -13.62 0.31
CA LEU B 681 -19.85 -14.69 1.10
C LEU B 681 -18.63 -15.26 0.40
N GLU B 682 -18.65 -15.30 -0.93
CA GLU B 682 -17.48 -15.72 -1.69
C GLU B 682 -16.35 -14.70 -1.54
N LYS B 683 -16.68 -13.41 -1.55
CA LYS B 683 -15.68 -12.38 -1.32
C LYS B 683 -15.21 -12.37 0.14
N TYR B 684 -16.07 -12.82 1.06
CA TYR B 684 -15.71 -12.86 2.47
C TYR B 684 -14.77 -14.03 2.77
N LYS B 685 -15.06 -15.21 2.21
CA LYS B 685 -14.18 -16.36 2.40
C LYS B 685 -12.92 -16.23 1.55
N ARG B 686 -13.00 -15.46 0.47
CA ARG B 686 -11.83 -15.18 -0.36
C ARG B 686 -10.80 -14.34 0.37
N ARG B 687 -11.23 -13.37 1.15
CA ARG B 687 -10.32 -12.52 1.90
C ARG B 687 -9.87 -13.20 3.17
N PRO B 688 -8.56 -13.25 3.42
CA PRO B 688 -8.05 -13.85 4.65
C PRO B 688 -8.25 -12.92 5.84
N PRO B 689 -8.10 -13.41 7.08
CA PRO B 689 -8.11 -12.51 8.24
C PRO B 689 -6.92 -11.54 8.29
N ALA B 690 -6.98 -10.64 9.29
CA ALA B 690 -6.09 -9.50 9.50
C ALA B 690 -6.13 -8.50 8.34
N LYS B 691 -7.18 -8.56 7.52
CA LYS B 691 -7.39 -7.57 6.47
C LYS B 691 -8.72 -6.86 6.68
N ARG B 692 -9.79 -7.63 6.85
CA ARG B 692 -11.11 -7.08 7.10
C ARG B 692 -11.32 -6.91 8.61
N PRO B 693 -12.12 -5.91 9.02
CA PRO B 693 -12.45 -5.78 10.45
C PRO B 693 -13.54 -6.75 10.87
N ASN B 694 -13.48 -7.23 12.12
CA ASN B 694 -14.48 -8.17 12.60
C ASN B 694 -15.77 -7.42 12.93
N TYR B 695 -16.91 -8.08 12.70
CA TYR B 695 -18.19 -7.44 12.93
C TYR B 695 -18.74 -7.81 14.31
N VAL B 696 -18.03 -8.64 15.05
CA VAL B 696 -18.43 -9.03 16.40
C VAL B 696 -18.06 -7.89 17.35
N LYS B 697 -16.87 -7.33 17.16
CA LYS B 697 -16.27 -6.40 18.14
C LYS B 697 -16.92 -5.03 18.05
N LEU B 698 -17.04 -4.49 16.83
CA LEU B 698 -17.53 -3.14 16.62
C LEU B 698 -18.98 -3.06 16.17
N GLY B 699 -19.42 -3.94 15.27
CA GLY B 699 -20.75 -3.82 14.70
C GLY B 699 -21.73 -4.89 15.11
N THR B 700 -22.59 -5.29 14.16
CA THR B 700 -23.67 -6.25 14.37
C THR B 700 -23.84 -7.10 13.12
N LEU B 701 -25.00 -7.76 12.97
CA LEU B 701 -25.22 -8.69 11.88
C LEU B 701 -25.36 -7.95 10.56
N ALA B 702 -24.22 -7.68 9.91
CA ALA B 702 -24.11 -6.96 8.65
C ALA B 702 -23.11 -7.71 7.78
N PRO B 703 -23.09 -7.53 6.44
CA PRO B 703 -23.99 -6.81 5.52
C PRO B 703 -25.02 -7.73 4.87
N PHE B 704 -25.32 -8.86 5.50
CA PHE B 704 -26.28 -9.82 4.94
C PHE B 704 -27.68 -9.23 5.05
N CYS B 705 -28.33 -9.05 3.91
CA CYS B 705 -29.55 -8.24 3.82
C CYS B 705 -30.82 -9.09 3.98
N CYS B 706 -30.84 -9.87 5.07
CA CYS B 706 -32.10 -10.35 5.62
C CYS B 706 -32.15 -10.49 7.15
N PRO B 707 -31.84 -9.43 7.99
CA PRO B 707 -32.13 -9.59 9.42
C PRO B 707 -33.43 -8.93 9.88
N TRP B 708 -34.14 -8.22 8.98
CA TRP B 708 -35.29 -7.44 9.41
C TRP B 708 -36.51 -8.31 9.69
N GLU B 709 -36.48 -9.57 9.23
CA GLU B 709 -37.60 -10.49 9.45
C GLU B 709 -37.76 -10.82 10.93
N GLN B 710 -36.68 -10.71 11.70
CA GLN B 710 -36.77 -10.90 13.15
C GLN B 710 -36.68 -9.56 13.88
N LEU B 711 -36.28 -8.50 13.18
CA LEU B 711 -36.34 -7.16 13.76
C LEU B 711 -37.78 -6.68 13.91
N THR B 712 -38.59 -6.87 12.87
CA THR B 712 -39.99 -6.48 12.94
C THR B 712 -40.78 -7.32 13.93
N GLN B 713 -40.37 -8.58 14.16
CA GLN B 713 -40.95 -9.38 15.22
C GLN B 713 -40.69 -8.79 16.59
N ASP B 714 -39.46 -8.30 16.83
CA ASP B 714 -39.18 -7.64 18.10
C ASP B 714 -39.93 -6.32 18.24
N TRP B 715 -40.12 -5.60 17.13
CA TRP B 715 -40.90 -4.36 17.20
C TRP B 715 -42.37 -4.63 17.52
N GLU B 716 -42.97 -5.63 16.87
CA GLU B 716 -44.38 -5.91 17.15
C GLU B 716 -44.55 -6.54 18.52
N SER B 717 -43.54 -7.25 19.01
CA SER B 717 -43.57 -7.78 20.36
C SER B 717 -43.46 -6.66 21.39
N ARG B 718 -42.65 -5.64 21.10
CA ARG B 718 -42.53 -4.51 22.01
C ARG B 718 -43.79 -3.65 22.00
N VAL B 719 -44.47 -3.59 20.85
CA VAL B 719 -45.74 -2.85 20.78
C VAL B 719 -46.84 -3.60 21.52
N GLN B 720 -47.03 -4.88 21.23
CA GLN B 720 -48.16 -5.61 21.79
C GLN B 720 -47.91 -6.01 23.25
N ALA B 721 -46.65 -6.06 23.67
CA ALA B 721 -46.34 -6.46 25.05
C ALA B 721 -46.58 -5.33 26.03
N TYR B 722 -46.29 -4.10 25.63
CA TYR B 722 -46.47 -2.94 26.51
C TYR B 722 -47.70 -2.15 26.13
N SER B 801 -48.90 -12.96 8.51
CA SER B 801 -48.60 -11.91 7.55
C SER B 801 -47.18 -11.41 7.71
N HIS B 802 -46.48 -11.25 6.58
CA HIS B 802 -45.11 -10.77 6.57
C HIS B 802 -44.89 -9.91 5.34
N LEU B 803 -43.89 -9.02 5.42
CA LEU B 803 -43.51 -8.07 4.36
C LEU B 803 -44.67 -7.21 3.90
N CYS B 804 -45.25 -6.43 4.81
CA CYS B 804 -46.33 -5.51 4.48
C CYS B 804 -45.70 -4.17 4.15
N VAL B 805 -45.68 -3.82 2.87
CA VAL B 805 -45.08 -2.57 2.41
C VAL B 805 -46.19 -1.55 2.21
N LEU B 806 -46.08 -0.42 2.91
CA LEU B 806 -47.11 0.62 2.85
C LEU B 806 -46.85 1.47 1.63
N ARG B 807 -47.32 0.97 0.48
CA ARG B 807 -47.30 1.73 -0.78
C ARG B 807 -48.70 2.29 -1.04
N SER B 808 -49.15 3.13 -0.12
CA SER B 808 -50.41 3.86 -0.23
C SER B 808 -50.09 5.34 -0.12
N ARG B 809 -50.37 6.09 -1.19
CA ARG B 809 -49.77 7.41 -1.39
C ARG B 809 -50.35 8.46 -0.45
N LYS B 810 -51.58 8.23 0.04
CA LYS B 810 -52.18 9.18 0.98
C LYS B 810 -51.47 9.16 2.33
N LEU B 811 -51.24 7.96 2.86
CA LEU B 811 -50.52 7.84 4.13
C LEU B 811 -49.05 8.20 3.96
N LEU B 812 -48.51 8.03 2.74
CA LEU B 812 -47.14 8.46 2.48
C LEU B 812 -47.04 9.98 2.43
N LYS B 813 -48.08 10.66 1.94
CA LYS B 813 -48.11 12.11 2.03
C LYS B 813 -48.30 12.58 3.47
N GLN B 814 -49.05 11.83 4.26
CA GLN B 814 -49.18 12.15 5.68
C GLN B 814 -47.86 11.97 6.42
N LEU B 815 -47.07 10.96 6.02
CA LEU B 815 -45.74 10.79 6.61
C LEU B 815 -44.77 11.85 6.09
N SER B 816 -44.97 12.32 4.86
CA SER B 816 -44.17 13.42 4.32
C SER B 816 -44.46 14.72 5.06
N ALA B 817 -45.70 14.87 5.54
CA ALA B 817 -46.08 16.03 6.32
C ALA B 817 -45.37 16.10 7.68
N TRP B 818 -44.89 14.98 8.20
CA TRP B 818 -44.17 14.99 9.47
C TRP B 818 -42.66 14.93 9.26
N CYS B 819 -42.20 13.99 8.43
CA CYS B 819 -40.76 13.75 8.29
C CYS B 819 -40.07 14.78 7.42
N GLY B 820 -40.78 15.40 6.48
CA GLY B 820 -40.18 16.35 5.58
C GLY B 820 -39.81 17.66 6.26
N PRO B 821 -40.82 18.46 6.63
CA PRO B 821 -40.54 19.71 7.36
C PRO B 821 -40.17 19.47 8.81
N SER B 822 -39.04 20.03 9.24
CA SER B 822 -38.62 19.99 10.65
C SER B 822 -38.28 21.42 11.06
N SER B 823 -39.31 22.17 11.44
CA SER B 823 -39.16 23.57 11.82
C SER B 823 -40.38 24.04 12.61
N GLU B 824 -40.22 25.13 13.36
CA GLU B 824 -41.28 25.72 14.16
C GLU B 824 -41.18 27.23 14.12
N ASP B 825 -42.11 27.88 13.43
CA ASP B 825 -42.09 29.34 13.39
C ASP B 825 -43.30 29.93 14.13
N SER B 826 -44.52 29.63 13.68
CA SER B 826 -45.70 29.96 14.45
C SER B 826 -46.49 28.69 14.69
N ARG B 827 -46.92 27.98 13.65
CA ARG B 827 -47.71 26.76 13.80
C ARG B 827 -47.08 25.54 13.14
N GLY B 828 -46.72 25.63 11.87
CA GLY B 828 -46.34 24.46 11.10
C GLY B 828 -44.95 24.53 10.49
N GLY B 829 -44.55 23.44 9.84
CA GLY B 829 -43.23 23.34 9.24
C GLY B 829 -43.02 24.18 7.98
N ARG B 830 -42.02 25.07 8.04
CA ARG B 830 -41.40 25.78 6.93
C ARG B 830 -42.27 26.89 6.32
N ARG B 831 -43.54 26.96 6.70
CA ARG B 831 -44.48 27.99 6.29
C ARG B 831 -45.75 27.85 7.13
N ALA B 832 -46.32 28.99 7.51
CA ALA B 832 -47.48 28.99 8.39
C ALA B 832 -48.80 28.70 7.66
N PRO B 833 -49.18 29.36 6.49
CA PRO B 833 -50.40 28.93 5.81
C PRO B 833 -50.31 27.53 5.23
N GLY B 834 -49.34 27.32 4.34
CA GLY B 834 -49.05 26.01 3.78
C GLY B 834 -50.04 25.39 2.81
N ARG B 835 -51.27 25.93 2.76
CA ARG B 835 -52.41 25.36 2.00
C ARG B 835 -52.64 23.88 2.34
N GLY B 836 -52.45 23.52 3.61
CA GLY B 836 -52.57 22.15 4.06
C GLY B 836 -53.33 22.05 5.37
N GLN B 837 -53.22 20.86 5.99
CA GLN B 837 -53.92 20.55 7.24
C GLN B 837 -52.87 20.09 8.26
N GLN B 838 -52.40 21.03 9.08
CA GLN B 838 -51.48 20.70 10.15
C GLN B 838 -52.25 20.37 11.43
N GLY B 839 -51.69 19.45 12.22
CA GLY B 839 -52.33 19.05 13.46
C GLY B 839 -51.81 17.73 13.99
N LEU B 840 -51.65 17.62 15.31
CA LEU B 840 -51.04 16.47 15.96
C LEU B 840 -52.12 15.62 16.62
N THR B 841 -52.13 14.34 16.31
CA THR B 841 -52.95 13.35 17.00
C THR B 841 -52.22 12.01 17.02
N ARG B 842 -51.84 11.58 18.23
CA ARG B 842 -51.02 10.38 18.37
C ARG B 842 -51.88 9.12 18.32
N GLU B 843 -53.14 9.22 18.74
CA GLU B 843 -54.03 8.08 18.73
C GLU B 843 -54.40 7.69 17.31
N ALA B 844 -54.54 8.67 16.42
CA ALA B 844 -54.79 8.39 15.01
C ALA B 844 -53.57 7.77 14.35
N CYS B 845 -52.38 8.08 14.85
CA CYS B 845 -51.17 7.44 14.34
C CYS B 845 -51.04 6.01 14.84
N LEU B 846 -51.44 5.77 16.10
CA LEU B 846 -51.38 4.42 16.64
C LEU B 846 -52.50 3.53 16.10
N SER B 847 -53.57 4.14 15.59
CA SER B 847 -54.64 3.37 14.99
C SER B 847 -54.25 2.81 13.62
N ILE B 848 -53.20 3.37 13.02
CA ILE B 848 -52.72 2.86 11.72
C ILE B 848 -52.04 1.50 11.91
N LEU B 849 -51.34 1.32 13.04
CA LEU B 849 -50.61 0.09 13.27
C LEU B 849 -51.54 -1.08 13.60
N GLY B 850 -52.78 -0.77 14.00
CA GLY B 850 -53.75 -1.82 14.31
C GLY B 850 -54.22 -2.53 13.05
N HIS B 851 -54.38 -1.78 11.95
CA HIS B 851 -54.79 -2.38 10.69
C HIS B 851 -53.60 -2.83 9.85
N PHE B 852 -52.44 -2.22 10.07
CA PHE B 852 -51.22 -2.51 9.31
C PHE B 852 -50.14 -3.08 10.22
N PRO B 853 -50.09 -4.39 10.41
CA PRO B 853 -48.96 -4.97 11.17
C PRO B 853 -47.73 -5.14 10.30
N ARG B 854 -46.54 -4.98 10.90
CA ARG B 854 -45.24 -5.20 10.27
C ARG B 854 -45.05 -4.32 9.04
N ALA B 855 -44.97 -3.00 9.25
CA ALA B 855 -44.88 -2.03 8.17
C ALA B 855 -43.42 -1.78 7.82
N LEU B 856 -43.16 -1.55 6.53
CA LEU B 856 -41.81 -1.32 6.02
C LEU B 856 -41.87 -0.38 4.82
N VAL B 857 -41.23 0.78 4.96
CA VAL B 857 -41.34 1.89 4.00
C VAL B 857 -39.93 2.30 3.60
N TRP B 858 -39.71 2.53 2.31
CA TRP B 858 -38.42 3.04 1.85
C TRP B 858 -38.34 4.55 2.04
N VAL B 859 -37.12 5.04 2.30
CA VAL B 859 -36.83 6.40 2.72
C VAL B 859 -35.60 6.90 1.97
N SER B 860 -35.73 8.08 1.37
CA SER B 860 -34.60 8.80 0.81
C SER B 860 -33.96 9.60 1.95
N LEU B 861 -32.73 9.25 2.31
CA LEU B 861 -32.03 9.94 3.38
C LEU B 861 -30.85 10.72 2.81
N SER B 862 -30.63 11.91 3.35
CA SER B 862 -29.67 12.87 2.83
C SER B 862 -28.69 13.24 3.93
N LEU B 863 -27.40 13.04 3.66
CA LEU B 863 -26.37 13.48 4.60
C LEU B 863 -26.18 14.99 4.53
N LEU B 864 -26.11 15.62 5.71
CA LEU B 864 -25.89 17.05 5.77
C LEU B 864 -24.44 17.39 5.45
N SER B 865 -23.51 16.88 6.26
CA SER B 865 -22.09 17.12 6.05
C SER B 865 -21.24 16.01 6.66
N LYS B 866 -20.06 15.80 6.09
CA LYS B 866 -19.03 14.87 6.55
C LYS B 866 -19.56 13.44 6.57
N GLY B 867 -19.83 12.93 5.37
CA GLY B 867 -20.26 11.55 5.25
C GLY B 867 -20.19 10.96 3.86
N SER B 868 -19.72 9.72 3.78
CA SER B 868 -19.71 8.93 2.57
C SER B 868 -20.34 7.57 2.84
N PRO B 869 -21.56 7.34 2.34
CA PRO B 869 -22.26 6.10 2.70
C PRO B 869 -21.79 4.90 1.88
N GLU B 870 -21.71 3.75 2.54
CA GLU B 870 -21.42 2.47 1.94
C GLU B 870 -22.73 1.71 1.74
N PRO B 871 -22.73 0.59 1.02
CA PRO B 871 -23.89 -0.30 1.10
C PRO B 871 -24.05 -0.88 2.50
N HIS B 872 -25.30 -1.17 2.85
CA HIS B 872 -25.73 -1.82 4.10
C HIS B 872 -25.34 -1.03 5.33
N THR B 873 -25.81 0.21 5.44
CA THR B 873 -25.62 1.05 6.61
C THR B 873 -26.86 0.97 7.49
N MET B 874 -26.65 0.86 8.80
CA MET B 874 -27.75 0.66 9.73
C MET B 874 -28.15 1.99 10.37
N ILE B 875 -29.45 2.29 10.33
CA ILE B 875 -29.96 3.61 10.71
C ILE B 875 -30.32 3.57 12.20
N CYS B 876 -29.68 4.42 12.99
CA CYS B 876 -29.79 4.41 14.44
C CYS B 876 -30.48 5.66 14.96
N VAL B 877 -31.36 5.47 15.94
CA VAL B 877 -32.15 6.52 16.58
C VAL B 877 -31.25 7.38 17.45
N PRO B 878 -31.30 8.72 17.32
CA PRO B 878 -30.48 9.59 18.18
C PRO B 878 -30.99 9.68 19.60
N ALA B 879 -30.09 9.95 20.54
CA ALA B 879 -30.46 10.19 21.93
C ALA B 879 -30.64 11.69 22.17
N LYS B 880 -30.93 12.07 23.42
CA LYS B 880 -31.11 13.48 23.74
C LYS B 880 -29.76 14.18 23.90
N GLU B 881 -28.73 13.43 24.31
CA GLU B 881 -27.40 14.01 24.47
C GLU B 881 -26.80 14.38 23.11
N ASP B 882 -27.12 13.60 22.08
CA ASP B 882 -26.69 13.95 20.73
C ASP B 882 -27.38 15.21 20.25
N PHE B 883 -28.66 15.38 20.61
CA PHE B 883 -29.40 16.61 20.30
C PHE B 883 -28.79 17.81 21.01
N LEU B 884 -28.40 17.66 22.28
CA LEU B 884 -27.80 18.76 23.01
C LEU B 884 -26.42 19.12 22.45
N GLN B 885 -25.61 18.11 22.11
CA GLN B 885 -24.27 18.38 21.59
C GLN B 885 -24.31 18.91 20.16
N LEU B 886 -25.36 18.60 19.41
CA LEU B 886 -25.46 19.13 18.05
C LEU B 886 -26.09 20.53 18.06
N HIS B 887 -26.97 20.80 19.03
CA HIS B 887 -27.56 22.13 19.15
C HIS B 887 -26.59 23.10 19.81
N GLU B 888 -25.59 22.56 20.53
CA GLU B 888 -24.61 23.40 21.22
C GLU B 888 -23.64 24.03 20.23
N ASP B 889 -23.08 23.23 19.32
CA ASP B 889 -22.07 23.69 18.38
C ASP B 889 -22.32 23.06 17.01
N TRP B 890 -22.07 23.83 15.95
CA TRP B 890 -22.10 23.31 14.59
C TRP B 890 -20.74 22.67 14.27
N HIS B 891 -20.72 21.87 13.19
CA HIS B 891 -19.62 20.99 12.80
C HIS B 891 -19.26 20.03 13.93
N TYR B 892 -20.20 19.17 14.30
CA TYR B 892 -20.01 18.18 15.37
C TYR B 892 -20.19 16.79 14.81
N CYS B 893 -19.17 15.94 15.00
CA CYS B 893 -19.24 14.56 14.54
C CYS B 893 -19.85 13.67 15.60
N GLY B 894 -20.36 12.53 15.15
CA GLY B 894 -21.06 11.60 16.03
C GLY B 894 -20.14 10.90 17.02
N PRO B 895 -20.70 10.46 18.14
CA PRO B 895 -19.89 9.76 19.14
C PRO B 895 -19.52 8.36 18.67
N GLN B 896 -18.44 7.84 19.25
CA GLN B 896 -17.97 6.51 18.89
C GLN B 896 -18.83 5.44 19.55
N GLU B 897 -18.80 4.24 18.97
CA GLU B 897 -19.50 3.08 19.52
C GLU B 897 -18.57 2.32 20.44
N SER B 898 -19.09 1.92 21.61
CA SER B 898 -18.32 1.12 22.54
C SER B 898 -18.11 -0.29 22.00
N LYS B 899 -17.07 -0.95 22.51
CA LYS B 899 -16.68 -2.28 22.05
C LYS B 899 -17.51 -3.33 22.78
N HIS B 900 -17.70 -4.47 22.13
CA HIS B 900 -18.51 -5.56 22.68
C HIS B 900 -17.64 -6.77 22.98
N SER B 901 -18.19 -7.68 23.78
CA SER B 901 -17.49 -8.91 24.13
C SER B 901 -17.51 -9.87 22.95
N ASP B 902 -16.37 -10.52 22.70
CA ASP B 902 -16.25 -11.49 21.61
C ASP B 902 -15.79 -12.86 22.10
N PRO B 903 -16.67 -13.66 22.71
CA PRO B 903 -16.26 -14.99 23.22
C PRO B 903 -16.27 -16.10 22.18
N PHE B 904 -16.63 -15.80 20.92
CA PHE B 904 -16.77 -16.85 19.92
C PHE B 904 -15.42 -17.25 19.34
N ARG B 905 -14.39 -16.42 19.57
CA ARG B 905 -13.06 -16.69 19.02
C ARG B 905 -12.44 -17.94 19.62
N SER B 906 -12.63 -18.13 20.93
CA SER B 906 -12.17 -19.36 21.58
C SER B 906 -12.95 -20.58 21.11
N LYS B 907 -14.23 -20.38 20.75
CA LYS B 907 -15.03 -21.47 20.20
C LYS B 907 -14.54 -21.88 18.82
N ILE B 908 -14.16 -20.90 17.99
CA ILE B 908 -13.64 -21.22 16.66
C ILE B 908 -12.26 -21.85 16.76
N LEU B 909 -11.46 -21.42 17.74
CA LEU B 909 -10.16 -22.07 17.97
C LEU B 909 -10.34 -23.51 18.47
N LYS B 910 -11.35 -23.74 19.31
CA LYS B 910 -11.65 -25.10 19.76
C LYS B 910 -12.15 -25.96 18.61
N GLN B 911 -12.92 -25.36 17.70
CA GLN B 911 -13.37 -26.08 16.50
C GLN B 911 -12.19 -26.45 15.59
N LYS B 912 -11.22 -25.54 15.47
CA LYS B 912 -10.03 -25.82 14.67
C LYS B 912 -9.17 -26.91 15.31
N GLU B 913 -9.07 -26.90 16.64
CA GLU B 913 -8.33 -27.94 17.35
C GLU B 913 -9.02 -29.29 17.23
N LYS B 914 -10.35 -29.31 17.28
CA LYS B 914 -11.12 -30.53 17.09
C LYS B 914 -10.98 -31.05 15.66
N LYS B 915 -10.89 -30.12 14.69
CA LYS B 915 -10.75 -30.50 13.29
C LYS B 915 -9.37 -31.10 13.02
N LYS B 916 -8.32 -30.47 13.56
CA LYS B 916 -6.97 -31.02 13.36
C LYS B 916 -6.73 -32.25 14.22
N ARG B 917 -7.57 -32.46 15.24
CA ARG B 917 -7.52 -33.72 15.99
C ARG B 917 -8.19 -34.84 15.22
N GLU B 918 -9.35 -34.56 14.59
CA GLU B 918 -10.10 -35.61 13.94
C GLU B 918 -9.52 -35.94 12.57
N LYS B 919 -8.73 -35.02 11.99
CA LYS B 919 -8.08 -35.36 10.71
C LYS B 919 -6.90 -36.30 10.93
N ARG B 920 -5.92 -35.89 11.72
CA ARG B 920 -4.76 -36.74 11.98
C ARG B 920 -5.03 -37.70 13.13
N GLU B 941 -21.19 -26.90 10.28
CA GLU B 941 -21.21 -25.56 10.83
C GLU B 941 -19.84 -24.90 10.65
N ALA B 942 -19.67 -24.18 9.54
CA ALA B 942 -18.42 -23.53 9.19
C ALA B 942 -18.54 -22.05 9.46
N LEU B 943 -17.90 -21.58 10.53
CA LEU B 943 -17.99 -20.20 10.98
C LEU B 943 -16.59 -19.64 11.15
N THR B 944 -16.26 -18.61 10.37
CA THR B 944 -14.89 -18.12 10.40
C THR B 944 -14.67 -16.92 11.31
N LEU B 945 -15.29 -15.78 10.99
CA LEU B 945 -15.02 -14.54 11.72
C LEU B 945 -16.24 -13.66 11.96
N GLY B 946 -17.35 -14.23 12.43
CA GLY B 946 -18.50 -13.38 12.67
C GLY B 946 -19.80 -13.86 12.08
N LEU B 947 -19.88 -15.16 11.79
CA LEU B 947 -21.16 -15.81 11.50
C LEU B 947 -21.46 -16.76 12.65
N TRP B 948 -22.72 -16.75 13.10
CA TRP B 948 -23.19 -17.69 14.12
C TRP B 948 -24.71 -17.78 14.08
N SER B 949 -25.27 -18.82 14.69
CA SER B 949 -26.71 -19.04 14.65
C SER B 949 -27.41 -18.41 15.83
N GLY B 950 -27.20 -17.11 16.05
CA GLY B 950 -27.88 -16.38 17.11
C GLY B 950 -28.67 -15.14 16.70
N PRO B 951 -29.51 -15.19 15.63
CA PRO B 951 -30.07 -13.92 15.11
C PRO B 951 -31.21 -13.36 15.96
N LEU B 952 -31.74 -14.15 16.89
CA LEU B 952 -32.90 -13.72 17.68
C LEU B 952 -32.60 -12.73 18.81
N PRO B 953 -31.67 -13.01 19.80
CA PRO B 953 -31.61 -12.12 20.97
C PRO B 953 -30.85 -10.82 20.72
N ARG B 954 -30.16 -10.73 19.59
CA ARG B 954 -29.23 -9.63 19.38
C ARG B 954 -29.92 -8.41 18.78
N VAL B 955 -30.78 -8.64 17.78
CA VAL B 955 -31.40 -7.58 16.99
C VAL B 955 -32.44 -6.87 17.86
N THR B 956 -32.90 -7.55 18.91
CA THR B 956 -33.70 -6.90 19.95
C THR B 956 -32.91 -5.79 20.64
N LEU B 957 -31.82 -6.13 21.34
CA LEU B 957 -30.98 -5.16 22.02
C LEU B 957 -29.51 -5.57 22.01
N HIS B 958 -28.72 -5.05 21.08
CA HIS B 958 -27.27 -5.26 21.11
C HIS B 958 -26.53 -3.94 21.23
N CYS B 959 -26.84 -3.01 20.32
CA CYS B 959 -26.11 -1.75 20.27
C CYS B 959 -26.58 -0.80 21.36
N SER B 960 -25.80 0.27 21.58
CA SER B 960 -26.19 1.27 22.55
C SER B 960 -27.34 2.14 22.05
N ARG B 961 -27.50 2.23 20.74
CA ARG B 961 -28.60 2.96 20.12
C ARG B 961 -29.58 1.96 19.50
N THR B 962 -30.75 2.47 19.12
CA THR B 962 -31.82 1.63 18.56
C THR B 962 -31.73 1.70 17.04
N LEU B 963 -31.44 0.56 16.43
CA LEU B 963 -31.36 0.47 14.97
C LEU B 963 -32.70 -0.01 14.40
N LEU B 964 -33.14 0.68 13.35
CA LEU B 964 -34.46 0.41 12.77
C LEU B 964 -34.43 0.41 11.25
N GLY B 965 -33.30 0.76 10.66
CA GLY B 965 -33.28 1.00 9.23
C GLY B 965 -32.13 0.37 8.47
N PHE B 966 -32.43 -0.20 7.31
CA PHE B 966 -31.49 -0.95 6.50
C PHE B 966 -31.44 -0.35 5.09
N VAL B 967 -30.22 -0.12 4.61
CA VAL B 967 -30.00 0.63 3.37
C VAL B 967 -29.48 -0.33 2.30
N THR B 968 -30.12 -0.31 1.14
CA THR B 968 -29.66 -1.12 0.02
C THR B 968 -28.64 -0.37 -0.83
N GLN B 969 -29.00 0.82 -1.31
CA GLN B 969 -28.11 1.65 -2.14
C GLN B 969 -27.59 2.80 -1.27
N GLY B 970 -26.37 2.67 -0.78
CA GLY B 970 -25.73 3.75 -0.03
C GLY B 970 -24.55 4.28 -0.81
N ASP B 971 -24.70 5.50 -1.33
CA ASP B 971 -23.68 6.09 -2.19
C ASP B 971 -23.82 7.61 -2.19
N PHE B 972 -22.79 8.32 -2.65
CA PHE B 972 -22.85 9.77 -2.81
C PHE B 972 -23.29 10.06 -4.23
N SER B 973 -24.25 10.98 -4.38
CA SER B 973 -24.76 11.33 -5.71
C SER B 973 -24.17 12.66 -6.12
N MET B 974 -23.95 12.83 -7.42
CA MET B 974 -23.49 14.12 -7.95
C MET B 974 -24.67 15.01 -8.27
N ALA B 975 -25.89 14.49 -8.08
CA ALA B 975 -27.10 15.29 -8.22
C ALA B 975 -27.26 16.30 -7.09
N VAL B 976 -26.71 16.01 -5.91
CA VAL B 976 -26.71 16.94 -4.79
C VAL B 976 -25.31 17.43 -4.46
N GLY B 977 -24.31 16.54 -4.45
CA GLY B 977 -22.96 16.92 -4.06
C GLY B 977 -22.59 16.45 -2.67
N CYS B 978 -23.27 15.40 -2.21
CA CYS B 978 -23.01 14.79 -0.91
C CYS B 978 -23.53 13.35 -0.90
N GLY B 979 -23.50 12.71 0.26
CA GLY B 979 -23.99 11.35 0.38
C GLY B 979 -25.51 11.32 0.35
N GLU B 980 -26.09 10.54 -0.56
CA GLU B 980 -27.55 10.47 -0.72
C GLU B 980 -27.94 9.01 -0.81
N ALA B 981 -28.51 8.47 0.25
CA ALA B 981 -28.77 7.04 0.35
C ALA B 981 -30.27 6.76 0.31
N LEU B 982 -30.62 5.50 0.09
CA LEU B 982 -32.01 5.06 0.00
C LEU B 982 -32.13 3.75 0.76
N GLY B 983 -33.00 3.74 1.77
CA GLY B 983 -33.03 2.59 2.64
C GLY B 983 -34.42 2.30 3.21
N PHE B 984 -34.61 1.03 3.56
CA PHE B 984 -35.89 0.56 4.07
C PHE B 984 -35.92 0.61 5.59
N VAL B 985 -36.98 1.20 6.15
CA VAL B 985 -37.15 1.34 7.59
C VAL B 985 -38.52 0.79 7.98
N SER B 986 -38.77 0.78 9.29
CA SER B 986 -40.06 0.34 9.85
C SER B 986 -40.73 1.55 10.48
N LEU B 987 -42.06 1.59 10.41
CA LEU B 987 -42.81 2.74 10.90
C LEU B 987 -42.99 2.68 12.42
N THR B 988 -42.88 1.48 12.98
CA THR B 988 -43.04 1.30 14.43
C THR B 988 -41.90 1.97 15.20
N GLY B 989 -40.73 2.08 14.59
CA GLY B 989 -39.65 2.86 15.17
C GLY B 989 -39.70 4.35 14.84
N LEU B 990 -40.33 4.71 13.72
CA LEU B 990 -40.46 6.12 13.35
C LEU B 990 -41.53 6.85 14.14
N LEU B 991 -42.58 6.15 14.56
CA LEU B 991 -43.63 6.80 15.35
C LEU B 991 -43.13 7.14 16.75
N ASP B 992 -42.23 6.32 17.29
CA ASP B 992 -41.61 6.65 18.58
C ASP B 992 -40.67 7.84 18.43
N MET B 993 -40.00 7.96 17.29
CA MET B 993 -39.16 9.12 17.01
C MET B 993 -39.98 10.39 16.85
N LEU B 994 -41.12 10.30 16.17
CA LEU B 994 -41.99 11.46 16.00
C LEU B 994 -42.70 11.85 17.29
N SER B 995 -43.01 10.89 18.16
CA SER B 995 -43.66 11.19 19.43
C SER B 995 -42.65 11.65 20.46
N SER B 996 -41.38 11.33 20.25
CA SER B 996 -40.34 11.72 21.21
C SER B 996 -40.01 13.21 21.09
N GLN B 997 -40.15 13.77 19.89
CA GLN B 997 -39.75 15.15 19.63
C GLN B 997 -40.88 15.96 19.01
N PRO B 998 -41.63 16.73 19.79
CA PRO B 998 -42.46 17.80 19.22
C PRO B 998 -41.66 19.07 19.00
N ALA B 999 -40.42 19.05 19.49
CA ALA B 999 -39.45 20.14 19.43
C ALA B 999 -38.77 20.19 18.06
N ALA B 1000 -37.62 20.88 18.03
CA ALA B 1000 -36.79 21.12 16.84
C ALA B 1000 -36.21 19.80 16.31
N GLN B 1001 -35.36 19.93 15.27
CA GLN B 1001 -35.19 19.02 14.13
C GLN B 1001 -35.40 17.53 14.43
N ARG B 1002 -36.26 16.91 13.64
CA ARG B 1002 -36.84 15.61 13.97
C ARG B 1002 -36.34 14.52 13.03
N GLY B 1003 -36.01 14.91 11.79
CA GLY B 1003 -35.52 13.96 10.82
C GLY B 1003 -34.04 13.63 10.95
N LEU B 1004 -33.34 14.34 11.84
CA LEU B 1004 -31.92 14.13 12.05
C LEU B 1004 -31.71 12.82 12.79
N VAL B 1005 -31.42 11.77 12.03
CA VAL B 1005 -31.32 10.41 12.55
C VAL B 1005 -29.97 9.84 12.11
N LEU B 1006 -29.27 9.19 13.05
CA LEU B 1006 -27.89 8.78 12.83
C LEU B 1006 -27.85 7.54 11.96
N LEU B 1007 -26.68 7.23 11.41
CA LEU B 1007 -26.45 6.00 10.67
C LEU B 1007 -25.03 5.51 10.96
N ARG B 1008 -24.85 4.21 10.80
CA ARG B 1008 -23.60 3.53 11.11
C ARG B 1008 -23.24 2.58 9.98
N PRO B 1009 -22.12 2.83 9.29
CA PRO B 1009 -21.65 1.89 8.27
C PRO B 1009 -20.94 0.71 8.92
N PRO B 1010 -20.97 -0.47 8.29
CA PRO B 1010 -20.46 -1.68 8.96
C PRO B 1010 -18.95 -1.72 9.09
N ALA B 1011 -18.24 -1.07 8.16
CA ALA B 1011 -16.78 -1.09 8.20
C ALA B 1011 -16.22 -0.09 9.20
N SER B 1012 -17.05 0.86 9.65
CA SER B 1012 -16.61 1.93 10.53
C SER B 1012 -17.31 1.81 11.87
N LEU B 1013 -16.79 2.53 12.87
CA LEU B 1013 -17.45 2.68 14.17
C LEU B 1013 -18.03 4.07 14.36
N GLN B 1014 -18.07 4.89 13.31
CA GLN B 1014 -18.51 6.27 13.41
C GLN B 1014 -19.99 6.40 13.03
N TYR B 1015 -20.71 7.19 13.83
CA TYR B 1015 -22.10 7.53 13.56
C TYR B 1015 -22.18 8.87 12.84
N ARG B 1016 -23.01 8.93 11.80
CA ARG B 1016 -23.13 10.12 10.97
C ARG B 1016 -24.61 10.43 10.79
N PHE B 1017 -25.02 11.67 11.06
CA PHE B 1017 -26.43 12.00 11.05
C PHE B 1017 -26.91 12.32 9.63
N ALA B 1018 -28.20 12.07 9.39
CA ALA B 1018 -28.78 12.33 8.07
C ALA B 1018 -30.23 12.75 8.26
N ARG B 1019 -30.90 13.10 7.17
CA ARG B 1019 -32.28 13.59 7.18
C ARG B 1019 -33.16 12.62 6.42
N ILE B 1020 -34.33 12.32 6.98
CA ILE B 1020 -35.29 11.36 6.44
C ILE B 1020 -36.29 12.09 5.56
N ALA B 1021 -36.55 11.54 4.37
CA ALA B 1021 -37.58 12.07 3.48
C ALA B 1021 -38.35 10.91 2.85
N ILE B 1022 -39.67 11.07 2.76
CA ILE B 1022 -40.55 10.12 2.08
C ILE B 1022 -41.32 10.94 1.06
N GLU B 1023 -40.83 10.98 -0.18
CA GLU B 1023 -41.48 11.76 -1.24
C GLU B 1023 -42.01 10.81 -2.29
N VAL B 1024 -43.28 10.46 -2.17
CA VAL B 1024 -43.90 9.52 -3.09
C VAL B 1024 -45.05 10.20 -3.83
N LEU C 19 43.96 -36.23 -39.12
CA LEU C 19 44.18 -37.25 -38.10
C LEU C 19 42.95 -37.38 -37.21
N VAL C 20 42.14 -38.41 -37.46
CA VAL C 20 40.91 -38.66 -36.71
C VAL C 20 41.19 -39.81 -35.76
N VAL C 21 41.50 -39.47 -34.50
CA VAL C 21 41.75 -40.45 -33.46
C VAL C 21 40.86 -40.14 -32.27
N LYS C 22 40.01 -41.08 -31.87
CA LYS C 22 39.08 -40.87 -30.77
C LYS C 22 39.38 -41.83 -29.62
N THR C 23 39.37 -41.30 -28.41
CA THR C 23 39.60 -42.15 -27.23
C THR C 23 38.33 -42.91 -26.87
N SER C 24 38.49 -44.18 -26.55
CA SER C 24 37.38 -45.03 -26.14
C SER C 24 37.70 -45.67 -24.79
N LEU C 25 36.75 -45.55 -23.86
CA LEU C 25 36.85 -46.22 -22.57
C LEU C 25 36.41 -47.67 -22.76
N ASN C 26 37.38 -48.52 -23.05
CA ASN C 26 37.17 -49.95 -23.12
C ASN C 26 37.65 -50.59 -21.83
N ASN C 27 36.75 -51.30 -21.16
CA ASN C 27 37.18 -51.98 -19.94
C ASN C 27 36.99 -53.49 -19.95
N PRO C 28 37.70 -54.27 -20.80
CA PRO C 28 37.79 -55.71 -20.54
C PRO C 28 38.88 -56.02 -19.54
N TYR C 29 38.59 -55.91 -18.23
CA TYR C 29 39.54 -56.37 -17.24
C TYR C 29 39.69 -57.88 -17.37
N ILE C 30 40.83 -58.31 -17.89
CA ILE C 30 41.00 -59.64 -18.48
C ILE C 30 40.95 -60.72 -17.42
N ILE C 31 39.89 -61.52 -17.46
CA ILE C 31 39.72 -62.64 -16.54
C ILE C 31 40.37 -63.86 -17.19
N ARG C 32 41.65 -64.07 -16.89
CA ARG C 32 42.37 -65.19 -17.47
C ARG C 32 41.94 -66.50 -16.83
N TRP C 33 42.09 -67.59 -17.57
CA TRP C 33 41.65 -68.89 -17.09
C TRP C 33 42.65 -69.48 -16.10
N SER C 34 42.42 -70.75 -15.75
CA SER C 34 43.31 -71.50 -14.87
C SER C 34 44.64 -71.76 -15.54
N ALA C 35 45.67 -72.10 -14.74
CA ALA C 35 47.00 -72.37 -15.25
C ALA C 35 47.01 -73.63 -16.12
N LEU C 36 47.85 -73.65 -17.15
CA LEU C 36 47.91 -74.75 -18.11
C LEU C 36 48.79 -75.85 -17.51
N GLU C 37 48.23 -76.58 -16.57
CA GLU C 37 48.92 -77.71 -15.94
C GLU C 37 48.58 -78.98 -16.75
N SER C 38 49.42 -79.25 -17.75
CA SER C 38 49.17 -80.29 -18.74
C SER C 38 49.18 -81.70 -18.13
N GLU C 39 50.16 -82.00 -17.28
CA GLU C 39 50.34 -83.35 -16.76
C GLU C 39 49.27 -83.71 -15.73
N ASP C 40 48.98 -82.77 -14.83
CA ASP C 40 48.03 -83.02 -13.74
C ASP C 40 46.62 -83.22 -14.28
N MET C 41 46.15 -82.27 -15.09
CA MET C 41 44.89 -82.40 -15.83
C MET C 41 44.90 -83.62 -16.73
N HIS C 42 46.05 -83.95 -17.32
CA HIS C 42 46.16 -85.08 -18.24
C HIS C 42 45.93 -86.41 -17.54
N PHE C 43 46.37 -86.55 -16.28
CA PHE C 43 46.14 -87.84 -15.66
C PHE C 43 44.82 -87.87 -14.88
N ILE C 44 44.33 -86.71 -14.41
CA ILE C 44 43.04 -86.77 -13.69
C ILE C 44 41.89 -86.95 -14.68
N LEU C 45 42.07 -86.49 -15.92
CA LEU C 45 41.03 -86.74 -16.94
C LEU C 45 41.00 -88.19 -17.36
N GLN C 46 42.17 -88.85 -17.38
CA GLN C 46 42.20 -90.29 -17.64
C GLN C 46 41.61 -91.06 -16.45
N THR C 47 41.79 -90.54 -15.24
CA THR C 47 41.13 -91.12 -14.07
C THR C 47 39.61 -90.98 -14.17
N LEU C 48 39.14 -89.84 -14.66
CA LEU C 48 37.70 -89.64 -14.88
C LEU C 48 37.17 -90.58 -15.95
N GLU C 49 37.95 -90.81 -17.02
CA GLU C 49 37.55 -91.78 -18.04
C GLU C 49 37.48 -93.19 -17.47
N ASP C 50 38.43 -93.54 -16.59
CA ASP C 50 38.41 -94.85 -15.94
C ASP C 50 37.20 -95.01 -15.03
N ARG C 51 36.85 -93.95 -14.29
CA ARG C 51 35.72 -94.06 -13.38
C ARG C 51 34.38 -94.01 -14.13
N LEU C 52 34.36 -93.42 -15.33
CA LEU C 52 33.15 -93.49 -16.14
C LEU C 52 33.00 -94.83 -16.84
N LYS C 53 34.11 -95.44 -17.27
CA LYS C 53 34.00 -96.72 -17.96
C LYS C 53 33.90 -97.88 -16.97
N ALA C 54 34.19 -97.63 -15.69
CA ALA C 54 34.19 -98.71 -14.71
C ALA C 54 32.79 -99.08 -14.25
N ILE C 55 31.80 -98.22 -14.48
CA ILE C 55 30.46 -98.43 -13.91
C ILE C 55 29.55 -99.12 -14.92
N GLY C 56 29.56 -98.66 -16.17
CA GLY C 56 28.73 -99.29 -17.18
C GLY C 56 27.90 -98.31 -18.00
N LEU C 57 27.04 -98.89 -18.84
CA LEU C 57 26.30 -98.13 -19.83
C LEU C 57 24.80 -98.39 -19.78
N GLN C 58 24.22 -98.36 -18.58
CA GLN C 58 22.77 -98.55 -18.44
C GLN C 58 22.00 -97.29 -18.84
N LYS C 59 22.69 -96.14 -18.83
CA LYS C 59 22.04 -94.87 -19.09
C LYS C 59 21.64 -94.74 -20.55
N ILE C 60 22.55 -95.08 -21.48
CA ILE C 60 22.22 -95.03 -22.90
C ILE C 60 21.28 -96.17 -23.28
N GLU C 61 21.34 -97.29 -22.56
CA GLU C 61 20.39 -98.37 -22.81
C GLU C 61 19.00 -98.06 -22.28
N ASP C 62 18.89 -97.14 -21.32
CA ASP C 62 17.57 -96.74 -20.84
C ASP C 62 17.01 -95.60 -21.68
N LYS C 63 17.88 -94.72 -22.19
CA LYS C 63 17.43 -93.62 -23.04
C LYS C 63 17.08 -94.09 -24.45
N LYS C 64 18.05 -94.69 -25.13
CA LYS C 64 17.85 -95.08 -26.52
C LYS C 64 16.95 -96.31 -26.64
N LYS C 65 16.94 -97.16 -25.60
CA LYS C 65 16.15 -98.39 -25.50
C LYS C 65 16.45 -99.35 -26.67
N LYS C 66 17.71 -99.80 -26.68
CA LYS C 66 18.17 -100.77 -27.67
C LYS C 66 17.87 -102.16 -27.13
N ASN C 67 16.91 -102.84 -27.76
CA ASN C 67 16.51 -104.17 -27.34
C ASN C 67 16.75 -105.20 -28.44
N PRO C 106 18.43 -98.17 -15.00
CA PRO C 106 17.68 -97.14 -14.27
C PRO C 106 18.44 -96.60 -13.06
N ALA C 107 19.41 -97.38 -12.57
CA ALA C 107 20.21 -96.94 -11.44
C ALA C 107 21.26 -95.92 -11.86
N HIS C 108 21.83 -96.10 -13.06
CA HIS C 108 22.86 -95.18 -13.53
C HIS C 108 22.24 -93.92 -14.10
N VAL C 109 20.93 -93.94 -14.35
CA VAL C 109 20.25 -92.80 -14.95
C VAL C 109 19.97 -91.73 -13.88
N ARG C 110 20.04 -92.12 -12.60
CA ARG C 110 19.62 -91.24 -11.51
C ARG C 110 20.58 -90.08 -11.27
N LYS C 111 21.76 -90.12 -11.87
CA LYS C 111 22.63 -88.95 -11.90
C LYS C 111 21.99 -87.82 -12.70
N GLN C 112 22.25 -86.58 -12.30
CA GLN C 112 21.72 -85.46 -13.08
C GLN C 112 22.85 -84.87 -13.91
N LEU C 113 23.10 -85.49 -15.06
CA LEU C 113 24.18 -85.09 -15.96
C LEU C 113 23.67 -83.94 -16.81
N ALA C 114 23.98 -82.72 -16.40
CA ALA C 114 23.56 -81.51 -17.10
C ALA C 114 24.41 -81.37 -18.36
N ILE C 115 23.79 -81.55 -19.52
CA ILE C 115 24.46 -81.52 -20.80
C ILE C 115 23.90 -80.33 -21.59
N GLY C 116 24.77 -79.51 -22.12
CA GLY C 116 24.35 -78.27 -22.75
C GLY C 116 24.47 -77.09 -21.81
N VAL C 117 24.43 -75.89 -22.39
CA VAL C 117 24.69 -74.66 -21.63
C VAL C 117 23.55 -74.39 -20.66
N ASN C 118 22.30 -74.58 -21.11
CA ASN C 118 21.13 -74.20 -20.33
C ASN C 118 20.95 -75.11 -19.10
N GLU C 119 21.24 -76.40 -19.25
CA GLU C 119 21.11 -77.32 -18.12
C GLU C 119 22.18 -77.05 -17.07
N VAL C 120 23.40 -76.72 -17.51
CA VAL C 120 24.46 -76.37 -16.57
C VAL C 120 24.12 -75.07 -15.85
N THR C 121 23.56 -74.08 -16.55
CA THR C 121 23.18 -72.84 -15.89
C THR C 121 22.02 -73.02 -14.91
N ARG C 122 21.01 -73.83 -15.24
CA ARG C 122 19.92 -74.04 -14.29
C ARG C 122 20.37 -74.92 -13.12
N ALA C 123 21.43 -75.72 -13.31
CA ALA C 123 22.04 -76.41 -12.18
C ALA C 123 22.86 -75.47 -11.32
N LEU C 124 23.48 -74.45 -11.91
CA LEU C 124 24.39 -73.59 -11.15
C LEU C 124 23.67 -72.40 -10.53
N GLU C 125 22.43 -72.12 -10.94
CA GLU C 125 21.71 -70.97 -10.40
C GLU C 125 21.34 -71.17 -8.92
N ARG C 126 20.47 -72.14 -8.63
CA ARG C 126 19.70 -72.12 -7.40
C ARG C 126 20.49 -72.27 -6.08
N ARG C 127 20.87 -73.48 -5.68
CA ARG C 127 21.86 -73.81 -4.64
C ARG C 127 22.30 -75.25 -4.82
N GLU C 128 23.42 -75.52 -5.50
CA GLU C 128 23.81 -76.90 -5.80
C GLU C 128 25.34 -77.04 -5.75
N LEU C 129 25.80 -78.00 -4.94
CA LEU C 129 27.18 -78.42 -4.86
C LEU C 129 27.52 -79.41 -5.97
N LEU C 130 28.25 -79.00 -7.00
CA LEU C 130 28.50 -79.89 -8.13
C LEU C 130 29.77 -79.47 -8.87
N LEU C 131 30.06 -80.23 -9.94
CA LEU C 131 31.27 -80.08 -10.75
C LEU C 131 30.89 -79.83 -12.20
N VAL C 132 31.55 -78.85 -12.80
CA VAL C 132 31.33 -78.43 -14.18
C VAL C 132 32.63 -78.62 -14.97
N LEU C 133 32.52 -79.16 -16.18
CA LEU C 133 33.63 -79.29 -17.10
C LEU C 133 33.35 -78.43 -18.33
N VAL C 134 34.25 -77.48 -18.59
CA VAL C 134 34.09 -76.51 -19.66
C VAL C 134 35.25 -76.64 -20.64
N CYS C 135 34.92 -76.69 -21.95
CA CYS C 135 35.94 -76.63 -22.98
C CYS C 135 35.72 -75.39 -23.84
N LYS C 136 36.82 -74.91 -24.42
CA LYS C 136 36.73 -73.85 -25.42
C LYS C 136 36.34 -74.44 -26.77
N SER C 137 35.16 -74.05 -27.25
CA SER C 137 34.69 -74.49 -28.56
C SER C 137 35.25 -73.64 -29.69
N VAL C 138 34.94 -72.34 -29.70
CA VAL C 138 35.41 -71.41 -30.72
C VAL C 138 36.10 -70.31 -29.91
N LYS C 139 36.64 -69.29 -30.57
CA LYS C 139 37.08 -68.09 -29.87
C LYS C 139 35.99 -67.36 -29.08
N PRO C 140 34.71 -67.20 -29.56
CA PRO C 140 33.69 -66.69 -28.64
C PRO C 140 33.25 -67.72 -27.60
N ALA C 141 34.07 -67.89 -26.57
CA ALA C 141 33.78 -68.78 -25.46
C ALA C 141 33.74 -68.05 -24.13
N MET C 142 34.22 -66.81 -24.09
CA MET C 142 34.20 -66.03 -22.85
C MET C 142 32.78 -65.59 -22.51
N ILE C 143 31.96 -65.33 -23.53
CA ILE C 143 30.61 -64.84 -23.31
C ILE C 143 29.73 -65.97 -22.76
N THR C 144 29.87 -67.16 -23.33
CA THR C 144 29.11 -68.32 -22.86
C THR C 144 29.59 -68.81 -21.49
N SER C 145 30.90 -68.94 -21.29
CA SER C 145 31.40 -69.49 -20.03
C SER C 145 31.62 -68.39 -18.99
N HIS C 146 31.22 -67.16 -19.30
CA HIS C 146 31.26 -66.10 -18.30
C HIS C 146 30.22 -66.34 -17.21
N LEU C 147 29.11 -67.00 -17.57
CA LEU C 147 28.14 -67.48 -16.59
C LEU C 147 28.78 -68.50 -15.65
N ILE C 148 29.65 -69.36 -16.19
CA ILE C 148 30.25 -70.43 -15.41
C ILE C 148 31.31 -69.85 -14.48
N GLN C 149 32.02 -68.83 -14.96
CA GLN C 149 32.97 -68.08 -14.15
C GLN C 149 32.27 -67.31 -13.03
N LEU C 150 31.14 -66.68 -13.35
CA LEU C 150 30.46 -65.81 -12.40
C LEU C 150 29.67 -66.62 -11.37
N SER C 151 29.26 -67.83 -11.71
CA SER C 151 28.42 -68.61 -10.81
C SER C 151 29.19 -69.38 -9.76
N LEU C 152 30.43 -68.98 -9.45
CA LEU C 152 31.22 -69.62 -8.41
C LEU C 152 30.67 -69.25 -7.04
N SER C 153 29.77 -70.08 -6.51
CA SER C 153 29.30 -69.90 -5.14
C SER C 153 29.57 -71.15 -4.31
N ARG C 154 29.13 -72.32 -4.82
CA ARG C 154 29.27 -73.58 -4.11
C ARG C 154 29.62 -74.73 -5.06
N SER C 155 30.16 -74.41 -6.23
CA SER C 155 30.46 -75.41 -7.24
C SER C 155 31.88 -75.26 -7.73
N VAL C 156 32.36 -76.24 -8.48
CA VAL C 156 33.73 -76.24 -9.00
C VAL C 156 33.66 -76.17 -10.53
N PRO C 157 33.99 -75.03 -11.14
CA PRO C 157 34.03 -74.95 -12.61
C PRO C 157 35.38 -75.27 -13.23
N ALA C 158 35.71 -76.56 -13.37
CA ALA C 158 36.96 -76.99 -14.00
C ALA C 158 36.88 -76.75 -15.51
N CYS C 159 37.89 -76.09 -16.06
CA CYS C 159 37.94 -75.78 -17.48
C CYS C 159 39.18 -76.43 -18.09
N GLN C 160 38.97 -77.24 -19.13
CA GLN C 160 40.05 -77.86 -19.90
C GLN C 160 40.01 -77.31 -21.32
N VAL C 161 41.12 -76.76 -21.79
CA VAL C 161 41.12 -76.13 -23.11
C VAL C 161 41.19 -77.16 -24.24
N PRO C 162 42.18 -78.13 -24.32
CA PRO C 162 42.18 -79.00 -25.49
C PRO C 162 41.46 -80.34 -25.35
N ARG C 163 41.14 -80.77 -24.12
CA ARG C 163 41.01 -82.20 -23.86
C ARG C 163 39.60 -82.75 -23.67
N LEU C 164 38.58 -81.90 -23.54
CA LEU C 164 37.27 -82.37 -23.10
C LEU C 164 36.51 -83.08 -24.23
N SER C 165 36.83 -82.78 -25.48
CA SER C 165 36.25 -83.54 -26.59
C SER C 165 36.81 -84.95 -26.64
N GLU C 166 38.07 -85.11 -26.22
CA GLU C 166 38.68 -86.43 -26.15
C GLU C 166 38.18 -87.21 -24.94
N ARG C 167 37.39 -86.57 -24.07
CA ARG C 167 36.67 -87.30 -23.04
C ARG C 167 35.35 -87.84 -23.56
N ILE C 168 34.66 -87.05 -24.38
CA ILE C 168 33.34 -87.46 -24.87
C ILE C 168 33.48 -88.47 -26.01
N ALA C 169 34.61 -88.44 -26.72
CA ALA C 169 34.81 -89.31 -27.89
C ALA C 169 34.82 -90.82 -27.59
N PRO C 170 35.52 -91.36 -26.52
CA PRO C 170 35.43 -92.82 -26.31
C PRO C 170 34.19 -93.25 -25.55
N VAL C 171 33.58 -92.33 -24.80
CA VAL C 171 32.38 -92.66 -24.03
C VAL C 171 31.19 -92.76 -24.98
N ILE C 172 30.43 -93.85 -24.83
CA ILE C 172 29.30 -94.14 -25.72
C ILE C 172 28.18 -93.13 -25.48
N GLY C 173 28.03 -92.20 -26.42
CA GLY C 173 27.02 -91.17 -26.32
C GLY C 173 26.65 -90.61 -27.68
N LEU C 174 26.55 -89.29 -27.75
CA LEU C 174 26.23 -88.58 -28.99
C LEU C 174 27.28 -87.50 -29.20
N LYS C 175 26.98 -86.54 -30.08
CA LYS C 175 27.84 -85.47 -30.59
C LYS C 175 28.54 -84.72 -29.45
N CYS C 176 29.71 -84.13 -29.76
CA CYS C 176 30.72 -83.71 -28.80
C CYS C 176 30.18 -82.63 -27.86
N VAL C 177 30.09 -82.98 -26.58
CA VAL C 177 29.55 -82.13 -25.53
C VAL C 177 30.51 -80.99 -25.24
N LEU C 178 30.02 -79.75 -25.32
CA LEU C 178 30.87 -78.60 -25.05
C LEU C 178 30.93 -78.30 -23.55
N ALA C 179 29.78 -78.01 -22.95
CA ALA C 179 29.69 -77.77 -21.52
C ALA C 179 29.00 -78.94 -20.84
N LEU C 180 29.61 -79.45 -19.77
CA LEU C 180 29.08 -80.59 -19.06
C LEU C 180 29.08 -80.26 -17.57
N ALA C 181 28.15 -80.86 -16.83
CA ALA C 181 28.19 -80.75 -15.37
C ALA C 181 27.49 -81.99 -14.84
N PHE C 182 27.73 -82.35 -13.58
CA PHE C 182 26.93 -83.41 -12.99
C PHE C 182 26.50 -83.08 -11.56
N LYS C 183 25.19 -83.13 -11.34
CA LYS C 183 24.58 -83.04 -10.03
C LYS C 183 24.48 -84.44 -9.44
N LYS C 184 25.18 -84.64 -8.32
CA LYS C 184 25.27 -85.89 -7.58
C LYS C 184 25.15 -85.58 -6.08
N ASN C 185 24.10 -84.85 -5.72
CA ASN C 185 23.88 -84.51 -4.32
C ASN C 185 23.40 -85.71 -3.51
N THR C 186 24.18 -86.08 -2.49
CA THR C 186 23.98 -87.11 -1.45
C THR C 186 24.00 -88.54 -1.97
N THR C 187 24.17 -88.76 -3.27
CA THR C 187 24.27 -90.11 -3.81
C THR C 187 25.74 -90.42 -4.13
N ASP C 188 26.14 -91.67 -3.91
CA ASP C 188 27.53 -92.10 -4.06
C ASP C 188 27.76 -92.53 -5.49
N PHE C 189 28.50 -91.70 -6.26
CA PHE C 189 28.88 -92.08 -7.61
C PHE C 189 30.28 -92.70 -7.61
N VAL C 190 31.29 -91.87 -7.30
CA VAL C 190 32.68 -92.27 -7.11
C VAL C 190 33.26 -91.35 -6.04
N ASP C 191 33.80 -91.92 -4.96
CA ASP C 191 34.41 -91.10 -3.92
C ASP C 191 35.76 -90.53 -4.37
N GLU C 192 36.44 -91.20 -5.29
CA GLU C 192 37.74 -90.73 -5.76
C GLU C 192 37.61 -89.46 -6.59
N VAL C 193 36.49 -89.31 -7.31
CA VAL C 193 36.22 -88.06 -8.03
C VAL C 193 36.01 -86.93 -7.03
N ARG C 194 35.32 -87.22 -5.92
CA ARG C 194 35.13 -86.21 -4.88
C ARG C 194 36.43 -85.95 -4.11
N ALA C 195 37.42 -86.85 -4.22
CA ALA C 195 38.75 -86.55 -3.71
C ALA C 195 39.54 -85.69 -4.69
N ILE C 196 39.34 -85.90 -5.99
CA ILE C 196 39.95 -85.07 -7.03
C ILE C 196 39.40 -83.64 -7.05
N ILE C 197 38.14 -83.46 -6.60
CA ILE C 197 37.52 -82.12 -6.64
C ILE C 197 38.25 -81.04 -5.84
N PRO C 198 38.72 -81.25 -4.61
CA PRO C 198 39.58 -80.23 -4.00
C PRO C 198 41.05 -80.27 -4.43
N ARG C 199 41.42 -81.08 -5.42
CA ARG C 199 42.80 -81.17 -5.88
C ARG C 199 43.06 -80.43 -7.18
N VAL C 200 42.02 -80.07 -7.92
CA VAL C 200 42.18 -79.32 -9.16
C VAL C 200 42.53 -77.87 -8.81
N PRO C 201 43.27 -77.15 -9.66
CA PRO C 201 43.56 -75.74 -9.36
C PRO C 201 42.32 -74.85 -9.47
N SER C 202 42.00 -74.16 -8.39
CA SER C 202 40.82 -73.31 -8.34
C SER C 202 41.11 -71.97 -9.01
N LEU C 203 40.04 -71.34 -9.50
CA LEU C 203 40.13 -70.07 -10.21
C LEU C 203 39.71 -68.93 -9.30
N SER C 204 40.53 -67.88 -9.28
CA SER C 204 40.27 -66.69 -8.47
C SER C 204 39.90 -65.55 -9.42
N VAL C 205 38.75 -64.93 -9.17
CA VAL C 205 38.18 -63.95 -10.08
C VAL C 205 38.27 -62.58 -9.41
N PRO C 206 39.19 -61.70 -9.82
CA PRO C 206 39.30 -60.38 -9.19
C PRO C 206 38.37 -59.35 -9.80
N TRP C 207 37.45 -59.81 -10.66
CA TRP C 207 36.47 -58.96 -11.30
C TRP C 207 35.47 -58.36 -10.33
N LEU C 208 34.96 -59.14 -9.38
CA LEU C 208 33.90 -58.66 -8.49
C LEU C 208 34.44 -58.13 -7.17
N GLN C 209 34.95 -59.01 -6.31
CA GLN C 209 35.59 -58.63 -5.07
C GLN C 209 36.79 -59.52 -4.81
N ASP C 210 36.74 -60.73 -5.38
CA ASP C 210 37.62 -61.89 -5.14
C ASP C 210 37.63 -62.30 -3.67
N ARG C 211 36.55 -62.06 -2.93
CA ARG C 211 36.22 -62.55 -1.59
C ARG C 211 37.08 -61.91 -0.49
N ILE C 212 38.08 -61.12 -0.88
CA ILE C 212 38.98 -60.45 0.05
C ILE C 212 38.76 -58.95 -0.14
N GLU C 213 38.77 -58.19 0.96
CA GLU C 213 38.50 -56.76 0.89
C GLU C 213 39.68 -56.02 0.29
N ASP C 214 39.69 -55.94 -1.04
CA ASP C 214 40.77 -55.31 -1.79
C ASP C 214 40.28 -55.02 -3.20
N SER C 215 40.43 -53.77 -3.65
CA SER C 215 39.93 -53.34 -4.95
C SER C 215 41.06 -52.72 -5.76
N GLY C 216 41.15 -53.11 -7.03
CA GLY C 216 42.13 -52.54 -7.92
C GLY C 216 41.56 -52.21 -9.28
N GLU C 217 41.61 -50.93 -9.66
CA GLU C 217 41.11 -50.53 -10.97
C GLU C 217 42.28 -50.29 -11.93
N ASN C 218 41.99 -50.47 -13.22
CA ASN C 218 42.98 -50.28 -14.27
C ASN C 218 42.41 -49.34 -15.32
N LEU C 219 43.29 -48.56 -15.95
CA LEU C 219 42.87 -47.55 -16.92
C LEU C 219 43.27 -48.01 -18.30
N GLU C 220 42.27 -48.28 -19.15
CA GLU C 220 42.48 -48.77 -20.51
C GLU C 220 41.73 -47.84 -21.46
N THR C 221 42.39 -46.76 -21.88
CA THR C 221 41.82 -45.82 -22.82
C THR C 221 42.39 -46.11 -24.21
N GLU C 222 41.61 -46.76 -25.05
CA GLU C 222 42.10 -47.21 -26.34
C GLU C 222 41.92 -46.13 -27.40
N PRO C 223 42.96 -45.70 -28.09
CA PRO C 223 42.78 -44.77 -29.22
C PRO C 223 42.30 -45.48 -30.48
N LEU C 224 41.02 -45.32 -30.82
CA LEU C 224 40.45 -45.87 -32.04
C LEU C 224 40.77 -44.89 -33.18
N GLU C 225 41.48 -45.39 -34.19
CA GLU C 225 41.84 -44.59 -35.35
C GLU C 225 40.84 -44.85 -36.47
N SER C 226 40.43 -43.78 -37.16
CA SER C 226 39.56 -43.94 -38.31
C SER C 226 40.32 -44.53 -39.50
N GLN C 227 41.64 -44.31 -39.53
CA GLN C 227 42.45 -44.75 -40.66
C GLN C 227 42.60 -46.27 -40.70
N ASP C 228 42.68 -46.91 -39.53
CA ASP C 228 42.82 -48.37 -39.45
C ASP C 228 41.58 -49.08 -39.98
N ARG C 229 40.40 -48.70 -39.46
CA ARG C 229 39.15 -49.29 -39.94
C ARG C 229 38.85 -48.87 -41.37
N GLU C 230 39.35 -47.70 -41.78
CA GLU C 230 39.22 -47.22 -43.15
C GLU C 230 40.01 -48.11 -44.12
N LEU C 231 41.24 -48.45 -43.75
CA LEU C 231 42.05 -49.31 -44.61
C LEU C 231 41.67 -50.78 -44.50
N LEU C 232 41.00 -51.20 -43.42
CA LEU C 232 40.56 -52.59 -43.31
C LEU C 232 39.21 -52.83 -43.99
N ASP C 233 38.34 -51.82 -43.99
CA ASP C 233 37.01 -52.01 -44.57
C ASP C 233 36.94 -51.53 -46.01
N THR C 234 37.67 -50.47 -46.35
CA THR C 234 37.77 -49.85 -47.67
C THR C 234 36.40 -49.47 -48.25
N SER C 235 35.70 -48.56 -47.58
CA SER C 235 34.38 -48.13 -48.04
C SER C 235 34.36 -46.61 -48.15
N PHE C 236 33.60 -46.12 -49.12
CA PHE C 236 33.45 -44.69 -49.34
C PHE C 236 32.01 -44.39 -49.73
N GLU C 237 31.52 -43.24 -49.30
CA GLU C 237 30.19 -42.77 -49.68
C GLU C 237 30.23 -41.29 -50.02
N ASP C 238 29.41 -40.88 -50.98
CA ASP C 238 29.37 -39.47 -51.40
C ASP C 238 27.95 -38.94 -51.35
N LEU D 76 7.40 -45.83 -20.63
CA LEU D 76 8.49 -46.64 -20.11
C LEU D 76 8.87 -46.26 -18.69
N SER D 77 8.86 -44.95 -18.41
CA SER D 77 9.22 -44.42 -17.10
C SER D 77 8.21 -44.86 -16.04
N ALA D 78 6.92 -44.70 -16.34
CA ALA D 78 5.88 -45.18 -15.44
C ALA D 78 5.86 -46.70 -15.38
N ARG D 79 6.34 -47.36 -16.44
CA ARG D 79 6.46 -48.82 -16.41
C ARG D 79 7.70 -49.27 -15.67
N GLN D 80 8.71 -48.40 -15.58
CA GLN D 80 9.87 -48.69 -14.73
C GLN D 80 9.61 -48.33 -13.27
N ARG D 81 8.59 -47.52 -13.00
CA ARG D 81 8.26 -47.17 -11.62
C ARG D 81 7.31 -48.16 -10.95
N ARG D 82 7.29 -49.43 -11.38
CA ARG D 82 6.40 -50.39 -10.75
C ARG D 82 6.89 -50.83 -9.38
N GLU D 83 8.08 -51.44 -9.30
CA GLU D 83 8.45 -51.99 -8.02
C GLU D 83 8.99 -50.93 -7.07
N LEU D 84 10.23 -50.47 -7.34
CA LEU D 84 10.79 -49.13 -7.16
C LEU D 84 12.27 -49.29 -7.53
N ARG D 85 13.06 -48.20 -7.55
CA ARG D 85 14.52 -48.35 -7.54
C ARG D 85 15.12 -47.88 -6.22
N LEU D 86 14.26 -47.59 -5.24
CA LEU D 86 14.69 -47.01 -3.97
C LEU D 86 14.67 -48.07 -2.87
N PHE D 87 15.28 -47.73 -1.74
CA PHE D 87 15.46 -48.60 -0.57
C PHE D 87 14.12 -48.99 0.05
N ASP D 88 14.18 -49.99 0.91
CA ASP D 88 13.02 -50.47 1.65
C ASP D 88 13.43 -50.69 3.10
N ILE D 89 12.55 -51.37 3.86
CA ILE D 89 12.85 -51.75 5.23
C ILE D 89 13.88 -52.87 5.30
N LYS D 90 13.82 -53.81 4.35
CA LYS D 90 14.72 -54.95 4.28
C LYS D 90 16.21 -54.63 4.07
N PRO D 91 16.64 -53.65 3.26
CA PRO D 91 18.08 -53.32 3.26
C PRO D 91 18.57 -52.46 4.42
N GLU D 92 17.73 -52.14 5.41
CA GLU D 92 18.18 -51.34 6.54
C GLU D 92 19.00 -52.17 7.52
N GLN D 93 18.70 -53.46 7.66
CA GLN D 93 19.33 -54.33 8.64
C GLN D 93 20.53 -55.08 8.08
N GLN D 94 21.25 -54.51 7.12
CA GLN D 94 22.28 -55.26 6.42
C GLN D 94 23.64 -55.27 7.09
N ARG D 95 23.71 -55.03 8.42
CA ARG D 95 24.91 -55.20 9.23
C ARG D 95 26.09 -54.35 8.74
N TYR D 96 26.02 -53.04 9.00
CA TYR D 96 26.76 -51.91 8.43
C TYR D 96 28.26 -52.14 8.22
N SER D 97 28.90 -53.08 8.95
CA SER D 97 30.28 -53.45 8.71
C SER D 97 30.48 -54.09 7.33
N LEU D 98 29.40 -54.56 6.71
CA LEU D 98 29.50 -55.02 5.32
C LEU D 98 29.64 -53.86 4.35
N PHE D 99 29.18 -52.66 4.73
CA PHE D 99 29.37 -51.46 3.93
C PHE D 99 30.73 -50.80 4.14
N LEU D 100 31.57 -51.38 5.00
CA LEU D 100 32.91 -50.83 5.23
C LEU D 100 33.86 -50.90 4.03
N PRO D 101 33.87 -51.93 3.15
CA PRO D 101 34.75 -51.83 1.96
C PRO D 101 34.39 -50.75 0.96
N LEU D 102 33.20 -50.15 1.03
CA LEU D 102 32.88 -49.03 0.15
C LEU D 102 33.72 -47.80 0.49
N HIS D 103 33.99 -47.60 1.78
CA HIS D 103 34.86 -46.52 2.21
C HIS D 103 36.30 -46.76 1.75
N GLU D 104 36.75 -48.01 1.80
CA GLU D 104 38.10 -48.35 1.33
C GLU D 104 38.20 -48.19 -0.18
N LEU D 105 37.11 -48.52 -0.90
CA LEU D 105 37.05 -48.31 -2.35
C LEU D 105 37.15 -46.83 -2.70
N TRP D 106 36.39 -45.99 -1.99
CA TRP D 106 36.43 -44.55 -2.23
C TRP D 106 37.80 -43.96 -1.87
N LYS D 107 38.41 -44.48 -0.80
CA LYS D 107 39.70 -43.97 -0.35
C LYS D 107 40.81 -44.33 -1.33
N GLN D 108 40.79 -45.57 -1.85
CA GLN D 108 41.77 -45.98 -2.84
C GLN D 108 41.53 -45.30 -4.19
N TYR D 109 40.26 -44.95 -4.46
CA TYR D 109 39.97 -44.18 -5.67
C TYR D 109 40.48 -42.75 -5.56
N ILE D 110 40.43 -42.16 -4.37
CA ILE D 110 41.03 -40.84 -4.17
C ILE D 110 42.55 -40.93 -4.22
N ARG D 111 43.13 -42.02 -3.70
CA ARG D 111 44.58 -42.24 -3.78
C ARG D 111 45.07 -42.41 -5.21
N ASP D 112 44.27 -43.06 -6.06
CA ASP D 112 44.67 -43.26 -7.45
C ASP D 112 44.27 -42.09 -8.33
N LEU D 113 43.35 -41.24 -7.88
CA LEU D 113 42.92 -40.09 -8.68
C LEU D 113 43.88 -38.92 -8.54
N CYS D 114 44.10 -38.45 -7.31
CA CYS D 114 44.93 -37.27 -7.08
C CYS D 114 46.41 -37.59 -7.28
N SER D 115 46.91 -38.59 -6.55
CA SER D 115 48.27 -39.12 -6.63
C SER D 115 49.35 -38.06 -6.39
N GLY D 116 49.13 -37.20 -5.41
CA GLY D 116 50.16 -36.27 -4.96
C GLY D 116 49.87 -35.79 -3.56
N LEU D 117 50.83 -35.92 -2.65
CA LEU D 117 50.57 -35.68 -1.24
C LEU D 117 51.57 -34.77 -0.54
N LYS D 118 52.88 -34.92 -0.84
CA LYS D 118 53.87 -34.56 0.19
C LYS D 118 54.09 -33.06 0.38
N PRO D 119 54.62 -32.23 -0.60
CA PRO D 119 54.99 -30.86 -0.20
C PRO D 119 53.82 -29.91 0.05
N ASP D 120 53.11 -29.51 -1.01
CA ASP D 120 51.79 -28.89 -1.10
C ASP D 120 51.55 -28.68 -2.58
N THR D 121 50.29 -28.69 -3.04
CA THR D 121 50.02 -28.43 -4.46
C THR D 121 48.57 -27.99 -4.69
N GLN D 122 48.38 -26.74 -5.17
CA GLN D 122 47.25 -26.24 -5.94
C GLN D 122 45.86 -26.57 -5.39
N PRO D 123 45.35 -25.86 -4.38
CA PRO D 123 43.99 -26.13 -3.88
C PRO D 123 42.87 -25.95 -4.90
N GLN D 124 43.10 -25.23 -6.01
CA GLN D 124 42.09 -25.16 -7.06
C GLN D 124 42.08 -26.43 -7.91
N MET D 125 43.19 -27.17 -7.94
CA MET D 125 43.14 -28.52 -8.49
C MET D 125 42.25 -29.41 -7.62
N ILE D 126 42.33 -29.21 -6.30
CA ILE D 126 41.45 -29.93 -5.38
C ILE D 126 39.99 -29.52 -5.57
N GLN D 127 39.74 -28.22 -5.85
CA GLN D 127 38.36 -27.81 -6.07
C GLN D 127 37.84 -28.34 -7.40
N ALA D 128 38.74 -28.55 -8.38
CA ALA D 128 38.31 -29.10 -9.66
C ALA D 128 37.99 -30.58 -9.52
N LYS D 129 38.79 -31.30 -8.71
CA LYS D 129 38.50 -32.71 -8.45
C LYS D 129 37.22 -32.87 -7.64
N LEU D 130 36.96 -31.95 -6.71
CA LEU D 130 35.74 -32.06 -5.92
C LEU D 130 34.50 -31.58 -6.67
N LEU D 131 34.66 -30.76 -7.72
CA LEU D 131 33.52 -30.40 -8.54
C LEU D 131 33.22 -31.45 -9.61
N LYS D 132 34.25 -31.97 -10.26
CA LYS D 132 34.02 -32.80 -11.45
C LYS D 132 33.74 -34.27 -11.12
N ALA D 133 34.03 -34.71 -9.89
CA ALA D 133 33.84 -36.11 -9.56
C ALA D 133 32.47 -36.35 -8.93
N ASP D 134 31.97 -37.56 -9.09
CA ASP D 134 30.74 -37.99 -8.44
C ASP D 134 31.03 -38.35 -6.99
N LEU D 135 30.29 -37.75 -6.07
CA LEU D 135 30.48 -37.99 -4.65
C LEU D 135 29.68 -39.18 -4.13
N HIS D 136 29.23 -40.07 -5.01
CA HIS D 136 28.46 -41.25 -4.63
C HIS D 136 29.32 -42.24 -3.84
N GLY D 137 28.91 -42.55 -2.62
CA GLY D 137 29.63 -43.50 -1.79
C GLY D 137 30.83 -42.87 -1.10
N ALA D 138 30.59 -41.79 -0.36
CA ALA D 138 31.66 -41.05 0.30
C ALA D 138 31.24 -40.76 1.73
N ILE D 139 32.22 -40.42 2.57
CA ILE D 139 32.01 -40.14 3.99
C ILE D 139 31.77 -38.64 4.12
N ILE D 140 30.60 -38.28 4.67
CA ILE D 140 30.29 -36.88 4.94
C ILE D 140 29.92 -36.72 6.42
N SER D 141 29.91 -35.46 6.88
CA SER D 141 29.40 -35.14 8.21
C SER D 141 28.86 -33.73 8.18
N VAL D 142 27.62 -33.54 8.66
CA VAL D 142 26.98 -32.24 8.64
C VAL D 142 27.67 -31.35 9.68
N THR D 143 28.25 -30.24 9.25
CA THR D 143 28.96 -29.40 10.23
C THR D 143 28.21 -28.12 10.59
N LYS D 144 27.46 -27.54 9.65
CA LYS D 144 26.53 -26.45 9.94
C LYS D 144 25.30 -26.62 9.06
N SER D 145 24.13 -26.45 9.66
CA SER D 145 22.87 -26.51 8.91
C SER D 145 21.85 -25.63 9.62
N LYS D 146 20.79 -25.29 8.90
CA LYS D 146 19.73 -24.44 9.45
C LYS D 146 18.93 -25.18 10.52
N CYS D 147 18.81 -26.49 10.41
CA CYS D 147 18.19 -27.31 11.46
C CYS D 147 19.30 -27.83 12.37
N PRO D 148 19.21 -27.61 13.69
CA PRO D 148 20.27 -28.09 14.59
C PRO D 148 20.32 -29.59 14.74
N SER D 149 19.18 -30.28 14.55
CA SER D 149 19.16 -31.73 14.70
C SER D 149 19.84 -32.44 13.54
N TYR D 150 19.94 -31.80 12.39
CA TYR D 150 20.70 -32.33 11.27
C TYR D 150 22.20 -32.29 11.52
N VAL D 151 22.65 -31.35 12.36
CA VAL D 151 24.07 -31.16 12.61
C VAL D 151 24.54 -32.20 13.62
N GLY D 152 25.71 -32.78 13.39
CA GLY D 152 26.23 -33.81 14.26
C GLY D 152 25.90 -35.19 13.74
N ILE D 153 25.70 -35.28 12.43
CA ILE D 153 25.38 -36.54 11.77
C ILE D 153 26.49 -36.87 10.78
N THR D 154 27.13 -38.02 10.97
CA THR D 154 28.19 -38.49 10.10
C THR D 154 27.67 -39.67 9.31
N GLY D 155 28.42 -40.09 8.31
CA GLY D 155 28.14 -41.36 7.67
C GLY D 155 28.47 -41.32 6.19
N ILE D 156 28.47 -42.50 5.58
CA ILE D 156 28.69 -42.63 4.15
C ILE D 156 27.35 -42.50 3.44
N LEU D 157 27.37 -41.91 2.25
CA LEU D 157 26.14 -41.61 1.53
C LEU D 157 25.86 -42.70 0.50
N LEU D 158 24.57 -42.94 0.24
CA LEU D 158 24.15 -44.03 -0.61
C LEU D 158 23.38 -43.59 -1.85
N GLN D 159 22.43 -42.67 -1.73
CA GLN D 159 21.66 -42.19 -2.87
C GLN D 159 21.92 -40.70 -3.03
N GLU D 160 21.40 -40.14 -4.13
CA GLU D 160 21.46 -38.70 -4.34
C GLU D 160 20.33 -38.29 -5.29
N THR D 161 19.57 -37.27 -4.90
CA THR D 161 18.36 -36.91 -5.60
C THR D 161 18.47 -35.42 -5.95
N LYS D 162 17.36 -34.78 -6.36
CA LYS D 162 17.35 -33.38 -6.78
C LYS D 162 17.82 -32.41 -5.69
N HIS D 163 17.26 -32.47 -4.49
CA HIS D 163 17.64 -31.51 -3.46
C HIS D 163 17.92 -32.20 -2.12
N ILE D 164 17.93 -33.53 -2.11
CA ILE D 164 18.25 -34.32 -0.92
C ILE D 164 19.28 -35.37 -1.32
N PHE D 165 19.85 -36.04 -0.33
CA PHE D 165 20.55 -37.31 -0.55
C PHE D 165 20.49 -38.13 0.73
N LYS D 166 20.56 -39.45 0.57
CA LYS D 166 20.34 -40.39 1.66
C LYS D 166 21.66 -41.02 2.09
N ILE D 167 21.91 -41.03 3.40
CA ILE D 167 23.11 -41.65 3.96
C ILE D 167 22.71 -42.81 4.85
N ILE D 168 23.70 -43.63 5.20
CA ILE D 168 23.55 -44.61 6.25
C ILE D 168 24.56 -44.29 7.35
N THR D 169 24.15 -44.51 8.61
CA THR D 169 24.94 -44.14 9.77
C THR D 169 25.31 -45.43 10.53
N LYS D 170 25.70 -45.26 11.79
CA LYS D 170 25.88 -46.37 12.72
C LYS D 170 24.54 -46.99 13.12
N GLU D 171 24.57 -47.91 14.07
CA GLU D 171 23.73 -49.12 14.28
C GLU D 171 22.30 -48.94 13.77
N ASP D 172 21.85 -49.93 13.00
CA ASP D 172 21.06 -49.80 11.75
C ASP D 172 19.96 -48.75 11.85
N ARG D 173 20.15 -47.66 11.09
CA ARG D 173 19.19 -46.60 10.83
C ARG D 173 19.81 -45.72 9.73
N LEU D 174 18.96 -45.22 8.83
CA LEU D 174 19.42 -44.37 7.75
C LEU D 174 18.72 -43.03 7.86
N LYS D 175 19.35 -41.99 7.32
CA LYS D 175 18.84 -40.62 7.42
C LYS D 175 18.85 -39.96 6.04
N VAL D 176 17.88 -39.06 5.84
CA VAL D 176 17.74 -38.34 4.57
C VAL D 176 18.11 -36.89 4.81
N ILE D 177 19.26 -36.46 4.28
CA ILE D 177 19.73 -35.10 4.50
C ILE D 177 19.42 -34.23 3.29
N PRO D 178 18.69 -33.13 3.45
CA PRO D 178 18.40 -32.25 2.31
C PRO D 178 19.53 -31.27 2.00
N LYS D 179 19.83 -31.11 0.71
CA LYS D 179 20.79 -30.10 0.29
C LYS D 179 20.08 -28.78 0.00
N LEU D 180 19.65 -28.11 1.06
CA LEU D 180 18.91 -26.87 0.93
C LEU D 180 19.74 -25.70 1.45
N ASN D 181 20.13 -25.76 2.73
CA ASN D 181 21.05 -24.79 3.29
C ASN D 181 21.89 -25.46 4.38
N CYS D 182 23.06 -25.98 4.00
CA CYS D 182 23.88 -26.81 4.87
C CYS D 182 25.25 -26.98 4.25
N VAL D 183 26.20 -27.42 5.06
CA VAL D 183 27.59 -27.60 4.64
C VAL D 183 28.14 -28.88 5.28
N PHE D 184 28.92 -29.63 4.49
CA PHE D 184 29.37 -30.96 4.86
C PHE D 184 30.89 -30.97 4.95
N THR D 185 31.41 -31.46 6.08
CA THR D 185 32.81 -31.81 6.19
C THR D 185 33.04 -33.19 5.57
N VAL D 186 34.00 -33.27 4.65
CA VAL D 186 34.42 -34.51 4.03
C VAL D 186 35.87 -34.75 4.42
N GLU D 187 36.13 -35.94 4.96
CA GLU D 187 37.45 -36.34 5.45
C GLU D 187 38.15 -37.11 4.33
N THR D 188 39.29 -36.58 3.88
CA THR D 188 40.09 -37.23 2.86
C THR D 188 41.10 -38.13 3.58
N ASP D 189 42.11 -38.63 2.87
CA ASP D 189 43.16 -39.40 3.51
C ASP D 189 44.00 -38.52 4.45
N GLY D 190 44.26 -37.27 4.03
CA GLY D 190 45.02 -36.35 4.85
C GLY D 190 44.51 -34.92 4.76
N PHE D 191 43.27 -34.74 4.32
CA PHE D 191 42.70 -33.41 4.12
C PHE D 191 41.27 -33.38 4.64
N ILE D 192 40.78 -32.16 4.86
CA ILE D 192 39.41 -31.91 5.32
C ILE D 192 38.82 -30.82 4.43
N SER D 193 37.67 -31.12 3.81
CA SER D 193 37.06 -30.20 2.85
C SER D 193 35.64 -29.86 3.27
N TYR D 194 35.32 -28.57 3.29
CA TYR D 194 33.97 -28.10 3.52
C TYR D 194 33.27 -27.91 2.18
N ILE D 195 32.07 -28.45 2.05
CA ILE D 195 31.30 -28.37 0.80
C ILE D 195 29.93 -27.80 1.16
N TYR D 196 29.64 -26.59 0.68
CA TYR D 196 28.34 -25.97 0.88
C TYR D 196 27.30 -26.58 -0.05
N GLY D 197 26.41 -27.42 0.49
CA GLY D 197 25.42 -28.09 -0.33
C GLY D 197 24.20 -27.26 -0.69
N SER D 198 24.41 -26.05 -1.21
CA SER D 198 23.31 -25.21 -1.66
C SER D 198 23.12 -25.33 -3.16
N LYS D 199 24.17 -24.96 -3.92
CA LYS D 199 24.15 -25.02 -5.38
C LYS D 199 24.36 -26.42 -5.91
N PHE D 200 24.87 -27.35 -5.09
CA PHE D 200 25.02 -28.74 -5.48
C PHE D 200 23.66 -29.43 -5.48
N GLN D 201 23.04 -29.54 -6.66
CA GLN D 201 21.68 -30.04 -6.77
C GLN D 201 21.38 -30.45 -8.21
N LEU D 202 20.10 -30.74 -8.49
CA LEU D 202 19.56 -30.96 -9.84
C LEU D 202 20.23 -32.09 -10.62
N ARG D 203 20.01 -33.34 -10.19
CA ARG D 203 20.44 -34.58 -10.85
C ARG D 203 21.94 -34.60 -11.15
N SER D 204 22.74 -34.83 -10.09
CA SER D 204 24.15 -34.47 -9.97
C SER D 204 25.07 -35.00 -11.08
N SER D 205 24.57 -35.80 -12.02
CA SER D 205 25.28 -36.00 -13.29
C SER D 205 25.42 -34.70 -14.07
N GLU D 206 24.53 -33.73 -13.84
CA GLU D 206 24.66 -32.40 -14.44
C GLU D 206 25.85 -31.63 -13.87
N ARG D 207 26.33 -32.01 -12.68
CA ARG D 207 27.47 -31.32 -12.09
C ARG D 207 28.75 -31.58 -12.87
N SER D 208 29.03 -32.84 -13.20
CA SER D 208 30.20 -33.18 -13.99
C SER D 208 30.05 -32.82 -15.46
N ALA D 209 28.83 -32.54 -15.93
CA ALA D 209 28.60 -32.26 -17.34
C ALA D 209 28.98 -30.83 -17.70
N LYS D 210 28.26 -29.85 -17.15
CA LYS D 210 28.33 -28.48 -17.64
C LYS D 210 27.67 -27.55 -16.62
N LYS D 211 27.71 -26.24 -16.87
CA LYS D 211 26.94 -25.21 -16.18
C LYS D 211 27.21 -25.11 -14.68
N PHE D 212 28.44 -24.74 -14.30
CA PHE D 212 28.72 -24.36 -12.92
C PHE D 212 29.35 -22.96 -12.98
N LYS D 213 28.58 -21.94 -12.62
CA LYS D 213 29.01 -20.56 -12.64
C LYS D 213 29.12 -20.01 -11.23
N ALA D 214 29.57 -18.75 -11.14
CA ALA D 214 29.82 -18.09 -9.87
C ALA D 214 28.65 -17.18 -9.51
N LYS D 215 27.70 -17.71 -8.75
CA LYS D 215 26.55 -16.94 -8.30
C LYS D 215 26.21 -17.23 -6.84
N GLY D 216 25.99 -16.18 -6.04
CA GLY D 216 25.47 -16.33 -4.70
C GLY D 216 26.45 -16.76 -3.64
N THR D 217 26.28 -16.23 -2.43
CA THR D 217 27.03 -16.66 -1.26
C THR D 217 26.08 -17.25 -0.22
N ILE D 218 26.61 -18.09 0.66
CA ILE D 218 25.81 -18.83 1.64
C ILE D 218 26.32 -18.47 3.03
N ASP D 219 25.44 -17.89 3.86
CA ASP D 219 25.78 -17.40 5.19
C ASP D 219 25.34 -18.44 6.23
N LEU D 220 26.31 -19.21 6.74
CA LEU D 220 26.03 -20.19 7.77
C LEU D 220 26.99 -20.04 8.94
N VAL E 2 11.74 4.64 -11.01
CA VAL E 2 12.68 5.06 -12.04
C VAL E 2 12.68 6.57 -12.16
N ARG E 3 11.86 7.21 -11.34
CA ARG E 3 11.71 8.66 -11.32
C ARG E 3 11.71 9.17 -9.89
N PHE E 4 11.78 10.48 -9.73
CA PHE E 4 11.77 11.09 -8.41
C PHE E 4 10.78 12.24 -8.40
N LYS E 5 9.98 12.32 -7.34
CA LYS E 5 8.92 13.31 -7.27
C LYS E 5 9.49 14.69 -6.95
N HIS E 6 9.57 15.55 -7.96
CA HIS E 6 10.13 16.88 -7.81
C HIS E 6 9.11 17.82 -7.18
N ARG E 7 9.61 18.84 -6.50
CA ARG E 7 8.79 19.91 -5.95
C ARG E 7 9.31 21.24 -6.48
N TYR E 8 8.42 22.20 -6.61
CA TYR E 8 8.74 23.50 -7.19
C TYR E 8 8.18 24.61 -6.33
N LEU E 9 8.76 25.80 -6.46
CA LEU E 9 8.38 26.91 -5.60
C LEU E 9 8.51 28.22 -6.36
N LEU E 10 7.52 29.09 -6.16
CA LEU E 10 7.50 30.43 -6.74
C LEU E 10 7.84 31.46 -5.68
N CYS E 11 8.65 32.46 -6.05
CA CYS E 11 9.04 33.53 -5.14
C CYS E 11 9.07 34.85 -5.90
N GLU E 12 8.44 35.87 -5.33
CA GLU E 12 8.45 37.20 -5.93
C GLU E 12 9.44 38.10 -5.21
N LEU E 13 10.32 38.74 -5.96
CA LEU E 13 11.21 39.77 -5.44
C LEU E 13 10.44 41.07 -5.35
N VAL E 14 10.23 41.57 -4.14
CA VAL E 14 9.47 42.80 -3.95
C VAL E 14 10.42 43.91 -3.52
N SER E 15 10.68 44.85 -4.43
CA SER E 15 11.54 46.00 -4.15
C SER E 15 11.27 47.13 -5.14
N ASP E 16 11.62 48.35 -4.76
CA ASP E 16 11.58 49.49 -5.67
C ASP E 16 12.94 49.58 -6.37
N ASP E 17 13.22 50.73 -7.03
CA ASP E 17 14.47 51.04 -7.73
C ASP E 17 14.82 49.98 -8.79
N PRO E 18 14.20 50.05 -9.98
CA PRO E 18 14.26 48.92 -10.94
C PRO E 18 15.65 48.58 -11.51
N ARG E 19 16.72 49.24 -11.06
CA ARG E 19 18.05 48.67 -11.24
C ARG E 19 18.17 47.32 -10.52
N CYS E 20 17.48 47.18 -9.39
CA CYS E 20 17.36 45.88 -8.73
C CYS E 20 16.57 44.90 -9.59
N ARG E 21 15.58 45.39 -10.34
CA ARG E 21 14.84 44.54 -11.26
C ARG E 21 15.71 44.12 -12.44
N LEU E 22 16.63 44.98 -12.86
CA LEU E 22 17.55 44.67 -13.95
C LEU E 22 18.75 43.84 -13.52
N SER E 23 19.03 43.75 -12.22
CA SER E 23 20.20 43.03 -11.72
C SER E 23 19.81 41.61 -11.34
N LEU E 24 19.67 40.76 -12.35
CA LEU E 24 19.39 39.34 -12.14
C LEU E 24 20.22 38.50 -13.10
N ASP E 25 20.70 37.37 -12.59
CA ASP E 25 21.48 36.42 -13.37
C ASP E 25 21.35 35.04 -12.72
N ASP E 26 21.50 33.98 -13.52
CA ASP E 26 21.31 32.62 -13.00
C ASP E 26 22.43 32.21 -12.05
N ARG E 27 23.69 32.46 -12.45
CA ARG E 27 24.83 32.10 -11.62
C ARG E 27 24.89 32.94 -10.36
N VAL E 28 24.55 34.23 -10.47
CA VAL E 28 24.59 35.13 -9.32
C VAL E 28 23.51 34.73 -8.30
N LEU E 29 22.31 34.40 -8.79
CA LEU E 29 21.23 33.99 -7.89
C LEU E 29 21.53 32.63 -7.26
N SER E 30 22.15 31.72 -8.04
CA SER E 30 22.49 30.41 -7.51
C SER E 30 23.56 30.52 -6.42
N SER E 31 24.60 31.34 -6.66
CA SER E 31 25.63 31.55 -5.65
C SER E 31 25.09 32.29 -4.43
N LEU E 32 24.13 33.20 -4.65
CA LEU E 32 23.50 33.91 -3.54
C LEU E 32 22.70 32.96 -2.65
N VAL E 33 21.89 32.09 -3.26
CA VAL E 33 21.07 31.15 -2.49
C VAL E 33 21.95 30.13 -1.78
N ARG E 34 23.00 29.66 -2.45
CA ARG E 34 23.92 28.72 -1.80
C ARG E 34 24.68 29.37 -0.64
N ASP E 35 25.08 30.63 -0.80
CA ASP E 35 25.82 31.31 0.26
C ASP E 35 24.92 31.67 1.44
N THR E 36 23.64 31.95 1.18
CA THR E 36 22.76 32.29 2.30
C THR E 36 22.18 31.05 2.96
N ILE E 37 22.21 29.90 2.27
CA ILE E 37 21.89 28.65 2.94
C ILE E 37 23.08 28.16 3.75
N ALA E 38 24.30 28.41 3.27
CA ALA E 38 25.51 28.02 3.99
C ALA E 38 25.67 28.78 5.31
N ARG E 39 25.09 29.98 5.39
CA ARG E 39 25.04 30.69 6.66
C ARG E 39 24.01 30.08 7.59
N VAL E 40 22.87 29.66 7.04
CA VAL E 40 21.77 29.14 7.85
C VAL E 40 21.98 27.66 8.16
N HIS E 41 22.23 26.87 7.12
CA HIS E 41 22.43 25.43 7.26
C HIS E 41 23.89 25.10 7.00
N GLY E 42 24.34 23.94 7.46
CA GLY E 42 25.71 23.53 7.28
C GLY E 42 25.97 22.83 5.96
N THR E 43 26.80 21.78 6.00
CA THR E 43 27.12 21.02 4.80
C THR E 43 25.94 20.16 4.36
N PHE E 44 25.20 19.61 5.33
CA PHE E 44 24.09 18.71 5.04
C PHE E 44 22.92 19.46 4.40
N GLY E 45 22.74 20.73 4.79
CA GLY E 45 21.65 21.51 4.21
C GLY E 45 22.00 22.13 2.88
N ALA E 46 23.23 22.62 2.74
CA ALA E 46 23.61 23.35 1.53
C ALA E 46 24.06 22.42 0.42
N ALA E 47 24.65 21.28 0.76
CA ALA E 47 25.17 20.36 -0.25
C ALA E 47 24.05 19.56 -0.89
N ALA E 48 22.95 19.36 -0.16
CA ALA E 48 21.75 18.80 -0.76
C ALA E 48 21.13 19.77 -1.75
N CYS E 49 21.36 21.07 -1.59
CA CYS E 49 20.97 22.07 -2.56
C CYS E 49 21.95 22.18 -3.72
N SER E 50 23.10 21.52 -3.62
CA SER E 50 24.07 21.55 -4.72
C SER E 50 23.74 20.48 -5.76
N ILE E 51 22.90 19.52 -5.40
CA ILE E 51 22.53 18.43 -6.30
C ILE E 51 21.03 18.49 -6.62
N GLY E 52 20.21 18.90 -5.65
CA GLY E 52 18.78 18.95 -5.84
C GLY E 52 18.28 20.31 -6.31
N PHE E 53 18.68 21.36 -5.61
CA PHE E 53 18.26 22.71 -5.96
C PHE E 53 18.99 23.21 -7.20
N ALA E 54 18.24 23.82 -8.10
CA ALA E 54 18.79 24.45 -9.30
C ALA E 54 17.84 25.53 -9.78
N VAL E 55 18.34 26.52 -10.52
CA VAL E 55 17.49 27.56 -11.06
C VAL E 55 16.72 27.01 -12.27
N ARG E 56 15.44 27.31 -12.32
CA ARG E 56 14.60 26.80 -13.42
C ARG E 56 13.93 27.86 -14.27
N TYR E 57 13.30 28.86 -13.64
CA TYR E 57 12.62 29.88 -14.42
C TYR E 57 12.82 31.24 -13.78
N LEU E 58 13.23 32.22 -14.60
CA LEU E 58 13.60 33.55 -14.12
C LEU E 58 13.07 34.61 -15.08
N ASN E 59 12.51 35.68 -14.51
CA ASN E 59 12.12 36.85 -15.28
C ASN E 59 12.73 38.08 -14.63
N ALA E 60 13.31 38.96 -15.45
CA ALA E 60 13.98 40.15 -14.94
C ALA E 60 13.00 41.18 -14.42
N TYR E 61 12.10 41.67 -15.29
CA TYR E 61 11.21 42.75 -14.91
C TYR E 61 10.08 42.27 -14.02
N THR E 62 9.61 41.04 -14.24
CA THR E 62 8.45 40.54 -13.51
C THR E 62 8.82 40.19 -12.07
N GLY E 63 9.98 39.58 -11.86
CA GLY E 63 10.43 39.27 -10.52
C GLY E 63 9.87 38.00 -9.94
N ILE E 64 9.33 37.11 -10.77
CA ILE E 64 8.83 35.81 -10.34
C ILE E 64 9.89 34.77 -10.66
N VAL E 65 10.31 34.03 -9.64
CA VAL E 65 11.37 33.03 -9.76
C VAL E 65 10.78 31.67 -9.40
N LEU E 66 10.91 30.71 -10.32
CA LEU E 66 10.48 29.35 -10.11
C LEU E 66 11.70 28.45 -9.93
N LEU E 67 11.75 27.75 -8.80
CA LEU E 67 12.90 26.98 -8.37
C LEU E 67 12.48 25.54 -8.07
N ARG E 68 13.45 24.64 -8.18
CA ARG E 68 13.21 23.23 -7.91
C ARG E 68 13.70 22.86 -6.51
N CYS E 69 13.27 21.70 -6.04
CA CYS E 69 13.63 21.20 -4.72
C CYS E 69 13.07 19.79 -4.55
N ARG E 70 13.76 18.99 -3.73
CA ARG E 70 13.45 17.56 -3.58
C ARG E 70 12.30 17.29 -2.62
N LYS E 71 11.95 16.01 -2.47
CA LYS E 71 10.89 15.57 -1.56
C LYS E 71 11.30 15.67 -0.10
N GLU E 72 12.52 15.27 0.22
CA GLU E 72 12.95 15.26 1.61
C GLU E 72 13.69 16.53 1.99
N PHE E 73 13.63 17.54 1.11
CA PHE E 73 14.42 18.75 1.38
C PHE E 73 13.67 20.04 1.11
N TYR E 74 12.43 19.98 0.62
CA TYR E 74 11.72 21.22 0.30
C TYR E 74 11.32 21.98 1.54
N GLN E 75 11.10 21.28 2.67
CA GLN E 75 10.84 21.96 3.93
C GLN E 75 12.07 22.76 4.37
N LEU E 76 13.26 22.18 4.21
CA LEU E 76 14.50 22.89 4.54
C LEU E 76 14.74 24.06 3.61
N VAL E 77 14.47 23.88 2.32
CA VAL E 77 14.67 24.97 1.35
C VAL E 77 13.69 26.11 1.61
N TRP E 78 12.42 25.78 1.81
CA TRP E 78 11.39 26.79 2.05
C TRP E 78 11.51 27.41 3.43
N SER E 79 12.21 26.75 4.37
CA SER E 79 12.53 27.40 5.64
C SER E 79 13.79 28.26 5.53
N ALA E 80 14.64 27.97 4.55
CA ALA E 80 15.83 28.77 4.29
C ALA E 80 15.54 29.99 3.42
N LEU E 81 14.43 30.00 2.69
CA LEU E 81 13.99 31.14 1.88
C LEU E 81 13.79 32.49 2.58
N PRO E 82 13.20 32.60 3.83
CA PRO E 82 13.05 33.94 4.41
C PRO E 82 14.36 34.59 4.85
N PHE E 83 15.39 33.78 5.07
CA PHE E 83 16.66 34.32 5.56
C PHE E 83 17.59 34.80 4.46
N ILE E 84 17.06 35.08 3.26
CA ILE E 84 17.85 35.65 2.18
C ILE E 84 17.90 37.15 2.36
N THR E 85 18.93 37.65 3.03
CA THR E 85 19.07 39.07 3.34
C THR E 85 20.43 39.58 2.88
N TYR E 86 20.48 40.89 2.68
CA TYR E 86 21.68 41.68 2.36
C TYR E 86 22.37 41.18 1.09
N LEU E 87 21.71 41.35 -0.05
CA LEU E 87 22.35 41.17 -1.35
C LEU E 87 23.20 42.41 -1.63
N GLU E 88 24.52 42.22 -1.63
CA GLU E 88 25.45 43.28 -1.95
C GLU E 88 25.82 43.20 -3.42
N ASN E 89 25.76 44.36 -4.09
CA ASN E 89 25.94 44.42 -5.53
C ASN E 89 26.60 45.77 -5.85
N LYS E 90 26.54 46.20 -7.11
CA LYS E 90 27.10 47.48 -7.53
C LYS E 90 26.44 48.69 -6.86
N GLY E 91 25.20 48.55 -6.41
CA GLY E 91 24.56 49.61 -5.65
C GLY E 91 24.15 49.09 -4.29
N HIS E 92 23.59 50.00 -3.49
CA HIS E 92 23.13 49.68 -2.14
C HIS E 92 21.64 49.33 -2.23
N ARG E 93 21.36 48.05 -2.38
CA ARG E 93 20.02 47.55 -2.60
C ARG E 93 19.58 46.70 -1.42
N TYR E 94 18.26 46.53 -1.27
CA TYR E 94 17.72 45.61 -0.27
C TYR E 94 16.60 44.79 -0.87
N PRO E 95 16.89 43.75 -1.68
CA PRO E 95 15.81 42.93 -2.24
C PRO E 95 15.33 41.88 -1.26
N CYS E 96 14.14 41.34 -1.48
CA CYS E 96 13.55 40.37 -0.56
C CYS E 96 12.49 39.54 -1.28
N PHE E 97 12.55 38.23 -1.03
CA PHE E 97 11.64 37.26 -1.62
C PHE E 97 10.38 37.14 -0.77
N PHE E 98 9.27 36.81 -1.44
CA PHE E 98 8.02 36.50 -0.76
C PHE E 98 7.32 35.38 -1.52
N ASN E 99 6.86 34.37 -0.79
CA ASN E 99 6.19 33.23 -1.41
C ASN E 99 4.76 33.54 -1.82
N THR E 100 4.38 33.14 -3.03
CA THR E 100 3.01 33.27 -3.49
C THR E 100 2.16 32.06 -3.10
N LEU E 101 2.53 30.88 -3.60
CA LEU E 101 1.87 29.63 -3.27
C LEU E 101 2.84 28.50 -3.58
N HIS E 102 2.79 27.45 -2.76
CA HIS E 102 3.67 26.30 -2.93
C HIS E 102 2.95 25.24 -3.75
N VAL E 103 3.49 24.94 -4.92
CA VAL E 103 2.89 23.98 -5.85
C VAL E 103 3.70 22.69 -5.77
N GLY E 104 3.01 21.58 -5.57
CA GLY E 104 3.66 20.29 -5.41
C GLY E 104 4.10 19.68 -6.73
N GLY E 105 5.20 20.18 -7.29
CA GLY E 105 5.64 19.73 -8.59
C GLY E 105 4.81 20.35 -9.69
N THR E 106 4.35 19.53 -10.66
CA THR E 106 3.31 19.79 -11.67
C THR E 106 3.38 21.17 -12.32
N ILE E 107 4.41 21.36 -13.15
CA ILE E 107 4.76 22.63 -13.80
C ILE E 107 3.57 23.23 -14.57
N ARG E 108 2.69 22.40 -15.12
CA ARG E 108 1.59 22.87 -15.96
C ARG E 108 0.59 23.70 -15.16
N THR E 109 0.14 23.20 -14.01
CA THR E 109 -0.80 23.99 -13.21
C THR E 109 -0.08 25.10 -12.45
N CYS E 110 1.25 25.00 -12.33
CA CYS E 110 2.03 26.12 -11.79
C CYS E 110 2.06 27.27 -12.78
N GLN E 111 2.08 26.97 -14.08
CA GLN E 111 1.95 28.00 -15.10
C GLN E 111 0.51 28.48 -15.22
N LYS E 112 -0.45 27.60 -14.91
CA LYS E 112 -1.85 28.01 -14.88
C LYS E 112 -2.12 29.00 -13.76
N PHE E 113 -1.57 28.75 -12.56
CA PHE E 113 -1.77 29.63 -11.42
C PHE E 113 -1.02 30.96 -11.60
N LEU E 114 0.05 30.93 -12.41
CA LEU E 114 0.79 32.16 -12.68
C LEU E 114 -0.03 33.11 -13.55
N ILE E 115 -0.84 32.57 -14.45
CA ILE E 115 -1.65 33.41 -15.34
C ILE E 115 -2.76 34.10 -14.57
N GLN E 116 -3.43 33.37 -13.66
CA GLN E 116 -4.45 33.99 -12.82
C GLN E 116 -3.86 35.01 -11.86
N TYR E 117 -2.65 34.75 -11.36
CA TYR E 117 -1.97 35.71 -10.50
C TYR E 117 -1.59 36.97 -11.27
N ASN E 118 -1.19 36.80 -12.54
CA ASN E 118 -0.86 37.96 -13.37
C ASN E 118 -2.12 38.76 -13.71
N ARG E 119 -3.24 38.08 -13.94
CA ARG E 119 -4.50 38.77 -14.20
C ARG E 119 -4.98 39.52 -12.97
N ARG E 120 -4.78 38.95 -11.77
CA ARG E 120 -5.11 39.66 -10.55
C ARG E 120 -4.18 40.84 -10.33
N GLN E 121 -2.92 40.72 -10.77
CA GLN E 121 -1.98 41.83 -10.62
C GLN E 121 -2.29 42.96 -11.60
N LEU E 122 -2.85 42.62 -12.77
CA LEU E 122 -3.30 43.64 -13.71
C LEU E 122 -4.59 44.32 -13.25
N LEU E 123 -5.62 43.55 -12.91
CA LEU E 123 -6.96 44.12 -12.80
C LEU E 123 -7.14 44.95 -11.53
N ILE E 124 -6.45 44.58 -10.45
CA ILE E 124 -6.61 45.28 -9.17
C ILE E 124 -5.90 46.63 -9.19
N LEU E 125 -4.82 46.76 -9.96
CA LEU E 125 -4.02 47.98 -9.99
C LEU E 125 -4.72 49.09 -10.77
N LEU E 126 -5.79 48.77 -11.49
CA LEU E 126 -6.42 49.68 -12.44
C LEU E 126 -7.15 50.86 -11.81
N GLN E 127 -7.97 50.60 -10.79
CA GLN E 127 -8.91 51.60 -10.29
C GLN E 127 -8.21 52.64 -9.41
N ASN E 128 -7.14 52.24 -8.72
CA ASN E 128 -6.43 53.13 -7.81
C ASN E 128 -5.55 54.14 -8.52
N CYS E 129 -5.08 53.83 -9.73
CA CYS E 129 -4.18 54.72 -10.45
C CYS E 129 -4.94 55.81 -11.20
N THR E 130 -5.92 55.38 -12.02
CA THR E 130 -6.77 56.23 -12.86
C THR E 130 -5.92 57.08 -13.80
N ASP E 131 -5.24 56.43 -14.75
CA ASP E 131 -4.41 57.12 -15.72
C ASP E 131 -4.56 56.43 -17.08
N GLU E 132 -4.74 57.23 -18.15
CA GLU E 132 -5.05 56.66 -19.46
C GLU E 132 -3.82 56.16 -20.19
N GLY E 133 -2.63 56.66 -19.85
CA GLY E 133 -1.41 56.25 -20.54
C GLY E 133 -1.05 54.80 -20.29
N GLU E 134 -1.26 54.34 -19.06
CA GLU E 134 -1.15 52.92 -18.75
C GLU E 134 -2.41 52.14 -19.16
N ARG E 135 -3.56 52.82 -19.19
CA ARG E 135 -4.82 52.14 -19.49
C ARG E 135 -4.88 51.72 -20.95
N GLU E 136 -4.23 52.48 -21.84
CA GLU E 136 -4.14 52.07 -23.24
C GLU E 136 -3.32 50.79 -23.41
N ALA E 137 -2.21 50.68 -22.67
CA ALA E 137 -1.42 49.44 -22.72
C ALA E 137 -2.17 48.28 -22.06
N ILE E 138 -3.00 48.58 -21.05
CA ILE E 138 -3.86 47.56 -20.44
C ILE E 138 -4.89 47.06 -21.46
N GLN E 139 -5.49 47.97 -22.22
CA GLN E 139 -6.45 47.58 -23.25
C GLN E 139 -5.79 46.76 -24.36
N LYS E 140 -4.55 47.14 -24.73
CA LYS E 140 -3.80 46.36 -25.71
C LYS E 140 -3.46 44.97 -25.19
N SER E 141 -3.12 44.87 -23.90
CA SER E 141 -2.80 43.56 -23.31
C SER E 141 -4.03 42.68 -23.22
N VAL E 142 -5.19 43.26 -22.89
CA VAL E 142 -6.44 42.51 -22.83
C VAL E 142 -6.84 42.04 -24.23
N THR E 143 -6.63 42.90 -25.24
CA THR E 143 -6.94 42.53 -26.62
C THR E 143 -6.02 41.40 -27.11
N ARG E 144 -4.73 41.48 -26.78
CA ARG E 144 -3.79 40.43 -27.17
C ARG E 144 -4.04 39.13 -26.42
N SER E 145 -4.57 39.22 -25.19
CA SER E 145 -4.91 38.01 -24.46
C SER E 145 -6.20 37.38 -25.01
N CYS E 146 -7.12 38.22 -25.51
CA CYS E 146 -8.34 37.69 -26.10
C CYS E 146 -8.07 37.13 -27.49
N LEU E 147 -6.99 37.57 -28.14
CA LEU E 147 -6.60 36.98 -29.42
C LEU E 147 -6.00 35.59 -29.23
N LEU E 148 -5.52 35.30 -28.03
CA LEU E 148 -4.96 33.98 -27.73
C LEU E 148 -6.07 32.94 -27.58
N MET F 1 -38.21 50.35 14.21
CA MET F 1 -38.52 49.90 12.86
C MET F 1 -38.55 51.07 11.89
N GLU F 2 -37.48 51.86 11.88
CA GLU F 2 -37.37 53.04 11.03
C GLU F 2 -36.23 52.84 10.04
N ASN F 3 -36.55 52.87 8.75
CA ASN F 3 -35.56 52.59 7.71
C ASN F 3 -35.35 53.82 6.82
N PHE F 4 -34.09 54.01 6.40
CA PHE F 4 -33.72 55.03 5.44
C PHE F 4 -32.99 54.37 4.29
N ARG F 5 -33.42 54.68 3.07
CA ARG F 5 -32.92 54.01 1.87
C ARG F 5 -32.31 55.03 0.92
N LYS F 6 -31.03 54.81 0.60
CA LYS F 6 -30.26 55.70 -0.26
C LYS F 6 -29.93 54.97 -1.55
N VAL F 7 -30.29 55.56 -2.69
CA VAL F 7 -29.98 55.00 -3.99
C VAL F 7 -28.69 55.61 -4.51
N ARG F 8 -27.73 54.76 -4.83
CA ARG F 8 -26.44 55.23 -5.35
C ARG F 8 -26.54 55.56 -6.83
N GLY F 21 -30.77 54.69 -12.29
CA GLY F 21 -31.01 55.71 -13.31
C GLY F 21 -30.39 57.05 -12.96
N GLY F 22 -29.06 57.10 -12.97
CA GLY F 22 -28.34 58.31 -12.61
C GLY F 22 -28.13 59.29 -13.75
N PRO F 23 -27.47 58.84 -14.83
CA PRO F 23 -27.38 59.71 -16.02
C PRO F 23 -28.59 59.57 -16.94
N GLY F 24 -29.34 58.47 -16.78
CA GLY F 24 -30.46 58.18 -17.64
C GLY F 24 -31.73 58.95 -17.32
N SER F 25 -31.84 59.45 -16.09
CA SER F 25 -33.08 60.11 -15.66
C SER F 25 -33.26 61.48 -16.27
N GLY F 26 -32.19 62.06 -16.83
CA GLY F 26 -32.22 63.37 -17.45
C GLY F 26 -33.16 63.52 -18.64
N PRO F 27 -32.98 62.70 -19.71
CA PRO F 27 -33.91 62.78 -20.85
C PRO F 27 -35.33 62.35 -20.52
N PHE F 28 -35.52 61.53 -19.48
CA PHE F 28 -36.86 61.23 -19.02
C PHE F 28 -37.50 62.43 -18.32
N ALA F 29 -36.73 63.10 -17.45
CA ALA F 29 -37.26 64.25 -16.73
C ALA F 29 -37.44 65.45 -17.65
N ASP F 30 -36.80 65.42 -18.82
CA ASP F 30 -37.12 66.36 -19.88
C ASP F 30 -38.52 66.13 -20.46
N LEU F 31 -39.09 64.93 -20.26
CA LEU F 31 -40.41 64.60 -20.78
C LEU F 31 -41.44 64.25 -19.70
N ALA F 32 -41.03 64.18 -18.42
CA ALA F 32 -41.86 63.99 -17.22
C ALA F 32 -42.78 62.76 -17.28
N PRO F 33 -42.24 61.54 -17.13
CA PRO F 33 -43.10 60.34 -17.20
C PRO F 33 -43.80 60.05 -15.89
N GLY F 34 -44.47 58.90 -15.81
CA GLY F 34 -45.06 58.43 -14.57
C GLY F 34 -44.10 57.48 -13.87
N ALA F 35 -43.84 57.77 -12.60
CA ALA F 35 -42.87 57.02 -11.80
C ALA F 35 -43.60 55.91 -11.05
N VAL F 36 -42.97 54.75 -10.94
CA VAL F 36 -43.54 53.57 -10.28
C VAL F 36 -42.51 53.06 -9.29
N HIS F 37 -42.92 52.91 -8.03
CA HIS F 37 -42.07 52.37 -6.97
C HIS F 37 -42.78 51.21 -6.27
N MET F 38 -42.04 50.14 -6.02
CA MET F 38 -42.56 48.93 -5.36
C MET F 38 -41.65 48.68 -4.17
N ARG F 39 -42.14 48.99 -2.96
CA ARG F 39 -41.28 49.03 -1.77
C ARG F 39 -40.74 47.66 -1.34
N VAL F 40 -41.58 46.82 -0.73
CA VAL F 40 -41.12 45.50 -0.28
C VAL F 40 -42.06 44.41 -0.79
N LYS F 41 -43.30 44.43 -0.30
CA LYS F 41 -44.26 43.34 -0.47
C LYS F 41 -45.67 43.90 -0.35
N GLU F 42 -46.40 43.95 -1.46
CA GLU F 42 -47.74 44.52 -1.50
C GLU F 42 -48.56 43.99 -2.67
N GLY F 43 -49.81 43.61 -2.39
CA GLY F 43 -50.59 42.87 -3.38
C GLY F 43 -51.47 43.74 -4.26
N SER F 44 -52.27 44.61 -3.64
CA SER F 44 -53.25 45.41 -4.39
C SER F 44 -52.57 46.54 -5.17
N LYS F 45 -51.32 46.85 -4.83
CA LYS F 45 -50.56 47.87 -5.54
C LYS F 45 -50.27 47.44 -6.97
N ILE F 46 -50.15 46.13 -7.20
CA ILE F 46 -49.98 45.60 -8.56
C ILE F 46 -51.19 45.92 -9.42
N ARG F 47 -52.40 45.69 -8.87
CA ARG F 47 -53.63 46.01 -9.58
C ARG F 47 -53.78 47.52 -9.79
N ASN F 48 -53.37 48.31 -8.78
CA ASN F 48 -53.45 49.76 -8.90
C ASN F 48 -52.51 50.29 -9.98
N LEU F 49 -51.29 49.74 -10.07
CA LEU F 49 -50.33 50.20 -11.06
C LEU F 49 -50.71 49.71 -12.46
N MET F 50 -51.32 48.53 -12.56
CA MET F 50 -51.85 48.11 -13.86
C MET F 50 -53.03 48.98 -14.28
N ALA F 51 -53.83 49.44 -13.32
CA ALA F 51 -54.92 50.37 -13.63
C ALA F 51 -54.38 51.72 -14.11
N PHE F 52 -53.31 52.21 -13.47
CA PHE F 52 -52.70 53.46 -13.93
C PHE F 52 -52.00 53.29 -15.28
N ALA F 53 -51.47 52.10 -15.55
CA ALA F 53 -50.87 51.86 -16.87
C ALA F 53 -51.93 51.82 -17.96
N THR F 54 -53.07 51.18 -17.67
CA THR F 54 -54.19 51.14 -18.60
C THR F 54 -54.78 52.53 -18.82
N ALA F 55 -54.78 53.36 -17.77
CA ALA F 55 -55.26 54.73 -17.90
C ALA F 55 -54.28 55.59 -18.71
N SER F 56 -52.98 55.49 -18.43
CA SER F 56 -51.97 56.30 -19.11
C SER F 56 -51.73 55.83 -20.53
N MET F 57 -52.19 54.62 -20.89
CA MET F 57 -52.21 54.23 -22.30
C MET F 57 -53.17 55.11 -23.09
N ALA F 58 -54.28 55.52 -22.48
CA ALA F 58 -55.26 56.37 -23.13
C ALA F 58 -55.03 57.86 -22.90
N GLN F 59 -54.41 58.24 -21.78
CA GLN F 59 -54.13 59.64 -21.49
C GLN F 59 -53.00 60.14 -22.40
N PRO F 60 -53.01 61.43 -22.79
CA PRO F 60 -51.96 61.94 -23.67
C PRO F 60 -50.62 62.09 -22.96
N ALA F 61 -49.67 61.22 -23.32
CA ALA F 61 -48.33 61.23 -22.74
C ALA F 61 -47.40 60.54 -23.73
N THR F 62 -46.11 60.82 -23.59
CA THR F 62 -45.09 60.25 -24.48
C THR F 62 -44.83 58.80 -24.11
N ARG F 63 -44.20 58.07 -25.04
CA ARG F 63 -43.89 56.67 -24.83
C ARG F 63 -42.69 56.51 -23.91
N ALA F 64 -42.91 56.61 -22.61
CA ALA F 64 -41.83 56.53 -21.62
C ALA F 64 -42.44 56.09 -20.30
N ILE F 65 -42.15 54.85 -19.89
CA ILE F 65 -42.69 54.28 -18.66
C ILE F 65 -41.51 53.87 -17.78
N VAL F 66 -41.56 54.27 -16.51
CA VAL F 66 -40.46 54.02 -15.57
C VAL F 66 -40.97 53.14 -14.44
N PHE F 67 -40.27 52.03 -14.19
CA PHE F 67 -40.53 51.14 -13.06
C PHE F 67 -39.29 51.10 -12.19
N SER F 68 -39.48 51.06 -10.87
CA SER F 68 -38.37 50.96 -9.92
C SER F 68 -38.72 49.97 -8.82
N GLY F 69 -37.71 49.23 -8.37
CA GLY F 69 -37.91 48.28 -7.30
C GLY F 69 -36.67 48.01 -6.47
N CYS F 70 -36.86 47.83 -5.17
CA CYS F 70 -35.75 47.56 -4.24
C CYS F 70 -36.13 46.43 -3.30
N GLY F 71 -35.12 45.78 -2.74
CA GLY F 71 -35.33 44.69 -1.82
C GLY F 71 -35.90 43.46 -2.49
N ARG F 72 -36.73 42.74 -1.73
CA ARG F 72 -37.40 41.53 -2.23
C ARG F 72 -38.31 41.84 -3.41
N ALA F 73 -38.85 43.08 -3.46
CA ALA F 73 -39.65 43.53 -4.58
C ALA F 73 -38.89 43.61 -5.91
N THR F 74 -37.57 43.33 -5.91
CA THR F 74 -36.85 43.21 -7.17
C THR F 74 -37.29 41.98 -7.97
N THR F 75 -38.06 41.05 -7.36
CA THR F 75 -38.72 40.07 -8.19
C THR F 75 -40.03 40.61 -8.75
N LYS F 76 -40.76 41.41 -7.95
CA LYS F 76 -42.14 41.75 -8.28
C LYS F 76 -42.20 42.78 -9.40
N THR F 77 -41.22 43.69 -9.43
CA THR F 77 -41.13 44.65 -10.52
C THR F 77 -40.74 43.98 -11.83
N VAL F 78 -40.18 42.76 -11.76
CA VAL F 78 -39.96 42.01 -12.98
C VAL F 78 -41.27 41.39 -13.46
N THR F 79 -42.17 41.06 -12.53
CA THR F 79 -43.40 40.36 -12.89
C THR F 79 -44.43 41.30 -13.53
N CYS F 80 -44.82 42.34 -12.79
CA CYS F 80 -45.91 43.22 -13.21
C CYS F 80 -45.55 44.00 -14.47
N ALA F 81 -44.31 44.45 -14.60
CA ALA F 81 -43.86 45.14 -15.81
C ALA F 81 -43.79 44.19 -17.00
N GLU F 82 -43.74 42.88 -16.72
CA GLU F 82 -43.88 41.89 -17.79
C GLU F 82 -45.31 41.87 -18.30
N ILE F 83 -46.29 42.03 -17.40
CA ILE F 83 -47.71 41.86 -17.73
C ILE F 83 -48.17 42.96 -18.68
N LEU F 84 -47.71 44.19 -18.42
CA LEU F 84 -47.98 45.31 -19.32
C LEU F 84 -47.34 45.09 -20.69
N LYS F 85 -46.21 44.37 -20.72
CA LYS F 85 -45.59 44.05 -22.00
C LYS F 85 -46.40 43.03 -22.76
N ARG F 86 -47.26 42.27 -22.05
CA ARG F 86 -48.21 41.41 -22.73
C ARG F 86 -49.44 42.16 -23.22
N ARG F 87 -49.64 43.40 -22.75
CA ARG F 87 -50.82 44.15 -23.14
C ARG F 87 -50.47 45.38 -23.98
N LEU F 88 -49.57 46.23 -23.46
CA LEU F 88 -49.17 47.42 -24.20
C LEU F 88 -48.28 47.08 -25.38
N ALA F 89 -47.54 45.97 -25.29
CA ALA F 89 -46.60 45.47 -26.30
C ALA F 89 -45.54 46.53 -26.63
N GLY F 90 -44.73 46.83 -25.60
CA GLY F 90 -43.64 47.77 -25.74
C GLY F 90 -42.50 47.22 -26.59
N LEU F 91 -41.54 48.07 -26.94
CA LEU F 91 -40.51 47.65 -27.89
C LEU F 91 -39.11 47.67 -27.27
N HIS F 92 -38.74 48.73 -26.56
CA HIS F 92 -37.37 48.86 -26.06
C HIS F 92 -37.39 49.09 -24.56
N GLN F 93 -36.86 48.14 -23.79
CA GLN F 93 -36.81 48.25 -22.35
C GLN F 93 -35.39 48.08 -21.83
N VAL F 94 -34.94 49.03 -21.03
CA VAL F 94 -33.63 49.00 -20.39
C VAL F 94 -33.83 48.61 -18.94
N THR F 95 -33.16 47.55 -18.50
CA THR F 95 -33.19 47.11 -17.11
C THR F 95 -31.85 47.43 -16.47
N ARG F 96 -31.86 48.40 -15.56
CA ARG F 96 -30.65 48.86 -14.86
C ARG F 96 -30.60 48.26 -13.46
N LEU F 97 -29.37 47.94 -13.04
CA LEU F 97 -29.11 47.15 -11.85
C LEU F 97 -28.07 47.88 -11.01
N ARG F 98 -28.46 48.39 -9.85
CA ARG F 98 -27.57 49.24 -9.07
C ARG F 98 -27.66 48.87 -7.58
N TYR F 99 -26.76 49.42 -6.77
CA TYR F 99 -26.72 49.20 -5.33
C TYR F 99 -27.64 50.18 -4.62
N ARG F 100 -28.28 49.70 -3.54
CA ARG F 100 -29.07 50.58 -2.68
C ARG F 100 -28.75 50.24 -1.23
N SER F 101 -28.58 51.28 -0.41
CA SER F 101 -28.17 51.10 0.98
C SER F 101 -29.38 51.32 1.89
N VAL F 102 -29.67 50.33 2.73
CA VAL F 102 -30.82 50.39 3.63
C VAL F 102 -30.27 50.41 5.06
N ARG F 103 -30.38 51.56 5.72
CA ARG F 103 -29.99 51.70 7.12
C ARG F 103 -31.26 51.71 7.96
N GLU F 104 -31.47 50.62 8.69
CA GLU F 104 -32.69 50.47 9.48
C GLU F 104 -32.39 50.28 10.96
N VAL F 105 -33.24 50.89 11.78
CA VAL F 105 -33.15 50.84 13.23
C VAL F 105 -34.33 50.03 13.74
N TRP F 106 -34.06 49.03 14.57
CA TRP F 106 -35.10 48.17 15.11
C TRP F 106 -34.77 47.89 16.57
N GLN F 107 -35.66 47.16 17.25
CA GLN F 107 -35.52 46.86 18.66
C GLN F 107 -35.76 45.37 18.90
N SER F 108 -34.97 44.80 19.81
CA SER F 108 -35.07 43.38 20.14
C SER F 108 -35.76 43.17 21.47
N ALA F 124 -33.37 47.07 23.59
CA ALA F 124 -32.13 47.51 22.97
C ALA F 124 -32.36 47.87 21.50
N SER F 125 -32.09 49.13 21.16
CA SER F 125 -32.26 49.63 19.80
C SER F 125 -30.94 49.47 19.04
N LEU F 126 -31.02 48.78 17.90
CA LEU F 126 -29.84 48.51 17.09
C LEU F 126 -30.10 48.92 15.64
N SER F 127 -29.09 49.49 15.02
CA SER F 127 -29.16 49.86 13.61
C SER F 127 -28.25 48.97 12.78
N VAL F 128 -28.68 48.66 11.56
CA VAL F 128 -27.94 47.79 10.66
C VAL F 128 -28.03 48.38 9.24
N LEU F 129 -26.94 48.30 8.50
CA LEU F 129 -26.85 48.82 7.13
C LEU F 129 -26.67 47.64 6.18
N LYS F 130 -27.73 47.35 5.42
CA LYS F 130 -27.70 46.30 4.42
C LYS F 130 -27.54 46.90 3.02
N ASN F 131 -27.08 46.07 2.09
CA ASN F 131 -26.92 46.44 0.70
C ASN F 131 -27.85 45.56 -0.14
N VAL F 132 -28.80 46.18 -0.82
CA VAL F 132 -29.82 45.46 -1.57
C VAL F 132 -29.65 45.82 -3.04
N PRO F 133 -30.07 44.93 -3.96
CA PRO F 133 -30.11 45.30 -5.37
C PRO F 133 -31.30 46.19 -5.69
N GLY F 134 -31.13 47.08 -6.65
CA GLY F 134 -32.21 47.93 -7.12
C GLY F 134 -32.34 47.81 -8.62
N LEU F 135 -33.56 47.54 -9.08
CA LEU F 135 -33.83 47.19 -10.46
C LEU F 135 -34.78 48.23 -11.05
N ALA F 136 -34.38 48.83 -12.15
CA ALA F 136 -35.19 49.84 -12.84
C ALA F 136 -35.49 49.38 -14.26
N ILE F 137 -36.72 49.60 -14.71
CA ILE F 137 -37.17 49.20 -16.03
C ILE F 137 -37.63 50.44 -16.77
N LEU F 138 -37.07 50.68 -17.96
CA LEU F 138 -37.36 51.86 -18.77
C LEU F 138 -37.96 51.37 -20.08
N LEU F 139 -39.27 51.58 -20.24
CA LEU F 139 -40.00 51.25 -21.45
C LEU F 139 -40.09 52.48 -22.36
N SER F 140 -39.68 52.30 -23.62
CA SER F 140 -39.71 53.37 -24.62
C SER F 140 -39.67 52.79 -26.03
N LYS F 141 -39.99 53.64 -27.01
CA LYS F 141 -39.98 53.26 -28.41
C LYS F 141 -39.00 54.10 -29.23
N ASP F 142 -39.11 55.43 -29.14
CA ASP F 142 -38.40 56.29 -30.06
C ASP F 142 -37.19 56.96 -29.41
N ALA F 143 -37.12 56.95 -28.08
CA ALA F 143 -36.01 57.60 -27.39
C ALA F 143 -34.72 56.77 -27.50
N LEU F 144 -34.87 55.48 -27.77
CA LEU F 144 -33.73 54.57 -27.87
C LEU F 144 -33.33 54.25 -29.31
N ASP F 145 -33.99 54.84 -30.29
CA ASP F 145 -33.70 54.56 -31.69
C ASP F 145 -32.34 55.12 -32.14
N PRO F 146 -31.90 56.37 -31.73
CA PRO F 146 -30.49 56.72 -31.99
C PRO F 146 -29.50 56.02 -31.06
N ARG F 147 -30.01 55.39 -30.01
CA ARG F 147 -29.19 54.78 -28.98
C ARG F 147 -28.78 53.35 -29.38
N GLN F 148 -28.29 52.58 -28.41
CA GLN F 148 -27.76 51.22 -28.49
C GLN F 148 -26.55 51.10 -29.42
N PRO F 149 -25.38 51.71 -29.10
CA PRO F 149 -24.13 51.03 -29.46
C PRO F 149 -23.61 50.15 -28.33
N GLY F 150 -23.84 50.59 -27.09
CA GLY F 150 -23.26 49.94 -25.91
C GLY F 150 -24.17 49.07 -25.07
N TYR F 151 -25.33 49.60 -24.70
CA TYR F 151 -26.17 49.05 -23.64
C TYR F 151 -26.86 47.75 -24.03
N GLN F 152 -27.26 47.62 -25.30
CA GLN F 152 -27.99 46.50 -25.89
C GLN F 152 -29.25 46.09 -25.12
N PRO F 153 -30.32 46.88 -25.15
CA PRO F 153 -31.57 46.44 -24.55
C PRO F 153 -32.25 45.40 -25.42
N PRO F 154 -33.09 44.52 -24.83
CA PRO F 154 -33.82 43.55 -25.65
C PRO F 154 -34.92 44.19 -26.47
N ASN F 155 -35.13 43.70 -27.70
CA ASN F 155 -36.14 44.22 -28.61
C ASN F 155 -37.08 43.10 -29.05
N PRO F 156 -38.07 42.74 -28.20
CA PRO F 156 -39.01 41.67 -28.54
C PRO F 156 -39.99 42.06 -29.64
N GLY G 9 -62.49 17.30 -6.74
CA GLY G 9 -61.51 16.25 -6.87
C GLY G 9 -60.08 16.73 -6.64
N ALA G 10 -59.87 18.03 -6.85
CA ALA G 10 -58.56 18.62 -6.66
C ALA G 10 -58.38 19.15 -5.23
N VAL G 11 -59.40 18.97 -4.40
CA VAL G 11 -59.39 19.49 -3.04
C VAL G 11 -59.17 18.38 -2.01
N GLU G 12 -59.91 17.27 -2.13
CA GLU G 12 -59.86 16.17 -1.19
C GLU G 12 -58.50 15.47 -1.17
N ALA G 13 -58.13 14.85 -2.28
CA ALA G 13 -56.86 14.12 -2.38
C ALA G 13 -56.43 14.00 -3.84
N GLU G 14 -55.33 14.66 -4.21
CA GLU G 14 -54.88 14.65 -5.58
C GLU G 14 -53.37 14.68 -5.69
N LEU G 15 -52.84 14.27 -6.84
CA LEU G 15 -51.40 14.29 -7.11
C LEU G 15 -51.08 15.55 -7.91
N ASP G 16 -50.16 16.37 -7.40
CA ASP G 16 -49.83 17.64 -8.02
C ASP G 16 -48.34 17.70 -8.38
N PRO G 17 -47.92 17.18 -9.55
CA PRO G 17 -46.53 17.39 -9.98
C PRO G 17 -46.36 18.62 -10.86
N VAL G 18 -45.21 19.28 -10.75
CA VAL G 18 -44.81 20.34 -11.67
C VAL G 18 -43.85 19.73 -12.68
N GLU G 19 -44.16 19.87 -13.96
CA GLU G 19 -43.45 19.08 -14.96
C GLU G 19 -42.10 19.68 -15.35
N TYR G 20 -42.12 20.85 -16.00
CA TYR G 20 -40.92 21.48 -16.55
C TYR G 20 -41.25 22.87 -17.09
N THR G 21 -40.25 23.74 -17.18
CA THR G 21 -40.37 25.04 -17.83
C THR G 21 -39.32 25.15 -18.92
N LEU G 22 -39.76 25.50 -20.13
CA LEU G 22 -38.87 25.55 -21.30
C LEU G 22 -37.86 26.68 -21.15
N ARG G 23 -36.60 26.41 -21.47
CA ARG G 23 -35.60 27.46 -21.45
C ARG G 23 -35.11 27.81 -22.86
N LYS G 24 -34.47 26.86 -23.55
CA LYS G 24 -34.30 26.62 -25.00
C LYS G 24 -33.42 25.38 -25.12
N ARG G 25 -33.07 24.98 -26.35
CA ARG G 25 -31.97 24.03 -26.51
C ARG G 25 -30.63 24.78 -26.67
N LEU G 26 -30.61 26.08 -26.37
CA LEU G 26 -29.36 26.82 -26.24
C LEU G 26 -28.31 26.25 -25.27
N PRO G 27 -28.63 25.76 -24.02
CA PRO G 27 -27.53 25.33 -23.14
C PRO G 27 -26.83 24.03 -23.53
N SER G 28 -27.12 23.48 -24.70
CA SER G 28 -26.23 22.49 -25.30
C SER G 28 -25.08 23.14 -26.03
N ARG G 29 -25.24 24.40 -26.45
CA ARG G 29 -24.22 25.17 -27.13
C ARG G 29 -23.55 26.21 -26.24
N LEU G 30 -24.32 26.84 -25.35
CA LEU G 30 -23.88 27.92 -24.46
C LEU G 30 -22.68 27.66 -23.54
N PRO G 31 -22.42 26.45 -23.03
CA PRO G 31 -21.13 26.27 -22.33
C PRO G 31 -19.91 26.04 -23.21
N ARG G 32 -20.00 26.21 -24.53
CA ARG G 32 -18.80 25.98 -25.33
C ARG G 32 -18.04 27.26 -25.63
N ARG G 33 -18.60 28.19 -26.41
CA ARG G 33 -17.94 29.46 -26.64
C ARG G 33 -18.25 30.50 -25.56
N PRO G 34 -19.55 30.84 -25.22
CA PRO G 34 -19.76 31.74 -24.06
C PRO G 34 -19.79 30.95 -22.77
N ASN G 35 -20.20 31.58 -21.67
CA ASN G 35 -20.48 30.85 -20.43
C ASN G 35 -21.91 31.13 -19.99
N ASP G 36 -22.59 30.08 -19.52
CA ASP G 36 -23.94 30.18 -18.99
C ASP G 36 -23.95 29.67 -17.55
N ILE G 37 -24.75 30.32 -16.71
CA ILE G 37 -24.86 29.97 -15.29
C ILE G 37 -26.33 29.93 -14.92
N TYR G 38 -26.77 28.77 -14.44
CA TYR G 38 -28.13 28.58 -13.95
C TYR G 38 -28.14 28.63 -12.42
N VAL G 39 -29.01 29.46 -11.87
CA VAL G 39 -29.17 29.59 -10.42
C VAL G 39 -30.34 28.72 -9.96
N ASN G 40 -30.05 27.70 -9.15
CA ASN G 40 -31.11 26.88 -8.58
C ASN G 40 -31.58 27.46 -7.26
N MET G 41 -32.43 26.70 -6.56
CA MET G 41 -33.06 27.17 -5.34
C MET G 41 -32.67 26.24 -4.19
N LYS G 42 -32.62 26.81 -2.97
CA LYS G 42 -32.37 26.18 -1.66
C LYS G 42 -31.11 25.30 -1.59
N THR G 43 -30.22 25.39 -2.57
CA THR G 43 -29.02 24.56 -2.58
C THR G 43 -27.91 25.18 -1.73
N ASP G 44 -27.37 26.32 -2.20
CA ASP G 44 -26.31 27.09 -1.55
C ASP G 44 -26.11 28.41 -2.28
N PHE G 45 -25.91 29.49 -1.54
CA PHE G 45 -25.59 30.78 -2.15
C PHE G 45 -24.09 30.87 -2.42
N LYS G 46 -23.28 30.49 -1.43
CA LYS G 46 -21.84 30.68 -1.48
C LYS G 46 -21.20 29.74 -2.49
N ALA G 47 -21.79 28.55 -2.70
CA ALA G 47 -21.31 27.65 -3.74
C ALA G 47 -21.57 28.22 -5.13
N GLN G 48 -22.73 28.85 -5.33
CA GLN G 48 -23.02 29.48 -6.62
C GLN G 48 -22.08 30.64 -6.89
N LEU G 49 -21.80 31.45 -5.86
CA LEU G 49 -20.90 32.59 -6.06
C LEU G 49 -19.45 32.11 -6.29
N ALA G 50 -19.06 31.01 -5.64
CA ALA G 50 -17.74 30.45 -5.84
C ALA G 50 -17.60 29.86 -7.24
N ARG G 51 -18.66 29.22 -7.74
CA ARG G 51 -18.62 28.70 -9.11
C ARG G 51 -18.62 29.82 -10.15
N CYS G 52 -19.30 30.94 -9.85
CA CYS G 52 -19.22 32.12 -10.72
C CYS G 52 -17.80 32.68 -10.76
N GLN G 53 -17.16 32.76 -9.59
CA GLN G 53 -15.78 33.27 -9.54
C GLN G 53 -14.80 32.31 -10.20
N LYS G 54 -15.08 31.01 -10.13
CA LYS G 54 -14.20 30.03 -10.77
C LYS G 54 -14.38 30.04 -12.29
N LEU G 55 -15.61 30.17 -12.76
CA LEU G 55 -15.86 30.13 -14.21
C LEU G 55 -15.48 31.45 -14.86
N LEU G 56 -15.48 32.55 -14.09
CA LEU G 56 -15.16 33.85 -14.66
C LEU G 56 -13.67 33.97 -14.97
N ASP G 57 -12.81 33.47 -14.08
CA ASP G 57 -11.36 33.57 -14.27
C ASP G 57 -10.79 32.47 -15.17
N GLY G 58 -11.62 31.58 -15.69
CA GLY G 58 -11.13 30.47 -16.48
C GLY G 58 -10.60 30.83 -17.85
N GLY G 59 -9.30 30.65 -18.05
CA GLY G 59 -8.69 30.81 -19.36
C GLY G 59 -7.95 29.56 -19.77
N ALA G 60 -8.45 28.88 -20.80
CA ALA G 60 -7.99 27.58 -21.33
C ALA G 60 -8.12 26.46 -20.30
N ARG G 61 -8.87 26.69 -19.23
CA ARG G 61 -9.10 25.69 -18.19
C ARG G 61 -10.60 25.55 -17.93
N GLY G 62 -11.33 26.66 -17.96
CA GLY G 62 -12.74 26.65 -17.64
C GLY G 62 -13.62 25.94 -18.66
N GLN G 63 -13.87 26.55 -19.82
CA GLN G 63 -14.41 25.76 -20.92
C GLN G 63 -13.53 25.81 -22.16
N ASN G 64 -13.41 26.98 -22.77
CA ASN G 64 -12.39 27.24 -23.78
C ASN G 64 -11.62 28.52 -23.46
N ALA G 65 -12.37 29.61 -23.23
CA ALA G 65 -11.82 30.94 -23.01
C ALA G 65 -12.95 31.83 -22.51
N CYS G 66 -12.71 32.57 -21.44
CA CYS G 66 -13.74 33.47 -20.92
C CYS G 66 -13.81 34.75 -21.76
N SER G 67 -14.97 34.97 -22.37
CA SER G 67 -15.19 36.15 -23.18
C SER G 67 -16.45 36.90 -22.77
N GLU G 68 -17.50 36.16 -22.42
CA GLU G 68 -18.79 36.73 -22.03
C GLU G 68 -19.61 35.68 -21.29
N ILE G 69 -20.34 36.11 -20.26
CA ILE G 69 -21.19 35.17 -19.53
C ILE G 69 -22.60 35.73 -19.53
N TYR G 70 -23.60 34.86 -19.37
CA TYR G 70 -24.90 35.37 -18.94
C TYR G 70 -25.63 34.32 -18.11
N ILE G 71 -26.37 34.82 -17.13
CA ILE G 71 -26.93 34.03 -16.07
C ILE G 71 -28.45 33.98 -16.25
N HIS G 72 -29.02 32.78 -16.15
CA HIS G 72 -30.45 32.57 -16.30
C HIS G 72 -31.11 32.65 -14.93
N GLY G 73 -32.38 33.10 -14.88
CA GLY G 73 -33.10 33.08 -13.63
C GLY G 73 -34.60 33.08 -13.80
N LEU G 74 -35.28 32.34 -12.92
CA LEU G 74 -36.74 32.35 -12.80
C LEU G 74 -37.19 33.12 -11.56
N GLY G 75 -38.50 33.08 -11.25
CA GLY G 75 -39.21 33.91 -10.28
C GLY G 75 -38.56 34.33 -8.97
N LEU G 76 -37.86 33.41 -8.31
CA LEU G 76 -37.03 33.79 -7.16
C LEU G 76 -35.55 33.65 -7.50
N ALA G 77 -35.26 32.83 -8.50
CA ALA G 77 -33.91 32.69 -9.01
C ALA G 77 -33.45 33.97 -9.71
N ILE G 78 -34.39 34.83 -10.15
CA ILE G 78 -34.01 36.16 -10.60
C ILE G 78 -33.44 36.99 -9.45
N ASN G 79 -33.98 36.82 -8.25
CA ASN G 79 -33.49 37.55 -7.10
C ASN G 79 -32.15 37.00 -6.64
N ARG G 80 -31.99 35.68 -6.64
CA ARG G 80 -30.68 35.13 -6.28
C ARG G 80 -29.65 35.38 -7.38
N ALA G 81 -30.10 35.53 -8.62
CA ALA G 81 -29.19 35.81 -9.73
C ALA G 81 -28.72 37.25 -9.70
N ILE G 82 -29.63 38.19 -9.41
CA ILE G 82 -29.22 39.59 -9.28
C ILE G 82 -28.35 39.79 -8.04
N ASN G 83 -28.57 38.94 -7.02
CA ASN G 83 -27.71 39.00 -5.83
C ASN G 83 -26.30 38.51 -6.12
N ILE G 84 -26.16 37.35 -6.79
CA ILE G 84 -24.82 36.84 -7.08
C ILE G 84 -24.13 37.72 -8.12
N ALA G 85 -24.90 38.34 -9.02
CA ALA G 85 -24.31 39.23 -10.02
C ALA G 85 -23.80 40.51 -9.41
N LEU G 86 -24.59 41.12 -8.51
CA LEU G 86 -24.18 42.37 -7.89
C LEU G 86 -23.17 42.15 -6.76
N GLN G 87 -22.94 40.90 -6.35
CA GLN G 87 -21.79 40.65 -5.47
C GLN G 87 -20.57 40.24 -6.28
N LEU G 88 -20.77 39.67 -7.47
CA LEU G 88 -19.64 39.29 -8.32
C LEU G 88 -19.03 40.53 -8.97
N GLN G 89 -19.87 41.53 -9.28
CA GLN G 89 -19.34 42.78 -9.84
C GLN G 89 -18.54 43.56 -8.81
N ALA G 90 -18.87 43.41 -7.52
CA ALA G 90 -18.05 43.99 -6.47
C ALA G 90 -16.81 43.14 -6.21
N GLY G 91 -16.91 41.83 -6.43
CA GLY G 91 -15.81 40.94 -6.15
C GLY G 91 -14.76 40.85 -7.24
N SER G 92 -15.19 40.86 -8.50
CA SER G 92 -14.23 40.70 -9.60
C SER G 92 -13.41 41.96 -9.85
N PHE G 93 -13.92 43.13 -9.42
CA PHE G 93 -13.21 44.41 -9.29
C PHE G 93 -12.92 45.06 -10.65
N GLY G 94 -13.30 44.39 -11.74
CA GLY G 94 -13.08 44.95 -13.06
C GLY G 94 -14.33 45.60 -13.61
N SER G 95 -14.12 46.49 -14.59
CA SER G 95 -15.25 47.14 -15.27
C SER G 95 -15.91 46.16 -16.22
N LEU G 96 -17.11 45.69 -15.85
CA LEU G 96 -17.83 44.70 -16.63
C LEU G 96 -19.22 45.23 -16.93
N GLN G 97 -19.73 44.92 -18.12
CA GLN G 97 -21.04 45.43 -18.51
C GLN G 97 -22.13 44.43 -18.14
N VAL G 98 -23.18 44.93 -17.48
CA VAL G 98 -24.29 44.11 -17.01
C VAL G 98 -25.56 44.63 -17.68
N ALA G 99 -26.17 43.78 -18.52
CA ALA G 99 -27.42 44.11 -19.19
C ALA G 99 -28.42 42.97 -18.98
N ALA G 100 -29.64 43.30 -18.61
CA ALA G 100 -30.64 42.29 -18.27
C ALA G 100 -31.68 42.17 -19.37
N ASN G 101 -32.09 40.93 -19.66
CA ASN G 101 -33.10 40.63 -20.66
C ASN G 101 -34.27 39.94 -19.98
N THR G 102 -35.48 40.47 -20.19
CA THR G 102 -36.67 39.92 -19.55
C THR G 102 -37.44 39.09 -20.58
N SER G 103 -37.90 37.90 -20.17
CA SER G 103 -38.62 37.00 -21.03
C SER G 103 -39.79 36.35 -20.29
N THR G 104 -40.71 35.77 -21.05
CA THR G 104 -41.91 35.13 -20.52
C THR G 104 -41.81 33.63 -20.73
N VAL G 105 -41.99 32.86 -19.66
CA VAL G 105 -41.89 31.40 -19.69
C VAL G 105 -43.24 30.80 -19.33
N GLU G 106 -43.70 29.85 -20.15
CA GLU G 106 -44.99 29.20 -19.95
C GLU G 106 -44.80 28.00 -19.02
N LEU G 107 -45.55 27.97 -17.93
CA LEU G 107 -45.48 26.92 -16.93
C LEU G 107 -46.75 26.08 -16.98
N VAL G 108 -46.60 24.75 -16.95
CA VAL G 108 -47.72 23.82 -17.03
C VAL G 108 -47.70 22.95 -15.78
N ASP G 109 -48.84 22.88 -15.09
CA ASP G 109 -49.00 22.03 -13.91
C ASP G 109 -50.09 21.01 -14.19
N GLU G 110 -49.89 19.79 -13.70
CA GLU G 110 -50.82 18.69 -13.89
C GLU G 110 -51.42 18.29 -12.53
N LEU G 111 -52.70 17.93 -12.56
CA LEU G 111 -53.35 17.45 -11.34
C LEU G 111 -54.35 16.36 -11.69
N GLU G 112 -54.37 15.29 -10.89
CA GLU G 112 -55.30 14.19 -11.10
C GLU G 112 -55.51 13.44 -9.80
N PRO G 113 -56.76 13.32 -9.33
CA PRO G 113 -57.02 12.44 -8.18
C PRO G 113 -57.08 10.97 -8.59
N GLU G 114 -56.93 10.05 -7.64
CA GLU G 114 -57.01 8.63 -7.95
C GLU G 114 -58.44 8.13 -7.85
N THR G 115 -59.17 8.22 -8.96
CA THR G 115 -60.57 7.81 -9.02
C THR G 115 -60.83 7.32 -10.45
N ASP G 116 -61.71 6.31 -10.62
CA ASP G 116 -61.96 5.71 -11.92
C ASP G 116 -62.92 6.52 -12.76
N THR G 117 -63.37 7.69 -12.28
CA THR G 117 -64.29 8.55 -13.02
C THR G 117 -63.67 9.91 -13.32
N ARG G 118 -62.71 10.35 -12.52
CA ARG G 118 -62.13 11.68 -12.70
C ARG G 118 -61.18 11.73 -13.88
N GLU G 119 -60.86 12.94 -14.31
CA GLU G 119 -59.98 13.20 -15.45
C GLU G 119 -58.88 14.18 -15.04
N PRO G 120 -57.68 14.09 -15.65
CA PRO G 120 -56.62 15.02 -15.27
C PRO G 120 -56.83 16.43 -15.81
N LEU G 121 -56.28 17.42 -15.13
CA LEU G 121 -56.45 18.83 -15.48
C LEU G 121 -55.09 19.51 -15.53
N THR G 122 -54.95 20.43 -16.48
CA THR G 122 -53.69 21.15 -16.68
C THR G 122 -53.93 22.63 -16.44
N ARG G 123 -53.14 23.22 -15.55
CA ARG G 123 -53.19 24.65 -15.27
C ARG G 123 -52.03 25.37 -15.94
N ILE G 124 -52.32 26.52 -16.52
CA ILE G 124 -51.32 27.32 -17.21
C ILE G 124 -50.89 28.45 -16.27
N ARG G 125 -49.62 28.85 -16.35
CA ARG G 125 -49.08 29.94 -15.56
C ARG G 125 -48.02 30.64 -16.42
N ASN G 126 -47.78 31.92 -16.14
CA ASN G 126 -46.75 32.68 -16.83
C ASN G 126 -45.72 33.20 -15.81
N ASN G 127 -44.44 32.98 -16.11
CA ASN G 127 -43.36 33.37 -15.22
C ASN G 127 -42.42 34.32 -15.95
N SER G 128 -41.75 35.16 -15.17
CA SER G 128 -40.83 36.17 -15.69
C SER G 128 -39.40 35.69 -15.45
N ALA G 129 -38.67 35.46 -16.54
CA ALA G 129 -37.29 35.00 -16.47
C ALA G 129 -36.36 36.15 -16.85
N ILE G 130 -35.17 36.18 -16.26
CA ILE G 130 -34.18 37.20 -16.56
C ILE G 130 -32.92 36.52 -17.09
N HIS G 131 -32.19 37.27 -17.91
CA HIS G 131 -30.89 36.87 -18.46
C HIS G 131 -29.94 38.01 -18.16
N ILE G 132 -29.05 37.80 -17.19
CA ILE G 132 -28.11 38.83 -16.77
C ILE G 132 -26.81 38.64 -17.53
N ARG G 133 -26.47 39.58 -18.40
CA ARG G 133 -25.43 39.40 -19.40
C ARG G 133 -24.24 40.28 -19.07
N VAL G 134 -23.10 39.65 -18.81
CA VAL G 134 -21.88 40.32 -18.39
C VAL G 134 -20.87 40.22 -19.52
N PHE G 135 -20.46 41.39 -20.02
CA PHE G 135 -19.42 41.55 -21.03
C PHE G 135 -18.14 42.01 -20.37
N ARG G 136 -17.01 41.61 -20.95
CA ARG G 136 -15.69 42.10 -20.54
C ARG G 136 -15.37 43.32 -21.40
N VAL G 137 -15.80 44.49 -20.93
CA VAL G 137 -15.56 45.74 -21.63
C VAL G 137 -14.32 46.38 -21.02
N THR G 138 -13.52 47.08 -21.85
CA THR G 138 -12.28 47.72 -21.44
C THR G 138 -12.51 48.79 -20.38
N PRO G 139 -11.65 48.86 -19.35
CA PRO G 139 -11.81 49.82 -18.25
C PRO G 139 -11.51 51.27 -18.67
N PRO H 4 -4.33 8.32 57.28
CA PRO H 4 -3.93 7.02 56.72
C PRO H 4 -4.37 6.84 55.28
N ALA H 5 -3.52 6.20 54.47
CA ALA H 5 -3.79 5.96 53.06
C ALA H 5 -2.99 4.76 52.59
N ALA H 6 -3.67 3.80 51.97
CA ALA H 6 -3.01 2.61 51.46
C ALA H 6 -3.84 2.06 50.30
N THR H 7 -3.27 2.12 49.09
CA THR H 7 -3.96 1.65 47.90
C THR H 7 -2.95 1.26 46.82
N TYR H 8 -3.46 0.82 45.66
CA TYR H 8 -2.61 0.36 44.57
C TYR H 8 -3.13 0.96 43.27
N GLU H 9 -2.19 1.40 42.41
CA GLU H 9 -2.54 2.05 41.15
C GLU H 9 -1.44 1.79 40.14
N ARG H 10 -1.82 1.46 38.91
CA ARG H 10 -0.90 1.19 37.81
C ARG H 10 -0.90 2.34 36.82
N VAL H 11 0.26 2.96 36.65
CA VAL H 11 0.41 4.08 35.72
C VAL H 11 1.55 3.76 34.76
N VAL H 12 1.25 3.82 33.46
CA VAL H 12 2.22 3.54 32.40
C VAL H 12 2.32 4.76 31.50
N TYR H 13 3.55 5.22 31.27
CA TYR H 13 3.82 6.39 30.45
C TYR H 13 4.42 5.98 29.11
N LYS H 14 4.29 6.85 28.11
CA LYS H 14 4.94 6.66 26.81
C LYS H 14 5.79 7.88 26.47
N ASN H 15 7.10 7.67 26.39
CA ASN H 15 8.17 8.65 26.17
C ASN H 15 8.04 9.90 27.04
N PRO H 16 8.26 9.80 28.39
CA PRO H 16 8.24 11.03 29.19
C PRO H 16 9.63 11.58 29.48
N SER H 17 10.66 11.04 28.81
CA SER H 17 12.05 11.29 29.20
C SER H 17 12.48 12.72 28.89
N GLU H 18 12.30 13.14 27.63
CA GLU H 18 12.45 14.52 27.15
C GLU H 18 13.86 15.09 27.25
N TYR H 19 14.85 14.27 27.60
CA TYR H 19 16.23 14.71 27.75
C TYR H 19 17.18 13.55 27.44
N HIS H 20 18.41 13.89 27.06
CA HIS H 20 19.45 12.90 26.81
C HIS H 20 20.81 13.45 27.24
N TYR H 21 21.61 12.58 27.86
CA TYR H 21 22.87 12.93 28.51
C TYR H 21 23.98 12.10 27.87
N MET H 22 25.17 12.70 27.77
CA MET H 22 26.33 12.07 27.16
C MET H 22 27.54 12.27 28.04
N LYS H 23 28.14 11.17 28.50
CA LYS H 23 29.44 11.21 29.17
C LYS H 23 30.52 10.99 28.13
N VAL H 24 31.42 11.98 28.01
CA VAL H 24 32.49 11.98 27.01
C VAL H 24 33.81 12.28 27.71
N CYS H 25 34.81 11.43 27.46
CA CYS H 25 36.18 11.66 27.90
C CYS H 25 36.97 12.26 26.74
N LEU H 26 37.69 13.35 27.01
CA LEU H 26 38.38 14.11 25.98
C LEU H 26 39.77 13.53 25.77
N GLU H 27 40.17 13.38 24.50
CA GLU H 27 41.50 12.92 24.15
C GLU H 27 42.12 13.95 23.20
N PHE H 28 42.82 14.92 23.78
CA PHE H 28 43.54 15.95 23.02
C PHE H 28 44.84 15.35 22.50
N GLN H 29 45.16 15.66 21.24
CA GLN H 29 46.36 15.09 20.63
C GLN H 29 47.63 15.74 21.14
N ASP H 30 47.75 17.05 20.99
CA ASP H 30 48.96 17.75 21.39
C ASP H 30 48.99 17.95 22.90
N CYS H 31 50.17 18.36 23.40
CA CYS H 31 50.34 18.58 24.82
C CYS H 31 49.89 19.97 25.26
N GLY H 32 49.54 20.84 24.31
CA GLY H 32 49.10 22.18 24.62
C GLY H 32 47.65 22.26 25.07
N VAL H 33 47.37 21.81 26.29
CA VAL H 33 46.01 21.76 26.82
C VAL H 33 45.63 23.06 27.53
N GLY H 34 45.13 24.02 26.76
CA GLY H 34 44.61 25.27 27.31
C GLY H 34 43.11 25.28 27.42
N LEU H 35 42.55 24.37 28.21
CA LEU H 35 41.10 24.23 28.28
C LEU H 35 40.47 25.30 29.17
N ASN H 36 39.17 25.48 28.98
CA ASN H 36 38.35 26.36 29.80
C ASN H 36 36.89 25.92 29.67
N ALA H 37 36.06 26.26 30.65
CA ALA H 37 34.65 25.88 30.63
C ALA H 37 33.88 26.65 29.57
N ALA H 38 34.25 27.90 29.33
CA ALA H 38 33.55 28.71 28.34
C ALA H 38 34.01 28.38 26.93
N GLN H 39 35.28 27.98 26.77
CA GLN H 39 35.83 27.73 25.45
C GLN H 39 35.28 26.43 24.87
N PHE H 40 34.98 25.46 25.73
CA PHE H 40 34.37 24.21 25.30
C PHE H 40 32.95 24.45 24.80
N LYS H 41 32.21 25.31 25.51
CA LYS H 41 30.89 25.73 25.06
C LYS H 41 30.95 26.51 23.75
N GLN H 42 31.97 27.36 23.60
CA GLN H 42 32.14 28.10 22.36
C GLN H 42 32.49 27.17 21.19
N LEU H 43 33.27 26.12 21.47
CA LEU H 43 33.57 25.12 20.44
C LEU H 43 32.33 24.33 20.05
N LEU H 44 31.49 23.99 21.04
CA LEU H 44 30.23 23.31 20.76
C LEU H 44 29.28 24.17 19.94
N ILE H 45 29.25 25.48 20.20
CA ILE H 45 28.45 26.39 19.38
C ILE H 45 29.01 26.55 17.97
N SER H 46 30.32 26.77 17.82
CA SER H 46 30.93 26.99 16.52
C SER H 46 31.00 25.73 15.65
N ALA H 47 30.94 24.54 16.25
CA ALA H 47 30.99 23.32 15.46
C ALA H 47 29.66 23.08 14.74
N VAL H 48 28.55 23.19 15.47
CA VAL H 48 27.24 22.87 14.89
C VAL H 48 26.82 23.96 13.91
N LYS H 49 27.36 25.17 14.10
CA LYS H 49 27.06 26.29 13.21
C LYS H 49 27.61 26.06 11.80
N ASP H 50 28.90 25.75 11.69
CA ASP H 50 29.52 25.54 10.39
C ASP H 50 29.18 24.16 9.83
N LEU H 51 28.97 23.19 10.72
CA LEU H 51 28.73 21.81 10.29
C LEU H 51 27.28 21.57 9.91
N PHE H 52 26.34 21.98 10.77
CA PHE H 52 24.93 21.72 10.51
C PHE H 52 24.06 22.97 10.46
N GLY H 53 24.28 23.94 11.33
CA GLY H 53 23.56 25.18 11.24
C GLY H 53 23.60 25.99 12.50
N GLU H 54 23.49 27.30 12.33
CA GLU H 54 23.46 28.21 13.48
C GLU H 54 22.13 28.10 14.22
N VAL H 55 21.05 27.80 13.49
CA VAL H 55 19.75 27.56 14.11
C VAL H 55 19.80 26.29 14.95
N ASP H 56 20.47 25.25 14.43
CA ASP H 56 20.65 24.01 15.17
C ASP H 56 21.80 24.06 16.17
N ALA H 57 22.55 25.16 16.20
CA ALA H 57 23.64 25.27 17.18
C ALA H 57 23.12 25.74 18.53
N ALA H 58 22.04 26.52 18.53
CA ALA H 58 21.49 27.08 19.76
C ALA H 58 20.38 26.20 20.33
N LEU H 59 20.47 24.89 20.10
CA LEU H 59 19.65 23.89 20.79
C LEU H 59 19.92 23.97 22.29
N PRO H 60 18.92 23.68 23.14
CA PRO H 60 19.16 23.74 24.59
C PRO H 60 20.05 22.61 25.07
N LEU H 61 21.30 22.98 25.37
CA LEU H 61 22.34 22.04 25.75
C LEU H 61 23.03 22.58 26.99
N ASP H 62 23.45 21.70 27.89
CA ASP H 62 24.39 22.19 28.90
C ASP H 62 25.41 21.13 29.31
N ILE H 63 26.37 21.60 30.13
CA ILE H 63 27.54 20.85 30.58
C ILE H 63 27.39 20.51 32.05
N LEU H 64 27.69 19.26 32.40
CA LEU H 64 27.65 18.77 33.78
C LEU H 64 28.98 18.11 34.08
N THR H 65 29.40 18.19 35.36
CA THR H 65 30.66 17.74 35.96
C THR H 65 31.89 17.90 35.06
N TYR H 66 32.13 19.12 34.61
CA TYR H 66 33.26 19.45 33.76
C TYR H 66 34.57 19.29 34.54
N GLU H 67 35.33 18.26 34.20
CA GLU H 67 36.53 17.88 34.92
C GLU H 67 37.76 18.27 34.09
N GLU H 68 38.75 18.87 34.76
CA GLU H 68 39.91 19.42 34.07
C GLU H 68 40.97 18.38 33.78
N LYS H 69 41.50 17.74 34.82
CA LYS H 69 42.61 16.81 34.65
C LYS H 69 42.13 15.48 34.08
N THR H 70 40.91 15.08 34.43
CA THR H 70 40.35 13.80 34.00
C THR H 70 39.87 13.91 32.56
N LEU H 71 39.64 15.15 32.10
CA LEU H 71 39.20 15.49 30.73
C LEU H 71 37.88 14.82 30.37
N SER H 72 36.89 14.93 31.25
CA SER H 72 35.59 14.29 31.05
C SER H 72 34.47 15.28 31.35
N ALA H 73 33.34 15.06 30.68
CA ALA H 73 32.18 15.95 30.83
C ALA H 73 30.89 15.24 30.45
N ILE H 74 29.74 15.86 30.76
CA ILE H 74 28.43 15.37 30.34
C ILE H 74 27.71 16.50 29.62
N LEU H 75 27.18 16.17 28.44
CA LEU H 75 26.46 17.14 27.62
C LEU H 75 25.01 16.69 27.52
N ARG H 76 24.06 17.59 27.75
CA ARG H 76 22.66 17.22 27.56
C ARG H 76 22.02 18.06 26.47
N ILE H 77 21.19 17.35 25.67
CA ILE H 77 20.27 17.92 24.69
C ILE H 77 18.98 17.10 24.80
N CYS H 78 17.83 17.76 24.59
CA CYS H 78 16.54 17.09 24.50
C CYS H 78 16.43 16.17 23.29
N SER H 79 15.28 15.51 23.13
CA SER H 79 15.15 14.38 22.20
C SER H 79 15.10 14.80 20.73
N SER H 80 15.25 16.08 20.41
CA SER H 80 15.23 16.53 19.02
C SER H 80 16.60 16.45 18.35
N GLY H 81 17.62 17.10 18.91
CA GLY H 81 18.88 17.21 18.23
C GLY H 81 19.99 16.33 18.77
N LEU H 82 19.66 15.17 19.33
CA LEU H 82 20.67 14.25 19.83
C LEU H 82 21.47 13.64 18.69
N VAL H 83 20.78 13.28 17.60
CA VAL H 83 21.43 12.75 16.40
C VAL H 83 22.34 13.80 15.77
N LYS H 84 21.87 15.05 15.72
CA LYS H 84 22.66 16.14 15.15
C LYS H 84 23.86 16.46 16.03
N LEU H 85 23.70 16.31 17.35
CA LEU H 85 24.84 16.50 18.25
C LEU H 85 25.89 15.41 18.06
N TRP H 86 25.43 14.16 17.90
CA TRP H 86 26.35 13.04 17.66
C TRP H 86 27.13 13.25 16.37
N SER H 87 26.45 13.68 15.30
CA SER H 87 27.13 13.86 14.01
C SER H 87 28.04 15.09 14.02
N SER H 88 27.63 16.14 14.75
CA SER H 88 28.47 17.33 14.88
C SER H 88 29.75 17.03 15.65
N LEU H 89 29.64 16.20 16.69
CA LEU H 89 30.84 15.80 17.42
C LEU H 89 31.61 14.73 16.67
N THR H 90 30.97 14.07 15.71
CA THR H 90 31.64 13.11 14.86
C THR H 90 32.53 13.76 13.82
N LEU H 91 32.05 14.79 13.12
CA LEU H 91 32.79 15.37 12.01
C LEU H 91 33.92 16.31 12.43
N LEU H 92 34.33 16.28 13.70
CA LEU H 92 35.58 16.83 14.24
C LEU H 92 35.79 18.32 13.95
N GLY H 93 34.90 19.16 14.48
CA GLY H 93 35.08 20.59 14.39
C GLY H 93 36.22 21.03 15.29
N SER H 94 37.07 21.90 14.75
CA SER H 94 38.29 22.30 15.41
C SER H 94 38.17 23.72 15.97
N TYR H 95 39.22 24.18 16.66
CA TYR H 95 39.21 25.48 17.32
C TYR H 95 40.25 26.42 16.73
N LYS H 96 41.51 25.99 16.70
CA LYS H 96 42.61 26.88 16.32
C LYS H 96 43.43 26.30 15.17
N GLY H 97 43.53 24.98 15.09
CA GLY H 97 44.38 24.34 14.11
C GLY H 97 45.00 23.07 14.66
N LYS H 98 44.95 22.93 15.98
CA LYS H 98 45.31 21.68 16.65
C LYS H 98 44.08 20.79 16.66
N LYS H 99 44.11 19.75 15.82
CA LYS H 99 42.93 18.93 15.57
C LYS H 99 42.67 18.02 16.77
N CYS H 100 41.45 18.08 17.30
CA CYS H 100 41.08 17.37 18.52
C CYS H 100 40.29 16.12 18.19
N ALA H 101 40.63 15.02 18.83
CA ALA H 101 39.86 13.78 18.72
C ALA H 101 38.79 13.76 19.79
N PHE H 102 37.53 13.67 19.36
CA PHE H 102 36.38 13.73 20.25
C PHE H 102 35.74 12.34 20.25
N ARG H 103 35.99 11.56 21.29
CA ARG H 103 35.55 10.18 21.36
C ARG H 103 34.57 10.00 22.51
N VAL H 104 33.37 9.53 22.20
CA VAL H 104 32.26 9.50 23.14
C VAL H 104 32.30 8.19 23.94
N ILE H 105 32.26 8.32 25.27
CA ILE H 105 32.25 7.13 26.13
C ILE H 105 30.86 6.50 26.13
N GLN H 106 29.84 7.23 26.60
CA GLN H 106 28.51 6.64 26.72
C GLN H 106 27.39 7.66 26.60
N VAL H 107 26.24 7.22 26.11
CA VAL H 107 25.05 8.06 25.96
C VAL H 107 23.88 7.34 26.64
N SER H 108 23.10 8.08 27.42
CA SER H 108 21.90 7.52 28.03
C SER H 108 20.79 8.55 27.96
N PRO H 109 19.54 8.15 28.16
CA PRO H 109 18.50 9.10 28.60
C PRO H 109 18.34 9.20 30.11
N PHE H 110 19.23 8.59 30.89
CA PHE H 110 19.14 8.52 32.34
C PHE H 110 20.48 8.95 32.94
N LEU H 111 20.42 9.79 33.98
CA LEU H 111 21.64 10.18 34.68
C LEU H 111 22.07 9.20 35.75
N LEU H 112 21.41 8.04 35.87
CA LEU H 112 21.85 7.06 36.85
C LEU H 112 22.57 5.89 36.18
N ALA H 113 22.00 5.39 35.08
CA ALA H 113 22.63 4.27 34.36
C ALA H 113 23.91 4.72 33.67
N LEU H 114 23.98 6.00 33.29
CA LEU H 114 25.22 6.58 32.79
C LEU H 114 26.23 6.78 33.91
N SER H 115 25.78 7.20 35.08
CA SER H 115 26.68 7.54 36.16
C SER H 115 27.28 6.34 36.87
N GLY H 116 26.55 5.23 36.98
CA GLY H 116 27.13 4.07 37.63
C GLY H 116 28.21 3.40 36.82
N ASN H 117 27.81 2.67 35.76
CA ASN H 117 28.69 2.10 34.73
C ASN H 117 27.83 1.49 33.64
N SER H 118 28.23 1.64 32.38
CA SER H 118 27.55 0.94 31.28
C SER H 118 28.57 0.27 30.37
N ARG H 119 29.75 0.88 30.26
CA ARG H 119 30.76 0.51 29.26
C ARG H 119 31.49 -0.78 29.62
N GLU H 120 32.18 -0.78 30.77
CA GLU H 120 33.05 -1.90 31.11
C GLU H 120 32.34 -2.91 32.01
N LEU H 121 31.57 -2.38 32.97
CA LEU H 121 30.69 -3.07 33.92
C LEU H 121 31.41 -3.90 34.98
N VAL H 122 32.74 -4.06 34.84
CA VAL H 122 33.73 -4.48 35.85
C VAL H 122 35.08 -4.07 35.27
N LEU H 123 35.94 -3.45 36.09
CA LEU H 123 37.29 -3.10 35.69
C LEU H 123 38.27 -3.75 36.65
N ASP H 124 38.85 -4.87 36.24
CA ASP H 124 39.87 -5.55 37.05
C ASP H 124 41.20 -5.60 36.32
N ALA I 2 -11.24 29.70 11.06
CA ALA I 2 -10.17 29.55 10.08
C ALA I 2 -9.93 30.86 9.34
N VAL I 3 -9.70 31.93 10.09
CA VAL I 3 -9.46 33.26 9.51
C VAL I 3 -7.95 33.42 9.35
N PHE I 4 -7.51 33.54 8.10
CA PHE I 4 -6.08 33.60 7.79
C PHE I 4 -5.64 35.06 7.79
N ALA I 5 -4.31 35.29 7.72
CA ALA I 5 -3.70 36.61 7.49
C ALA I 5 -3.98 37.58 8.65
N ASP I 6 -3.68 37.13 9.86
CA ASP I 6 -3.84 37.95 11.06
C ASP I 6 -2.54 37.93 11.85
N LEU I 7 -1.76 39.00 11.76
CA LEU I 7 -0.53 39.08 12.55
C LEU I 7 -0.39 40.47 13.13
N ASP I 8 0.67 40.66 13.91
CA ASP I 8 0.89 41.89 14.69
C ASP I 8 2.15 42.59 14.17
N LEU I 9 2.15 43.91 14.24
CA LEU I 9 3.29 44.73 13.83
C LEU I 9 3.65 45.73 14.93
N ARG I 10 4.93 46.06 14.99
CA ARG I 10 5.46 47.10 15.87
C ARG I 10 6.07 48.16 14.98
N ALA I 11 5.25 49.13 14.56
CA ALA I 11 5.66 50.09 13.54
C ALA I 11 4.94 51.42 13.67
N GLY I 12 5.63 52.40 14.25
CA GLY I 12 5.26 53.78 14.03
C GLY I 12 6.46 54.70 14.04
N SER I 13 6.71 55.37 12.92
CA SER I 13 7.74 56.39 12.83
C SER I 13 7.15 57.70 12.30
N ASP I 14 6.40 57.59 11.20
CA ASP I 14 5.83 58.74 10.51
C ASP I 14 4.69 58.20 9.65
N LEU I 15 3.97 59.10 8.98
CA LEU I 15 2.81 58.68 8.20
C LEU I 15 3.22 58.03 6.89
N LYS I 16 4.36 58.44 6.33
CA LYS I 16 4.83 57.92 5.05
C LYS I 16 5.26 56.46 5.17
N ALA I 17 6.05 56.16 6.19
CA ALA I 17 6.47 54.78 6.42
C ALA I 17 5.30 53.91 6.85
N LEU I 18 4.32 54.50 7.54
CA LEU I 18 3.12 53.76 7.92
C LEU I 18 2.29 53.39 6.69
N ARG I 19 2.11 54.34 5.77
CA ARG I 19 1.41 54.06 4.52
C ARG I 19 2.17 53.03 3.67
N GLY I 20 3.49 53.10 3.67
CA GLY I 20 4.28 52.13 2.93
C GLY I 20 4.17 50.73 3.50
N LEU I 21 4.19 50.60 4.83
CA LEU I 21 4.06 49.29 5.45
C LEU I 21 2.65 48.74 5.32
N VAL I 22 1.64 49.61 5.35
CA VAL I 22 0.26 49.16 5.13
C VAL I 22 0.06 48.68 3.70
N GLU I 23 0.63 49.41 2.72
CA GLU I 23 0.53 48.97 1.34
C GLU I 23 1.31 47.69 1.07
N THR I 24 2.47 47.53 1.73
CA THR I 24 3.26 46.31 1.58
C THR I 24 2.54 45.11 2.20
N ALA I 25 1.95 45.30 3.38
CA ALA I 25 1.23 44.21 4.05
C ALA I 25 -0.04 43.84 3.29
N ALA I 26 -0.72 44.84 2.71
CA ALA I 26 -1.91 44.56 1.94
C ALA I 26 -1.57 43.89 0.60
N HIS I 27 -0.47 44.29 -0.02
CA HIS I 27 -0.07 43.67 -1.28
C HIS I 27 0.40 42.24 -1.09
N LEU I 28 1.17 41.96 -0.03
CA LEU I 28 1.74 40.63 0.09
C LEU I 28 0.80 39.59 0.69
N GLY I 29 0.51 39.71 1.98
CA GLY I 29 -0.15 38.60 2.64
C GLY I 29 -1.08 38.84 3.83
N TYR I 30 -1.59 40.05 4.02
CA TYR I 30 -2.24 40.41 5.28
C TYR I 30 -3.64 40.94 5.03
N SER I 31 -4.56 40.63 5.96
CA SER I 31 -5.94 41.08 5.89
C SER I 31 -6.39 41.76 7.18
N VAL I 32 -5.62 41.62 8.26
CA VAL I 32 -5.83 42.36 9.51
C VAL I 32 -4.46 42.83 9.97
N VAL I 33 -4.31 44.15 10.16
CA VAL I 33 -3.06 44.75 10.61
C VAL I 33 -3.28 45.33 12.01
N ALA I 34 -2.50 44.89 12.97
CA ALA I 34 -2.58 45.37 14.35
C ALA I 34 -1.26 46.04 14.71
N ILE I 35 -1.34 47.31 15.11
CA ILE I 35 -0.15 48.12 15.38
C ILE I 35 0.08 48.13 16.89
N ASN I 36 1.27 47.71 17.31
CA ASN I 36 1.66 47.77 18.71
C ASN I 36 2.34 49.10 19.00
N HIS I 37 2.29 49.52 20.27
CA HIS I 37 2.92 50.76 20.73
C HIS I 37 3.78 50.43 21.94
N ILE I 38 5.10 50.57 21.79
CA ILE I 38 6.02 50.18 22.85
C ILE I 38 6.05 51.25 23.93
N VAL I 39 5.67 50.87 25.14
CA VAL I 39 5.73 51.76 26.31
C VAL I 39 6.57 51.09 27.39
N ASP I 40 7.66 51.74 27.78
CA ASP I 40 8.56 51.20 28.79
C ASP I 40 8.17 51.69 30.19
N PHE I 41 8.87 51.16 31.20
CA PHE I 41 8.59 51.51 32.59
C PHE I 41 9.28 52.79 33.02
N LYS I 42 10.19 53.31 32.19
CA LYS I 42 10.93 54.51 32.57
C LYS I 42 10.13 55.77 32.29
N GLU I 43 9.42 55.81 31.16
CA GLU I 43 8.69 57.01 30.77
C GLU I 43 7.39 57.16 31.54
N LYS I 44 6.60 56.08 31.60
CA LYS I 44 5.28 56.01 32.23
C LYS I 44 4.32 57.06 31.69
N LYS I 45 4.08 57.05 30.38
CA LYS I 45 3.21 58.04 29.74
C LYS I 45 1.96 57.31 29.27
N GLN I 46 0.83 58.01 29.33
CA GLN I 46 -0.45 57.42 28.93
C GLN I 46 -1.15 58.41 27.99
N GLU I 47 -1.05 58.17 26.68
CA GLU I 47 -1.73 59.01 25.70
C GLU I 47 -2.60 58.07 24.86
N ILE I 48 -3.90 58.06 25.16
CA ILE I 48 -4.83 57.04 24.66
C ILE I 48 -5.87 57.63 23.72
N GLU I 49 -6.26 58.89 23.90
CA GLU I 49 -7.42 59.50 23.24
C GLU I 49 -7.29 59.57 21.72
N LYS I 50 -6.36 60.37 21.20
CA LYS I 50 -6.15 60.41 19.76
C LYS I 50 -4.67 60.37 19.38
N PRO I 51 -3.96 59.23 19.54
CA PRO I 51 -2.54 59.22 19.20
C PRO I 51 -2.24 58.89 17.74
N VAL I 52 -3.08 58.09 17.09
CA VAL I 52 -2.70 57.45 15.83
C VAL I 52 -3.53 58.01 14.68
N ALA I 53 -4.86 57.88 14.77
CA ALA I 53 -5.84 58.39 13.79
C ALA I 53 -5.61 57.81 12.40
N VAL I 54 -5.86 56.50 12.26
CA VAL I 54 -5.66 55.81 10.99
C VAL I 54 -6.68 56.24 9.96
N SER I 55 -7.97 56.20 10.33
CA SER I 55 -9.05 56.37 9.36
C SER I 55 -9.16 57.80 8.87
N GLU I 56 -8.71 58.75 9.68
CA GLU I 56 -8.75 60.15 9.26
C GLU I 56 -7.59 60.52 8.35
N LEU I 57 -6.60 59.63 8.18
CA LEU I 57 -5.42 59.94 7.39
C LEU I 57 -5.19 58.98 6.23
N PHE I 58 -5.65 57.74 6.32
CA PHE I 58 -5.51 56.80 5.21
C PHE I 58 -6.63 57.10 4.21
N THR I 59 -6.60 56.48 3.03
CA THR I 59 -7.57 56.81 1.98
C THR I 59 -8.53 55.63 1.77
N THR I 60 -9.51 55.55 2.68
CA THR I 60 -10.83 54.94 2.54
C THR I 60 -10.84 53.41 2.42
N LEU I 61 -9.71 52.79 2.04
CA LEU I 61 -9.54 51.35 1.85
C LEU I 61 -8.08 50.97 1.64
N PRO I 62 -7.60 49.91 2.29
CA PRO I 62 -6.48 49.14 1.71
C PRO I 62 -6.98 47.98 0.87
N ILE I 63 -6.41 47.79 -0.32
CA ILE I 63 -6.86 46.71 -1.20
C ILE I 63 -5.77 45.64 -1.32
N VAL I 64 -6.17 44.36 -1.21
CA VAL I 64 -5.24 43.25 -1.27
C VAL I 64 -5.30 42.61 -2.67
N GLN I 65 -4.33 41.74 -2.96
CA GLN I 65 -4.24 41.12 -4.27
C GLN I 65 -5.05 39.83 -4.34
N GLY I 66 -5.59 39.39 -3.21
CA GLY I 66 -6.28 38.12 -3.16
C GLY I 66 -7.79 38.23 -3.21
N LYS I 67 -8.43 38.07 -2.05
CA LYS I 67 -9.88 38.02 -1.95
C LYS I 67 -10.55 39.38 -2.07
N SER I 68 -9.77 40.47 -1.98
CA SER I 68 -10.21 41.86 -2.04
C SER I 68 -11.26 42.17 -0.99
N ARG I 69 -10.88 42.05 0.29
CA ARG I 69 -11.78 42.30 1.41
C ARG I 69 -11.28 43.50 2.21
N PRO I 70 -12.16 44.26 2.87
CA PRO I 70 -11.70 45.40 3.67
C PRO I 70 -10.94 44.99 4.93
N ILE I 71 -9.77 45.58 5.13
CA ILE I 71 -8.91 45.22 6.25
C ILE I 71 -9.37 45.92 7.53
N LYS I 72 -9.61 45.13 8.57
CA LYS I 72 -9.81 45.64 9.91
C LYS I 72 -8.46 45.99 10.54
N ILE I 73 -8.39 47.18 11.12
CA ILE I 73 -7.14 47.71 11.67
C ILE I 73 -7.34 47.91 13.16
N LEU I 74 -6.47 47.29 13.96
CA LEU I 74 -6.54 47.33 15.41
C LEU I 74 -5.37 48.14 15.96
N THR I 75 -5.57 48.74 17.13
CA THR I 75 -4.54 49.53 17.81
C THR I 75 -4.25 48.85 19.15
N ARG I 76 -3.10 48.19 19.23
CA ARG I 76 -2.73 47.48 20.44
C ARG I 76 -1.59 48.20 21.17
N LEU I 77 -1.43 47.87 22.44
CA LEU I 77 -0.45 48.53 23.30
C LEU I 77 0.44 47.46 23.94
N THR I 78 1.75 47.57 23.69
CA THR I 78 2.75 46.68 24.28
C THR I 78 3.45 47.42 25.40
N ILE I 79 3.22 46.99 26.65
CA ILE I 79 3.73 47.69 27.81
C ILE I 79 4.87 46.87 28.40
N ILE I 80 6.08 47.43 28.40
CA ILE I 80 7.22 46.79 29.03
C ILE I 80 7.15 47.03 30.54
N VAL I 81 6.94 45.95 31.30
CA VAL I 81 6.78 46.05 32.74
C VAL I 81 7.88 45.28 33.44
N SER I 82 8.76 46.01 34.15
CA SER I 82 9.82 45.35 34.91
C SER I 82 9.58 45.48 36.41
N ASP I 83 9.27 46.69 36.86
CA ASP I 83 9.04 46.96 38.29
C ASP I 83 7.67 46.45 38.71
N PRO I 84 7.51 45.99 39.96
CA PRO I 84 6.20 45.51 40.41
C PRO I 84 5.21 46.65 40.66
N SER I 85 5.73 47.84 40.93
CA SER I 85 4.85 49.00 41.10
C SER I 85 4.28 49.47 39.77
N HIS I 86 5.02 49.28 38.68
CA HIS I 86 4.50 49.60 37.35
C HIS I 86 3.40 48.64 36.95
N CYS I 87 3.49 47.39 37.41
CA CYS I 87 2.40 46.44 37.24
C CYS I 87 1.19 46.85 38.07
N ASN I 88 1.42 47.50 39.21
CA ASN I 88 0.30 48.02 40.00
C ASN I 88 -0.34 49.23 39.31
N VAL I 89 0.47 50.00 38.57
CA VAL I 89 -0.07 51.08 37.74
C VAL I 89 -0.94 50.51 36.63
N LEU I 90 -0.51 49.41 36.02
CA LEU I 90 -1.34 48.73 35.03
C LEU I 90 -2.58 48.09 35.66
N ARG I 91 -2.49 47.70 36.93
CA ARG I 91 -3.68 47.26 37.66
C ARG I 91 -4.64 48.42 37.89
N ALA I 92 -4.12 49.63 38.05
CA ALA I 92 -4.98 50.79 38.26
C ALA I 92 -5.72 51.20 36.99
N THR I 93 -5.21 50.81 35.83
CA THR I 93 -5.82 51.18 34.54
C THR I 93 -6.86 50.18 34.05
N SER I 94 -7.49 49.38 34.92
CA SER I 94 -8.45 48.39 34.46
C SER I 94 -9.85 48.98 34.36
N SER I 95 -10.06 50.17 34.92
CA SER I 95 -11.38 50.78 34.94
C SER I 95 -11.34 52.25 34.54
N ARG I 96 -10.13 52.84 34.51
CA ARG I 96 -9.98 54.27 34.24
C ARG I 96 -10.23 54.59 32.77
N ALA I 97 -9.44 54.03 31.88
CA ALA I 97 -9.57 54.27 30.44
C ALA I 97 -9.80 52.93 29.75
N ARG I 98 -11.02 52.72 29.25
CA ARG I 98 -11.40 51.46 28.61
C ARG I 98 -11.28 51.63 27.10
N LEU I 99 -10.04 51.59 26.63
CA LEU I 99 -9.71 51.53 25.21
C LEU I 99 -8.58 50.52 25.06
N TYR I 100 -7.97 50.50 23.85
CA TYR I 100 -6.86 49.63 23.49
C TYR I 100 -7.21 48.15 23.69
N ASP I 101 -8.13 47.66 22.86
CA ASP I 101 -8.86 46.39 22.91
C ASP I 101 -8.03 45.20 23.38
N VAL I 102 -6.80 45.08 22.88
CA VAL I 102 -5.88 44.06 23.35
C VAL I 102 -4.78 44.73 24.17
N VAL I 103 -4.70 44.35 25.44
CA VAL I 103 -3.67 44.83 26.36
C VAL I 103 -2.58 43.78 26.43
N ALA I 104 -1.36 44.16 26.08
CA ALA I 104 -0.22 43.24 25.97
C ALA I 104 0.85 43.65 26.98
N VAL I 105 1.02 42.83 28.02
CA VAL I 105 2.04 43.10 29.02
C VAL I 105 3.34 42.40 28.61
N PHE I 106 4.47 42.99 29.00
CA PHE I 106 5.77 42.37 28.78
C PHE I 106 6.46 42.17 30.11
N PRO I 107 6.47 40.95 30.66
CA PRO I 107 7.08 40.73 31.98
C PRO I 107 8.58 40.48 31.93
N LYS I 108 9.27 40.81 33.03
CA LYS I 108 10.68 40.49 33.19
C LYS I 108 11.00 39.74 34.47
N THR I 109 10.14 39.82 35.48
CA THR I 109 10.30 39.12 36.74
C THR I 109 9.40 37.89 36.76
N GLU I 110 9.94 36.78 37.28
CA GLU I 110 9.21 35.52 37.34
C GLU I 110 8.02 35.57 38.30
N LYS I 111 8.11 36.35 39.37
CA LYS I 111 6.96 36.57 40.25
C LYS I 111 5.90 37.42 39.53
N LEU I 112 6.36 38.39 38.74
CA LEU I 112 5.44 39.23 37.99
C LEU I 112 4.77 38.44 36.87
N PHE I 113 5.51 37.52 36.24
CA PHE I 113 4.92 36.63 35.24
C PHE I 113 3.97 35.63 35.90
N HIS I 114 4.23 35.28 37.17
CA HIS I 114 3.32 34.40 37.90
C HIS I 114 2.00 35.11 38.19
N ILE I 115 2.05 36.36 38.67
CA ILE I 115 0.81 37.06 38.98
C ILE I 115 0.15 37.59 37.72
N ALA I 116 0.87 37.65 36.59
CA ALA I 116 0.27 38.01 35.32
C ALA I 116 -0.63 36.89 34.81
N CYS I 117 -0.15 35.65 34.91
CA CYS I 117 -0.95 34.51 34.52
C CYS I 117 -1.93 34.07 35.61
N THR I 118 -1.78 34.58 36.83
CA THR I 118 -2.64 34.14 37.92
C THR I 118 -3.78 35.11 38.17
N HIS I 119 -3.47 36.39 38.39
CA HIS I 119 -4.50 37.35 38.78
C HIS I 119 -4.70 38.48 37.78
N LEU I 120 -3.63 38.91 37.12
CA LEU I 120 -3.70 40.11 36.27
C LEU I 120 -4.45 39.83 34.98
N ASP I 121 -5.43 40.67 34.68
CA ASP I 121 -6.29 40.49 33.51
C ASP I 121 -5.59 41.08 32.29
N VAL I 122 -4.92 40.22 31.51
CA VAL I 122 -4.28 40.61 30.27
C VAL I 122 -4.81 39.72 29.16
N ASP I 123 -4.47 40.07 27.91
CA ASP I 123 -4.95 39.36 26.75
C ASP I 123 -3.84 38.47 26.15
N LEU I 124 -2.68 39.03 25.84
CA LEU I 124 -1.59 38.28 25.23
C LEU I 124 -0.27 38.74 25.84
N VAL I 125 0.45 37.81 26.47
CA VAL I 125 1.71 38.12 27.12
C VAL I 125 2.84 38.12 26.09
N CYS I 126 3.57 39.24 26.03
CA CYS I 126 4.70 39.40 25.12
C CYS I 126 5.91 38.69 25.73
N ILE I 127 6.54 37.82 24.96
CA ILE I 127 7.77 37.13 25.36
C ILE I 127 8.79 37.35 24.26
N THR I 128 9.71 38.29 24.47
CA THR I 128 10.86 38.49 23.60
C THR I 128 12.13 38.47 24.45
N VAL I 129 13.19 37.89 23.91
CA VAL I 129 14.47 37.81 24.61
C VAL I 129 15.55 38.50 23.78
N THR I 130 16.03 39.64 24.28
CA THR I 130 17.13 40.37 23.66
C THR I 130 18.20 40.62 24.70
N GLU I 131 19.46 40.35 24.33
CA GLU I 131 20.67 40.64 25.12
C GLU I 131 20.64 39.95 26.48
N LYS I 132 20.74 38.61 26.44
CA LYS I 132 20.94 37.73 27.59
C LYS I 132 19.84 37.82 28.64
N LEU I 133 18.62 37.41 28.29
CA LEU I 133 17.53 37.37 29.25
C LEU I 133 17.12 35.92 29.46
N PRO I 134 17.66 35.26 30.50
CA PRO I 134 17.20 33.88 30.79
C PRO I 134 15.92 33.88 31.61
N PHE I 135 15.04 32.90 31.37
CA PHE I 135 13.75 32.89 32.03
C PHE I 135 13.17 31.48 32.10
N TYR I 136 12.78 31.05 33.29
CA TYR I 136 12.23 29.71 33.51
C TYR I 136 10.71 29.76 33.35
N PHE I 137 10.05 28.60 33.45
CA PHE I 137 8.60 28.54 33.27
C PHE I 137 8.04 27.52 34.26
N LYS I 138 6.97 27.90 34.97
CA LYS I 138 6.28 26.97 35.86
C LYS I 138 5.04 26.44 35.16
N ARG I 139 4.79 25.14 35.29
CA ARG I 139 3.77 24.50 34.46
C ARG I 139 2.31 24.75 34.89
N PRO I 140 1.91 24.77 36.18
CA PRO I 140 0.49 25.08 36.49
C PRO I 140 0.01 26.48 36.11
N PRO I 141 0.82 27.56 36.18
CA PRO I 141 0.29 28.81 35.61
C PRO I 141 0.17 28.80 34.09
N ILE I 142 1.01 28.05 33.39
CA ILE I 142 0.84 27.87 31.95
C ILE I 142 -0.43 27.07 31.66
N ASN I 143 -0.75 26.10 32.54
CA ASN I 143 -1.99 25.33 32.38
C ASN I 143 -3.22 26.19 32.63
N VAL I 144 -3.19 27.05 33.65
CA VAL I 144 -4.28 27.99 33.89
C VAL I 144 -4.38 28.99 32.74
N ALA I 145 -3.23 29.35 32.14
CA ALA I 145 -3.22 30.29 31.03
C ALA I 145 -3.85 29.69 29.77
N ILE I 146 -3.55 28.42 29.48
CA ILE I 146 -4.11 27.79 28.28
C ILE I 146 -5.57 27.42 28.50
N ASP I 147 -5.95 27.19 29.77
CA ASP I 147 -7.37 26.99 30.07
C ASP I 147 -8.15 28.29 29.98
N ARG I 148 -7.49 29.42 30.26
CA ARG I 148 -8.13 30.73 30.21
C ARG I 148 -8.25 31.22 28.77
N GLY I 149 -7.15 31.13 28.00
CA GLY I 149 -7.15 31.61 26.64
C GLY I 149 -5.96 32.49 26.29
N LEU I 150 -4.95 32.50 27.17
CA LEU I 150 -3.77 33.33 26.97
C LEU I 150 -2.93 32.80 25.81
N ALA I 151 -2.84 33.59 24.74
CA ALA I 151 -1.99 33.25 23.61
C ALA I 151 -0.65 33.96 23.78
N PHE I 152 0.44 33.20 23.63
CA PHE I 152 1.78 33.73 23.89
C PHE I 152 2.33 34.34 22.62
N GLU I 153 2.71 35.62 22.69
CA GLU I 153 3.27 36.31 21.54
C GLU I 153 4.78 36.12 21.48
N LEU I 154 5.29 35.90 20.26
CA LEU I 154 6.72 35.85 20.01
C LEU I 154 7.02 36.83 18.88
N VAL I 155 7.45 38.03 19.24
CA VAL I 155 7.79 39.04 18.24
C VAL I 155 9.25 38.85 17.84
N TYR I 156 9.49 38.59 16.56
CA TYR I 156 10.84 38.33 16.07
C TYR I 156 11.17 39.31 14.96
N SER I 157 12.33 39.96 15.09
CA SER I 157 13.05 40.56 13.95
C SER I 157 14.56 40.64 14.20
N PRO I 158 15.31 39.51 14.33
CA PRO I 158 16.77 39.65 14.44
C PRO I 158 17.47 39.43 13.11
N ALA I 159 16.70 39.23 12.04
CA ALA I 159 17.25 38.69 10.79
C ALA I 159 18.11 39.71 10.04
N ILE I 160 17.91 41.00 10.30
CA ILE I 160 18.68 42.02 9.60
C ILE I 160 19.80 42.58 10.46
N LYS I 161 19.61 42.67 11.78
CA LYS I 161 20.57 43.38 12.63
C LYS I 161 21.80 42.54 12.95
N ASP I 162 21.61 41.41 13.65
CA ASP I 162 22.72 40.64 14.19
C ASP I 162 22.49 39.16 13.96
N SER I 163 23.43 38.34 14.45
CA SER I 163 23.28 36.90 14.43
C SER I 163 23.22 36.33 15.85
N THR I 164 23.83 37.03 16.81
CA THR I 164 23.70 36.62 18.21
C THR I 164 22.28 36.81 18.71
N MET I 165 21.61 37.87 18.26
CA MET I 165 20.21 38.06 18.59
C MET I 165 19.34 36.97 17.96
N ARG I 166 19.73 36.50 16.77
CA ARG I 166 19.10 35.34 16.17
C ARG I 166 19.28 34.10 17.03
N ARG I 167 20.49 33.93 17.59
CA ARG I 167 20.76 32.79 18.48
C ARG I 167 19.90 32.84 19.74
N TYR I 168 19.79 34.02 20.36
CA TYR I 168 19.00 34.11 21.59
C TYR I 168 17.51 33.95 21.31
N THR I 169 17.02 34.46 20.17
CA THR I 169 15.61 34.28 19.84
C THR I 169 15.29 32.83 19.50
N ILE I 170 16.17 32.13 18.78
CA ILE I 170 15.89 30.74 18.45
C ILE I 170 16.03 29.85 19.69
N SER I 171 16.90 30.24 20.63
CA SER I 171 17.03 29.48 21.87
C SER I 171 15.80 29.65 22.76
N SER I 172 15.30 30.90 22.85
CA SER I 172 14.10 31.16 23.63
C SER I 172 12.88 30.51 22.99
N ALA I 173 12.84 30.47 21.66
CA ALA I 173 11.72 29.83 20.96
C ALA I 173 11.72 28.32 21.16
N LEU I 174 12.90 27.69 21.09
CA LEU I 174 12.98 26.25 21.31
C LEU I 174 12.67 25.89 22.76
N ASN I 175 13.11 26.73 23.71
CA ASN I 175 12.78 26.50 25.11
C ASN I 175 11.29 26.65 25.37
N LEU I 176 10.65 27.64 24.72
CA LEU I 176 9.21 27.82 24.87
C LEU I 176 8.43 26.67 24.25
N MET I 177 8.88 26.17 23.09
CA MET I 177 8.18 25.04 22.45
C MET I 177 8.37 23.76 23.23
N GLN I 178 9.52 23.59 23.87
CA GLN I 178 9.75 22.37 24.63
C GLN I 178 9.15 22.38 26.03
N ILE I 179 8.99 23.54 26.66
CA ILE I 179 8.44 23.61 28.01
C ILE I 179 6.94 23.87 27.99
N CYS I 180 6.48 24.84 27.20
CA CYS I 180 5.09 25.26 27.17
C CYS I 180 4.16 24.23 26.52
N LYS I 181 4.74 23.24 25.82
CA LYS I 181 4.14 22.10 25.08
C LYS I 181 3.54 22.58 23.76
N GLY I 182 3.45 23.88 23.51
CA GLY I 182 2.94 24.36 22.25
C GLY I 182 1.44 24.22 22.09
N LYS I 183 0.68 25.00 22.86
CA LYS I 183 -0.78 24.95 22.74
C LYS I 183 -1.31 26.17 22.01
N ASN I 184 -0.98 27.37 22.49
CA ASN I 184 -1.38 28.61 21.85
C ASN I 184 -0.24 29.63 21.86
N VAL I 185 0.63 29.56 20.86
CA VAL I 185 1.72 30.53 20.69
C VAL I 185 1.66 31.08 19.26
N ILE I 186 1.59 32.40 19.12
CA ILE I 186 1.60 33.04 17.82
C ILE I 186 2.88 33.85 17.67
N ILE I 187 3.46 33.82 16.48
CA ILE I 187 4.69 34.54 16.18
C ILE I 187 4.37 35.68 15.23
N SER I 188 5.01 36.83 15.46
CA SER I 188 4.76 38.03 14.67
C SER I 188 6.06 38.79 14.44
N SER I 189 6.02 39.78 13.55
CA SER I 189 7.21 40.52 13.15
C SER I 189 7.07 41.99 13.52
N ALA I 190 8.20 42.58 13.90
CA ALA I 190 8.31 44.01 14.14
C ALA I 190 8.88 44.70 12.92
N ALA I 191 8.51 45.98 12.75
CA ALA I 191 8.87 46.75 11.57
C ALA I 191 9.45 48.10 12.01
N GLU I 192 10.77 48.16 12.13
CA GLU I 192 11.46 49.44 12.37
C GLU I 192 11.97 49.97 11.04
N ARG I 193 12.68 49.13 10.29
CA ARG I 193 13.10 49.42 8.93
C ARG I 193 11.87 49.27 8.01
N PRO I 194 11.84 49.93 6.84
CA PRO I 194 10.65 49.81 5.97
C PRO I 194 10.50 48.45 5.28
N LEU I 195 11.51 47.58 5.39
CA LEU I 195 11.42 46.21 4.88
C LEU I 195 11.83 45.25 6.00
N GLU I 196 10.87 44.91 6.86
CA GLU I 196 11.06 43.89 7.91
C GLU I 196 9.84 43.00 7.98
N ILE I 197 9.36 42.52 6.83
CA ILE I 197 8.15 41.69 6.77
C ILE I 197 8.52 40.42 6.02
N ARG I 198 7.78 39.34 6.27
CA ARG I 198 8.02 38.06 5.62
C ARG I 198 6.73 37.57 4.95
N GLY I 199 6.80 36.36 4.38
CA GLY I 199 5.70 35.81 3.62
C GLY I 199 4.54 35.34 4.47
N PRO I 200 3.33 35.31 3.89
CA PRO I 200 2.16 34.84 4.65
C PRO I 200 2.16 33.33 4.89
N TYR I 201 2.51 32.55 3.87
CA TYR I 201 2.63 31.10 4.05
C TYR I 201 3.95 30.75 4.74
N ASP I 202 4.88 31.70 4.76
CA ASP I 202 6.20 31.44 5.31
C ASP I 202 6.17 31.39 6.84
N VAL I 203 5.11 31.93 7.46
CA VAL I 203 4.96 31.90 8.91
C VAL I 203 4.82 30.46 9.39
N ALA I 204 4.20 29.62 8.56
CA ALA I 204 4.04 28.19 8.89
C ALA I 204 5.40 27.48 8.93
N ASN I 205 6.25 27.69 7.93
CA ASN I 205 7.54 27.02 7.93
C ASN I 205 8.50 27.66 8.92
N LEU I 206 8.28 28.93 9.27
CA LEU I 206 9.16 29.57 10.24
C LEU I 206 8.80 29.11 11.66
N GLY I 207 7.52 28.86 11.91
CA GLY I 207 7.14 28.20 13.15
C GLY I 207 7.50 26.72 13.16
N LEU I 208 7.58 26.12 11.97
CA LEU I 208 8.11 24.76 11.85
C LEU I 208 9.60 24.73 12.20
N LEU I 209 10.33 25.80 11.87
CA LEU I 209 11.72 25.92 12.32
C LEU I 209 11.77 26.14 13.83
N PHE I 210 10.79 26.86 14.37
CA PHE I 210 10.58 26.89 15.81
C PHE I 210 10.11 25.53 16.34
N GLY I 211 9.31 24.82 15.55
CA GLY I 211 8.88 23.48 15.90
C GLY I 211 7.38 23.28 15.88
N LEU I 212 6.87 22.74 16.99
CA LEU I 212 5.47 22.68 17.41
C LEU I 212 4.57 21.72 16.63
N SER I 213 4.90 21.46 15.34
CA SER I 213 4.40 20.40 14.45
C SER I 213 4.93 20.68 13.05
N GLU I 214 4.55 19.84 12.10
CA GLU I 214 4.66 20.23 10.70
C GLU I 214 3.52 21.16 10.27
N SER I 215 2.44 21.24 11.05
CA SER I 215 1.23 21.95 10.62
C SER I 215 0.60 22.84 11.69
N ASP I 216 0.88 22.59 12.98
CA ASP I 216 0.11 23.25 14.03
C ASP I 216 0.60 24.68 14.25
N ALA I 217 1.71 25.07 13.63
CA ALA I 217 2.09 26.48 13.60
C ALA I 217 1.05 27.31 12.86
N LYS I 218 0.76 26.92 11.60
CA LYS I 218 -0.27 27.60 10.82
C LYS I 218 -1.65 27.40 11.41
N ALA I 219 -1.95 26.19 11.90
CA ALA I 219 -3.24 25.93 12.52
C ALA I 219 -3.43 26.76 13.79
N ALA I 220 -2.37 26.89 14.59
CA ALA I 220 -2.46 27.60 15.86
C ALA I 220 -2.54 29.10 15.65
N VAL I 221 -1.84 29.65 14.65
CA VAL I 221 -1.97 31.08 14.41
C VAL I 221 -3.35 31.41 13.84
N SER I 222 -3.85 30.56 12.91
CA SER I 222 -5.12 30.86 12.25
C SER I 222 -6.31 30.61 13.17
N THR I 223 -6.12 29.81 14.22
CA THR I 223 -7.19 29.66 15.21
C THR I 223 -7.05 30.66 16.35
N ASN I 224 -5.82 30.85 16.85
CA ASN I 224 -5.62 31.58 18.09
C ASN I 224 -5.66 33.08 17.89
N CYS I 225 -5.47 33.57 16.65
CA CYS I 225 -5.67 35.00 16.44
C CYS I 225 -7.15 35.38 16.52
N ARG I 226 -8.02 34.56 15.93
CA ARG I 226 -9.47 34.78 16.08
C ARG I 226 -9.91 34.52 17.52
N ALA I 227 -9.30 33.54 18.19
CA ALA I 227 -9.61 33.29 19.60
C ALA I 227 -9.15 34.45 20.49
N ALA I 228 -8.03 35.08 20.15
CA ALA I 228 -7.54 36.20 20.94
C ALA I 228 -8.37 37.45 20.69
N LEU I 229 -8.84 37.65 19.46
CA LEU I 229 -9.76 38.75 19.17
C LEU I 229 -11.08 38.55 19.90
N LEU I 230 -11.57 37.30 19.95
CA LEU I 230 -12.80 37.01 20.69
C LEU I 230 -12.60 37.20 22.20
N HIS I 231 -11.42 36.85 22.70
CA HIS I 231 -11.13 37.03 24.12
C HIS I 231 -11.02 38.50 24.48
N GLY I 232 -10.41 39.31 23.61
CA GLY I 232 -10.38 40.75 23.84
C GLY I 232 -11.74 41.40 23.72
N GLU I 233 -12.60 40.84 22.86
CA GLU I 233 -13.97 41.35 22.74
C GLU I 233 -14.80 41.01 23.98
N THR I 234 -14.62 39.81 24.53
CA THR I 234 -15.33 39.44 25.75
C THR I 234 -14.76 40.18 26.96
N ARG I 235 -13.48 40.55 26.91
CA ARG I 235 -12.93 41.38 27.99
C ARG I 235 -13.45 42.82 27.91
N LYS I 236 -13.58 43.35 26.69
CA LYS I 236 -14.13 44.69 26.49
C LYS I 236 -15.62 44.77 26.82
N THR I 237 -16.41 43.81 26.37
CA THR I 237 -17.84 43.80 26.68
C THR I 237 -18.09 43.23 28.07
N ALA J 2 26.48 -11.95 13.08
CA ALA J 2 26.49 -11.02 14.20
C ALA J 2 27.91 -10.62 14.58
N VAL J 3 28.72 -10.29 13.57
CA VAL J 3 30.11 -9.91 13.78
C VAL J 3 30.21 -8.39 13.62
N PHE J 4 30.45 -7.69 14.71
CA PHE J 4 30.57 -6.23 14.69
C PHE J 4 32.05 -5.91 14.48
N ALA J 5 32.39 -4.61 14.46
CA ALA J 5 33.77 -4.11 14.55
C ALA J 5 34.62 -4.49 13.34
N ASP J 6 34.07 -4.27 12.15
CA ASP J 6 34.74 -4.61 10.91
C ASP J 6 34.73 -3.39 9.98
N LEU J 7 35.89 -2.75 9.82
CA LEU J 7 35.96 -1.63 8.89
C LEU J 7 37.16 -1.82 7.96
N ASP J 8 37.27 -0.93 6.98
CA ASP J 8 38.35 -0.94 5.99
C ASP J 8 39.19 0.31 6.19
N LEU J 9 40.49 0.12 6.40
CA LEU J 9 41.40 1.22 6.64
C LEU J 9 42.34 1.40 5.44
N ARG J 10 42.62 2.66 5.12
CA ARG J 10 43.59 3.02 4.08
C ARG J 10 44.78 3.65 4.80
N ALA J 11 45.72 2.80 5.25
CA ALA J 11 46.77 3.25 6.14
C ALA J 11 48.05 2.45 5.96
N GLY J 12 49.01 3.02 5.23
CA GLY J 12 50.38 2.60 5.37
C GLY J 12 51.36 3.74 5.16
N SER J 13 52.12 4.07 6.21
CA SER J 13 53.21 5.04 6.09
C SER J 13 54.51 4.42 6.58
N ASP J 14 54.45 3.81 7.76
CA ASP J 14 55.61 3.23 8.44
C ASP J 14 55.07 2.25 9.47
N LEU J 15 55.98 1.56 10.16
CA LEU J 15 55.57 0.54 11.12
C LEU J 15 55.06 1.17 12.41
N LYS J 16 55.58 2.35 12.77
CA LYS J 16 55.22 2.98 14.04
C LYS J 16 53.79 3.50 14.01
N ALA J 17 53.41 4.16 12.92
CA ALA J 17 52.03 4.65 12.77
C ALA J 17 51.06 3.49 12.62
N LEU J 18 51.51 2.39 12.00
CA LEU J 18 50.67 1.20 11.88
C LEU J 18 50.42 0.56 13.24
N ARG J 19 51.46 0.47 14.07
CA ARG J 19 51.30 -0.04 15.43
C ARG J 19 50.42 0.87 16.27
N GLY J 20 50.54 2.19 16.08
CA GLY J 20 49.68 3.12 16.79
C GLY J 20 48.23 3.01 16.40
N LEU J 21 47.96 2.83 15.10
CA LEU J 21 46.58 2.66 14.64
C LEU J 21 45.99 1.32 15.08
N VAL J 22 46.81 0.26 15.11
CA VAL J 22 46.34 -1.03 15.58
C VAL J 22 46.03 -0.98 17.08
N GLU J 23 46.89 -0.31 17.87
CA GLU J 23 46.64 -0.17 19.30
C GLU J 23 45.43 0.71 19.57
N THR J 24 45.22 1.76 18.77
CA THR J 24 44.05 2.62 18.95
C THR J 24 42.75 1.90 18.60
N ALA J 25 42.77 1.12 17.51
CA ALA J 25 41.58 0.36 17.12
C ALA J 25 41.28 -0.75 18.10
N ALA J 26 42.32 -1.40 18.64
CA ALA J 26 42.10 -2.42 19.65
C ALA J 26 41.67 -1.83 20.98
N HIS J 27 42.07 -0.58 21.25
CA HIS J 27 41.64 0.08 22.47
C HIS J 27 40.19 0.53 22.41
N LEU J 28 39.76 1.11 21.28
CA LEU J 28 38.44 1.75 21.27
C LEU J 28 37.31 0.74 21.08
N GLY J 29 37.18 0.17 19.88
CA GLY J 29 36.11 -0.77 19.67
C GLY J 29 36.25 -1.84 18.61
N TYR J 30 37.45 -2.14 18.13
CA TYR J 30 37.60 -2.88 16.88
C TYR J 30 38.27 -4.23 17.13
N SER J 31 37.82 -5.24 16.38
CA SER J 31 38.28 -6.62 16.53
C SER J 31 38.73 -7.25 15.21
N VAL J 32 38.54 -6.56 14.08
CA VAL J 32 39.09 -6.97 12.79
C VAL J 32 39.61 -5.70 12.12
N VAL J 33 40.89 -5.71 11.73
CA VAL J 33 41.52 -4.60 11.03
C VAL J 33 41.80 -5.01 9.59
N ALA J 34 41.25 -4.26 8.65
CA ALA J 34 41.42 -4.51 7.23
C ALA J 34 42.16 -3.34 6.60
N ILE J 35 43.32 -3.60 6.02
CA ILE J 35 44.18 -2.56 5.47
C ILE J 35 44.02 -2.54 3.95
N ASN J 36 43.64 -1.38 3.41
CA ASN J 36 43.56 -1.19 1.97
C ASN J 36 44.89 -0.66 1.44
N HIS J 37 45.16 -0.91 0.16
CA HIS J 37 46.36 -0.43 -0.51
C HIS J 37 45.93 0.28 -1.78
N ILE J 38 46.14 1.60 -1.83
CA ILE J 38 45.66 2.41 -2.95
C ILE J 38 46.60 2.23 -4.13
N VAL J 39 46.06 1.74 -5.24
CA VAL J 39 46.80 1.59 -6.48
C VAL J 39 46.06 2.32 -7.60
N ASP J 40 46.72 3.31 -8.20
CA ASP J 40 46.12 4.11 -9.26
C ASP J 40 46.41 3.50 -10.62
N PHE J 41 45.82 4.10 -11.66
CA PHE J 41 45.97 3.61 -13.03
C PHE J 41 47.23 4.16 -13.69
N LYS J 42 47.90 5.13 -13.06
CA LYS J 42 49.08 5.73 -13.68
C LYS J 42 50.32 4.88 -13.43
N GLU J 43 50.46 4.32 -12.22
CA GLU J 43 51.65 3.58 -11.87
C GLU J 43 51.65 2.17 -12.46
N LYS J 44 50.52 1.46 -12.29
CA LYS J 44 50.31 0.08 -12.71
C LYS J 44 51.38 -0.87 -12.17
N LYS J 45 51.53 -0.91 -10.85
CA LYS J 45 52.55 -1.74 -10.22
C LYS J 45 51.84 -2.89 -9.50
N GLN J 46 52.52 -4.04 -9.46
CA GLN J 46 51.96 -5.23 -8.82
C GLN J 46 53.02 -5.83 -7.91
N GLU J 47 52.98 -5.48 -6.63
CA GLU J 47 53.89 -6.05 -5.63
C GLU J 47 53.01 -6.73 -4.58
N ILE J 48 52.83 -8.05 -4.73
CA ILE J 48 51.80 -8.79 -4.01
C ILE J 48 52.39 -9.81 -3.05
N GLU J 49 53.58 -10.34 -3.33
CA GLU J 49 54.17 -11.46 -2.62
C GLU J 49 54.45 -11.19 -1.14
N LYS J 50 55.36 -10.28 -0.83
CA LYS J 50 55.58 -9.91 0.57
C LYS J 50 55.70 -8.40 0.76
N PRO J 51 54.60 -7.63 0.64
CA PRO J 51 54.74 -6.16 0.78
C PRO J 51 54.58 -5.65 2.22
N VAL J 52 53.81 -6.35 3.06
CA VAL J 52 53.36 -5.78 4.31
C VAL J 52 54.00 -6.48 5.51
N ALA J 53 53.75 -7.80 5.61
CA ALA J 53 54.32 -8.69 6.64
C ALA J 53 53.95 -8.24 8.06
N VAL J 54 52.65 -8.34 8.37
CA VAL J 54 52.14 -7.91 9.68
C VAL J 54 52.64 -8.85 10.79
N SER J 55 52.45 -10.16 10.60
CA SER J 55 52.65 -11.11 11.69
C SER J 55 54.13 -11.29 12.02
N GLU J 56 55.01 -11.02 11.06
CA GLU J 56 56.44 -11.10 11.33
C GLU J 56 56.97 -9.87 12.03
N LEU J 57 56.17 -8.80 12.16
CA LEU J 57 56.62 -7.55 12.75
C LEU J 57 55.82 -7.13 13.97
N PHE J 58 54.54 -7.47 14.05
CA PHE J 58 53.74 -7.16 15.23
C PHE J 58 54.09 -8.18 16.31
N THR J 59 53.66 -7.95 17.57
CA THR J 59 54.07 -8.80 18.68
C THR J 59 52.87 -9.63 19.15
N THR J 60 52.58 -10.69 18.40
CA THR J 60 51.93 -11.95 18.79
C THR J 60 50.44 -11.83 19.14
N LEU J 61 49.96 -10.62 19.48
CA LEU J 61 48.59 -10.33 19.88
C LEU J 61 48.33 -8.83 19.98
N PRO J 62 47.19 -8.36 19.48
CA PRO J 62 46.62 -7.11 20.00
C PRO J 62 45.61 -7.36 21.11
N ILE J 63 45.70 -6.61 22.21
CA ILE J 63 44.79 -6.82 23.34
C ILE J 63 43.69 -5.77 23.32
N VAL J 64 42.43 -6.23 23.42
CA VAL J 64 41.27 -5.34 23.42
C VAL J 64 40.67 -5.28 24.82
N GLN J 65 39.72 -4.37 25.00
CA GLN J 65 39.07 -4.15 26.29
C GLN J 65 37.85 -5.03 26.49
N GLY J 66 37.46 -5.78 25.45
CA GLY J 66 36.23 -6.54 25.49
C GLY J 66 36.40 -8.00 25.85
N LYS J 67 36.16 -8.87 24.88
CA LYS J 67 36.19 -10.32 25.10
C LYS J 67 37.61 -10.88 25.09
N SER J 68 38.59 -10.08 24.66
CA SER J 68 40.00 -10.45 24.49
C SER J 68 40.13 -11.64 23.54
N ARG J 69 39.68 -11.47 22.30
CA ARG J 69 39.78 -12.47 21.25
C ARG J 69 40.88 -12.07 20.29
N PRO J 70 41.54 -13.04 19.62
CA PRO J 70 42.59 -12.68 18.65
C PRO J 70 42.05 -12.01 17.40
N ILE J 71 42.58 -10.82 17.11
CA ILE J 71 42.11 -10.03 15.97
C ILE J 71 42.63 -10.62 14.66
N LYS J 72 41.72 -10.93 13.76
CA LYS J 72 42.05 -11.28 12.39
C LYS J 72 42.38 -10.01 11.61
N ILE J 73 43.48 -10.07 10.86
CA ILE J 73 44.00 -8.92 10.15
C ILE J 73 43.99 -9.24 8.66
N LEU J 74 43.32 -8.38 7.89
CA LEU J 74 43.12 -8.61 6.46
C LEU J 74 43.96 -7.63 5.67
N THR J 75 44.40 -8.06 4.49
CA THR J 75 45.18 -7.23 3.57
C THR J 75 44.37 -7.09 2.28
N ARG J 76 43.73 -5.93 2.11
CA ARG J 76 42.88 -5.70 0.95
C ARG J 76 43.54 -4.72 -0.01
N LEU J 77 43.04 -4.71 -1.25
CA LEU J 77 43.62 -3.90 -2.33
C LEU J 77 42.54 -3.03 -2.93
N THR J 78 42.77 -1.71 -2.92
CA THR J 78 41.87 -0.74 -3.55
C THR J 78 42.52 -0.25 -4.82
N ILE J 79 41.91 -0.58 -5.97
CA ILE J 79 42.48 -0.28 -7.26
C ILE J 79 41.66 0.83 -7.90
N ILE J 80 42.29 1.98 -8.12
CA ILE J 80 41.64 3.08 -8.83
C ILE J 80 41.69 2.80 -10.32
N VAL J 81 40.52 2.58 -10.93
CA VAL J 81 40.44 2.22 -12.34
C VAL J 81 39.66 3.29 -13.11
N SER J 82 40.35 3.99 -14.01
CA SER J 82 39.68 4.98 -14.84
C SER J 82 39.60 4.54 -16.29
N ASP J 83 40.73 4.09 -16.84
CA ASP J 83 40.81 3.66 -18.23
C ASP J 83 40.17 2.29 -18.40
N PRO J 84 39.56 2.00 -19.57
CA PRO J 84 38.96 0.66 -19.77
C PRO J 84 40.02 -0.41 -20.02
N SER J 85 41.20 -0.01 -20.48
CA SER J 85 42.29 -0.96 -20.66
C SER J 85 42.88 -1.38 -19.33
N HIS J 86 42.87 -0.50 -18.33
CA HIS J 86 43.31 -0.86 -16.99
C HIS J 86 42.33 -1.84 -16.35
N CYS J 87 41.04 -1.72 -16.70
CA CYS J 87 40.06 -2.73 -16.28
C CYS J 87 40.33 -4.06 -16.96
N ASN J 88 40.86 -4.03 -18.19
CA ASN J 88 41.24 -5.28 -18.86
C ASN J 88 42.49 -5.87 -18.22
N VAL J 89 43.36 -5.02 -17.68
CA VAL J 89 44.51 -5.50 -16.90
C VAL J 89 44.02 -6.18 -15.62
N LEU J 90 43.01 -5.61 -14.96
CA LEU J 90 42.42 -6.27 -13.80
C LEU J 90 41.65 -7.53 -14.20
N ARG J 91 41.14 -7.59 -15.42
CA ARG J 91 40.58 -8.84 -15.93
C ARG J 91 41.67 -9.89 -16.13
N ALA J 92 42.89 -9.45 -16.47
CA ALA J 92 43.98 -10.40 -16.65
C ALA J 92 44.50 -10.92 -15.32
N THR J 93 44.25 -10.21 -14.22
CA THR J 93 44.72 -10.65 -12.90
C THR J 93 43.79 -11.64 -12.21
N SER J 94 42.87 -12.30 -12.91
CA SER J 94 41.97 -13.25 -12.26
C SER J 94 42.59 -14.64 -12.21
N SER J 95 43.71 -14.83 -12.91
CA SER J 95 44.34 -16.14 -12.99
C SER J 95 45.84 -16.07 -12.72
N ARG J 96 46.44 -14.90 -12.94
CA ARG J 96 47.89 -14.76 -12.83
C ARG J 96 48.36 -14.74 -11.39
N ALA J 97 47.92 -13.74 -10.61
CA ALA J 97 48.32 -13.61 -9.21
C ALA J 97 47.07 -13.79 -8.36
N ARG J 98 47.07 -14.83 -7.52
CA ARG J 98 45.89 -15.20 -6.73
C ARG J 98 46.21 -15.01 -5.25
N LEU J 99 46.06 -13.78 -4.79
CA LEU J 99 46.15 -13.39 -3.38
C LEU J 99 45.18 -12.22 -3.18
N TYR J 100 45.37 -11.50 -2.07
CA TYR J 100 44.60 -10.31 -1.71
C TYR J 100 43.10 -10.60 -1.62
N ASP J 101 42.72 -11.36 -0.58
CA ASP J 101 41.43 -12.03 -0.35
C ASP J 101 40.20 -11.22 -0.78
N VAL J 102 40.20 -9.92 -0.54
CA VAL J 102 39.16 -9.04 -1.05
C VAL J 102 39.77 -8.08 -2.06
N VAL J 103 39.24 -8.12 -3.28
CA VAL J 103 39.66 -7.24 -4.37
C VAL J 103 38.60 -6.16 -4.52
N ALA J 104 39.03 -4.90 -4.40
CA ALA J 104 38.12 -3.74 -4.40
C ALA J 104 38.46 -2.83 -5.57
N VAL J 105 37.53 -2.73 -6.52
CA VAL J 105 37.74 -1.87 -7.68
C VAL J 105 37.13 -0.50 -7.41
N PHE J 106 37.73 0.54 -8.00
CA PHE J 106 37.18 1.89 -7.93
C PHE J 106 36.89 2.40 -9.33
N PRO J 107 35.63 2.43 -9.78
CA PRO J 107 35.32 2.86 -11.15
C PRO J 107 35.15 4.36 -11.28
N LYS J 108 35.35 4.87 -12.50
CA LYS J 108 35.08 6.27 -12.83
C LYS J 108 34.23 6.44 -14.07
N THR J 109 34.13 5.44 -14.93
CA THR J 109 33.35 5.49 -16.16
C THR J 109 32.06 4.70 -15.98
N GLU J 110 30.97 5.26 -16.52
CA GLU J 110 29.65 4.64 -16.38
C GLU J 110 29.54 3.31 -17.13
N LYS J 111 30.22 3.18 -18.27
CA LYS J 111 30.26 1.89 -18.95
C LYS J 111 31.10 0.88 -18.15
N LEU J 112 32.19 1.37 -17.54
CA LEU J 112 33.03 0.51 -16.71
C LEU J 112 32.32 0.13 -15.42
N PHE J 113 31.55 1.05 -14.84
CA PHE J 113 30.74 0.71 -13.68
C PHE J 113 29.60 -0.23 -14.05
N HIS J 114 29.13 -0.16 -15.30
CA HIS J 114 28.11 -1.11 -15.77
C HIS J 114 28.69 -2.51 -15.89
N ILE J 115 29.86 -2.64 -16.51
CA ILE J 115 30.43 -3.98 -16.69
C ILE J 115 31.06 -4.49 -15.39
N ALA J 116 31.31 -3.61 -14.43
CA ALA J 116 31.79 -4.05 -13.12
C ALA J 116 30.69 -4.78 -12.36
N CYS J 117 29.47 -4.24 -12.40
CA CYS J 117 28.33 -4.91 -11.79
C CYS J 117 27.75 -5.99 -12.68
N THR J 118 28.09 -6.01 -13.97
CA THR J 118 27.49 -6.97 -14.88
C THR J 118 28.37 -8.20 -15.08
N HIS J 119 29.61 -8.00 -15.53
CA HIS J 119 30.45 -9.13 -15.90
C HIS J 119 31.71 -9.28 -15.05
N LEU J 120 32.27 -8.17 -14.60
CA LEU J 120 33.56 -8.19 -13.90
C LEU J 120 33.42 -8.76 -12.50
N ASP J 121 34.21 -9.81 -12.21
CA ASP J 121 34.16 -10.49 -10.92
C ASP J 121 34.99 -9.72 -9.91
N VAL J 122 34.33 -8.89 -9.11
CA VAL J 122 34.96 -8.15 -8.02
C VAL J 122 34.22 -8.48 -6.73
N ASP J 123 34.73 -7.94 -5.62
CA ASP J 123 34.15 -8.21 -4.30
C ASP J 123 33.35 -7.01 -3.80
N LEU J 124 33.94 -5.82 -3.72
CA LEU J 124 33.27 -4.64 -3.20
C LEU J 124 33.68 -3.43 -4.03
N VAL J 125 32.70 -2.75 -4.62
CA VAL J 125 32.96 -1.58 -5.45
C VAL J 125 33.17 -0.36 -4.57
N CYS J 126 34.31 0.31 -4.75
CA CYS J 126 34.65 1.52 -4.02
C CYS J 126 33.91 2.69 -4.67
N ILE J 127 33.22 3.48 -3.85
CA ILE J 127 32.55 4.69 -4.30
C ILE J 127 33.01 5.83 -3.39
N THR J 128 33.94 6.64 -3.88
CA THR J 128 34.33 7.88 -3.22
C THR J 128 34.24 9.03 -4.23
N VAL J 129 33.75 10.18 -3.76
CA VAL J 129 33.60 11.34 -4.62
C VAL J 129 34.39 12.50 -4.03
N THR J 130 35.50 12.85 -4.68
CA THR J 130 36.34 13.97 -4.29
C THR J 130 36.53 14.88 -5.49
N GLU J 131 36.38 16.19 -5.28
CA GLU J 131 36.66 17.25 -6.26
C GLU J 131 35.82 17.10 -7.53
N LYS J 132 34.50 17.31 -7.36
CA LYS J 132 33.50 17.42 -8.43
C LYS J 132 33.42 16.19 -9.32
N LEU J 133 32.98 15.06 -8.77
CA LEU J 133 32.73 13.87 -9.56
C LEU J 133 31.24 13.57 -9.55
N PRO J 134 30.48 14.03 -10.56
CA PRO J 134 29.07 13.64 -10.64
C PRO J 134 28.91 12.30 -11.35
N PHE J 135 27.91 11.51 -10.93
CA PHE J 135 27.76 10.17 -11.48
C PHE J 135 26.31 9.69 -11.37
N TYR J 136 25.77 9.14 -12.46
CA TYR J 136 24.40 8.67 -12.51
C TYR J 136 24.34 7.21 -12.10
N PHE J 137 23.17 6.73 -11.69
CA PHE J 137 22.98 5.37 -11.19
C PHE J 137 21.90 4.68 -12.01
N LYS J 138 22.23 3.54 -12.60
CA LYS J 138 21.21 2.73 -13.28
C LYS J 138 20.74 1.62 -12.33
N ARG J 139 19.43 1.44 -12.25
CA ARG J 139 18.88 0.56 -11.22
C ARG J 139 18.98 -0.95 -11.47
N PRO J 140 18.80 -1.51 -12.69
CA PRO J 140 18.96 -2.99 -12.84
C PRO J 140 20.36 -3.53 -12.57
N PRO J 141 21.49 -2.82 -12.85
CA PRO J 141 22.75 -3.37 -12.33
C PRO J 141 22.88 -3.30 -10.82
N ILE J 142 22.23 -2.34 -10.16
CA ILE J 142 22.19 -2.32 -8.70
C ILE J 142 21.36 -3.50 -8.19
N ASN J 143 20.31 -3.87 -8.93
CA ASN J 143 19.49 -5.02 -8.55
C ASN J 143 20.25 -6.33 -8.72
N VAL J 144 20.99 -6.48 -9.82
CA VAL J 144 21.85 -7.64 -10.01
C VAL J 144 22.96 -7.67 -8.95
N ALA J 145 23.43 -6.49 -8.54
CA ALA J 145 24.46 -6.40 -7.51
C ALA J 145 23.95 -6.84 -6.14
N ILE J 146 22.74 -6.43 -5.77
CA ILE J 146 22.20 -6.80 -4.46
C ILE J 146 21.73 -8.25 -4.47
N ASP J 147 21.38 -8.77 -5.66
CA ASP J 147 21.07 -10.19 -5.77
C ASP J 147 22.33 -11.04 -5.70
N ARG J 148 23.45 -10.50 -6.18
CA ARG J 148 24.73 -11.22 -6.19
C ARG J 148 25.38 -11.19 -4.81
N GLY J 149 25.47 -10.02 -4.20
CA GLY J 149 26.12 -9.90 -2.91
C GLY J 149 27.09 -8.74 -2.82
N LEU J 150 27.07 -7.87 -3.83
CA LEU J 150 27.98 -6.73 -3.91
C LEU J 150 27.62 -5.70 -2.83
N ALA J 151 28.50 -5.52 -1.85
CA ALA J 151 28.34 -4.51 -0.83
C ALA J 151 29.10 -3.26 -1.27
N PHE J 152 28.43 -2.11 -1.22
CA PHE J 152 29.00 -0.86 -1.74
C PHE J 152 29.83 -0.20 -0.66
N GLU J 153 31.12 0.02 -0.94
CA GLU J 153 32.00 0.69 0.00
C GLU J 153 31.88 2.20 -0.14
N LEU J 154 31.81 2.87 1.00
CA LEU J 154 31.86 4.33 1.08
C LEU J 154 32.99 4.68 2.04
N VAL J 155 34.17 4.95 1.49
CA VAL J 155 35.32 5.31 2.31
C VAL J 155 35.29 6.81 2.57
N TYR J 156 35.17 7.19 3.84
CA TYR J 156 35.02 8.59 4.20
C TYR J 156 36.21 9.04 5.03
N SER J 157 36.84 10.13 4.60
CA SER J 157 37.59 11.02 5.48
C SER J 157 37.61 12.45 4.95
N PRO J 158 36.46 13.19 4.87
CA PRO J 158 36.54 14.57 4.37
C PRO J 158 36.60 15.59 5.51
N ALA J 159 36.40 15.14 6.74
CA ALA J 159 36.22 16.06 7.87
C ALA J 159 37.54 16.66 8.32
N ILE J 160 38.65 16.07 7.91
CA ILE J 160 39.95 16.46 8.43
C ILE J 160 40.61 17.54 7.57
N LYS J 161 40.47 17.45 6.25
CA LYS J 161 41.13 18.39 5.35
C LYS J 161 40.33 19.68 5.18
N ASP J 162 39.13 19.58 4.60
CA ASP J 162 38.35 20.74 4.19
C ASP J 162 36.88 20.56 4.56
N SER J 163 36.04 21.43 4.00
CA SER J 163 34.61 21.32 4.20
C SER J 163 33.86 21.17 2.87
N THR J 164 34.49 21.59 1.77
CA THR J 164 33.92 21.33 0.45
C THR J 164 33.92 19.84 0.13
N MET J 165 34.96 19.12 0.56
CA MET J 165 34.97 17.68 0.41
C MET J 165 33.90 17.02 1.27
N ARG J 166 33.64 17.59 2.47
CA ARG J 166 32.51 17.17 3.29
C ARG J 166 31.20 17.34 2.53
N ARG J 167 31.05 18.47 1.83
CA ARG J 167 29.83 18.74 1.06
C ARG J 167 29.65 17.76 -0.10
N TYR J 168 30.72 17.49 -0.85
CA TYR J 168 30.59 16.56 -1.98
C TYR J 168 30.35 15.13 -1.51
N THR J 169 30.97 14.73 -0.39
CA THR J 169 30.73 13.39 0.14
C THR J 169 29.30 13.24 0.68
N ILE J 170 28.78 14.25 1.38
CA ILE J 170 27.42 14.13 1.92
C ILE J 170 26.39 14.22 0.80
N SER J 171 26.70 14.95 -0.29
CA SER J 171 25.79 15.01 -1.43
C SER J 171 25.76 13.68 -2.19
N SER J 172 26.94 13.09 -2.41
CA SER J 172 27.00 11.80 -3.09
C SER J 172 26.39 10.70 -2.24
N ALA J 173 26.53 10.80 -0.92
CA ALA J 173 25.96 9.79 -0.03
C ALA J 173 24.44 9.89 0.05
N LEU J 174 23.91 11.12 0.05
CA LEU J 174 22.46 11.30 -0.01
C LEU J 174 21.89 10.83 -1.35
N ASN J 175 22.64 11.05 -2.45
CA ASN J 175 22.20 10.53 -3.74
C ASN J 175 22.22 9.01 -3.77
N LEU J 176 23.24 8.39 -3.15
CA LEU J 176 23.31 6.94 -3.07
C LEU J 176 22.19 6.37 -2.23
N MET J 177 21.84 7.02 -1.11
CA MET J 177 20.78 6.53 -0.25
C MET J 177 19.40 6.76 -0.88
N GLN J 178 19.27 7.80 -1.70
CA GLN J 178 18.01 8.01 -2.40
C GLN J 178 17.80 7.07 -3.58
N ILE J 179 18.84 6.78 -4.36
CA ILE J 179 18.68 5.97 -5.57
C ILE J 179 18.84 4.49 -5.29
N CYS J 180 19.92 4.10 -4.60
CA CYS J 180 20.27 2.71 -4.36
C CYS J 180 19.31 2.02 -3.40
N LYS J 181 18.53 2.79 -2.63
CA LYS J 181 17.45 2.44 -1.69
C LYS J 181 18.03 1.87 -0.39
N GLY J 182 19.33 1.62 -0.32
CA GLY J 182 19.93 1.20 0.93
C GLY J 182 19.73 -0.27 1.26
N LYS J 183 20.37 -1.15 0.50
CA LYS J 183 20.28 -2.58 0.80
C LYS J 183 21.57 -3.09 1.45
N ASN J 184 22.70 -2.90 0.78
CA ASN J 184 24.00 -3.29 1.33
C ASN J 184 25.06 -2.23 1.01
N VAL J 185 25.16 -1.23 1.88
CA VAL J 185 26.17 -0.18 1.76
C VAL J 185 26.92 -0.05 3.08
N ILE J 186 28.22 -0.29 3.07
CA ILE J 186 29.04 -0.18 4.27
C ILE J 186 30.00 0.99 4.13
N ILE J 187 30.17 1.72 5.23
CA ILE J 187 31.04 2.89 5.29
C ILE J 187 32.30 2.55 6.07
N SER J 188 33.39 3.23 5.76
CA SER J 188 34.67 2.97 6.41
C SER J 188 35.55 4.21 6.42
N SER J 189 36.48 4.27 7.37
CA SER J 189 37.30 5.44 7.57
C SER J 189 38.72 5.22 7.08
N ALA J 190 39.32 6.30 6.58
CA ALA J 190 40.71 6.31 6.15
C ALA J 190 41.61 6.84 7.27
N ALA J 191 42.90 6.51 7.18
CA ALA J 191 43.87 6.85 8.22
C ALA J 191 45.18 7.29 7.58
N GLU J 192 45.39 8.59 7.50
CA GLU J 192 46.66 9.15 7.03
C GLU J 192 47.46 9.68 8.22
N ARG J 193 46.84 10.55 9.02
CA ARG J 193 47.40 11.00 10.29
C ARG J 193 47.29 9.83 11.27
N PRO J 194 48.15 9.76 12.32
CA PRO J 194 48.11 8.59 13.21
C PRO J 194 46.89 8.50 14.13
N LEU J 195 46.03 9.52 14.13
CA LEU J 195 44.76 9.49 14.87
C LEU J 195 43.66 10.04 13.95
N GLU J 196 43.03 9.16 13.19
CA GLU J 196 41.91 9.50 12.33
C GLU J 196 40.77 8.51 12.49
N ILE J 197 40.42 8.18 13.74
CA ILE J 197 39.37 7.21 14.02
C ILE J 197 38.52 7.72 15.17
N ARG J 198 37.21 7.58 15.06
CA ARG J 198 36.26 7.95 16.10
C ARG J 198 35.63 6.69 16.69
N GLY J 199 34.64 6.86 17.56
CA GLY J 199 33.99 5.77 18.24
C GLY J 199 33.22 4.84 17.32
N PRO J 200 33.18 3.55 17.67
CA PRO J 200 32.59 2.56 16.76
C PRO J 200 31.07 2.59 16.71
N TYR J 201 30.44 2.97 17.82
CA TYR J 201 28.97 3.01 17.85
C TYR J 201 28.44 4.25 17.16
N ASP J 202 29.31 5.23 16.92
CA ASP J 202 28.86 6.49 16.33
C ASP J 202 29.07 6.49 14.82
N VAL J 203 29.78 5.46 14.31
CA VAL J 203 29.81 5.19 12.88
C VAL J 203 28.42 4.83 12.38
N ALA J 204 27.62 4.22 13.26
CA ALA J 204 26.20 3.97 12.97
C ALA J 204 25.43 5.26 12.75
N ASN J 205 25.74 6.32 13.51
CA ASN J 205 25.03 7.58 13.27
C ASN J 205 25.63 8.33 12.08
N LEU J 206 26.90 8.09 11.77
CA LEU J 206 27.45 8.69 10.55
C LEU J 206 26.83 8.04 9.31
N GLY J 207 26.42 6.77 9.43
CA GLY J 207 25.61 6.16 8.40
C GLY J 207 24.14 6.51 8.50
N LEU J 208 23.68 6.92 9.69
CA LEU J 208 22.29 7.33 9.85
C LEU J 208 22.06 8.75 9.37
N LEU J 209 23.09 9.61 9.43
CA LEU J 209 23.02 10.90 8.76
C LEU J 209 22.89 10.72 7.26
N PHE J 210 23.59 9.73 6.70
CA PHE J 210 23.35 9.30 5.32
C PHE J 210 21.93 8.78 5.17
N GLY J 211 21.45 8.02 6.15
CA GLY J 211 20.09 7.53 6.17
C GLY J 211 20.00 6.06 6.50
N LEU J 212 19.38 5.32 5.58
CA LEU J 212 19.35 3.87 5.43
C LEU J 212 18.51 3.11 6.46
N SER J 213 18.36 3.67 7.68
CA SER J 213 17.39 3.34 8.74
C SER J 213 17.73 4.11 10.01
N GLU J 214 16.93 3.89 11.06
CA GLU J 214 17.33 4.28 12.40
C GLU J 214 18.21 3.22 13.08
N SER J 215 18.08 1.96 12.69
CA SER J 215 18.85 0.88 13.32
C SER J 215 19.47 -0.10 12.32
N ASP J 216 18.89 -0.21 11.12
CA ASP J 216 19.39 -1.18 10.15
C ASP J 216 20.61 -0.62 9.43
N ALA J 217 21.00 0.62 9.71
CA ALA J 217 22.33 1.09 9.31
C ALA J 217 23.43 0.31 10.05
N LYS J 218 23.33 0.27 11.39
CA LYS J 218 24.26 -0.51 12.20
C LYS J 218 24.10 -2.01 11.93
N ALA J 219 22.85 -2.47 11.80
CA ALA J 219 22.61 -3.87 11.48
C ALA J 219 23.16 -4.24 10.10
N ALA J 220 23.08 -3.32 9.13
CA ALA J 220 23.51 -3.60 7.78
C ALA J 220 25.02 -3.58 7.67
N VAL J 221 25.70 -2.69 8.39
CA VAL J 221 27.17 -2.72 8.35
C VAL J 221 27.69 -3.95 9.09
N SER J 222 27.06 -4.32 10.21
CA SER J 222 27.52 -5.47 10.99
C SER J 222 27.21 -6.78 10.29
N THR J 223 26.19 -6.81 9.43
CA THR J 223 25.91 -8.00 8.64
C THR J 223 26.71 -8.03 7.35
N ASN J 224 26.82 -6.89 6.66
CA ASN J 224 27.36 -6.89 5.31
C ASN J 224 28.87 -6.88 5.29
N CYS J 225 29.52 -6.48 6.39
CA CYS J 225 30.98 -6.64 6.44
C CYS J 225 31.37 -8.11 6.60
N ARG J 226 30.62 -8.85 7.42
CA ARG J 226 30.83 -10.29 7.52
C ARG J 226 30.42 -10.98 6.22
N ALA J 227 29.39 -10.47 5.55
CA ALA J 227 29.02 -11.01 4.24
C ALA J 227 30.06 -10.66 3.19
N ALA J 228 30.78 -9.56 3.37
CA ALA J 228 31.85 -9.19 2.46
C ALA J 228 33.06 -10.10 2.64
N LEU J 229 33.40 -10.41 3.90
CA LEU J 229 34.44 -11.41 4.17
C LEU J 229 34.02 -12.78 3.64
N LEU J 230 32.73 -13.10 3.72
CA LEU J 230 32.20 -14.34 3.15
C LEU J 230 32.33 -14.37 1.64
N HIS J 231 32.03 -13.25 0.97
CA HIS J 231 32.14 -13.17 -0.48
C HIS J 231 33.59 -13.27 -0.93
N GLY J 232 34.49 -12.63 -0.18
CA GLY J 232 35.91 -12.76 -0.48
C GLY J 232 36.44 -14.16 -0.26
N GLU J 233 35.90 -14.86 0.75
CA GLU J 233 36.32 -16.23 1.01
C GLU J 233 35.78 -17.18 -0.06
N THR J 234 34.55 -16.96 -0.52
CA THR J 234 34.00 -17.78 -1.60
C THR J 234 34.65 -17.45 -2.94
N ARG J 235 35.24 -16.25 -3.07
CA ARG J 235 36.04 -16.00 -4.26
C ARG J 235 37.43 -16.62 -4.14
N LYS J 236 37.99 -16.68 -2.93
CA LYS J 236 39.37 -17.14 -2.75
C LYS J 236 39.48 -18.67 -2.76
N THR J 237 38.86 -19.32 -1.78
CA THR J 237 38.96 -20.78 -1.63
C THR J 237 38.32 -21.52 -2.79
N ALA J 238 37.00 -21.44 -2.89
CA ALA J 238 36.20 -21.94 -4.00
C ALA J 238 34.80 -21.38 -3.86
N PHE J 239 34.04 -21.40 -4.96
CA PHE J 239 32.74 -20.77 -4.99
C PHE J 239 31.68 -21.54 -4.19
N GLY J 240 31.87 -22.84 -4.00
CA GLY J 240 30.99 -23.62 -3.14
C GLY J 240 31.73 -24.48 -2.15
N ILE J 241 33.04 -24.63 -2.33
CA ILE J 241 33.84 -25.56 -1.55
C ILE J 241 34.78 -24.75 -0.66
N ILE J 242 35.15 -25.29 0.50
CA ILE J 242 36.28 -24.77 1.26
C ILE J 242 37.21 -25.92 1.61
N SER J 243 38.46 -25.84 1.13
CA SER J 243 39.46 -26.86 1.40
C SER J 243 40.59 -26.27 2.23
N THR J 244 40.74 -26.78 3.45
CA THR J 244 41.75 -26.31 4.38
C THR J 244 42.62 -27.46 4.83
N VAL J 245 43.93 -27.24 4.86
CA VAL J 245 44.86 -28.25 5.39
C VAL J 245 44.79 -28.23 6.91
N LYS J 246 44.40 -29.35 7.50
CA LYS J 246 44.23 -29.48 8.94
C LYS J 246 45.12 -30.62 9.43
N LYS J 247 46.25 -30.27 10.04
CA LYS J 247 47.18 -31.24 10.59
C LYS J 247 47.25 -31.08 12.10
N PRO J 248 46.52 -31.90 12.88
CA PRO J 248 46.54 -31.80 14.34
C PRO J 248 47.84 -32.34 14.94
N PRO K 4 41.09 -34.19 -24.62
CA PRO K 4 41.29 -35.61 -24.35
C PRO K 4 41.63 -35.89 -22.89
N VAL K 5 42.06 -34.85 -22.18
CA VAL K 5 42.42 -35.02 -20.77
C VAL K 5 41.17 -35.01 -19.89
N LYS K 6 40.23 -34.12 -20.19
CA LYS K 6 39.02 -33.99 -19.37
C LYS K 6 38.10 -35.19 -19.55
N ASP K 7 38.12 -35.81 -20.73
CA ASP K 7 37.37 -37.04 -20.94
C ASP K 7 38.04 -38.20 -20.23
N ARG K 8 39.38 -38.20 -20.21
CA ARG K 8 40.13 -39.21 -19.47
C ARG K 8 39.89 -39.09 -17.97
N GLU K 9 39.61 -37.87 -17.49
CA GLU K 9 39.20 -37.69 -16.10
C GLU K 9 37.87 -38.37 -15.81
N ALA K 10 36.86 -38.14 -16.66
CA ALA K 10 35.53 -38.69 -16.41
C ALA K 10 35.48 -40.20 -16.65
N PHE K 11 36.47 -40.74 -17.37
CA PHE K 11 36.62 -42.19 -17.49
C PHE K 11 36.83 -42.86 -16.13
N GLN K 12 37.61 -42.22 -15.25
CA GLN K 12 37.81 -42.74 -13.89
C GLN K 12 36.52 -42.73 -13.09
N ARG K 13 35.69 -41.70 -13.29
CA ARG K 13 34.43 -41.60 -12.56
C ARG K 13 33.44 -42.65 -13.06
N LEU K 14 33.43 -42.89 -14.37
CA LEU K 14 32.50 -43.86 -14.95
C LEU K 14 32.87 -45.29 -14.54
N ASN K 15 34.14 -45.67 -14.65
CA ASN K 15 34.48 -47.04 -14.26
C ASN K 15 34.58 -47.18 -12.74
N PHE K 16 34.67 -46.07 -12.01
CA PHE K 16 34.50 -46.12 -10.56
C PHE K 16 33.08 -46.46 -10.17
N LEU K 17 32.09 -45.85 -10.84
CA LEU K 17 30.70 -46.23 -10.60
C LEU K 17 30.43 -47.67 -11.04
N TYR K 18 31.08 -48.09 -12.13
CA TYR K 18 30.97 -49.47 -12.60
C TYR K 18 31.56 -50.46 -11.60
N GLN K 19 32.68 -50.11 -10.98
CA GLN K 19 33.30 -50.99 -9.99
C GLN K 19 32.54 -50.98 -8.67
N ALA K 20 31.92 -49.84 -8.33
CA ALA K 20 31.11 -49.78 -7.12
C ALA K 20 29.83 -50.60 -7.26
N ALA K 21 29.29 -50.69 -8.47
CA ALA K 21 28.15 -51.57 -8.72
C ALA K 21 28.52 -53.04 -8.52
N HIS K 22 29.73 -53.43 -8.96
CA HIS K 22 30.20 -54.79 -8.72
C HIS K 22 30.49 -55.03 -7.24
N CYS K 23 30.94 -54.00 -6.52
CA CYS K 23 31.17 -54.13 -5.08
C CYS K 23 29.86 -54.35 -4.34
N VAL K 24 28.80 -53.64 -4.75
CA VAL K 24 27.48 -53.83 -4.15
C VAL K 24 26.92 -55.21 -4.48
N LEU K 25 27.03 -55.64 -5.74
CA LEU K 25 26.45 -56.92 -6.13
C LEU K 25 27.26 -58.11 -5.63
N ALA K 26 28.53 -57.89 -5.28
CA ALA K 26 29.31 -58.95 -4.66
C ALA K 26 29.23 -58.90 -3.14
N GLN K 27 28.76 -57.79 -2.57
CA GLN K 27 28.70 -57.67 -1.12
C GLN K 27 27.43 -58.30 -0.57
N ASP K 28 26.27 -57.86 -1.05
CA ASP K 28 25.00 -58.35 -0.54
C ASP K 28 24.10 -58.82 -1.68
N PRO K 29 23.45 -59.99 -1.51
CA PRO K 29 22.55 -60.49 -2.55
C PRO K 29 21.12 -59.99 -2.41
N GLU K 30 20.39 -59.94 -3.54
CA GLU K 30 18.94 -59.74 -3.66
C GLU K 30 18.46 -58.34 -3.25
N ASN K 31 19.37 -57.46 -2.83
CA ASN K 31 19.03 -56.06 -2.60
C ASN K 31 19.92 -55.18 -3.45
N GLN K 32 19.42 -54.77 -4.60
CA GLN K 32 20.25 -54.29 -5.70
C GLN K 32 20.11 -52.79 -5.95
N ALA K 33 19.52 -52.03 -5.02
CA ALA K 33 19.13 -50.65 -5.29
C ALA K 33 20.34 -49.73 -5.47
N LEU K 34 21.41 -49.99 -4.72
CA LEU K 34 22.65 -49.22 -4.88
C LEU K 34 23.28 -49.44 -6.26
N ALA K 35 23.39 -50.70 -6.69
CA ALA K 35 24.01 -50.99 -7.98
C ALA K 35 23.11 -50.52 -9.13
N ARG K 36 21.79 -50.61 -8.95
CA ARG K 36 20.87 -50.13 -9.97
C ARG K 36 20.93 -48.61 -10.11
N PHE K 37 21.04 -47.89 -8.98
CA PHE K 37 21.18 -46.44 -9.03
C PHE K 37 22.53 -46.04 -9.61
N TYR K 38 23.59 -46.78 -9.29
CA TYR K 38 24.91 -46.47 -9.83
C TYR K 38 24.97 -46.74 -11.33
N CYS K 39 24.31 -47.80 -11.80
CA CYS K 39 24.25 -48.07 -13.24
C CYS K 39 23.36 -47.07 -13.94
N TYR K 40 22.32 -46.58 -13.28
CA TYR K 40 21.48 -45.53 -13.85
C TYR K 40 22.24 -44.22 -13.98
N THR K 41 23.08 -43.89 -12.99
CA THR K 41 23.92 -42.70 -13.08
C THR K 41 24.98 -42.87 -14.17
N GLU K 42 25.58 -44.06 -14.28
CA GLU K 42 26.55 -44.35 -15.32
C GLU K 42 25.94 -44.28 -16.72
N ARG K 43 24.67 -44.70 -16.86
CA ARG K 43 24.01 -44.60 -18.14
C ARG K 43 23.57 -43.17 -18.44
N THR K 44 23.23 -42.39 -17.40
CA THR K 44 22.86 -40.98 -17.58
C THR K 44 24.05 -40.14 -18.02
N ILE K 45 25.24 -40.43 -17.47
CA ILE K 45 26.46 -39.73 -17.89
C ILE K 45 26.78 -40.04 -19.34
N ALA K 46 26.60 -41.30 -19.75
CA ALA K 46 26.88 -41.68 -21.13
C ALA K 46 25.76 -41.21 -22.06
N LYS K 47 24.59 -40.87 -21.51
CA LYS K 47 23.48 -40.39 -22.31
C LYS K 47 23.57 -38.89 -22.56
N ARG K 48 24.12 -38.14 -21.59
CA ARG K 48 24.24 -36.70 -21.76
C ARG K 48 25.59 -36.31 -22.36
N LEU K 49 26.67 -36.84 -21.80
CA LEU K 49 28.03 -36.47 -22.20
C LEU K 49 28.62 -37.41 -23.25
N VAL K 50 27.80 -37.91 -24.19
CA VAL K 50 27.95 -39.14 -24.99
C VAL K 50 29.35 -39.43 -25.49
N LEU K 51 29.84 -40.63 -25.19
CA LEU K 51 31.21 -41.05 -25.45
C LEU K 51 31.23 -42.29 -26.35
N ARG K 52 32.42 -42.87 -26.49
CA ARG K 52 32.62 -44.12 -27.22
C ARG K 52 32.91 -45.22 -26.19
N ARG K 53 31.89 -46.00 -25.86
CA ARG K 53 32.01 -47.04 -24.86
C ARG K 53 32.19 -48.42 -25.50
N ASP K 54 32.67 -49.35 -24.69
CA ASP K 54 32.97 -50.72 -25.10
C ASP K 54 31.70 -51.51 -25.42
N PRO K 55 31.71 -52.34 -26.48
CA PRO K 55 30.45 -52.92 -26.96
C PRO K 55 29.93 -54.10 -26.15
N SER K 56 30.82 -54.88 -25.55
CA SER K 56 30.39 -56.10 -24.86
C SER K 56 29.96 -55.80 -23.43
N VAL K 57 30.68 -54.89 -22.76
CA VAL K 57 30.35 -54.52 -21.39
C VAL K 57 29.01 -53.79 -21.35
N LYS K 58 28.81 -52.86 -22.28
CA LYS K 58 27.58 -52.07 -22.32
C LYS K 58 26.37 -52.91 -22.69
N ARG K 59 26.57 -53.96 -23.49
CA ARG K 59 25.45 -54.82 -23.83
C ARG K 59 25.22 -55.83 -22.70
N THR K 60 26.21 -56.01 -21.81
CA THR K 60 25.93 -56.70 -20.57
C THR K 60 25.40 -55.78 -19.47
N LEU K 61 25.37 -54.46 -19.68
CA LEU K 61 24.70 -53.59 -18.73
C LEU K 61 23.18 -53.69 -18.79
N CYS K 62 22.64 -54.31 -19.85
CA CYS K 62 21.22 -54.64 -20.00
C CYS K 62 20.33 -53.41 -19.92
N ARG K 63 20.33 -52.60 -20.99
CA ARG K 63 19.84 -51.22 -21.00
C ARG K 63 18.35 -51.05 -20.72
N GLY K 64 17.61 -52.11 -20.41
CA GLY K 64 16.20 -52.05 -20.04
C GLY K 64 15.88 -51.08 -18.91
N CYS K 65 16.32 -51.35 -17.69
CA CYS K 65 16.44 -50.24 -16.75
C CYS K 65 17.88 -50.08 -16.29
N SER K 66 18.39 -51.04 -15.51
CA SER K 66 19.80 -51.14 -15.10
C SER K 66 20.09 -52.50 -14.46
N SER K 67 20.92 -53.33 -15.10
CA SER K 67 21.47 -54.53 -14.48
C SER K 67 22.74 -54.99 -15.19
N LEU K 68 23.90 -54.78 -14.58
CA LEU K 68 25.16 -55.06 -15.27
C LEU K 68 25.76 -56.41 -14.87
N LEU K 69 25.67 -56.78 -13.60
CA LEU K 69 26.14 -58.07 -13.15
C LEU K 69 25.01 -59.01 -12.77
N VAL K 70 23.81 -58.47 -12.53
CA VAL K 70 22.61 -59.19 -12.09
C VAL K 70 22.19 -60.35 -13.00
N PRO K 71 22.13 -60.22 -14.39
CA PRO K 71 21.64 -61.37 -15.16
C PRO K 71 22.56 -62.59 -15.24
N GLY K 72 23.74 -62.53 -14.61
CA GLY K 72 24.64 -63.67 -14.66
C GLY K 72 24.33 -64.70 -13.59
N LEU K 73 24.29 -64.27 -12.33
CA LEU K 73 24.09 -65.20 -11.22
C LEU K 73 22.69 -65.16 -10.62
N THR K 74 21.86 -64.19 -11.01
CA THR K 74 20.50 -64.09 -10.49
C THR K 74 19.43 -64.33 -11.54
N CYS K 75 19.50 -63.65 -12.68
CA CYS K 75 18.50 -63.79 -13.74
C CYS K 75 18.99 -64.76 -14.81
N THR K 76 18.24 -64.83 -15.91
CA THR K 76 18.38 -65.93 -16.84
C THR K 76 19.23 -65.54 -18.05
N GLN K 77 20.24 -66.36 -18.34
CA GLN K 77 20.95 -66.30 -19.63
C GLN K 77 21.13 -67.73 -20.10
N ARG K 78 20.46 -68.12 -21.18
CA ARG K 78 20.50 -69.49 -21.67
C ARG K 78 20.68 -69.49 -23.18
N GLN K 79 20.66 -70.69 -23.77
CA GLN K 79 20.78 -70.87 -25.20
C GLN K 79 19.62 -71.70 -25.72
N ARG K 80 19.21 -71.44 -26.97
CA ARG K 80 18.20 -72.23 -27.64
C ARG K 80 18.43 -72.11 -29.15
N ARG K 81 17.57 -72.75 -29.93
CA ARG K 81 17.58 -72.62 -31.38
C ARG K 81 16.18 -72.27 -31.85
N CYS K 82 15.98 -71.01 -32.24
CA CYS K 82 14.64 -70.52 -32.54
C CYS K 82 14.21 -70.88 -33.96
N ARG K 83 14.91 -70.35 -34.97
CA ARG K 83 14.59 -70.69 -36.35
C ARG K 83 15.73 -71.42 -37.05
N GLY K 84 16.87 -70.75 -37.17
CA GLY K 84 18.03 -71.25 -37.89
C GLY K 84 19.23 -71.44 -36.99
N GLN K 85 20.12 -70.45 -37.02
CA GLN K 85 21.27 -70.40 -36.12
C GLN K 85 20.80 -70.32 -34.67
N ARG K 86 21.60 -70.87 -33.77
CA ARG K 86 21.24 -70.89 -32.36
C ARG K 86 21.44 -69.51 -31.74
N TRP K 87 20.55 -69.14 -30.82
CA TRP K 87 20.55 -67.83 -30.20
C TRP K 87 20.66 -67.97 -28.69
N THR K 88 21.44 -67.09 -28.07
CA THR K 88 21.49 -66.97 -26.62
C THR K 88 20.46 -65.93 -26.21
N VAL K 89 19.59 -66.32 -25.29
CA VAL K 89 18.53 -65.45 -24.75
C VAL K 89 18.99 -64.94 -23.40
N GLN K 90 19.00 -63.62 -23.24
CA GLN K 90 19.34 -62.97 -21.98
C GLN K 90 18.11 -62.23 -21.48
N THR K 91 17.56 -62.69 -20.35
CA THR K 91 16.35 -62.11 -19.77
C THR K 91 16.60 -61.78 -18.31
N CYS K 92 16.37 -60.53 -17.95
CA CYS K 92 16.45 -60.06 -16.56
C CYS K 92 15.06 -60.03 -15.96
N LEU K 93 14.98 -60.38 -14.66
CA LEU K 93 13.69 -60.39 -13.96
C LEU K 93 13.40 -59.08 -13.25
N THR K 94 13.49 -57.95 -13.96
CA THR K 94 13.07 -56.66 -13.44
C THR K 94 12.01 -55.98 -14.31
N CYS K 95 12.29 -55.84 -15.60
CA CYS K 95 11.37 -55.19 -16.54
C CYS K 95 10.87 -56.14 -17.61
N GLN K 96 11.25 -57.42 -17.56
CA GLN K 96 10.76 -58.50 -18.42
C GLN K 96 11.06 -58.25 -19.90
N ARG K 97 12.27 -57.75 -20.18
CA ARG K 97 12.73 -57.59 -21.54
C ARG K 97 13.75 -58.66 -21.90
N SER K 98 13.93 -58.87 -23.20
CA SER K 98 14.76 -59.95 -23.71
C SER K 98 15.88 -59.40 -24.59
N GLN K 99 16.95 -60.18 -24.71
CA GLN K 99 18.10 -59.83 -25.55
C GLN K 99 18.53 -61.06 -26.34
N ARG K 100 18.55 -60.93 -27.66
CA ARG K 100 19.03 -61.98 -28.55
C ARG K 100 20.51 -61.75 -28.84
N PHE K 101 21.33 -62.80 -28.75
CA PHE K 101 22.72 -62.75 -29.20
C PHE K 101 23.09 -64.09 -29.86
N LEU K 102 23.29 -64.08 -31.17
CA LEU K 102 23.63 -65.33 -31.86
C LEU K 102 25.09 -65.69 -31.65
N ASN K 103 25.33 -66.96 -31.32
CA ASN K 103 26.67 -67.49 -31.10
C ASN K 103 26.83 -68.74 -31.96
N ASP K 104 27.80 -68.70 -32.87
CA ASP K 104 27.90 -69.71 -33.91
C ASP K 104 29.32 -69.83 -34.46
N PRO K 105 29.77 -71.05 -34.83
CA PRO K 105 31.18 -71.25 -35.19
C PRO K 105 31.55 -70.78 -36.60
N GLY K 106 30.56 -70.71 -37.50
CA GLY K 106 30.86 -70.35 -38.88
C GLY K 106 31.13 -68.86 -39.06
N HIS K 107 30.75 -68.05 -38.07
CA HIS K 107 30.88 -66.60 -38.16
C HIS K 107 31.91 -66.03 -37.20
N LEU K 108 32.96 -66.81 -36.88
CA LEU K 108 33.93 -66.40 -35.85
C LEU K 108 34.68 -65.13 -36.24
N LEU K 109 34.93 -64.94 -37.54
CA LEU K 109 35.56 -63.71 -38.01
C LEU K 109 34.68 -62.50 -37.77
N TRP K 110 33.35 -62.65 -37.85
CA TRP K 110 32.48 -61.53 -37.52
C TRP K 110 32.40 -61.37 -36.01
N GLY K 111 32.76 -62.41 -35.26
CA GLY K 111 32.99 -62.24 -33.84
C GLY K 111 34.31 -61.57 -33.54
N ASP K 112 35.24 -61.57 -34.50
CA ASP K 112 36.52 -60.89 -34.36
C ASP K 112 36.59 -59.62 -35.18
N ARG K 113 35.52 -59.28 -35.90
CA ARG K 113 35.54 -58.10 -36.76
C ARG K 113 35.47 -56.76 -36.02
N PRO K 114 34.60 -56.56 -34.96
CA PRO K 114 34.74 -55.32 -34.20
C PRO K 114 35.75 -55.42 -33.06
N GLU K 115 36.01 -56.64 -32.57
CA GLU K 115 36.73 -56.82 -31.31
C GLU K 115 38.23 -57.02 -31.49
N ALA K 116 38.63 -57.89 -32.42
CA ALA K 116 40.05 -58.24 -32.52
C ALA K 116 40.85 -57.17 -33.26
N GLN K 117 40.17 -56.26 -33.96
CA GLN K 117 40.89 -55.21 -34.68
C GLN K 117 41.45 -54.16 -33.74
N LEU K 118 40.66 -53.75 -32.74
CA LEU K 118 41.10 -52.71 -31.81
C LEU K 118 42.21 -53.22 -30.90
N GLY K 119 42.27 -54.52 -30.68
CA GLY K 119 43.40 -55.13 -30.01
C GLY K 119 44.62 -55.16 -30.90
N SER K 120 44.40 -55.30 -32.21
CA SER K 120 45.52 -55.41 -33.14
C SER K 120 45.98 -54.06 -33.63
N GLN K 121 45.04 -53.17 -33.99
CA GLN K 121 45.41 -51.89 -34.59
C GLN K 121 45.68 -50.81 -33.55
N ALA K 122 45.79 -51.17 -32.28
CA ALA K 122 46.11 -50.19 -31.24
C ALA K 122 47.54 -49.69 -31.36
N ASP K 123 47.70 -48.41 -31.68
CA ASP K 123 49.00 -47.80 -31.85
C ASP K 123 49.10 -46.55 -30.98
N SER K 124 50.32 -46.25 -30.55
CA SER K 124 50.56 -45.08 -29.70
C SER K 124 51.30 -43.99 -30.47
N ALA L 2 11.75 12.22 5.05
CA ALA L 2 12.00 10.86 5.49
C ALA L 2 13.24 10.80 6.37
N THR L 3 14.35 11.38 5.89
CA THR L 3 15.58 11.39 6.66
C THR L 3 15.51 12.37 7.83
N LEU L 4 14.78 13.48 7.63
CA LEU L 4 14.62 14.47 8.70
C LEU L 4 13.82 13.92 9.86
N ARG L 5 12.88 13.02 9.58
CA ARG L 5 12.17 12.35 10.65
C ARG L 5 13.04 11.30 11.33
N ARG L 6 13.97 10.69 10.58
CA ARG L 6 14.92 9.76 11.16
C ARG L 6 15.94 10.48 12.04
N LEU L 7 16.14 11.78 11.80
CA LEU L 7 17.03 12.56 12.65
C LEU L 7 16.43 12.81 14.03
N ARG L 8 15.09 12.73 14.15
CA ARG L 8 14.41 13.15 15.37
C ARG L 8 13.24 12.26 15.76
N GLU L 9 13.26 10.97 15.43
CA GLU L 9 12.06 10.15 15.63
C GLU L 9 11.82 9.82 17.10
N ALA L 10 12.65 8.90 17.66
CA ALA L 10 12.66 8.48 19.06
C ALA L 10 13.76 7.45 19.31
N PRO L 11 14.30 7.40 20.51
CA PRO L 11 14.62 6.09 21.11
C PRO L 11 13.43 5.68 21.95
N ARG L 12 13.20 4.39 22.15
CA ARG L 12 12.01 3.94 22.86
C ARG L 12 12.22 4.02 24.36
N HIS L 13 11.19 4.48 25.07
CA HIS L 13 11.26 4.69 26.52
C HIS L 13 10.02 4.09 27.17
N LEU L 14 10.22 3.35 28.25
CA LEU L 14 9.13 2.88 29.10
C LEU L 14 9.50 3.12 30.56
N LEU L 15 8.64 3.86 31.25
CA LEU L 15 8.87 4.26 32.64
C LEU L 15 7.58 4.03 33.41
N VAL L 16 7.57 3.01 34.27
CA VAL L 16 6.34 2.58 34.93
C VAL L 16 6.48 2.86 36.43
N CYS L 17 5.46 3.52 37.00
CA CYS L 17 5.45 3.84 38.43
C CYS L 17 4.23 3.20 39.09
N GLU L 18 4.44 2.66 40.29
CA GLU L 18 3.38 2.04 41.07
C GLU L 18 3.54 2.48 42.53
N LYS L 19 2.44 2.43 43.28
CA LYS L 19 2.47 2.66 44.72
C LYS L 19 1.83 1.48 45.44
N SER L 20 2.41 1.09 46.57
CA SER L 20 1.93 -0.09 47.29
C SER L 20 2.25 -0.04 48.78
N ASN L 21 1.72 -1.01 49.52
CA ASN L 21 1.90 -1.13 50.95
C ASN L 21 2.78 -2.33 51.28
N PHE L 22 3.57 -2.20 52.35
CA PHE L 22 4.35 -3.34 52.84
C PHE L 22 3.50 -4.32 53.63
N GLY L 23 2.46 -3.84 54.30
CA GLY L 23 1.61 -4.71 55.10
C GLY L 23 0.46 -5.32 54.34
N ASN L 24 0.48 -5.17 53.01
CA ASN L 24 -0.57 -5.70 52.15
C ASN L 24 -0.22 -7.13 51.74
N HIS L 25 -1.24 -7.98 51.66
CA HIS L 25 -1.01 -9.37 51.29
C HIS L 25 -0.81 -9.52 49.78
N LYS L 26 -1.26 -8.54 49.00
CA LYS L 26 -1.10 -8.57 47.54
C LYS L 26 0.24 -8.01 47.09
N SER L 27 1.10 -7.56 48.00
CA SER L 27 2.36 -6.95 47.63
C SER L 27 3.33 -8.02 47.14
N ARG L 28 3.77 -7.90 45.89
CA ARG L 28 4.71 -8.84 45.28
C ARG L 28 6.10 -8.22 45.08
N HIS L 29 6.53 -7.37 46.02
CA HIS L 29 7.88 -6.80 45.91
C HIS L 29 8.95 -7.84 46.21
N ARG L 30 8.68 -8.76 47.15
CA ARG L 30 9.65 -9.80 47.49
C ARG L 30 9.86 -10.76 46.33
N HIS L 31 8.77 -11.12 45.64
CA HIS L 31 8.88 -11.96 44.45
C HIS L 31 9.61 -11.24 43.32
N LEU L 32 9.40 -9.92 43.20
CA LEU L 32 10.03 -9.16 42.13
C LEU L 32 11.52 -8.98 42.39
N VAL L 33 11.93 -8.98 43.67
CA VAL L 33 13.36 -8.89 43.96
C VAL L 33 14.01 -10.27 43.86
N GLN L 34 13.36 -11.31 44.40
CA GLN L 34 13.95 -12.64 44.37
C GLN L 34 14.03 -13.24 42.98
N THR L 35 13.01 -13.02 42.14
CA THR L 35 13.02 -13.56 40.80
C THR L 35 13.76 -12.67 39.79
N HIS L 36 14.32 -11.55 40.24
CA HIS L 36 15.27 -10.77 39.46
C HIS L 36 16.65 -11.25 39.91
N TYR L 37 17.51 -11.57 38.95
CA TYR L 37 18.64 -12.43 39.24
C TYR L 37 19.95 -11.65 39.31
N TYR L 38 20.27 -10.89 38.25
CA TYR L 38 21.59 -10.29 38.09
C TYR L 38 21.51 -8.81 38.43
N ASN L 39 22.47 -8.33 39.21
CA ASN L 39 22.47 -6.98 39.75
C ASN L 39 23.89 -6.42 39.77
N TYR L 40 24.03 -5.12 39.50
CA TYR L 40 25.33 -4.46 39.47
C TYR L 40 25.51 -3.42 40.59
N ARG L 41 24.64 -2.42 40.65
CA ARG L 41 24.83 -1.27 41.52
C ARG L 41 23.61 -1.12 42.41
N VAL L 42 23.80 -1.23 43.72
CA VAL L 42 22.73 -1.08 44.70
C VAL L 42 23.08 0.12 45.57
N SER L 43 22.32 1.20 45.41
CA SER L 43 22.57 2.43 46.15
C SER L 43 21.39 2.74 47.04
N PHE L 44 21.66 3.33 48.19
CA PHE L 44 20.59 3.82 49.04
C PHE L 44 20.97 5.17 49.64
N LEU L 45 19.94 5.99 49.79
CA LEU L 45 20.02 7.42 50.11
C LEU L 45 19.13 7.69 51.31
N ILE L 46 19.69 8.33 52.33
CA ILE L 46 18.91 8.76 53.49
C ILE L 46 19.12 10.25 53.73
N PRO L 47 18.08 11.07 53.70
CA PRO L 47 18.24 12.47 54.12
C PRO L 47 18.25 12.60 55.63
N GLU L 48 19.02 13.57 56.12
CA GLU L 48 19.10 13.99 57.53
C GLU L 48 19.53 12.83 58.44
N CYS L 49 20.68 12.26 58.10
CA CYS L 49 21.30 11.20 58.88
C CYS L 49 22.79 11.18 58.59
N GLY L 50 23.61 11.48 59.58
CA GLY L 50 25.04 11.50 59.41
C GLY L 50 25.74 10.19 59.70
N ILE L 51 25.49 9.62 60.88
CA ILE L 51 26.19 8.43 61.35
C ILE L 51 25.33 7.20 61.08
N LEU L 52 25.92 6.22 60.40
CA LEU L 52 25.22 4.98 60.09
C LEU L 52 25.20 4.05 61.30
N SER L 53 24.08 3.36 61.49
CA SER L 53 24.00 2.34 62.53
C SER L 53 24.85 1.13 62.16
N GLU L 54 25.22 0.35 63.18
CA GLU L 54 26.11 -0.78 62.96
C GLU L 54 25.38 -1.98 62.36
N GLU L 55 24.06 -2.08 62.60
CA GLU L 55 23.29 -3.21 62.08
C GLU L 55 23.17 -3.15 60.56
N LEU L 56 23.02 -1.95 60.00
CA LEU L 56 23.00 -1.80 58.55
C LEU L 56 24.42 -1.84 57.99
N LYS L 57 25.41 -1.41 58.77
CA LYS L 57 26.79 -1.43 58.30
C LYS L 57 27.30 -2.85 58.16
N ASN L 58 26.89 -3.74 59.06
CA ASN L 58 27.27 -5.14 58.96
C ASN L 58 26.57 -5.82 57.77
N LEU L 59 25.40 -5.32 57.37
CA LEU L 59 24.73 -5.86 56.20
C LEU L 59 25.35 -5.34 54.91
N VAL L 60 25.82 -4.09 54.92
CA VAL L 60 26.47 -3.52 53.74
C VAL L 60 27.84 -4.16 53.52
N MET L 61 28.60 -4.35 54.60
CA MET L 61 29.93 -4.95 54.47
C MET L 61 29.91 -6.46 54.22
N ASN L 62 28.73 -7.09 54.15
CA ASN L 62 28.65 -8.52 53.91
C ASN L 62 27.61 -8.85 52.84
N THR L 63 27.66 -8.13 51.71
CA THR L 63 26.74 -8.40 50.61
C THR L 63 27.24 -9.50 49.66
N GLY L 64 28.54 -9.77 49.64
CA GLY L 64 29.09 -10.80 48.79
C GLY L 64 29.34 -12.09 49.55
N PRO L 65 30.41 -12.82 49.18
CA PRO L 65 31.32 -12.54 48.06
C PRO L 65 30.85 -13.16 46.75
N TYR L 66 31.64 -12.99 45.69
CA TYR L 66 31.40 -13.69 44.44
C TYR L 66 32.73 -14.23 43.92
N TYR L 67 32.67 -15.00 42.83
CA TYR L 67 33.85 -15.67 42.32
C TYR L 67 34.00 -15.41 40.83
N PHE L 68 35.24 -15.41 40.36
CA PHE L 68 35.55 -15.17 38.95
C PHE L 68 36.48 -16.27 38.47
N VAL L 69 36.05 -17.02 37.46
CA VAL L 69 36.79 -18.14 36.92
C VAL L 69 37.13 -17.85 35.47
N LYS L 70 38.41 -17.96 35.13
CA LYS L 70 38.88 -17.69 33.77
C LYS L 70 38.86 -18.98 32.95
N ASN L 71 38.19 -18.91 31.78
CA ASN L 71 38.14 -19.98 30.78
C ASN L 71 37.56 -21.28 31.35
N LEU L 72 36.29 -21.22 31.76
CA LEU L 72 35.62 -22.40 32.30
C LEU L 72 34.75 -23.03 31.21
N PRO L 73 34.89 -24.32 30.94
CA PRO L 73 34.06 -24.95 29.90
C PRO L 73 32.64 -25.17 30.38
N LEU L 74 31.72 -25.25 29.41
CA LEU L 74 30.31 -25.41 29.73
C LEU L 74 29.94 -26.81 30.19
N HIS L 75 30.72 -27.83 29.77
CA HIS L 75 30.39 -29.20 30.15
C HIS L 75 30.69 -29.50 31.61
N GLU L 76 31.43 -28.63 32.29
CA GLU L 76 31.52 -28.69 33.75
C GLU L 76 30.19 -28.33 34.41
N LEU L 77 29.40 -27.47 33.78
CA LEU L 77 28.13 -27.01 34.33
C LEU L 77 27.00 -28.04 34.20
N ILE L 78 27.20 -29.11 33.45
CA ILE L 78 26.18 -30.13 33.26
C ILE L 78 26.54 -31.45 33.92
N THR L 79 27.60 -31.49 34.72
CA THR L 79 27.95 -32.70 35.44
C THR L 79 26.95 -32.94 36.58
N PRO L 80 26.69 -34.20 36.94
CA PRO L 80 25.77 -34.46 38.06
C PRO L 80 26.31 -34.02 39.40
N GLU L 81 27.63 -33.92 39.56
CA GLU L 81 28.22 -33.43 40.80
C GLU L 81 27.91 -31.95 41.00
N PHE L 82 27.95 -31.18 39.91
CA PHE L 82 27.65 -29.75 39.99
C PHE L 82 26.16 -29.51 40.23
N ILE L 83 25.31 -30.42 39.75
CA ILE L 83 23.87 -30.28 39.97
C ILE L 83 23.51 -30.66 41.39
N SER L 84 24.03 -31.80 41.87
CA SER L 84 23.70 -32.26 43.22
C SER L 84 24.44 -31.46 44.29
N THR L 85 25.49 -30.74 43.91
CA THR L 85 26.27 -30.00 44.89
C THR L 85 25.75 -28.57 45.06
N PHE L 86 25.63 -27.83 43.97
CA PHE L 86 25.29 -26.41 44.02
C PHE L 86 23.84 -26.13 43.65
N ILE L 87 23.30 -26.85 42.67
CA ILE L 87 21.95 -26.54 42.18
C ILE L 87 20.90 -27.12 43.11
N LYS L 88 21.05 -28.39 43.49
CA LYS L 88 20.06 -29.06 44.35
C LYS L 88 20.19 -28.69 45.82
N LYS L 89 21.25 -27.97 46.22
CA LYS L 89 21.48 -27.64 47.61
C LYS L 89 21.55 -26.13 47.84
N GLY L 90 21.03 -25.33 46.92
CA GLY L 90 21.08 -23.90 47.07
C GLY L 90 20.79 -23.20 45.75
N SER L 91 21.01 -21.89 45.75
CA SER L 91 20.77 -21.06 44.58
C SER L 91 22.11 -20.73 43.93
N CYS L 92 22.37 -21.33 42.77
CA CYS L 92 23.62 -21.13 42.03
C CYS L 92 23.41 -20.13 40.92
N TYR L 93 24.25 -19.10 40.89
CA TYR L 93 24.17 -18.02 39.91
C TYR L 93 25.45 -17.98 39.10
N ALA L 94 25.31 -17.85 37.78
CA ALA L 94 26.46 -17.90 36.88
C ALA L 94 26.18 -17.03 35.67
N LEU L 95 27.21 -16.29 35.24
CA LEU L 95 27.06 -15.46 34.05
C LEU L 95 28.42 -15.24 33.40
N THR L 96 28.45 -15.25 32.08
CA THR L 96 29.68 -14.93 31.34
C THR L 96 30.05 -13.46 31.52
N TYR L 97 31.34 -13.17 31.35
CA TYR L 97 31.88 -11.85 31.60
C TYR L 97 32.32 -11.18 30.30
N ASN L 98 31.79 -9.97 30.08
CA ASN L 98 32.23 -9.03 29.04
C ASN L 98 32.06 -9.63 27.64
N THR L 99 30.87 -10.21 27.41
CA THR L 99 30.49 -10.73 26.11
C THR L 99 29.14 -10.11 25.75
N HIS L 100 29.12 -9.32 24.67
CA HIS L 100 27.95 -8.53 24.32
C HIS L 100 26.81 -9.42 23.86
N ILE L 101 25.58 -8.98 24.16
CA ILE L 101 24.41 -9.83 23.91
C ILE L 101 24.00 -9.76 22.44
N ASP L 102 24.35 -8.68 21.75
CA ASP L 102 24.03 -8.59 20.33
C ASP L 102 25.23 -8.96 19.46
N GLU L 103 26.39 -9.18 20.06
CA GLU L 103 27.61 -9.44 19.31
C GLU L 103 28.17 -10.83 19.60
N ASP L 104 28.33 -11.16 20.88
CA ASP L 104 29.02 -12.39 21.26
C ASP L 104 28.07 -13.38 21.92
N ASN L 105 28.62 -14.53 22.29
CA ASN L 105 27.85 -15.58 22.96
C ASN L 105 27.78 -15.30 24.45
N THR L 106 26.59 -15.46 25.03
CA THR L 106 26.38 -15.12 26.44
C THR L 106 25.55 -16.20 27.12
N VAL L 107 26.11 -16.81 28.16
CA VAL L 107 25.49 -17.95 28.83
C VAL L 107 25.15 -17.55 30.27
N ALA L 108 23.95 -17.89 30.71
CA ALA L 108 23.50 -17.61 32.07
C ALA L 108 22.87 -18.85 32.68
N LEU L 109 22.92 -18.95 34.01
CA LEU L 109 22.36 -20.07 34.75
C LEU L 109 21.36 -19.51 35.75
N LEU L 110 20.14 -20.07 35.74
CA LEU L 110 18.98 -19.73 36.55
C LEU L 110 18.90 -20.63 37.78
N PRO L 111 18.35 -20.14 38.90
CA PRO L 111 18.21 -21.01 40.08
C PRO L 111 17.15 -22.08 39.94
N ASN L 112 16.25 -21.96 38.96
CA ASN L 112 15.25 -23.01 38.74
C ASN L 112 15.86 -24.23 38.07
N GLY L 113 17.04 -24.09 37.47
CA GLY L 113 17.71 -25.17 36.78
C GLY L 113 17.84 -24.99 35.28
N LYS L 114 17.45 -23.83 34.76
CA LYS L 114 17.50 -23.60 33.32
C LYS L 114 18.76 -22.86 32.93
N LEU L 115 19.67 -23.56 32.25
CA LEU L 115 20.84 -22.95 31.63
C LEU L 115 20.39 -22.34 30.32
N ILE L 116 20.38 -21.01 30.24
CA ILE L 116 19.90 -20.29 29.07
C ILE L 116 21.09 -19.59 28.42
N LEU L 117 21.37 -19.94 27.17
CA LEU L 117 22.50 -19.38 26.44
C LEU L 117 22.01 -18.73 25.15
N SER L 118 22.38 -17.47 24.98
CA SER L 118 22.08 -16.71 23.76
C SER L 118 23.32 -16.77 22.88
N LEU L 119 23.15 -17.31 21.68
CA LEU L 119 24.24 -17.55 20.75
C LEU L 119 23.99 -16.80 19.45
N ASP L 120 25.06 -16.59 18.70
CA ASP L 120 24.90 -16.14 17.32
C ASP L 120 24.62 -17.33 16.41
N LYS L 121 24.57 -17.08 15.11
CA LYS L 121 24.17 -18.12 14.16
C LYS L 121 25.24 -19.20 14.05
N ASP L 122 26.51 -18.82 14.12
CA ASP L 122 27.61 -19.77 13.97
C ASP L 122 27.67 -20.75 15.14
N THR L 123 27.55 -20.25 16.36
CA THR L 123 27.62 -21.13 17.53
C THR L 123 26.35 -21.97 17.66
N TYR L 124 25.20 -21.40 17.26
CA TYR L 124 23.95 -22.15 17.28
C TYR L 124 23.97 -23.28 16.24
N GLU L 125 24.69 -23.08 15.13
CA GLU L 125 24.80 -24.16 14.16
C GLU L 125 25.89 -25.16 14.55
N GLU L 126 26.95 -24.72 15.22
CA GLU L 126 28.04 -25.63 15.56
C GLU L 126 27.73 -26.48 16.78
N THR L 127 26.95 -25.96 17.74
CA THR L 127 26.58 -26.78 18.89
C THR L 127 25.48 -27.77 18.56
N GLY L 128 24.51 -27.35 17.74
CA GLY L 128 23.45 -28.25 17.34
C GLY L 128 22.38 -28.49 18.37
N LEU L 129 22.08 -27.50 19.21
CA LEU L 129 21.07 -27.61 20.24
C LEU L 129 19.77 -26.96 19.78
N GLN L 130 18.65 -27.47 20.29
CA GLN L 130 17.33 -27.01 19.89
C GLN L 130 16.99 -25.72 20.64
N GLY L 131 16.63 -24.68 19.88
CA GLY L 131 16.27 -23.40 20.47
C GLY L 131 15.13 -22.73 19.74
N HIS L 132 15.13 -21.40 19.76
CA HIS L 132 14.11 -20.59 19.10
C HIS L 132 14.74 -19.32 18.57
N PRO L 133 14.24 -18.80 17.44
CA PRO L 133 14.75 -17.51 16.95
C PRO L 133 14.28 -16.37 17.85
N SER L 134 15.24 -15.60 18.36
CA SER L 134 14.96 -14.61 19.40
C SER L 134 15.18 -13.18 18.91
N GLN L 135 16.37 -12.84 18.44
CA GLN L 135 16.67 -11.48 18.00
C GLN L 135 16.93 -11.47 16.50
N PHE L 136 16.25 -10.56 15.80
CA PHE L 136 16.24 -10.49 14.35
C PHE L 136 17.01 -9.27 13.85
N SER L 137 17.11 -9.16 12.53
CA SER L 137 17.60 -7.95 11.89
C SER L 137 16.65 -7.54 10.77
N GLY L 138 15.34 -7.70 11.01
CA GLY L 138 14.35 -7.53 9.96
C GLY L 138 13.93 -8.87 9.41
N ARG L 139 14.47 -9.22 8.24
CA ARG L 139 14.26 -10.56 7.68
C ARG L 139 15.33 -11.55 8.10
N LYS L 140 16.53 -11.08 8.43
CA LYS L 140 17.59 -11.96 8.90
C LYS L 140 17.50 -12.15 10.41
N ILE L 141 18.06 -13.27 10.87
CA ILE L 141 18.01 -13.65 12.27
C ILE L 141 19.41 -13.46 12.86
N MET L 142 19.49 -12.72 13.96
CA MET L 142 20.76 -12.41 14.61
C MET L 142 21.13 -13.39 15.70
N LYS L 143 20.28 -13.53 16.73
CA LYS L 143 20.64 -14.26 17.93
C LYS L 143 19.56 -15.27 18.29
N PHE L 144 20.00 -16.47 18.63
CA PHE L 144 19.15 -17.56 19.09
C PHE L 144 19.31 -17.73 20.60
N ILE L 145 18.32 -18.37 21.23
CA ILE L 145 18.36 -18.67 22.65
C ILE L 145 18.05 -20.15 22.84
N VAL L 146 18.95 -20.86 23.51
CA VAL L 146 18.78 -22.27 23.84
C VAL L 146 18.63 -22.37 25.36
N SER L 147 17.53 -23.00 25.80
CA SER L 147 17.27 -23.21 27.22
C SER L 147 17.33 -24.71 27.52
N ILE L 148 18.11 -25.08 28.53
CA ILE L 148 18.29 -26.47 28.92
C ILE L 148 17.91 -26.59 30.39
N ASP L 149 16.82 -27.30 30.68
CA ASP L 149 16.37 -27.48 32.06
C ASP L 149 17.14 -28.65 32.65
N LEU L 150 18.06 -28.35 33.58
CA LEU L 150 18.91 -29.36 34.16
C LEU L 150 18.23 -30.18 35.25
N MET L 151 17.18 -29.65 35.88
CA MET L 151 16.49 -30.39 36.93
C MET L 151 15.66 -31.53 36.36
N GLU L 152 15.14 -31.36 35.14
CA GLU L 152 14.41 -32.45 34.50
C GLU L 152 15.37 -33.50 33.97
N LEU L 153 16.57 -33.08 33.54
CA LEU L 153 17.56 -34.04 33.06
C LEU L 153 18.27 -34.75 34.20
N SER L 154 18.25 -34.19 35.41
CA SER L 154 18.87 -34.85 36.55
C SER L 154 18.06 -36.06 37.02
N LEU L 155 16.75 -36.07 36.73
CA LEU L 155 15.92 -37.21 37.10
C LEU L 155 16.20 -38.42 36.22
N ASN L 156 16.56 -38.18 34.96
CA ASN L 156 16.88 -39.24 33.99
C ASN L 156 18.23 -38.89 33.36
N LEU L 157 19.31 -39.32 34.00
CA LEU L 157 20.65 -39.07 33.48
C LEU L 157 21.03 -39.99 32.34
N ASP L 158 20.32 -41.10 32.14
CA ASP L 158 20.59 -42.03 31.06
C ASP L 158 19.74 -41.78 29.82
N SER L 159 19.03 -40.65 29.77
CA SER L 159 18.21 -40.33 28.61
C SER L 159 19.08 -39.89 27.44
N LYS L 160 18.45 -39.85 26.25
CA LYS L 160 19.17 -39.45 25.04
C LYS L 160 19.41 -37.94 24.98
N LYS L 161 18.56 -37.15 25.64
CA LYS L 161 18.75 -35.70 25.67
C LYS L 161 20.03 -35.32 26.41
N TYR L 162 20.29 -35.98 27.54
CA TYR L 162 21.44 -35.63 28.36
C TYR L 162 22.74 -36.02 27.67
N GLU L 163 22.77 -37.20 27.04
CA GLU L 163 23.98 -37.59 26.32
C GLU L 163 24.14 -36.80 25.02
N ARG L 164 23.05 -36.32 24.44
CA ARG L 164 23.14 -35.43 23.27
C ARG L 164 23.76 -34.09 23.66
N ILE L 165 23.31 -33.51 24.77
CA ILE L 165 23.85 -32.24 25.23
C ILE L 165 25.30 -32.41 25.71
N SER L 166 25.61 -33.58 26.30
CA SER L 166 26.97 -33.86 26.74
C SER L 166 27.92 -34.03 25.55
N TRP L 167 27.45 -34.67 24.47
CA TRP L 167 28.27 -34.78 23.26
C TRP L 167 28.40 -33.44 22.56
N SER L 168 27.37 -32.58 22.67
CA SER L 168 27.45 -31.25 22.06
C SER L 168 28.42 -30.35 22.81
N PHE L 169 28.50 -30.49 24.14
CA PHE L 169 29.36 -29.62 24.93
C PHE L 169 30.79 -30.15 25.04
N LYS L 170 30.99 -31.47 25.02
CA LYS L 170 32.32 -32.01 25.24
C LYS L 170 33.13 -32.13 23.96
N GLU L 171 32.64 -32.89 22.99
CA GLU L 171 33.42 -33.25 21.80
C GLU L 171 33.06 -32.42 20.58
N LYS L 172 31.81 -31.94 20.48
CA LYS L 172 31.36 -31.27 19.27
C LYS L 172 31.84 -29.83 19.22
N LYS L 173 31.57 -29.05 20.27
CA LYS L 173 32.01 -27.66 20.36
C LYS L 173 32.33 -27.32 21.82
N PRO L 174 33.61 -27.36 22.19
CA PRO L 174 34.00 -26.93 23.54
C PRO L 174 33.98 -25.41 23.68
N LEU L 175 33.04 -24.88 24.45
CA LEU L 175 32.93 -23.45 24.66
C LEU L 175 33.42 -23.08 26.06
N LYS L 176 34.34 -22.11 26.11
CA LYS L 176 34.90 -21.64 27.37
C LYS L 176 34.66 -20.14 27.48
N PHE L 177 34.38 -19.68 28.71
CA PHE L 177 34.11 -18.28 28.98
C PHE L 177 34.61 -17.91 30.35
N ASP L 178 34.70 -16.60 30.60
CA ASP L 178 35.01 -16.09 31.92
C ASP L 178 33.70 -15.95 32.72
N PHE L 179 33.59 -16.71 33.80
CA PHE L 179 32.34 -16.82 34.54
C PHE L 179 32.41 -16.11 35.89
N LEU L 180 31.38 -15.31 36.15
CA LEU L 180 31.06 -14.84 37.49
C LEU L 180 30.11 -15.84 38.13
N LEU L 181 30.42 -16.23 39.37
CA LEU L 181 29.75 -17.32 40.07
C LEU L 181 29.35 -16.88 41.48
N ALA L 182 28.24 -17.42 41.95
CA ALA L 182 27.79 -17.24 43.33
C ALA L 182 26.91 -18.42 43.71
N TRP L 183 26.80 -18.66 45.01
CA TRP L 183 25.97 -19.76 45.50
C TRP L 183 25.42 -19.42 46.87
N HIS L 184 24.12 -19.09 46.91
CA HIS L 184 23.40 -18.90 48.15
C HIS L 184 23.13 -20.26 48.78
N LYS L 185 23.63 -20.46 49.99
CA LYS L 185 23.63 -21.75 50.66
C LYS L 185 22.24 -22.03 51.24
N THR L 186 21.62 -23.12 50.80
CA THR L 186 20.36 -23.56 51.40
C THR L 186 20.48 -25.07 51.64
N GLY L 187 21.58 -25.48 52.25
CA GLY L 187 21.84 -26.89 52.48
C GLY L 187 22.61 -27.20 53.75
N SER L 188 22.37 -28.37 54.32
CA SER L 188 23.05 -28.76 55.55
C SER L 188 24.46 -29.29 55.31
N GLU L 189 24.75 -29.79 54.10
CA GLU L 189 26.07 -30.30 53.75
C GLU L 189 26.85 -29.18 53.08
N GLU L 190 27.88 -28.69 53.77
CA GLU L 190 28.65 -27.53 53.32
C GLU L 190 29.79 -27.98 52.41
N SER L 191 29.96 -27.27 51.30
CA SER L 191 31.04 -27.54 50.36
C SER L 191 31.35 -26.25 49.64
N THR L 192 32.56 -25.72 49.84
CA THR L 192 32.93 -24.43 49.29
C THR L 192 33.20 -24.52 47.79
N MET L 193 33.21 -23.37 47.14
CA MET L 193 33.43 -23.30 45.70
C MET L 193 34.91 -23.20 45.35
N MET L 194 35.75 -22.79 46.32
CA MET L 194 37.19 -22.73 46.08
C MET L 194 37.79 -24.13 45.94
N SER L 195 37.19 -25.14 46.57
CA SER L 195 37.71 -26.50 46.47
C SER L 195 37.18 -27.21 45.24
N TYR L 196 36.01 -26.80 44.74
CA TYR L 196 35.44 -27.47 43.57
C TYR L 196 36.12 -27.01 42.28
N PHE L 197 36.21 -25.71 42.08
CA PHE L 197 36.91 -25.15 40.90
C PHE L 197 38.37 -24.86 41.22
N SER L 198 39.09 -25.86 41.72
CA SER L 198 40.48 -25.67 42.11
C SER L 198 41.43 -25.84 40.93
N LYS L 199 40.98 -26.47 39.85
CA LYS L 199 41.84 -26.66 38.69
C LYS L 199 42.01 -25.37 37.89
N TYR L 200 40.96 -24.55 37.84
CA TYR L 200 41.00 -23.28 37.12
C TYR L 200 41.26 -22.14 38.10
N GLN L 201 41.71 -21.00 37.57
CA GLN L 201 42.08 -19.86 38.40
C GLN L 201 40.85 -19.14 38.94
N ILE L 202 40.28 -19.65 40.03
CA ILE L 202 39.16 -18.99 40.67
C ILE L 202 39.68 -17.86 41.55
N GLN L 203 38.95 -16.73 41.55
CA GLN L 203 39.31 -15.57 42.35
C GLN L 203 38.09 -15.10 43.14
N GLU L 204 38.25 -14.98 44.45
CA GLU L 204 37.19 -14.50 45.33
C GLU L 204 37.24 -12.98 45.41
N HIS L 205 36.07 -12.35 45.25
CA HIS L 205 36.00 -10.89 45.24
C HIS L 205 34.85 -10.42 46.13
N GLN L 206 35.09 -9.29 46.79
CA GLN L 206 34.12 -8.59 47.61
C GLN L 206 33.54 -7.41 46.83
N PRO L 207 32.28 -7.05 47.05
CA PRO L 207 31.72 -5.88 46.37
C PRO L 207 32.30 -4.59 46.93
N LYS L 208 32.54 -3.64 46.03
CA LYS L 208 33.09 -2.34 46.42
C LYS L 208 32.02 -1.49 47.09
N VAL L 209 32.38 -0.84 48.19
CA VAL L 209 31.46 -0.02 48.96
C VAL L 209 31.95 1.43 48.88
N ALA L 210 31.09 2.32 48.41
CA ALA L 210 31.39 3.75 48.29
C ALA L 210 30.44 4.51 49.21
N LEU L 211 31.02 5.32 50.10
CA LEU L 211 30.25 6.07 51.09
C LEU L 211 30.41 7.55 50.81
N SER L 212 29.32 8.32 50.94
CA SER L 212 29.35 9.75 50.68
C SER L 212 28.45 10.48 51.66
N THR L 213 28.92 11.62 52.16
CA THR L 213 28.10 12.51 52.98
C THR L 213 28.01 13.85 52.28
N LEU L 214 26.84 14.16 51.73
CA LEU L 214 26.65 15.35 50.91
C LEU L 214 25.96 16.44 51.72
N ARG L 215 26.35 17.69 51.48
CA ARG L 215 25.89 18.83 52.26
C ARG L 215 24.97 19.71 51.43
N ASP L 216 23.91 20.22 52.09
CA ASP L 216 22.96 21.20 51.55
C ASP L 216 22.27 20.69 50.28
N LEU L 217 21.51 19.62 50.44
CA LEU L 217 20.84 18.96 49.32
C LEU L 217 19.37 19.37 49.30
N GLN L 218 18.88 19.76 48.13
CA GLN L 218 17.56 20.38 48.04
C GLN L 218 16.53 19.32 47.63
N CYS L 219 15.97 18.61 48.62
CA CYS L 219 15.14 17.45 48.34
C CYS L 219 13.67 17.84 48.18
N PRO L 220 12.97 17.25 47.22
CA PRO L 220 11.57 17.62 47.00
C PRO L 220 10.64 17.07 48.08
N VAL L 221 9.45 17.64 48.15
CA VAL L 221 8.42 17.23 49.10
C VAL L 221 7.42 16.34 48.37
N LEU L 222 7.09 15.20 48.97
CA LEU L 222 6.23 14.21 48.34
C LEU L 222 4.98 13.96 49.18
N GLN L 223 3.94 13.49 48.49
CA GLN L 223 2.75 12.93 49.13
C GLN L 223 2.70 11.45 48.80
N SER L 224 2.33 10.63 49.80
CA SER L 224 2.36 9.19 49.61
C SER L 224 1.20 8.69 48.77
N SER L 225 0.05 9.37 48.86
CA SER L 225 -1.17 8.94 48.18
C SER L 225 -1.40 9.66 46.85
N GLU L 226 -0.33 10.12 46.19
CA GLU L 226 -0.45 10.84 44.92
C GLU L 226 0.81 10.56 44.10
N LEU L 227 0.63 9.89 42.95
CA LEU L 227 1.76 9.58 42.08
C LEU L 227 2.07 10.74 41.14
N GLU L 228 1.03 11.33 40.55
CA GLU L 228 1.24 12.38 39.56
C GLU L 228 1.65 13.71 40.19
N GLY L 229 1.44 13.87 41.49
CA GLY L 229 1.83 15.09 42.17
C GLY L 229 0.79 16.18 42.14
N THR L 230 0.48 16.74 43.30
CA THR L 230 -0.48 17.85 43.40
C THR L 230 0.21 19.16 43.05
N PRO L 231 -0.49 20.12 42.46
CA PRO L 231 0.16 21.39 42.10
C PRO L 231 0.51 22.22 43.33
N GLU L 232 1.74 22.75 43.33
CA GLU L 232 2.29 23.69 44.31
C GLU L 232 2.40 23.11 45.72
N VAL L 233 2.25 21.80 45.88
CA VAL L 233 2.39 21.16 47.18
C VAL L 233 3.42 20.04 47.09
N SER L 234 3.24 19.14 46.13
CA SER L 234 4.11 17.99 45.96
C SER L 234 4.72 18.00 44.57
N CYS L 235 5.74 17.17 44.37
CA CYS L 235 6.45 17.11 43.11
C CYS L 235 6.16 15.79 42.39
N ARG L 236 6.74 15.63 41.20
CA ARG L 236 6.58 14.43 40.41
C ARG L 236 7.73 13.47 40.66
N ALA L 237 7.42 12.17 40.69
CA ALA L 237 8.41 11.16 41.04
C ALA L 237 9.42 10.96 39.92
N LEU L 238 9.04 11.26 38.67
CA LEU L 238 9.97 11.08 37.56
C LEU L 238 11.02 12.19 37.52
N GLU L 239 10.59 13.43 37.77
CA GLU L 239 11.54 14.54 37.92
C GLU L 239 12.42 14.32 39.15
N LEU L 240 11.88 13.67 40.18
CA LEU L 240 12.69 13.31 41.34
C LEU L 240 13.69 12.21 40.98
N PHE L 241 13.34 11.33 40.06
CA PHE L 241 14.29 10.30 39.62
C PHE L 241 15.41 10.90 38.78
N ASP L 242 15.07 11.87 37.93
CA ASP L 242 16.09 12.56 37.14
C ASP L 242 17.00 13.39 38.05
N TRP L 243 16.43 14.02 39.08
CA TRP L 243 17.23 14.73 40.07
C TRP L 243 18.07 13.77 40.91
N LEU L 244 17.55 12.57 41.15
CA LEU L 244 18.31 11.52 41.84
C LEU L 244 19.53 11.12 41.03
N GLY L 245 19.36 10.93 39.72
CA GLY L 245 20.49 10.68 38.86
C GLY L 245 21.46 11.84 38.78
N ALA L 246 20.96 13.07 38.89
CA ALA L 246 21.84 14.23 38.90
C ALA L 246 22.66 14.30 40.19
N VAL L 247 22.06 13.93 41.31
CA VAL L 247 22.77 13.93 42.59
C VAL L 247 23.81 12.80 42.62
N PHE L 248 23.44 11.62 42.09
CA PHE L 248 24.38 10.51 42.04
C PHE L 248 25.45 10.69 40.97
N SER L 249 25.35 11.71 40.13
CA SER L 249 26.42 12.11 39.22
C SER L 249 27.35 13.15 39.84
N ASN L 250 27.26 13.35 41.16
CA ASN L 250 28.02 14.36 41.92
C ASN L 250 27.83 15.76 41.35
N VAL L 251 26.59 16.06 40.94
CA VAL L 251 26.24 17.36 40.40
C VAL L 251 25.12 17.97 41.22
N ASP L 252 25.42 19.06 41.93
CA ASP L 252 24.43 19.78 42.70
C ASP L 252 24.85 21.25 42.82
N LEU L 253 24.29 22.08 41.94
CA LEU L 253 24.63 23.50 41.91
C LEU L 253 23.39 24.36 41.67
N ASN L 254 23.55 25.67 41.67
CA ASN L 254 22.48 26.61 41.43
C ASN L 254 22.55 27.12 40.00
N ASN L 255 21.75 28.15 39.70
CA ASN L 255 21.79 28.76 38.38
C ASN L 255 23.07 29.56 38.19
N GLU L 256 23.77 29.30 37.08
CA GLU L 256 25.06 29.92 36.82
C GLU L 256 25.01 30.72 35.53
N PRO L 257 24.67 32.02 35.59
CA PRO L 257 24.69 32.83 34.36
C PRO L 257 26.10 33.21 33.92
N ASN L 258 26.57 32.58 32.84
CA ASN L 258 27.90 32.83 32.31
C ASN L 258 27.89 32.42 30.84
N ASN L 259 29.06 32.17 30.24
CA ASN L 259 29.10 31.79 28.83
C ASN L 259 28.70 30.34 28.63
N PHE L 260 28.81 29.51 29.67
CA PHE L 260 28.66 28.07 29.51
C PHE L 260 27.30 27.59 30.03
N ILE L 261 26.24 28.37 29.76
CA ILE L 261 24.92 28.41 30.44
C ILE L 261 24.36 27.04 30.80
N SER L 262 24.03 26.87 32.10
CA SER L 262 23.53 25.61 32.61
C SER L 262 22.20 25.86 33.31
N THR L 263 21.10 25.68 32.57
CA THR L 263 19.76 25.86 33.12
C THR L 263 19.28 24.52 33.66
N TYR L 264 19.01 24.46 34.96
CA TYR L 264 18.56 23.24 35.60
C TYR L 264 17.52 23.56 36.68
N CYS L 265 16.27 23.16 36.44
CA CYS L 265 15.18 23.47 37.36
C CYS L 265 15.07 22.37 38.40
N CYS L 266 15.29 22.73 39.67
CA CYS L 266 15.07 21.81 40.77
C CYS L 266 13.58 21.57 40.96
N PRO L 267 13.16 20.35 41.29
CA PRO L 267 11.73 20.12 41.58
C PRO L 267 11.26 20.85 42.82
N GLU L 268 10.38 21.83 42.61
CA GLU L 268 9.87 22.72 43.65
C GLU L 268 8.38 22.48 43.84
N PRO L 269 7.85 22.64 45.07
CA PRO L 269 8.46 23.04 46.35
C PRO L 269 9.33 21.94 46.99
N SER L 270 10.35 22.37 47.74
CA SER L 270 11.39 21.48 48.23
C SER L 270 11.77 21.88 49.66
N THR L 271 12.80 21.22 50.18
CA THR L 271 13.27 21.41 51.55
C THR L 271 14.78 21.18 51.57
N VAL L 272 15.49 22.09 52.24
CA VAL L 272 16.94 21.99 52.36
C VAL L 272 17.28 20.92 53.39
N VAL L 273 18.21 20.04 53.05
CA VAL L 273 18.67 18.95 53.90
C VAL L 273 20.14 19.19 54.21
N ALA L 274 20.49 19.14 55.50
CA ALA L 274 21.86 19.42 55.92
C ALA L 274 22.81 18.31 55.53
N LYS L 275 22.50 17.07 55.93
CA LYS L 275 23.36 15.92 55.65
C LYS L 275 22.57 14.88 54.89
N ALA L 276 23.12 14.43 53.76
CA ALA L 276 22.53 13.36 52.96
C ALA L 276 23.52 12.20 52.93
N TYR L 277 23.09 11.04 53.42
CA TYR L 277 23.93 9.85 53.44
C TYR L 277 23.71 9.06 52.16
N LEU L 278 24.81 8.71 51.49
CA LEU L 278 24.79 8.06 50.19
C LEU L 278 25.65 6.81 50.30
N CYS L 279 25.09 5.66 49.92
CA CYS L 279 25.87 4.42 49.88
C CYS L 279 25.67 3.70 48.56
N THR L 280 26.77 3.21 48.00
CA THR L 280 26.75 2.52 46.72
C THR L 280 27.53 1.23 46.83
N ILE L 281 26.89 0.10 46.53
CA ILE L 281 27.53 -1.20 46.55
C ILE L 281 27.62 -1.69 45.11
N THR L 282 28.82 -2.08 44.69
CA THR L 282 29.12 -2.37 43.30
C THR L 282 29.75 -3.76 43.18
N GLY L 283 29.11 -4.64 42.39
CA GLY L 283 29.64 -5.96 42.15
C GLY L 283 28.61 -6.94 41.63
N PHE L 284 28.71 -8.20 42.06
CA PHE L 284 27.75 -9.25 41.69
C PHE L 284 26.85 -9.43 42.91
N ILE L 285 25.77 -8.66 42.96
CA ILE L 285 24.96 -8.54 44.16
C ILE L 285 23.89 -9.62 44.18
N LEU L 286 23.82 -10.37 45.29
CA LEU L 286 22.78 -11.37 45.45
C LEU L 286 21.44 -10.68 45.75
N PRO L 287 20.33 -11.20 45.21
CA PRO L 287 19.04 -10.58 45.48
C PRO L 287 18.51 -10.82 46.89
N GLU L 288 19.00 -11.85 47.59
CA GLU L 288 18.59 -12.06 48.97
C GLU L 288 19.16 -11.00 49.90
N LYS L 289 20.36 -10.51 49.60
CA LYS L 289 20.91 -9.38 50.34
C LYS L 289 20.10 -8.11 50.08
N ILE L 290 19.58 -7.97 48.87
CA ILE L 290 18.68 -6.86 48.57
C ILE L 290 17.34 -7.03 49.28
N CYS L 291 16.91 -8.28 49.49
CA CYS L 291 15.70 -8.52 50.27
C CYS L 291 15.87 -8.13 51.73
N LEU L 292 17.01 -8.51 52.33
CA LEU L 292 17.30 -8.11 53.71
C LEU L 292 17.50 -6.60 53.82
N LEU L 293 18.10 -5.97 52.79
CA LEU L 293 18.26 -4.53 52.78
C LEU L 293 16.92 -3.82 52.67
N LEU L 294 15.99 -4.35 51.87
CA LEU L 294 14.68 -3.74 51.74
C LEU L 294 13.86 -3.92 53.01
N GLU L 295 14.00 -5.08 53.68
CA GLU L 295 13.32 -5.27 54.95
C GLU L 295 13.89 -4.37 56.04
N HIS L 296 15.21 -4.12 56.00
CA HIS L 296 15.80 -3.22 56.98
C HIS L 296 15.42 -1.77 56.72
N LEU L 297 15.30 -1.38 55.44
CA LEU L 297 14.82 -0.04 55.13
C LEU L 297 13.34 0.11 55.42
N CYS L 298 12.58 -0.99 55.41
CA CYS L 298 11.19 -0.94 55.84
C CYS L 298 11.09 -0.79 57.36
N HIS L 299 11.92 -1.52 58.11
CA HIS L 299 11.91 -1.46 59.56
C HIS L 299 12.69 -0.27 60.12
N TYR L 300 13.37 0.49 59.26
CA TYR L 300 14.05 1.71 59.69
C TYR L 300 13.09 2.79 60.17
N PHE L 301 11.85 2.80 59.69
CA PHE L 301 10.86 3.79 60.07
C PHE L 301 10.01 3.33 61.25
N ASP L 302 10.47 2.33 62.00
CA ASP L 302 9.76 1.94 63.21
C ASP L 302 9.95 2.97 64.32
N GLU L 303 11.17 3.48 64.47
CA GLU L 303 11.55 4.55 65.38
C GLU L 303 11.25 5.91 64.75
N PRO L 304 10.95 6.93 65.54
CA PRO L 304 10.76 8.27 64.98
C PRO L 304 12.06 8.84 64.43
N LYS L 305 12.11 9.01 63.12
CA LYS L 305 13.30 9.49 62.42
C LYS L 305 13.01 10.82 61.75
N LEU L 306 14.07 11.46 61.27
CA LEU L 306 13.94 12.74 60.60
C LEU L 306 13.77 12.60 59.10
N ALA L 307 14.03 11.43 58.54
CA ALA L 307 13.90 11.23 57.10
C ALA L 307 12.43 10.98 56.75
N PRO L 308 11.86 11.74 55.82
CA PRO L 308 10.47 11.46 55.40
C PRO L 308 10.37 10.28 54.45
N TRP L 309 11.39 10.08 53.62
CA TRP L 309 11.42 9.02 52.62
C TRP L 309 12.86 8.74 52.25
N VAL L 310 13.19 7.46 52.09
CA VAL L 310 14.53 7.02 51.73
C VAL L 310 14.48 6.38 50.35
N THR L 311 15.65 6.28 49.72
CA THR L 311 15.73 5.86 48.32
C THR L 311 16.61 4.62 48.19
N LEU L 312 16.12 3.63 47.43
CA LEU L 312 16.89 2.41 47.17
C LEU L 312 16.82 2.12 45.67
N SER L 313 17.91 2.41 44.95
CA SER L 313 17.96 2.23 43.51
C SER L 313 18.89 1.09 43.14
N VAL L 314 18.42 0.19 42.28
CA VAL L 314 19.23 -0.95 41.86
C VAL L 314 19.33 -1.00 40.34
N GLN L 315 20.55 -0.85 39.83
CA GLN L 315 20.84 -1.02 38.42
C GLN L 315 21.42 -2.41 38.19
N GLY L 316 20.81 -3.16 37.27
CA GLY L 316 21.29 -4.50 36.95
C GLY L 316 22.41 -4.50 35.92
N PHE L 317 22.81 -5.70 35.53
CA PHE L 317 23.79 -5.86 34.46
C PHE L 317 23.20 -5.46 33.12
N ALA L 318 23.95 -4.63 32.39
CA ALA L 318 23.54 -4.20 31.05
C ALA L 318 23.98 -5.15 29.95
N ASP L 319 24.34 -6.38 30.29
CA ASP L 319 24.84 -7.34 29.31
C ASP L 319 24.32 -8.75 29.62
N SER L 320 23.10 -8.84 30.14
CA SER L 320 22.48 -10.12 30.48
C SER L 320 21.44 -10.52 29.45
N PRO L 321 21.27 -11.83 29.19
CA PRO L 321 20.22 -12.28 28.26
C PRO L 321 18.81 -12.06 28.79
N VAL L 322 18.55 -12.59 29.99
CA VAL L 322 17.20 -12.58 30.55
C VAL L 322 17.21 -11.85 31.88
N SER L 323 16.44 -10.76 31.92
CA SER L 323 16.17 -10.02 33.15
C SER L 323 14.66 -9.79 33.20
N TRP L 324 14.17 -9.47 34.41
CA TRP L 324 12.75 -9.28 34.71
C TRP L 324 11.91 -10.49 34.30
N GLU L 325 12.47 -11.67 34.59
CA GLU L 325 11.90 -13.01 34.67
C GLU L 325 11.55 -13.67 33.34
N LYS L 326 11.31 -12.89 32.27
CA LYS L 326 11.10 -13.44 30.93
C LYS L 326 11.65 -12.52 29.84
N ASN L 327 12.13 -11.34 30.21
CA ASN L 327 12.31 -10.26 29.24
C ASN L 327 13.73 -10.24 28.71
N GLU L 328 13.86 -9.89 27.43
CA GLU L 328 15.16 -9.88 26.76
C GLU L 328 15.76 -8.48 26.78
N HIS L 329 17.01 -8.39 27.25
CA HIS L 329 17.73 -7.13 27.34
C HIS L 329 18.56 -6.94 26.07
N GLY L 330 18.10 -6.04 25.18
CA GLY L 330 18.82 -5.74 23.97
C GLY L 330 19.70 -4.52 24.11
N PHE L 331 20.53 -4.29 23.08
CA PHE L 331 21.48 -3.18 23.06
C PHE L 331 21.34 -2.44 21.73
N ARG L 332 20.43 -1.47 21.70
CA ARG L 332 20.27 -0.57 20.55
C ARG L 332 20.85 0.78 20.93
N LYS L 333 22.17 0.91 20.74
CA LYS L 333 23.02 2.06 21.03
C LYS L 333 23.01 2.45 22.52
N GLY L 334 22.58 1.58 23.41
CA GLY L 334 22.53 1.89 24.84
C GLY L 334 21.41 1.15 25.53
N GLY L 335 20.76 1.81 26.49
CA GLY L 335 19.60 1.24 27.15
C GLY L 335 19.95 0.29 28.27
N GLU L 336 19.29 0.51 29.41
CA GLU L 336 19.47 -0.34 30.58
C GLU L 336 18.11 -0.66 31.20
N HIS L 337 18.10 -1.43 32.28
CA HIS L 337 16.88 -1.73 33.04
C HIS L 337 17.20 -1.47 34.51
N LEU L 338 16.28 -0.83 35.21
CA LEU L 338 16.53 -0.39 36.57
C LEU L 338 15.23 -0.37 37.37
N TYR L 339 15.33 -0.53 38.69
CA TYR L 339 14.17 -0.44 39.56
C TYR L 339 14.52 0.30 40.83
N ASN L 340 13.60 1.17 41.28
CA ASN L 340 13.82 2.07 42.39
C ASN L 340 12.73 1.88 43.44
N PHE L 341 13.06 2.19 44.69
CA PHE L 341 12.13 2.15 45.81
C PHE L 341 12.19 3.48 46.54
N VAL L 342 11.04 4.13 46.70
CA VAL L 342 10.92 5.36 47.47
C VAL L 342 10.09 5.01 48.70
N ILE L 343 10.75 4.79 49.83
CA ILE L 343 10.10 4.26 51.02
C ILE L 343 9.73 5.40 51.96
N PHE L 344 8.44 5.51 52.26
CA PHE L 344 7.94 6.52 53.19
C PHE L 344 7.97 5.99 54.61
N ASN L 345 7.35 6.73 55.54
CA ASN L 345 7.37 6.37 56.95
C ASN L 345 6.16 5.58 57.42
N ASN L 346 5.09 5.52 56.62
CA ASN L 346 3.88 4.78 56.96
C ASN L 346 3.78 3.46 56.19
N GLN L 347 4.91 2.79 55.98
CA GLN L 347 5.07 1.53 55.28
C GLN L 347 4.54 1.55 53.85
N ASP L 348 4.52 2.71 53.20
CA ASP L 348 4.16 2.79 51.80
C ASP L 348 5.41 2.96 50.95
N TYR L 349 5.40 2.37 49.76
CA TYR L 349 6.57 2.43 48.90
C TYR L 349 6.13 2.63 47.46
N TRP L 350 7.07 3.14 46.66
CA TRP L 350 6.89 3.35 45.23
C TRP L 350 7.79 2.40 44.47
N LEU L 351 7.22 1.69 43.50
CA LEU L 351 7.94 0.74 42.67
C LEU L 351 8.06 1.38 41.28
N GLN L 352 9.28 1.78 40.94
CA GLN L 352 9.57 2.33 39.63
C GLN L 352 10.30 1.30 38.77
N MET L 353 10.07 1.37 37.47
CA MET L 353 10.71 0.47 36.51
C MET L 353 11.15 1.31 35.31
N ALA L 354 12.46 1.31 35.05
CA ALA L 354 13.06 2.02 33.93
C ALA L 354 13.56 1.02 32.89
N VAL L 355 13.07 1.20 31.66
CA VAL L 355 13.29 0.29 30.55
C VAL L 355 14.09 1.02 29.49
N GLY L 356 15.06 0.32 28.89
CA GLY L 356 15.88 0.90 27.84
C GLY L 356 15.22 0.93 26.47
N ALA L 357 15.97 0.58 25.44
CA ALA L 357 15.49 0.73 24.07
C ALA L 357 14.52 -0.37 23.67
N ASN L 358 15.00 -1.61 23.62
CA ASN L 358 14.22 -2.74 23.14
C ASN L 358 14.11 -3.80 24.24
N ASP L 359 13.10 -3.65 25.10
CA ASP L 359 12.89 -4.56 26.21
C ASP L 359 11.44 -4.45 26.65
N HIS L 360 10.85 -5.58 27.03
CA HIS L 360 9.46 -5.58 27.48
C HIS L 360 9.40 -5.33 28.98
N CYS L 361 8.31 -4.73 29.46
CA CYS L 361 8.18 -4.38 30.86
C CYS L 361 7.20 -5.33 31.57
N PRO L 362 7.58 -5.83 32.74
CA PRO L 362 6.68 -6.68 33.52
C PRO L 362 5.77 -5.85 34.40
N PRO L 363 4.65 -6.42 34.89
CA PRO L 363 3.82 -5.69 35.85
C PRO L 363 4.43 -5.67 37.24
ZN ZN M . 17.12 -54.69 -17.68
#